data_3WGV
#
_entry.id   3WGV
#
_cell.length_a   106.285
_cell.length_b   210.183
_cell.length_c   256.086
_cell.angle_alpha   90.00
_cell.angle_beta   90.00
_cell.angle_gamma   90.00
#
_symmetry.space_group_name_H-M   'P 21 21 21'
#
loop_
_entity.id
_entity.type
_entity.pdbx_description
1 polymer 'Sodium/potassium-transporting ATPase subunit alpha-1'
2 polymer 'Sodium/potassium-transporting ATPase subunit beta-1'
3 polymer 'Na+/K+ ATPase gamma subunit transcript variant a'
4 non-polymer 'MAGNESIUM ION'
5 non-polymer 'TETRAFLUOROALUMINATE ION'
6 non-polymer "ADENOSINE-5'-DIPHOSPHATE"
7 non-polymer 'SODIUM ION'
8 non-polymer CHOLESTEROL
9 non-polymer 1,2-DIACYL-SN-GLYCERO-3-PHOSPHOCHOLINE
10 non-polymer 'Oligomycin A'
11 non-polymer 2-acetamido-2-deoxy-beta-D-glucopyranose
12 water water
#
loop_
_entity_poly.entity_id
_entity_poly.type
_entity_poly.pdbx_seq_one_letter_code
_entity_poly.pdbx_strand_id
1 'polypeptide(L)'
;GRDKYEPAAVSEHGDKKKAKKERDMDELKKEVSMDDHKLSLDELHRKYGTDLSRGLTPARAAEILARDGPNALTPPPTTP
EWVKFCRQLFGGFSMLLWIGAILCFLAYGIQAATEEEPQNDNLYLGVVLSAVVIITGCFSYYQEAKSSKIMESFKNMVPQ
QALVIRNGEKMSINAEEVVVGDLVEVKGGDRIPADLRIISANGCKVDNSSLTGESEPQTRSPDFTNENPLETRNIAFFST
NCVEGTARGIVVYTGDRTVMGRIATLASGLEGGQTPIAAEIEHFIHIITGVAVFLGVSFFILSLILEYTWLEAVIFLIGI
IVANVPEGLLATVTVCLTLTAKRMARKNCLVKNLEAVETLGSTSTICSDKTGTLTQNRMTVAHMWFDNQIHEADTTENQS
GVSFDKTSATWLALSRIAGLCNRAVFQANQENLPILKRAVAGDASESALLKCIELCCGSVKEMRERYTKIVEIPFNSTNK
YQLSIHKNPNTAEPRHLLVMKGAPERILDRCSSILIHGKEQPLDEELKDAFQNAYLELGGLGERVLGFCHLFLPDEQFPE
GFQFDTDDVNFPLDNLCFVGLISMIDPPRAAVPDAVGKCRSAGIKVIMVTGDHPITAKAIAKGVGIISEGNETVEDIAAR
LNIPVSQVNPRDAKACVVHGSDLKDMTSEQLDDILKYHTEIVFARTSPQQKLIIVEGCQRQGAIVAVTGDGVNDSPALKK
ADIGVAMGIAGSDVSKQAADMILLDDNFASIVTGVEEGRLIFDNLKKSIAYTLTSNIPEITPFLIFIIANIPLPLGTVTI
LCIDLGTDMVPAISLAYEQAESDIMKRQPRNPKTDKLVNERLISMAYGQIGMIQALGGFFTYFVILAENGFLPIHLLGLR
VNWDDRWINDVEDSYGQQWTYEQRKIVEFTCHTAFFVSIVVVQWADLVICKTRRNSVFQQGMKNKILIFGLFEETALAAF
LSYCPGMGVALRMYPLKPTWWFCAFPYSLLIFVYDEVRKLIIRRRPGGWVEKETYY
;
A,C
2 'polypeptide(L)'
;MARGKAKEEGSWKKFIWNSEKKEFLGRTGGSWFKILLFYVIFYGCLAGIFIGTIQVMLLTISEFKPTYQDRVAPPGLTQI
PQSQKTEISFRPNDPQSYESYVVSIVRFLEKYKDLAQKDDMIFEDCGNVPSELKERGEYNNERGERKVCRFRLEWLGNCS
GLNDETYGYKDGKPCVIIKLNRVLGFKPKPPKNESLETYPVMKYNPYVLPVHCTGKRDEDKEKVGTMEYFGLGGYPGFPL
QYYPYYGKLLQPKYLQPLMAVQFTNLTMDTEIRIECKAYGENIGYSEKDRFQGRFDVKIEVKS
;
B,D
3 'polypeptide(L)' MAGLSTDDGGSPKGDVDPFYYDYETVRNGGLIFAALAFIVGLIIILSKRLRCGGKKHRPINEDEL G,E
#
loop_
_chem_comp.id
_chem_comp.type
_chem_comp.name
_chem_comp.formula
ADP non-polymer ADENOSINE-5'-DIPHOSPHATE 'C10 H15 N5 O10 P2'
ALF non-polymer 'TETRAFLUOROALUMINATE ION' 'Al F4 -1'
CLR non-polymer CHOLESTEROL 'C27 H46 O'
EFO non-polymer 'Oligomycin A' 'C45 H74 O11'
MG non-polymer 'MAGNESIUM ION' 'Mg 2'
NA non-polymer 'SODIUM ION' 'Na 1'
NAG D-saccharide, beta linking 2-acetamido-2-deoxy-beta-D-glucopyranose 'C8 H15 N O6'
PC1 non-polymer 1,2-DIACYL-SN-GLYCERO-3-PHOSPHOCHOLINE 'C44 H88 N O8 P'
#
# COMPACT_ATOMS: atom_id res chain seq x y z
N ARG A 23 14.93 20.14 -2.99
CA ARG A 23 16.01 19.68 -2.12
C ARG A 23 16.84 18.60 -2.79
N ASP A 24 18.15 18.70 -2.65
CA ASP A 24 19.07 17.71 -3.21
C ASP A 24 20.21 17.36 -2.26
N MET A 25 21.33 16.93 -2.84
CA MET A 25 22.52 16.57 -2.07
C MET A 25 23.76 17.25 -2.64
N ASP A 26 23.55 18.27 -3.49
CA ASP A 26 24.64 18.94 -4.21
C ASP A 26 25.67 19.57 -3.27
N GLU A 27 25.23 19.91 -2.05
CA GLU A 27 26.13 20.35 -0.98
C GLU A 27 27.13 19.25 -0.63
N LEU A 28 26.60 18.03 -0.47
CA LEU A 28 27.41 16.84 -0.17
C LEU A 28 28.16 16.33 -1.41
N LYS A 29 28.31 17.21 -2.40
CA LYS A 29 29.08 16.92 -3.60
C LYS A 29 30.11 18.04 -3.84
N LYS A 30 29.76 19.27 -3.44
CA LYS A 30 30.66 20.41 -3.58
C LYS A 30 31.63 20.49 -2.40
N GLU A 31 31.44 19.56 -1.46
CA GLU A 31 32.31 19.43 -0.29
C GLU A 31 33.78 19.22 -0.71
N VAL A 32 34.04 18.11 -1.39
CA VAL A 32 35.38 17.75 -1.82
C VAL A 32 35.61 18.25 -3.27
N SER A 33 35.74 19.57 -3.42
CA SER A 33 35.96 20.21 -4.72
C SER A 33 36.96 21.35 -4.69
N MET A 34 37.98 21.28 -5.56
CA MET A 34 38.98 22.34 -5.69
C MET A 34 39.56 22.40 -7.10
N ASP A 35 39.53 23.58 -7.70
CA ASP A 35 39.93 23.67 -9.09
C ASP A 35 40.80 24.90 -9.47
N ASP A 36 40.80 25.09 -10.79
CA ASP A 36 41.69 25.94 -11.58
C ASP A 36 40.87 26.60 -12.67
N HIS A 37 39.57 26.65 -12.44
CA HIS A 37 38.65 27.36 -13.31
C HIS A 37 38.88 28.85 -13.12
N LYS A 38 39.72 29.19 -12.15
CA LYS A 38 40.00 30.58 -11.84
C LYS A 38 41.29 31.04 -12.50
N LEU A 39 42.17 30.09 -12.79
CA LEU A 39 43.48 30.42 -13.36
C LEU A 39 43.38 31.02 -14.76
N SER A 40 44.17 32.05 -15.02
CA SER A 40 44.27 32.59 -16.37
C SER A 40 44.84 31.55 -17.33
N LEU A 41 44.82 31.87 -18.62
CA LEU A 41 45.34 30.94 -19.59
C LEU A 41 46.84 30.75 -19.43
N ASP A 42 47.55 31.81 -19.06
CA ASP A 42 48.98 31.68 -18.87
C ASP A 42 49.25 30.88 -17.60
N GLU A 43 48.44 31.13 -16.58
CA GLU A 43 48.54 30.42 -15.32
C GLU A 43 48.35 28.93 -15.54
N LEU A 44 47.23 28.57 -16.14
CA LEU A 44 46.92 27.20 -16.53
C LEU A 44 48.10 26.51 -17.19
N HIS A 45 48.70 27.22 -18.14
CA HIS A 45 49.82 26.73 -18.93
C HIS A 45 50.98 26.34 -18.06
N ARG A 46 51.37 27.21 -17.14
CA ARG A 46 52.56 26.91 -16.37
C ARG A 46 52.26 25.85 -15.34
N LYS A 47 51.01 25.76 -14.91
CA LYS A 47 50.68 24.71 -13.96
C LYS A 47 50.93 23.32 -14.56
N TYR A 48 50.31 23.05 -15.70
CA TYR A 48 50.35 21.70 -16.27
C TYR A 48 51.55 21.54 -17.23
N GLY A 49 52.06 22.66 -17.73
CA GLY A 49 53.23 22.64 -18.58
C GLY A 49 52.96 22.55 -20.06
N THR A 50 51.78 22.06 -20.40
CA THR A 50 51.37 21.84 -21.78
C THR A 50 51.21 23.13 -22.57
N ASP A 51 51.75 23.16 -23.79
CA ASP A 51 51.51 24.30 -24.66
C ASP A 51 50.03 24.33 -25.01
N LEU A 52 49.37 25.44 -24.70
CA LEU A 52 47.93 25.55 -24.90
C LEU A 52 47.43 25.41 -26.34
N SER A 53 48.27 25.04 -27.29
CA SER A 53 47.82 25.06 -28.66
C SER A 53 48.56 24.04 -29.52
N ARG A 54 49.57 23.42 -28.95
CA ARG A 54 50.23 22.39 -29.69
C ARG A 54 50.10 21.14 -28.87
N GLY A 55 49.79 21.34 -27.59
CA GLY A 55 49.51 20.24 -26.69
C GLY A 55 50.77 19.75 -26.02
N LEU A 56 50.74 18.51 -25.54
CA LEU A 56 51.92 17.99 -24.88
C LEU A 56 52.56 16.94 -25.75
N THR A 57 53.86 16.73 -25.54
CA THR A 57 54.63 15.81 -26.35
C THR A 57 54.22 14.37 -26.02
N PRO A 58 54.18 13.48 -27.04
CA PRO A 58 53.83 12.06 -26.83
C PRO A 58 54.71 11.41 -25.78
N ALA A 59 55.96 11.85 -25.75
CA ALA A 59 56.90 11.52 -24.71
C ALA A 59 56.32 11.86 -23.34
N ARG A 60 56.07 13.16 -23.13
CA ARG A 60 55.56 13.65 -21.85
C ARG A 60 54.23 13.01 -21.52
N ALA A 61 53.49 12.61 -22.57
CA ALA A 61 52.25 11.91 -22.40
C ALA A 61 52.51 10.55 -21.82
N ALA A 62 53.35 9.78 -22.51
CA ALA A 62 53.72 8.42 -22.11
C ALA A 62 54.26 8.39 -20.69
N GLU A 63 55.00 9.44 -20.35
CA GLU A 63 55.58 9.59 -19.02
C GLU A 63 54.45 9.65 -18.01
N ILE A 64 53.62 10.68 -18.12
CA ILE A 64 52.51 10.88 -17.19
C ILE A 64 51.65 9.64 -17.06
N LEU A 65 51.43 8.93 -18.17
CA LEU A 65 50.52 7.79 -18.14
C LEU A 65 51.02 6.69 -17.20
N ALA A 66 52.34 6.47 -17.18
CA ALA A 66 52.96 5.48 -16.27
C ALA A 66 52.91 5.97 -14.83
N ARG A 67 53.02 7.28 -14.67
CA ARG A 67 52.92 7.93 -13.37
C ARG A 67 51.50 7.86 -12.78
N ASP A 68 50.48 8.19 -13.57
CA ASP A 68 49.12 8.34 -13.05
C ASP A 68 48.14 7.19 -13.33
N GLY A 69 48.52 6.28 -14.20
CA GLY A 69 47.63 5.18 -14.51
C GLY A 69 46.50 5.63 -15.41
N PRO A 70 45.89 4.68 -16.10
CA PRO A 70 44.91 4.92 -17.17
C PRO A 70 43.69 5.71 -16.69
N ASN A 71 43.07 6.46 -17.59
CA ASN A 71 41.85 7.21 -17.26
C ASN A 71 40.64 6.30 -17.18
N ALA A 72 40.48 5.63 -16.05
CA ALA A 72 39.39 4.71 -15.88
C ALA A 72 39.12 4.46 -14.41
N LEU A 73 37.88 4.72 -14.00
CA LEU A 73 37.42 4.44 -12.65
C LEU A 73 37.71 2.98 -12.31
N THR A 74 38.07 2.72 -11.06
CA THR A 74 38.43 1.35 -10.63
C THR A 74 37.17 0.56 -10.25
N PRO A 75 37.07 -0.67 -10.76
CA PRO A 75 35.86 -1.50 -10.79
C PRO A 75 35.17 -1.61 -9.45
N PRO A 76 33.88 -1.25 -9.42
CA PRO A 76 33.00 -1.28 -8.25
C PRO A 76 32.22 -2.59 -8.10
N PRO A 77 32.65 -3.48 -7.18
CA PRO A 77 32.05 -4.81 -7.00
C PRO A 77 30.57 -4.72 -6.62
N THR A 78 29.68 -5.18 -7.51
CA THR A 78 28.23 -5.08 -7.32
C THR A 78 27.76 -6.17 -6.35
N THR A 79 28.08 -7.42 -6.67
CA THR A 79 27.57 -8.55 -5.91
C THR A 79 28.59 -9.69 -5.83
N PRO A 80 28.43 -10.57 -4.84
CA PRO A 80 29.22 -11.80 -4.75
C PRO A 80 28.47 -13.01 -5.30
N GLU A 81 29.21 -14.05 -5.66
CA GLU A 81 28.66 -15.27 -6.26
C GLU A 81 27.55 -15.91 -5.42
N TRP A 82 27.95 -16.45 -4.27
CA TRP A 82 27.08 -17.26 -3.43
C TRP A 82 25.80 -16.54 -2.99
N VAL A 83 25.90 -15.24 -2.71
CA VAL A 83 24.71 -14.51 -2.32
C VAL A 83 23.74 -14.38 -3.51
N LYS A 84 24.27 -14.33 -4.73
CA LYS A 84 23.40 -14.38 -5.92
C LYS A 84 22.74 -15.76 -6.09
N PHE A 85 23.44 -16.82 -5.72
CA PHE A 85 22.90 -18.18 -5.71
C PHE A 85 21.62 -18.26 -4.86
N CYS A 86 21.65 -17.67 -3.67
CA CYS A 86 20.53 -17.78 -2.76
C CYS A 86 19.34 -16.96 -3.23
N ARG A 87 19.62 -15.85 -3.90
CA ARG A 87 18.56 -15.05 -4.50
C ARG A 87 17.71 -15.96 -5.37
N GLN A 88 18.38 -16.69 -6.25
CA GLN A 88 17.73 -17.61 -7.17
C GLN A 88 17.00 -18.71 -6.44
N LEU A 89 17.60 -19.21 -5.37
CA LEU A 89 17.04 -20.30 -4.60
C LEU A 89 15.72 -19.92 -3.92
N PHE A 90 15.54 -18.64 -3.66
CA PHE A 90 14.31 -18.17 -3.04
C PHE A 90 13.51 -17.33 -4.02
N GLY A 91 13.77 -17.53 -5.31
CA GLY A 91 13.22 -16.72 -6.38
C GLY A 91 11.73 -16.78 -6.57
N GLY A 92 11.02 -15.91 -5.86
CA GLY A 92 9.58 -15.77 -6.00
C GLY A 92 8.85 -17.07 -5.74
N PHE A 93 8.59 -17.82 -6.80
CA PHE A 93 7.91 -19.10 -6.66
C PHE A 93 8.73 -20.05 -5.81
N SER A 94 10.04 -20.05 -6.03
CA SER A 94 10.96 -20.94 -5.31
C SER A 94 10.75 -20.82 -3.80
N MET A 95 10.50 -19.61 -3.33
CA MET A 95 10.33 -19.36 -1.90
C MET A 95 9.01 -19.93 -1.42
N LEU A 96 7.98 -19.84 -2.26
CA LEU A 96 6.68 -20.40 -1.90
C LEU A 96 6.80 -21.90 -1.70
N LEU A 97 7.64 -22.53 -2.53
CA LEU A 97 7.88 -23.96 -2.43
C LEU A 97 8.43 -24.35 -1.06
N TRP A 98 9.31 -23.50 -0.52
CA TRP A 98 9.91 -23.77 0.77
C TRP A 98 8.83 -23.78 1.84
N ILE A 99 7.94 -22.79 1.79
CA ILE A 99 6.80 -22.72 2.69
C ILE A 99 6.05 -24.03 2.78
N GLY A 100 5.63 -24.54 1.63
CA GLY A 100 4.98 -25.82 1.57
C GLY A 100 5.88 -26.94 2.07
N ALA A 101 7.15 -26.92 1.67
CA ALA A 101 8.10 -27.96 2.06
C ALA A 101 8.28 -27.96 3.57
N ILE A 102 8.29 -26.76 4.16
CA ILE A 102 8.38 -26.56 5.59
C ILE A 102 7.20 -27.19 6.32
N LEU A 103 5.99 -26.88 5.88
CA LEU A 103 4.78 -27.41 6.51
C LEU A 103 4.68 -28.93 6.33
N CYS A 104 5.41 -29.47 5.34
CA CYS A 104 5.46 -30.92 5.10
C CYS A 104 6.32 -31.65 6.13
N PHE A 105 7.54 -31.15 6.34
CA PHE A 105 8.36 -31.64 7.44
C PHE A 105 7.65 -31.38 8.75
N LEU A 106 7.08 -30.18 8.87
CA LEU A 106 6.34 -29.79 10.05
C LEU A 106 5.21 -30.78 10.37
N ALA A 107 4.28 -30.96 9.43
CA ALA A 107 3.16 -31.86 9.63
C ALA A 107 3.61 -33.28 9.95
N TYR A 108 4.79 -33.65 9.48
CA TYR A 108 5.33 -35.00 9.72
C TYR A 108 5.81 -35.17 11.15
N GLY A 109 6.38 -34.11 11.72
CA GLY A 109 6.78 -34.13 13.11
C GLY A 109 5.57 -34.33 13.99
N ILE A 110 4.48 -33.67 13.62
CA ILE A 110 3.22 -33.78 14.36
C ILE A 110 2.65 -35.18 14.24
N GLN A 111 2.90 -35.84 13.11
CA GLN A 111 2.39 -37.19 12.87
C GLN A 111 2.99 -38.22 13.83
N ALA A 112 4.24 -38.01 14.22
CA ALA A 112 4.92 -38.90 15.16
C ALA A 112 4.55 -38.56 16.60
N ALA A 113 3.40 -37.92 16.77
CA ALA A 113 2.93 -37.51 18.10
C ALA A 113 1.43 -37.75 18.26
N THR A 114 0.71 -37.93 17.15
CA THR A 114 -0.72 -38.23 17.19
C THR A 114 -0.95 -39.72 16.97
N GLU A 115 0.01 -40.36 16.31
CA GLU A 115 -0.09 -41.77 15.97
C GLU A 115 1.25 -42.46 16.25
N GLU A 116 1.19 -43.76 16.51
CA GLU A 116 2.39 -44.57 16.67
C GLU A 116 2.91 -45.04 15.31
N GLU A 117 4.12 -44.60 14.98
CA GLU A 117 4.77 -44.90 13.69
C GLU A 117 3.84 -44.67 12.49
N PRO A 118 3.59 -43.40 12.15
CA PRO A 118 2.67 -43.02 11.08
C PRO A 118 3.24 -43.24 9.68
N GLN A 119 2.75 -42.49 8.70
CA GLN A 119 3.15 -42.68 7.31
C GLN A 119 4.56 -42.20 7.02
N ASN A 120 4.95 -42.27 5.76
CA ASN A 120 6.24 -41.74 5.33
C ASN A 120 6.02 -40.77 4.18
N ASP A 121 4.75 -40.54 3.88
CA ASP A 121 4.36 -39.64 2.79
C ASP A 121 5.01 -38.27 2.95
N ASN A 122 4.52 -37.51 3.92
CA ASN A 122 4.94 -36.12 4.13
C ASN A 122 6.44 -35.93 4.34
N LEU A 123 7.10 -36.95 4.87
CA LEU A 123 8.55 -36.91 5.00
C LEU A 123 9.17 -36.85 3.62
N TYR A 124 8.78 -37.81 2.79
CA TYR A 124 9.26 -37.88 1.42
C TYR A 124 8.81 -36.68 0.58
N LEU A 125 7.61 -36.18 0.88
CA LEU A 125 7.08 -35.04 0.15
C LEU A 125 7.90 -33.78 0.41
N GLY A 126 8.28 -33.58 1.67
CA GLY A 126 9.16 -32.48 2.02
C GLY A 126 10.49 -32.67 1.31
N VAL A 127 10.92 -33.91 1.20
CA VAL A 127 12.19 -34.20 0.55
C VAL A 127 12.15 -33.86 -0.94
N VAL A 128 11.08 -34.24 -1.62
CA VAL A 128 10.99 -34.01 -3.07
C VAL A 128 10.83 -32.52 -3.39
N LEU A 129 9.91 -31.88 -2.68
CA LEU A 129 9.58 -30.48 -2.88
C LEU A 129 10.82 -29.61 -2.77
N SER A 130 11.44 -29.69 -1.59
CA SER A 130 12.69 -29.00 -1.34
C SER A 130 13.70 -29.29 -2.45
N ALA A 131 13.91 -30.58 -2.74
CA ALA A 131 14.83 -31.00 -3.77
C ALA A 131 14.61 -30.24 -5.06
N VAL A 132 13.35 -30.14 -5.48
CA VAL A 132 13.01 -29.41 -6.70
C VAL A 132 13.46 -27.93 -6.62
N VAL A 133 13.17 -27.25 -5.51
CA VAL A 133 13.59 -25.85 -5.34
C VAL A 133 15.08 -25.69 -5.58
N ILE A 134 15.83 -26.61 -5.01
CA ILE A 134 17.28 -26.69 -5.15
C ILE A 134 17.68 -26.84 -6.61
N ILE A 135 17.25 -27.93 -7.24
CA ILE A 135 17.53 -28.22 -8.65
C ILE A 135 17.14 -27.04 -9.54
N THR A 136 15.90 -26.60 -9.41
CA THR A 136 15.43 -25.43 -10.13
C THR A 136 16.32 -24.23 -9.87
N GLY A 137 16.39 -23.81 -8.60
CA GLY A 137 17.22 -22.70 -8.21
C GLY A 137 18.63 -22.72 -8.77
N CYS A 138 19.40 -23.77 -8.48
CA CYS A 138 20.78 -23.79 -8.92
C CYS A 138 20.89 -23.92 -10.44
N PHE A 139 19.83 -24.39 -11.08
CA PHE A 139 19.80 -24.40 -12.54
C PHE A 139 19.72 -22.98 -13.07
N SER A 140 18.64 -22.29 -12.70
CA SER A 140 18.39 -20.94 -13.15
C SER A 140 19.59 -20.08 -12.88
N TYR A 141 20.15 -20.22 -11.68
CA TYR A 141 21.36 -19.49 -11.29
C TYR A 141 22.43 -19.62 -12.36
N TYR A 142 22.80 -20.86 -12.66
CA TYR A 142 23.85 -21.11 -13.64
C TYR A 142 23.50 -20.57 -15.03
N GLN A 143 22.23 -20.63 -15.40
CA GLN A 143 21.80 -20.02 -16.66
C GLN A 143 22.06 -18.52 -16.56
N GLU A 144 21.38 -17.88 -15.62
CA GLU A 144 21.48 -16.44 -15.43
C GLU A 144 22.91 -15.98 -15.20
N ALA A 145 23.75 -16.87 -14.68
CA ALA A 145 25.18 -16.57 -14.56
C ALA A 145 25.79 -16.49 -15.95
N LYS A 146 25.36 -17.40 -16.84
CA LYS A 146 25.88 -17.49 -18.20
C LYS A 146 25.47 -16.29 -19.04
N SER A 147 24.31 -15.71 -18.72
CA SER A 147 23.88 -14.46 -19.35
C SER A 147 24.85 -13.36 -18.95
N SER A 148 24.96 -13.12 -17.66
CA SER A 148 25.85 -12.08 -17.16
C SER A 148 27.35 -12.42 -17.28
N LYS A 149 27.67 -13.53 -17.93
CA LYS A 149 29.06 -13.80 -18.37
C LYS A 149 29.21 -13.27 -19.80
N ILE A 150 28.25 -13.63 -20.65
CA ILE A 150 28.27 -13.25 -22.06
C ILE A 150 27.98 -11.76 -22.26
N MET A 151 27.05 -11.20 -21.48
CA MET A 151 26.70 -9.79 -21.61
C MET A 151 27.87 -8.91 -21.21
N GLU A 152 28.63 -9.37 -20.22
CA GLU A 152 29.78 -8.60 -19.74
C GLU A 152 30.99 -8.77 -20.65
N SER A 153 30.99 -9.82 -21.47
CA SER A 153 32.02 -10.01 -22.49
C SER A 153 31.93 -8.90 -23.52
N PHE A 154 30.90 -8.08 -23.40
CA PHE A 154 30.65 -6.98 -24.33
C PHE A 154 30.78 -5.62 -23.67
N LYS A 155 30.85 -5.58 -22.34
CA LYS A 155 30.98 -4.31 -21.61
C LYS A 155 32.30 -3.60 -21.96
N ASN A 156 33.28 -4.37 -22.40
CA ASN A 156 34.58 -3.82 -22.82
C ASN A 156 34.94 -4.12 -24.28
N MET A 157 33.99 -3.87 -25.19
CA MET A 157 34.21 -4.09 -26.62
C MET A 157 34.19 -2.77 -27.38
N VAL A 158 33.58 -1.75 -26.77
CA VAL A 158 33.58 -0.39 -27.31
C VAL A 158 34.62 0.50 -26.58
N PRO A 159 35.87 0.53 -27.07
CA PRO A 159 36.89 1.35 -26.39
C PRO A 159 36.62 2.85 -26.55
N GLN A 160 35.99 3.50 -25.57
CA GLN A 160 35.61 4.91 -25.74
C GLN A 160 36.82 5.71 -26.18
N GLN A 161 36.76 6.23 -27.39
CA GLN A 161 37.86 7.01 -27.92
C GLN A 161 37.82 8.42 -27.36
N ALA A 162 38.97 9.09 -27.34
CA ALA A 162 39.05 10.52 -27.07
C ALA A 162 39.99 11.19 -28.07
N LEU A 163 39.72 12.46 -28.36
CA LEU A 163 40.52 13.14 -29.39
C LEU A 163 41.43 14.16 -28.74
N VAL A 164 42.74 13.95 -28.86
CA VAL A 164 43.71 14.80 -28.16
C VAL A 164 44.64 15.50 -29.13
N ILE A 165 45.09 16.69 -28.78
CA ILE A 165 46.09 17.37 -29.62
C ILE A 165 47.49 17.31 -28.98
N ARG A 166 48.10 16.15 -29.07
CA ARG A 166 49.42 15.97 -28.52
C ARG A 166 50.38 16.31 -29.63
N ASN A 167 51.24 17.28 -29.35
CA ASN A 167 52.29 17.72 -30.25
C ASN A 167 51.74 18.14 -31.60
N GLY A 168 51.18 19.35 -31.66
CA GLY A 168 50.79 19.98 -32.91
C GLY A 168 49.64 19.28 -33.57
N GLU A 169 49.90 18.09 -34.11
CA GLU A 169 48.87 17.29 -34.74
C GLU A 169 47.80 16.79 -33.73
N LYS A 170 46.66 16.28 -34.24
CA LYS A 170 45.62 15.70 -33.38
C LYS A 170 45.33 14.24 -33.74
N MET A 171 45.10 13.41 -32.73
CA MET A 171 44.96 11.96 -32.93
C MET A 171 43.93 11.34 -31.98
N SER A 172 43.27 10.27 -32.40
CA SER A 172 42.24 9.68 -31.56
C SER A 172 42.70 8.38 -30.93
N ILE A 173 42.68 8.37 -29.60
CA ILE A 173 43.17 7.24 -28.82
C ILE A 173 42.13 6.70 -27.85
N ASN A 174 42.38 5.52 -27.32
CA ASN A 174 41.59 5.01 -26.22
C ASN A 174 41.52 6.02 -25.08
N ALA A 175 40.35 6.19 -24.47
CA ALA A 175 40.19 7.20 -23.42
C ALA A 175 41.12 6.92 -22.23
N GLU A 176 41.50 5.66 -22.10
CA GLU A 176 42.38 5.25 -21.03
C GLU A 176 43.79 5.86 -21.16
N GLU A 177 44.19 6.24 -22.37
CA GLU A 177 45.55 6.76 -22.60
C GLU A 177 45.66 8.27 -22.39
N VAL A 178 44.52 8.92 -22.14
CA VAL A 178 44.47 10.36 -21.87
C VAL A 178 45.01 10.60 -20.49
N VAL A 179 45.87 11.62 -20.33
CA VAL A 179 46.48 11.87 -19.04
C VAL A 179 46.21 13.28 -18.53
N VAL A 180 46.62 13.59 -17.30
CA VAL A 180 46.42 14.94 -16.77
C VAL A 180 47.21 15.85 -17.66
N GLY A 181 46.64 16.98 -18.05
CA GLY A 181 47.42 17.93 -18.82
C GLY A 181 47.14 18.06 -20.30
N ASP A 182 47.11 16.97 -21.08
CA ASP A 182 46.97 17.21 -22.53
C ASP A 182 45.64 17.88 -22.82
N LEU A 183 45.50 18.39 -24.03
CA LEU A 183 44.29 19.10 -24.34
C LEU A 183 43.43 18.18 -25.20
N VAL A 184 42.13 18.31 -24.96
CA VAL A 184 41.14 17.47 -25.58
C VAL A 184 40.30 18.29 -26.53
N GLU A 185 39.87 17.68 -27.63
CA GLU A 185 38.90 18.35 -28.50
C GLU A 185 37.58 17.58 -28.61
N VAL A 186 36.53 18.11 -27.99
CA VAL A 186 35.24 17.49 -28.08
C VAL A 186 34.38 18.27 -29.06
N LYS A 187 33.60 17.54 -29.84
CA LYS A 187 32.58 18.15 -30.69
C LYS A 187 31.20 17.64 -30.33
N GLY A 188 30.23 18.05 -31.13
CA GLY A 188 28.87 17.53 -31.10
C GLY A 188 28.72 16.03 -30.92
N GLY A 189 28.28 15.67 -29.73
CA GLY A 189 27.84 14.33 -29.49
C GLY A 189 28.98 13.46 -29.07
N ASP A 190 30.06 14.12 -28.68
CA ASP A 190 31.19 13.43 -28.09
C ASP A 190 31.01 13.37 -26.60
N ARG A 191 31.37 12.23 -26.04
CA ARG A 191 31.46 12.10 -24.60
C ARG A 191 32.76 12.75 -24.07
N ILE A 192 32.62 13.46 -22.96
CA ILE A 192 33.71 14.19 -22.34
C ILE A 192 34.61 13.28 -21.47
N PRO A 193 35.87 13.14 -21.88
CA PRO A 193 36.75 12.04 -21.51
C PRO A 193 37.48 12.20 -20.18
N ALA A 194 37.33 13.35 -19.53
CA ALA A 194 37.95 13.64 -18.24
C ALA A 194 37.50 15.03 -17.83
N ASP A 195 37.76 15.44 -16.60
CA ASP A 195 37.38 16.79 -16.23
C ASP A 195 38.27 17.79 -16.94
N LEU A 196 37.66 18.72 -17.66
CA LEU A 196 38.42 19.66 -18.46
C LEU A 196 38.26 21.09 -17.97
N ARG A 197 39.27 21.90 -18.27
CA ARG A 197 39.12 23.31 -18.15
C ARG A 197 39.11 23.82 -19.56
N ILE A 198 38.01 24.45 -19.93
CA ILE A 198 37.81 24.80 -21.32
C ILE A 198 38.77 25.91 -21.65
N ILE A 199 39.55 25.70 -22.70
CA ILE A 199 40.49 26.71 -23.15
C ILE A 199 39.81 27.57 -24.18
N SER A 200 39.11 26.92 -25.10
CA SER A 200 38.44 27.61 -26.21
C SER A 200 37.18 26.88 -26.58
N ALA A 201 36.25 27.61 -27.19
CA ALA A 201 34.97 27.04 -27.53
C ALA A 201 34.19 27.90 -28.47
N ASN A 202 33.63 27.28 -29.50
CA ASN A 202 32.61 27.92 -30.33
C ASN A 202 31.28 27.28 -30.03
N GLY A 203 30.37 28.04 -29.43
CA GLY A 203 28.98 27.63 -29.29
C GLY A 203 28.75 26.24 -28.73
N CYS A 204 29.56 25.90 -27.72
CA CYS A 204 29.50 24.58 -27.14
C CYS A 204 28.46 24.50 -26.05
N LYS A 205 27.74 23.38 -26.08
CA LYS A 205 26.64 23.07 -25.17
C LYS A 205 26.80 21.65 -24.64
N VAL A 206 26.78 21.53 -23.32
CA VAL A 206 27.07 20.26 -22.68
C VAL A 206 25.84 19.70 -21.96
N ASP A 207 25.80 18.38 -21.79
CA ASP A 207 24.70 17.70 -21.11
C ASP A 207 25.11 17.28 -19.68
N ASN A 208 24.84 18.15 -18.71
CA ASN A 208 25.15 17.88 -17.31
C ASN A 208 24.10 17.07 -16.57
N SER A 209 23.15 16.52 -17.32
CA SER A 209 22.08 15.71 -16.76
C SER A 209 22.56 14.63 -15.75
N SER A 210 23.69 13.99 -16.03
CA SER A 210 24.18 12.89 -15.20
C SER A 210 24.69 13.36 -13.84
N LEU A 211 24.83 14.68 -13.74
CA LEU A 211 25.38 15.29 -12.55
C LEU A 211 24.30 16.17 -11.90
N THR A 212 23.46 16.79 -12.73
CA THR A 212 22.53 17.81 -12.24
C THR A 212 21.05 17.63 -12.62
N GLY A 213 20.67 16.44 -13.01
CA GLY A 213 19.27 16.20 -13.34
C GLY A 213 18.88 16.76 -14.69
N GLU A 214 18.46 18.02 -14.71
CA GLU A 214 17.97 18.67 -15.94
C GLU A 214 18.90 18.47 -17.11
N SER A 215 18.40 17.83 -18.16
CA SER A 215 19.22 17.47 -19.31
C SER A 215 19.33 18.63 -20.31
N GLU A 216 18.75 19.79 -19.95
CA GLU A 216 18.86 20.99 -20.76
C GLU A 216 20.32 21.33 -21.02
N PRO A 217 20.66 21.54 -22.29
CA PRO A 217 22.03 21.89 -22.66
C PRO A 217 22.53 23.10 -21.91
N GLN A 218 23.64 22.93 -21.23
CA GLN A 218 24.36 24.05 -20.65
C GLN A 218 25.54 24.41 -21.54
N THR A 219 25.71 25.71 -21.80
CA THR A 219 26.86 26.20 -22.57
C THR A 219 28.15 26.10 -21.77
N ARG A 220 29.22 25.83 -22.50
CA ARG A 220 30.54 25.89 -21.93
C ARG A 220 31.35 26.91 -22.72
N SER A 221 31.85 27.93 -22.04
CA SER A 221 32.75 28.87 -22.69
C SER A 221 34.06 28.72 -21.94
N PRO A 222 35.09 29.52 -22.28
CA PRO A 222 36.28 29.43 -21.44
C PRO A 222 36.22 30.38 -20.26
N ASP A 223 35.28 31.31 -20.32
CA ASP A 223 35.08 32.30 -19.27
C ASP A 223 34.90 31.68 -17.88
N PHE A 224 35.24 32.45 -16.85
CA PHE A 224 34.99 32.06 -15.47
C PHE A 224 33.75 32.75 -14.98
N THR A 225 32.76 31.99 -14.52
CA THR A 225 31.44 32.56 -14.33
C THR A 225 30.88 32.39 -12.92
N ASN A 226 31.30 31.36 -12.21
CA ASN A 226 30.87 31.19 -10.83
C ASN A 226 31.97 30.57 -9.97
N GLU A 227 32.20 31.11 -8.79
CA GLU A 227 33.24 30.60 -7.91
C GLU A 227 33.13 29.09 -7.70
N ASN A 228 31.90 28.57 -7.73
CA ASN A 228 31.68 27.12 -7.60
C ASN A 228 31.97 26.39 -8.91
N PRO A 229 32.96 25.49 -8.87
CA PRO A 229 33.39 24.67 -10.01
C PRO A 229 32.25 24.04 -10.74
N LEU A 230 31.21 23.68 -10.02
CA LEU A 230 30.06 23.06 -10.64
C LEU A 230 29.29 24.06 -11.51
N GLU A 231 28.96 25.21 -10.95
CA GLU A 231 28.14 26.18 -11.65
C GLU A 231 28.84 26.74 -12.89
N THR A 232 30.13 27.05 -12.73
CA THR A 232 30.91 27.75 -13.76
C THR A 232 30.85 27.08 -15.14
N ARG A 233 31.10 27.87 -16.18
CA ARG A 233 30.90 27.44 -17.55
C ARG A 233 32.15 26.92 -18.21
N ASN A 234 33.30 27.09 -17.56
CA ASN A 234 34.54 26.70 -18.20
C ASN A 234 35.04 25.35 -17.72
N ILE A 235 34.19 24.58 -17.04
CA ILE A 235 34.60 23.24 -16.74
C ILE A 235 33.63 22.22 -17.26
N ALA A 236 34.11 21.36 -18.13
CA ALA A 236 33.32 20.26 -18.63
C ALA A 236 33.68 18.99 -17.84
N PHE A 237 32.67 18.26 -17.36
CA PHE A 237 32.95 17.14 -16.43
C PHE A 237 33.01 15.79 -17.12
N PHE A 238 33.84 14.90 -16.55
CA PHE A 238 33.95 13.54 -17.06
C PHE A 238 32.60 12.88 -16.87
N SER A 239 32.26 12.02 -17.83
CA SER A 239 31.01 11.25 -17.82
C SER A 239 29.76 12.03 -18.26
N THR A 240 29.96 13.26 -18.71
CA THR A 240 28.88 13.98 -19.35
C THR A 240 29.21 13.82 -20.82
N ASN A 241 28.41 14.42 -21.69
CA ASN A 241 28.79 14.50 -23.09
C ASN A 241 28.42 15.90 -23.51
N CYS A 242 28.99 16.37 -24.60
CA CYS A 242 28.55 17.62 -25.16
C CYS A 242 27.54 17.30 -26.24
N VAL A 243 26.35 17.88 -26.09
CA VAL A 243 25.34 17.77 -27.10
C VAL A 243 25.88 18.34 -28.41
N GLU A 244 26.07 19.64 -28.50
CA GLU A 244 26.59 20.18 -29.76
C GLU A 244 27.51 21.38 -29.56
N GLY A 245 27.93 21.97 -30.67
CA GLY A 245 28.98 22.98 -30.62
C GLY A 245 30.34 22.29 -30.59
N THR A 246 31.38 23.04 -30.23
CA THR A 246 32.72 22.45 -30.22
C THR A 246 33.66 23.12 -29.21
N ALA A 247 34.60 22.38 -28.64
CA ALA A 247 35.43 22.98 -27.60
C ALA A 247 36.78 22.29 -27.43
N ARG A 248 37.78 23.04 -27.00
CA ARG A 248 39.02 22.44 -26.52
C ARG A 248 39.22 22.79 -25.08
N GLY A 249 39.76 21.82 -24.36
CA GLY A 249 39.96 21.98 -22.93
C GLY A 249 41.15 21.17 -22.46
N ILE A 250 41.53 21.36 -21.20
CA ILE A 250 42.75 20.73 -20.70
C ILE A 250 42.53 19.89 -19.45
N VAL A 251 42.88 18.60 -19.55
CA VAL A 251 42.62 17.62 -18.50
C VAL A 251 43.13 18.00 -17.14
N VAL A 252 42.22 18.20 -16.19
CA VAL A 252 42.65 18.51 -14.83
C VAL A 252 42.32 17.38 -13.86
N TYR A 253 41.65 16.35 -14.37
CA TYR A 253 41.30 15.21 -13.55
C TYR A 253 41.17 13.95 -14.39
N THR A 254 42.01 12.97 -14.12
CA THR A 254 42.03 11.68 -14.79
C THR A 254 41.32 10.70 -13.89
N GLY A 255 40.83 9.58 -14.44
CA GLY A 255 40.30 8.45 -13.69
C GLY A 255 39.49 8.71 -12.42
N ASP A 256 39.76 7.95 -11.36
CA ASP A 256 39.02 8.07 -10.10
C ASP A 256 39.09 9.44 -9.44
N ARG A 257 39.81 10.36 -10.04
CA ARG A 257 40.01 11.65 -9.40
C ARG A 257 38.99 12.67 -9.85
N THR A 258 38.37 12.39 -11.00
CA THR A 258 37.35 13.26 -11.55
C THR A 258 36.22 13.40 -10.56
N VAL A 259 35.51 14.52 -10.63
CA VAL A 259 34.31 14.71 -9.82
C VAL A 259 33.38 13.51 -9.87
N MET A 260 33.22 12.90 -11.04
CA MET A 260 32.27 11.80 -11.19
C MET A 260 32.84 10.43 -10.86
N GLY A 261 34.16 10.37 -10.63
CA GLY A 261 34.75 9.15 -10.12
C GLY A 261 34.62 9.19 -8.61
N ARG A 262 34.70 10.42 -8.09
CA ARG A 262 34.65 10.67 -6.65
C ARG A 262 33.32 10.25 -6.07
N ILE A 263 32.24 10.41 -6.84
CA ILE A 263 30.94 9.94 -6.36
C ILE A 263 30.96 8.41 -6.26
N ALA A 264 30.86 7.93 -5.02
CA ALA A 264 30.86 6.51 -4.73
C ALA A 264 29.43 5.98 -4.79
N THR A 265 28.78 6.15 -5.94
CA THR A 265 27.43 5.63 -6.10
C THR A 265 27.38 4.56 -7.18
N LEU A 266 27.19 4.96 -8.44
CA LEU A 266 27.23 4.03 -9.58
C LEU A 266 27.37 4.76 -10.93
N ALA A 267 28.60 5.10 -11.32
CA ALA A 267 28.86 5.80 -12.57
C ALA A 267 28.49 4.96 -13.80
N SER A 268 28.70 3.64 -13.71
CA SER A 268 28.32 2.69 -14.78
C SER A 268 27.89 1.31 -14.24
N GLY A 269 26.65 0.92 -14.53
CA GLY A 269 26.16 -0.41 -14.13
C GLY A 269 24.65 -0.58 -14.03
N LEU A 270 24.14 -0.62 -12.80
CA LEU A 270 22.71 -0.86 -12.51
C LEU A 270 21.87 0.39 -12.79
N GLU A 271 20.70 0.20 -13.40
CA GLU A 271 19.80 1.32 -13.74
C GLU A 271 18.30 0.96 -13.63
N GLY A 272 17.45 1.73 -14.32
CA GLY A 272 16.01 1.53 -14.30
C GLY A 272 15.41 1.12 -15.65
N GLY A 273 14.08 1.24 -15.76
CA GLY A 273 13.38 0.81 -16.96
C GLY A 273 12.67 -0.52 -16.77
N GLN A 274 11.43 -0.62 -17.24
CA GLN A 274 10.69 -1.86 -17.13
C GLN A 274 10.01 -2.18 -18.45
N THR A 275 10.65 -3.06 -19.22
CA THR A 275 10.19 -3.46 -20.55
C THR A 275 8.76 -3.99 -20.53
N PRO A 276 8.04 -3.85 -21.66
CA PRO A 276 6.64 -4.28 -21.70
C PRO A 276 6.48 -5.77 -21.45
N ILE A 277 7.36 -6.60 -22.03
CA ILE A 277 7.29 -8.05 -21.84
C ILE A 277 7.42 -8.42 -20.35
N ALA A 278 8.26 -7.69 -19.63
CA ALA A 278 8.43 -7.87 -18.21
C ALA A 278 7.12 -7.52 -17.53
N ALA A 279 6.55 -6.41 -17.96
CA ALA A 279 5.27 -5.92 -17.45
C ALA A 279 4.15 -6.93 -17.68
N GLU A 280 4.09 -7.50 -18.87
CA GLU A 280 3.09 -8.51 -19.18
C GLU A 280 3.22 -9.69 -18.24
N ILE A 281 4.43 -10.21 -18.12
CA ILE A 281 4.70 -11.34 -17.24
C ILE A 281 4.27 -11.05 -15.82
N GLU A 282 4.71 -9.92 -15.27
CA GLU A 282 4.43 -9.59 -13.87
C GLU A 282 2.94 -9.46 -13.59
N HIS A 283 2.19 -9.03 -14.60
CA HIS A 283 0.73 -8.90 -14.52
C HIS A 283 0.08 -10.26 -14.41
N PHE A 284 0.55 -11.19 -15.25
CA PHE A 284 0.05 -12.56 -15.30
C PHE A 284 0.37 -13.34 -14.03
N ILE A 285 1.59 -13.23 -13.53
CA ILE A 285 1.98 -13.93 -12.31
C ILE A 285 1.17 -13.46 -11.12
N HIS A 286 0.86 -12.16 -11.09
CA HIS A 286 0.04 -11.58 -10.03
C HIS A 286 -1.35 -12.20 -9.98
N ILE A 287 -1.99 -12.33 -11.12
CA ILE A 287 -3.33 -12.92 -11.08
C ILE A 287 -3.30 -14.45 -11.03
N ILE A 288 -2.35 -15.10 -11.72
CA ILE A 288 -2.34 -16.55 -11.70
C ILE A 288 -2.04 -17.06 -10.29
N THR A 289 -1.31 -16.26 -9.52
CA THR A 289 -0.94 -16.67 -8.17
C THR A 289 -2.14 -16.40 -7.29
N GLY A 290 -2.89 -15.38 -7.63
CA GLY A 290 -4.13 -15.07 -6.93
C GLY A 290 -5.14 -16.20 -7.03
N VAL A 291 -5.47 -16.61 -8.24
CA VAL A 291 -6.45 -17.67 -8.41
C VAL A 291 -5.90 -18.94 -7.80
N ALA A 292 -4.59 -19.12 -7.85
CA ALA A 292 -3.97 -20.33 -7.32
C ALA A 292 -4.05 -20.43 -5.78
N VAL A 293 -4.18 -19.28 -5.13
CA VAL A 293 -4.34 -19.29 -3.67
C VAL A 293 -5.83 -19.24 -3.38
N PHE A 294 -6.61 -18.77 -4.33
CA PHE A 294 -8.05 -18.77 -4.11
C PHE A 294 -8.57 -20.19 -4.07
N LEU A 295 -7.99 -21.06 -4.88
CA LEU A 295 -8.42 -22.46 -4.92
C LEU A 295 -7.94 -23.18 -3.67
N GLY A 296 -6.65 -23.00 -3.37
CA GLY A 296 -6.02 -23.65 -2.24
C GLY A 296 -6.76 -23.52 -0.92
N VAL A 297 -7.19 -22.30 -0.59
CA VAL A 297 -7.91 -22.05 0.66
C VAL A 297 -9.39 -22.35 0.53
N SER A 298 -9.92 -22.31 -0.69
CA SER A 298 -11.30 -22.69 -0.88
C SER A 298 -11.40 -24.20 -0.79
N PHE A 299 -10.42 -24.90 -1.35
CA PHE A 299 -10.35 -26.35 -1.20
C PHE A 299 -10.03 -26.69 0.25
N PHE A 300 -9.14 -25.92 0.85
CA PHE A 300 -8.74 -26.16 2.22
C PHE A 300 -9.91 -26.21 3.19
N ILE A 301 -10.79 -25.22 3.09
CA ILE A 301 -11.98 -25.18 3.93
C ILE A 301 -13.01 -26.20 3.47
N LEU A 302 -13.13 -26.38 2.16
CA LEU A 302 -13.96 -27.42 1.60
C LEU A 302 -13.53 -28.77 2.13
N SER A 303 -12.22 -29.02 2.15
CA SER A 303 -11.71 -30.28 2.64
C SER A 303 -12.12 -30.47 4.11
N LEU A 304 -11.94 -29.43 4.93
CA LEU A 304 -12.33 -29.49 6.33
C LEU A 304 -13.78 -29.90 6.50
N ILE A 305 -14.65 -29.23 5.76
CA ILE A 305 -16.06 -29.58 5.71
C ILE A 305 -16.25 -31.04 5.31
N LEU A 306 -15.43 -31.49 4.38
CA LEU A 306 -15.51 -32.88 3.91
C LEU A 306 -14.83 -33.84 4.86
N GLU A 307 -14.75 -33.47 6.13
CA GLU A 307 -14.24 -34.36 7.17
C GLU A 307 -12.77 -34.72 6.93
N TYR A 308 -12.04 -33.90 6.17
CA TYR A 308 -10.61 -34.10 5.98
C TYR A 308 -9.95 -33.93 7.34
N THR A 309 -8.88 -34.67 7.58
CA THR A 309 -8.07 -34.47 8.77
C THR A 309 -7.49 -33.07 8.75
N TRP A 310 -7.17 -32.53 9.93
CA TRP A 310 -6.70 -31.15 9.99
C TRP A 310 -5.33 -30.99 9.29
N LEU A 311 -4.39 -31.87 9.58
CA LEU A 311 -3.05 -31.75 9.00
C LEU A 311 -3.03 -31.98 7.51
N GLU A 312 -3.85 -32.91 7.01
CA GLU A 312 -3.82 -33.24 5.60
C GLU A 312 -4.69 -32.30 4.80
N ALA A 313 -5.41 -31.44 5.50
CA ALA A 313 -6.13 -30.37 4.83
C ALA A 313 -5.12 -29.32 4.37
N VAL A 314 -4.23 -28.94 5.27
CA VAL A 314 -3.26 -27.90 4.97
C VAL A 314 -2.29 -28.38 3.90
N ILE A 315 -2.02 -29.68 3.88
CA ILE A 315 -1.10 -30.23 2.90
C ILE A 315 -1.82 -30.30 1.55
N PHE A 316 -3.12 -30.59 1.58
CA PHE A 316 -3.93 -30.56 0.37
C PHE A 316 -3.99 -29.16 -0.20
N LEU A 317 -4.18 -28.16 0.65
CA LEU A 317 -4.14 -26.76 0.23
C LEU A 317 -2.84 -26.47 -0.47
N ILE A 318 -1.74 -26.79 0.22
CA ILE A 318 -0.40 -26.43 -0.24
C ILE A 318 -0.04 -27.21 -1.52
N GLY A 319 -0.56 -28.43 -1.64
CA GLY A 319 -0.41 -29.18 -2.87
C GLY A 319 -1.13 -28.49 -4.02
N ILE A 320 -2.30 -27.95 -3.74
CA ILE A 320 -3.11 -27.27 -4.75
C ILE A 320 -2.41 -26.03 -5.26
N ILE A 321 -1.95 -25.20 -4.32
CA ILE A 321 -1.25 -23.95 -4.63
C ILE A 321 -0.11 -24.19 -5.63
N VAL A 322 0.77 -25.10 -5.27
CA VAL A 322 1.90 -25.46 -6.12
C VAL A 322 1.43 -25.94 -7.49
N ALA A 323 0.29 -26.60 -7.54
CA ALA A 323 -0.25 -27.17 -8.77
C ALA A 323 -0.86 -26.12 -9.71
N ASN A 324 -1.36 -25.01 -9.18
CA ASN A 324 -1.96 -24.00 -10.04
C ASN A 324 -1.04 -22.82 -10.20
N VAL A 325 0.21 -23.04 -9.81
CA VAL A 325 1.25 -22.02 -9.89
C VAL A 325 2.40 -22.57 -10.73
N PRO A 326 2.76 -21.84 -11.79
CA PRO A 326 3.71 -22.28 -12.83
C PRO A 326 5.21 -22.05 -12.53
N GLU A 327 5.81 -22.88 -11.68
CA GLU A 327 7.21 -22.73 -11.25
C GLU A 327 8.22 -22.65 -12.40
N GLY A 328 7.88 -23.29 -13.51
CA GLY A 328 8.75 -23.27 -14.68
C GLY A 328 9.02 -21.88 -15.19
N LEU A 329 7.94 -21.12 -15.41
CA LEU A 329 7.96 -19.80 -16.03
C LEU A 329 9.26 -19.03 -15.85
N LEU A 330 9.65 -18.80 -14.60
CA LEU A 330 10.86 -18.07 -14.27
C LEU A 330 12.11 -18.65 -14.94
N ALA A 331 12.36 -19.93 -14.68
CA ALA A 331 13.48 -20.62 -15.29
C ALA A 331 13.38 -20.56 -16.82
N THR A 332 12.17 -20.78 -17.33
CA THR A 332 11.88 -20.75 -18.78
C THR A 332 12.30 -19.42 -19.39
N VAL A 333 11.85 -18.34 -18.75
CA VAL A 333 12.24 -16.99 -19.09
C VAL A 333 13.75 -16.79 -19.04
N THR A 334 14.35 -17.28 -17.96
CA THR A 334 15.79 -17.18 -17.79
C THR A 334 16.52 -17.83 -18.97
N VAL A 335 16.10 -19.04 -19.32
CA VAL A 335 16.71 -19.76 -20.42
C VAL A 335 16.61 -18.98 -21.70
N CYS A 336 15.41 -18.49 -21.97
CA CYS A 336 15.14 -17.77 -23.21
C CYS A 336 16.06 -16.56 -23.36
N LEU A 337 16.29 -15.85 -22.26
CA LEU A 337 17.20 -14.71 -22.28
C LEU A 337 18.64 -15.15 -22.52
N THR A 338 19.02 -16.22 -21.84
CA THR A 338 20.35 -16.77 -22.00
C THR A 338 20.58 -17.23 -23.43
N LEU A 339 19.56 -17.85 -24.02
CA LEU A 339 19.62 -18.17 -25.44
C LEU A 339 19.83 -16.93 -26.30
N THR A 340 18.87 -16.00 -26.26
CA THR A 340 18.93 -14.79 -27.06
C THR A 340 20.22 -14.01 -26.80
N ALA A 341 20.75 -14.06 -25.58
CA ALA A 341 21.98 -13.35 -25.27
C ALA A 341 23.16 -13.98 -25.98
N LYS A 342 23.06 -15.27 -26.24
CA LYS A 342 24.13 -15.98 -26.92
C LYS A 342 24.04 -15.73 -28.41
N ARG A 343 22.83 -15.46 -28.88
CA ARG A 343 22.59 -15.35 -30.32
C ARG A 343 22.95 -13.97 -30.85
N MET A 344 22.60 -12.95 -30.08
CA MET A 344 22.96 -11.61 -30.47
C MET A 344 24.47 -11.46 -30.41
N ALA A 345 25.08 -12.07 -29.40
CA ALA A 345 26.51 -12.01 -29.22
C ALA A 345 27.22 -12.45 -30.48
N ARG A 346 26.76 -13.55 -31.06
CA ARG A 346 27.40 -14.09 -32.26
C ARG A 346 27.09 -13.23 -33.49
N LYS A 347 26.31 -12.17 -33.29
CA LYS A 347 25.99 -11.24 -34.36
C LYS A 347 26.56 -9.85 -34.06
N ASN A 348 27.51 -9.81 -33.14
CA ASN A 348 28.11 -8.55 -32.69
C ASN A 348 27.08 -7.51 -32.34
N CYS A 349 26.00 -7.91 -31.69
CA CYS A 349 24.99 -6.93 -31.34
C CYS A 349 24.96 -6.69 -29.83
N LEU A 350 25.53 -5.58 -29.38
CA LEU A 350 25.47 -5.24 -27.97
C LEU A 350 24.03 -4.86 -27.61
N VAL A 351 23.45 -5.63 -26.70
CA VAL A 351 22.10 -5.38 -26.22
C VAL A 351 22.16 -5.01 -24.74
N LYS A 352 21.69 -3.81 -24.40
CA LYS A 352 21.83 -3.36 -23.02
C LYS A 352 20.83 -4.00 -22.05
N ASN A 353 19.62 -4.27 -22.52
CA ASN A 353 18.66 -5.08 -21.75
C ASN A 353 18.08 -6.18 -22.60
N LEU A 354 18.24 -7.42 -22.15
CA LEU A 354 17.86 -8.56 -22.95
C LEU A 354 16.34 -8.71 -23.13
N GLU A 355 15.58 -8.17 -22.18
CA GLU A 355 14.12 -8.19 -22.25
C GLU A 355 13.62 -7.35 -23.43
N ALA A 356 14.41 -6.37 -23.85
CA ALA A 356 13.96 -5.46 -24.89
C ALA A 356 14.06 -6.12 -26.27
N VAL A 357 14.81 -7.21 -26.37
CA VAL A 357 14.87 -7.92 -27.64
C VAL A 357 13.47 -8.35 -27.99
N GLU A 358 12.68 -8.72 -26.98
CA GLU A 358 11.25 -8.96 -27.19
C GLU A 358 10.64 -7.75 -27.87
N THR A 359 10.50 -6.66 -27.13
CA THR A 359 10.07 -5.37 -27.69
C THR A 359 10.43 -5.15 -29.16
N LEU A 360 11.68 -5.47 -29.50
CA LEU A 360 12.16 -5.32 -30.87
C LEU A 360 11.37 -6.17 -31.85
N GLY A 361 10.84 -7.29 -31.37
CA GLY A 361 10.01 -8.17 -32.20
C GLY A 361 8.62 -7.62 -32.52
N SER A 362 8.04 -6.95 -31.52
CA SER A 362 6.76 -6.27 -31.63
C SER A 362 6.82 -5.00 -32.45
N THR A 363 7.71 -4.95 -33.43
CA THR A 363 7.97 -3.69 -34.09
C THR A 363 7.06 -3.58 -35.28
N SER A 364 6.36 -2.47 -35.36
CA SER A 364 5.49 -2.22 -36.49
C SER A 364 6.15 -1.23 -37.42
N THR A 365 6.89 -0.28 -36.86
CA THR A 365 7.50 0.73 -37.72
C THR A 365 8.97 0.98 -37.40
N ILE A 366 9.82 0.86 -38.42
CA ILE A 366 11.24 1.16 -38.30
C ILE A 366 11.55 2.51 -38.89
N CYS A 367 11.90 3.49 -38.06
CA CYS A 367 12.26 4.83 -38.55
C CYS A 367 13.76 5.04 -38.68
N SER A 368 14.33 4.89 -39.87
CA SER A 368 15.77 4.90 -39.97
C SER A 368 16.38 6.16 -40.55
N ASP A 369 17.65 6.39 -40.22
CA ASP A 369 18.39 7.53 -40.74
C ASP A 369 18.98 7.17 -42.08
N LYS A 370 19.43 8.16 -42.85
CA LYS A 370 19.97 7.86 -44.17
C LYS A 370 21.46 7.66 -44.06
N THR A 371 22.19 8.75 -43.86
CA THR A 371 23.64 8.77 -43.97
C THR A 371 24.31 8.26 -42.73
N GLY A 372 25.12 7.22 -42.93
CA GLY A 372 25.71 6.51 -41.83
C GLY A 372 24.82 5.47 -41.21
N THR A 373 23.76 5.09 -41.90
CA THR A 373 22.86 4.06 -41.41
C THR A 373 22.53 3.13 -42.55
N LEU A 374 21.76 3.64 -43.48
CA LEU A 374 21.42 2.86 -44.65
C LEU A 374 22.61 2.95 -45.56
N THR A 375 23.24 4.11 -45.54
CA THR A 375 24.48 4.29 -46.28
C THR A 375 25.69 3.90 -45.45
N GLN A 376 26.79 3.65 -46.16
CA GLN A 376 28.08 3.25 -45.60
C GLN A 376 28.78 4.39 -44.87
N ASN A 377 28.43 5.61 -45.25
CA ASN A 377 29.06 6.81 -44.71
C ASN A 377 30.51 6.90 -45.17
N ARG A 378 30.81 6.33 -46.34
CA ARG A 378 32.13 6.40 -46.94
C ARG A 378 32.13 7.19 -48.25
N MET A 379 31.93 8.49 -48.13
CA MET A 379 31.82 9.36 -49.30
C MET A 379 33.09 9.53 -50.16
N THR A 380 32.87 9.86 -51.43
CA THR A 380 33.92 10.25 -52.35
C THR A 380 33.42 11.10 -53.53
N VAL A 381 33.55 12.41 -53.43
CA VAL A 381 33.28 13.37 -54.51
C VAL A 381 33.27 12.87 -55.96
N ALA A 382 32.20 13.15 -56.71
CA ALA A 382 31.99 12.63 -58.06
C ALA A 382 31.65 13.69 -59.11
N HIS A 383 30.87 14.71 -58.76
CA HIS A 383 30.57 15.76 -59.74
C HIS A 383 30.51 17.14 -59.16
N MET A 384 30.84 18.15 -59.97
CA MET A 384 30.69 19.54 -59.56
C MET A 384 29.81 20.30 -60.50
N TRP A 385 29.04 21.21 -59.94
CA TRP A 385 28.24 22.10 -60.73
C TRP A 385 28.77 23.50 -60.53
N PHE A 386 29.34 24.08 -61.57
CA PHE A 386 29.76 25.48 -61.56
C PHE A 386 30.01 25.89 -63.01
N ASP A 387 29.93 27.20 -63.29
CA ASP A 387 29.90 27.69 -64.67
C ASP A 387 28.76 27.01 -65.46
N ASN A 388 27.56 26.93 -64.89
CA ASN A 388 26.39 26.30 -65.54
C ASN A 388 26.64 24.92 -66.14
N GLN A 389 27.86 24.40 -66.03
CA GLN A 389 28.12 23.05 -66.51
C GLN A 389 28.15 22.07 -65.32
N ILE A 390 28.06 20.79 -65.64
CA ILE A 390 28.35 19.71 -64.72
C ILE A 390 29.77 19.26 -65.03
N HIS A 391 30.55 18.88 -64.03
CA HIS A 391 31.87 18.33 -64.31
C HIS A 391 32.06 17.02 -63.56
N GLU A 392 32.76 16.08 -64.18
CA GLU A 392 33.09 14.81 -63.55
C GLU A 392 34.45 14.84 -62.88
N ALA A 393 34.54 14.19 -61.73
CA ALA A 393 35.79 13.99 -61.03
C ALA A 393 35.96 12.51 -60.75
N ASP A 394 37.05 11.94 -61.25
CA ASP A 394 37.45 10.54 -61.04
C ASP A 394 37.05 9.95 -59.69
N THR A 395 36.03 9.08 -59.72
CA THR A 395 35.35 8.57 -58.52
C THR A 395 36.11 7.47 -57.76
N THR A 396 36.72 6.53 -58.48
CA THR A 396 37.55 5.50 -57.85
C THR A 396 38.91 5.38 -58.53
N GLU A 397 39.94 5.09 -57.74
CA GLU A 397 41.30 4.89 -58.25
C GLU A 397 41.76 6.08 -59.09
N ASN A 398 41.54 7.28 -58.56
CA ASN A 398 41.57 8.49 -59.38
C ASN A 398 42.82 8.61 -60.27
N GLN A 399 44.00 8.41 -59.66
CA GLN A 399 45.30 8.52 -60.35
C GLN A 399 45.49 9.82 -61.15
N SER A 400 44.60 10.78 -60.91
CA SER A 400 44.61 12.09 -61.58
C SER A 400 43.87 13.15 -60.76
N GLY A 401 43.39 14.18 -61.45
CA GLY A 401 42.57 15.18 -60.83
C GLY A 401 41.40 15.57 -61.71
N VAL A 402 40.18 15.24 -61.29
CA VAL A 402 38.92 15.69 -61.88
C VAL A 402 38.86 15.51 -63.41
N SER A 403 37.91 16.22 -64.04
CA SER A 403 37.84 16.31 -65.49
C SER A 403 37.56 17.75 -65.92
N PHE A 404 38.48 18.62 -65.57
CA PHE A 404 38.49 19.99 -66.01
C PHE A 404 39.86 20.58 -65.70
N ASP A 405 40.13 21.77 -66.22
CA ASP A 405 41.39 22.42 -65.94
C ASP A 405 41.43 22.79 -64.46
N LYS A 406 42.53 22.44 -63.79
CA LYS A 406 42.68 22.76 -62.37
C LYS A 406 42.76 24.29 -62.17
N THR A 407 42.75 25.03 -63.27
CA THR A 407 43.09 26.46 -63.28
C THR A 407 41.92 27.44 -63.29
N SER A 408 40.74 26.98 -63.69
CA SER A 408 39.54 27.83 -63.78
C SER A 408 39.32 28.73 -62.56
N ALA A 409 39.10 30.01 -62.83
CA ALA A 409 38.83 30.97 -61.77
C ALA A 409 37.71 30.48 -60.89
N THR A 410 36.71 29.85 -61.50
CA THR A 410 35.54 29.49 -60.73
C THR A 410 35.89 28.31 -59.84
N TRP A 411 36.41 27.26 -60.45
CA TRP A 411 36.83 26.07 -59.69
C TRP A 411 37.79 26.43 -58.56
N LEU A 412 38.57 27.47 -58.80
CA LEU A 412 39.46 27.96 -57.77
C LEU A 412 38.67 28.36 -56.52
N ALA A 413 37.83 29.38 -56.65
CA ALA A 413 37.08 29.91 -55.52
C ALA A 413 36.18 28.88 -54.86
N LEU A 414 35.74 27.89 -55.65
CA LEU A 414 34.93 26.78 -55.16
C LEU A 414 35.78 25.91 -54.26
N SER A 415 36.83 25.36 -54.84
CA SER A 415 37.79 24.52 -54.14
C SER A 415 38.36 25.17 -52.88
N ARG A 416 38.55 26.49 -52.91
CA ARG A 416 39.02 27.21 -51.73
C ARG A 416 38.07 27.12 -50.54
N ILE A 417 36.78 27.35 -50.75
CA ILE A 417 35.84 27.31 -49.63
C ILE A 417 35.50 25.87 -49.26
N ALA A 418 35.46 24.98 -50.23
CA ALA A 418 35.30 23.57 -49.92
C ALA A 418 36.53 23.12 -49.14
N GLY A 419 37.64 23.80 -49.35
CA GLY A 419 38.85 23.63 -48.54
C GLY A 419 38.80 24.35 -47.20
N LEU A 420 38.60 25.67 -47.25
CA LEU A 420 38.58 26.57 -46.08
C LEU A 420 37.46 26.31 -45.09
N CYS A 421 36.22 26.33 -45.59
CA CYS A 421 35.02 26.08 -44.78
C CYS A 421 34.95 24.63 -44.29
N ASN A 422 35.63 23.73 -44.97
CA ASN A 422 35.96 22.43 -44.38
C ASN A 422 36.64 22.52 -42.98
N ARG A 423 36.43 21.50 -42.14
CA ARG A 423 36.94 21.55 -40.77
C ARG A 423 37.47 20.16 -40.38
N ALA A 424 37.76 19.37 -41.40
CA ALA A 424 38.39 18.06 -41.22
C ALA A 424 39.90 18.11 -41.49
N VAL A 425 40.66 17.22 -40.87
CA VAL A 425 42.12 17.15 -40.97
C VAL A 425 42.63 15.76 -40.77
N PHE A 426 43.62 15.34 -41.53
CA PHE A 426 44.25 14.06 -41.27
C PHE A 426 44.95 13.97 -39.89
N GLN A 427 44.94 12.79 -39.29
CA GLN A 427 45.52 12.58 -37.96
C GLN A 427 47.04 12.66 -37.95
N ALA A 428 47.62 12.22 -36.85
CA ALA A 428 49.04 12.44 -36.60
C ALA A 428 49.90 11.45 -37.36
N ASN A 429 50.98 11.97 -37.93
CA ASN A 429 52.01 11.14 -38.57
C ASN A 429 51.45 10.42 -39.78
N GLN A 430 51.05 11.19 -40.78
CA GLN A 430 50.42 10.61 -41.95
C GLN A 430 51.01 11.16 -43.23
N GLU A 431 51.65 12.32 -43.12
CA GLU A 431 52.04 13.08 -44.31
C GLU A 431 53.09 12.38 -45.15
N ASN A 432 53.34 11.10 -44.86
CA ASN A 432 54.35 10.34 -45.59
C ASN A 432 53.75 9.28 -46.50
N LEU A 433 52.44 9.04 -46.37
CA LEU A 433 51.76 8.04 -47.17
C LEU A 433 50.62 8.68 -47.96
N PRO A 434 50.18 8.03 -49.06
CA PRO A 434 49.14 8.51 -49.99
C PRO A 434 47.87 9.05 -49.33
N ILE A 435 47.26 10.08 -49.93
CA ILE A 435 46.16 10.79 -49.31
C ILE A 435 45.00 9.88 -48.99
N LEU A 436 44.79 8.89 -49.85
CA LEU A 436 43.72 7.94 -49.63
C LEU A 436 43.97 7.01 -48.46
N LYS A 437 45.23 6.81 -48.11
CA LYS A 437 45.59 5.84 -47.07
C LYS A 437 45.44 6.39 -45.65
N ARG A 438 45.73 7.67 -45.46
CA ARG A 438 45.78 8.25 -44.11
C ARG A 438 44.39 8.47 -43.51
N ALA A 439 44.31 8.39 -42.19
CA ALA A 439 43.04 8.49 -41.48
C ALA A 439 42.68 9.94 -41.16
N VAL A 440 41.39 10.20 -41.07
CA VAL A 440 40.90 11.57 -40.97
C VAL A 440 40.23 11.79 -39.63
N ALA A 441 39.80 13.02 -39.39
CA ALA A 441 38.98 13.36 -38.23
C ALA A 441 37.89 14.35 -38.65
N GLY A 442 36.63 13.99 -38.41
CA GLY A 442 35.52 14.87 -38.73
C GLY A 442 34.56 14.35 -39.79
N ASP A 443 33.65 15.22 -40.22
CA ASP A 443 32.56 14.91 -41.16
C ASP A 443 32.97 14.03 -42.33
N ALA A 444 32.17 12.99 -42.55
CA ALA A 444 32.40 12.07 -43.67
C ALA A 444 32.25 12.85 -44.98
N SER A 445 31.46 13.90 -44.94
CA SER A 445 31.26 14.76 -46.07
C SER A 445 32.52 15.61 -46.23
N GLU A 446 32.97 16.21 -45.12
CA GLU A 446 34.20 17.03 -45.09
C GLU A 446 35.45 16.23 -45.41
N SER A 447 35.55 14.99 -44.90
CA SER A 447 36.68 14.10 -45.22
C SER A 447 36.85 13.96 -46.72
N ALA A 448 35.73 13.68 -47.37
CA ALA A 448 35.63 13.53 -48.81
C ALA A 448 36.02 14.82 -49.50
N LEU A 449 35.54 15.92 -48.93
CA LEU A 449 35.92 17.23 -49.41
C LEU A 449 37.42 17.36 -49.41
N LEU A 450 38.02 17.04 -48.25
CA LEU A 450 39.46 17.11 -48.02
C LEU A 450 40.20 16.25 -49.01
N LYS A 451 40.20 14.95 -48.74
CA LYS A 451 40.82 13.95 -49.61
C LYS A 451 40.71 14.29 -51.10
N CYS A 452 39.60 14.91 -51.50
CA CYS A 452 39.43 15.29 -52.89
C CYS A 452 40.48 16.32 -53.32
N ILE A 453 40.45 17.50 -52.70
CA ILE A 453 41.23 18.61 -53.20
C ILE A 453 42.70 18.40 -52.85
N GLU A 454 42.95 17.60 -51.81
CA GLU A 454 44.29 17.20 -51.40
C GLU A 454 44.97 16.33 -52.45
N LEU A 455 44.16 15.69 -53.28
CA LEU A 455 44.65 14.71 -54.24
C LEU A 455 44.75 15.30 -55.62
N CYS A 456 44.29 16.54 -55.79
CA CYS A 456 44.17 17.08 -57.14
C CYS A 456 44.37 18.58 -57.25
N CYS A 457 44.66 19.26 -56.15
CA CYS A 457 44.82 20.72 -56.23
C CYS A 457 45.96 21.29 -55.40
N GLY A 458 46.01 21.01 -54.11
CA GLY A 458 47.07 21.55 -53.28
C GLY A 458 46.97 21.05 -51.86
N SER A 459 47.71 21.67 -50.94
CA SER A 459 47.53 21.28 -49.55
C SER A 459 46.49 22.17 -48.90
N VAL A 460 45.51 21.54 -48.27
CA VAL A 460 44.55 22.28 -47.49
C VAL A 460 45.21 22.74 -46.21
N LYS A 461 46.23 22.00 -45.77
CA LYS A 461 46.99 22.40 -44.61
C LYS A 461 47.63 23.76 -44.83
N GLU A 462 48.25 23.94 -46.00
CA GLU A 462 48.88 25.21 -46.34
C GLU A 462 47.86 26.27 -46.73
N MET A 463 46.81 25.85 -47.43
CA MET A 463 45.72 26.76 -47.80
C MET A 463 45.00 27.33 -46.60
N ARG A 464 44.75 26.51 -45.60
CA ARG A 464 44.04 27.01 -44.44
C ARG A 464 44.93 27.98 -43.65
N GLU A 465 46.22 27.70 -43.62
CA GLU A 465 47.18 28.53 -42.90
C GLU A 465 47.41 29.89 -43.60
N ARG A 466 47.13 29.94 -44.90
CA ARG A 466 47.25 31.21 -45.64
C ARG A 466 46.07 32.12 -45.36
N TYR A 467 44.86 31.55 -45.28
CA TYR A 467 43.63 32.29 -44.93
C TYR A 467 43.21 32.07 -43.48
N THR A 468 44.08 32.47 -42.56
CA THR A 468 43.88 32.35 -41.11
C THR A 468 42.45 32.76 -40.72
N LYS A 469 41.70 31.82 -40.14
CA LYS A 469 40.27 31.99 -39.94
C LYS A 469 39.99 32.76 -38.66
N ILE A 470 39.12 33.75 -38.77
CA ILE A 470 38.81 34.63 -37.67
C ILE A 470 37.68 34.13 -36.81
N VAL A 471 36.51 33.96 -37.45
CA VAL A 471 35.30 33.44 -36.81
C VAL A 471 34.71 32.29 -37.58
N GLU A 472 33.96 31.45 -36.87
CA GLU A 472 33.19 30.40 -37.53
C GLU A 472 32.02 29.91 -36.70
N ILE A 473 30.95 29.53 -37.38
CA ILE A 473 29.81 28.82 -36.80
C ILE A 473 29.83 27.41 -37.34
N PRO A 474 30.38 26.48 -36.56
CA PRO A 474 30.50 25.11 -37.04
C PRO A 474 29.16 24.44 -37.32
N PHE A 475 29.12 23.68 -38.41
CA PHE A 475 27.95 22.92 -38.82
C PHE A 475 27.28 22.18 -37.68
N ASN A 476 25.97 22.00 -37.81
CA ASN A 476 25.17 21.25 -36.87
C ASN A 476 23.86 20.91 -37.55
N SER A 477 23.31 19.75 -37.21
CA SER A 477 22.25 19.13 -37.99
C SER A 477 20.98 19.95 -38.14
N THR A 478 20.89 21.05 -37.43
CA THR A 478 19.67 21.82 -37.49
C THR A 478 19.87 23.06 -38.33
N ASN A 479 21.09 23.59 -38.36
CA ASN A 479 21.37 24.73 -39.22
C ASN A 479 21.58 24.30 -40.69
N LYS A 480 22.21 23.14 -40.89
CA LYS A 480 22.41 22.60 -42.23
C LYS A 480 23.28 23.52 -43.07
N TYR A 481 24.20 24.19 -42.40
CA TYR A 481 25.33 24.92 -43.01
C TYR A 481 26.43 25.22 -41.99
N GLN A 482 27.65 25.35 -42.53
CA GLN A 482 28.82 25.75 -41.76
C GLN A 482 29.28 27.07 -42.29
N LEU A 483 29.89 27.90 -41.47
CA LEU A 483 30.34 29.19 -41.96
C LEU A 483 31.53 29.74 -41.19
N SER A 484 32.47 30.38 -41.88
CA SER A 484 33.57 31.07 -41.20
C SER A 484 34.04 32.30 -41.97
N ILE A 485 34.56 33.31 -41.25
CA ILE A 485 35.30 34.41 -41.90
C ILE A 485 36.81 34.23 -41.76
N HIS A 486 37.51 34.35 -42.87
CA HIS A 486 38.94 34.18 -42.86
C HIS A 486 39.59 35.45 -43.33
N LYS A 487 40.82 35.70 -42.88
CA LYS A 487 41.63 36.82 -43.37
C LYS A 487 42.11 36.52 -44.78
N ASN A 488 42.02 37.50 -45.67
CA ASN A 488 42.48 37.34 -47.06
C ASN A 488 43.81 38.04 -47.32
N PRO A 489 44.79 37.32 -47.89
CA PRO A 489 46.10 37.91 -48.18
C PRO A 489 46.35 38.14 -49.67
N ASN A 490 45.31 38.16 -50.51
CA ASN A 490 45.53 38.48 -51.92
C ASN A 490 45.58 40.00 -52.09
N THR A 491 45.50 40.46 -53.33
CA THR A 491 45.61 41.88 -53.58
C THR A 491 44.24 42.47 -53.95
N ALA A 492 43.46 41.70 -54.71
CA ALA A 492 42.05 42.01 -54.94
C ALA A 492 41.23 41.69 -53.70
N GLU A 493 41.90 41.04 -52.77
CA GLU A 493 41.43 40.89 -51.38
C GLU A 493 40.72 42.13 -50.87
N PRO A 494 39.49 41.96 -50.43
CA PRO A 494 38.87 43.11 -49.77
C PRO A 494 39.08 43.02 -48.25
N ARG A 495 40.02 42.14 -47.86
CA ARG A 495 40.48 41.93 -46.48
C ARG A 495 39.76 40.93 -45.58
N HIS A 496 38.62 40.47 -46.02
CA HIS A 496 37.84 39.52 -45.22
C HIS A 496 37.07 38.66 -46.17
N LEU A 497 37.19 37.36 -46.01
CA LEU A 497 36.54 36.43 -46.92
C LEU A 497 35.53 35.57 -46.19
N LEU A 498 34.25 35.80 -46.48
CA LEU A 498 33.19 34.99 -45.91
C LEU A 498 33.03 33.74 -46.74
N VAL A 499 32.84 32.60 -46.08
CA VAL A 499 32.73 31.33 -46.78
C VAL A 499 31.74 30.45 -46.06
N MET A 500 30.80 29.87 -46.80
CA MET A 500 29.93 28.89 -46.16
C MET A 500 29.47 27.79 -47.10
N LYS A 501 29.14 26.66 -46.51
CA LYS A 501 28.57 25.57 -47.26
C LYS A 501 27.38 25.02 -46.52
N GLY A 502 26.52 24.33 -47.24
CA GLY A 502 25.49 23.56 -46.60
C GLY A 502 24.53 22.95 -47.58
N ALA A 503 23.34 22.64 -47.07
CA ALA A 503 22.16 22.38 -47.86
C ALA A 503 22.09 23.33 -49.02
N PRO A 504 22.30 22.80 -50.23
CA PRO A 504 22.48 23.55 -51.48
C PRO A 504 21.34 24.51 -51.72
N GLU A 505 20.12 24.01 -51.51
CA GLU A 505 18.88 24.79 -51.59
C GLU A 505 18.94 25.99 -50.67
N ARG A 506 19.14 25.71 -49.38
CA ARG A 506 19.42 26.72 -48.36
C ARG A 506 20.57 27.68 -48.71
N ILE A 507 21.69 27.15 -49.21
CA ILE A 507 22.82 28.00 -49.56
C ILE A 507 22.46 29.03 -50.65
N LEU A 508 21.81 28.53 -51.70
CA LEU A 508 21.46 29.30 -52.89
C LEU A 508 20.46 30.37 -52.52
N ASP A 509 19.59 30.05 -51.58
CA ASP A 509 18.55 30.96 -51.14
C ASP A 509 19.11 32.20 -50.44
N ARG A 510 20.36 32.15 -50.01
CA ARG A 510 20.95 33.33 -49.37
C ARG A 510 21.82 34.10 -50.37
N CYS A 511 21.91 33.62 -51.60
CA CYS A 511 22.71 34.32 -52.60
C CYS A 511 21.97 35.35 -53.48
N SER A 512 22.78 36.13 -54.19
CA SER A 512 22.36 37.29 -54.97
C SER A 512 23.04 37.25 -56.29
N SER A 513 24.30 36.90 -56.22
CA SER A 513 25.16 36.82 -57.39
C SER A 513 25.62 35.39 -57.55
N ILE A 514 25.96 35.02 -58.77
CA ILE A 514 26.59 33.74 -59.00
C ILE A 514 27.93 33.96 -59.70
N LEU A 515 28.93 33.16 -59.36
CA LEU A 515 30.22 33.31 -60.00
C LEU A 515 30.30 32.50 -61.30
N ILE A 516 30.50 33.20 -62.41
CA ILE A 516 30.63 32.58 -63.72
C ILE A 516 31.89 33.01 -64.46
N HIS A 517 32.77 32.04 -64.77
CA HIS A 517 34.06 32.30 -65.37
C HIS A 517 34.76 33.46 -64.66
N GLY A 518 34.84 33.38 -63.33
CA GLY A 518 35.51 34.43 -62.58
C GLY A 518 34.59 35.56 -62.20
N LYS A 519 33.90 36.11 -63.19
CA LYS A 519 33.05 37.30 -62.98
C LYS A 519 31.69 36.97 -62.34
N GLU A 520 31.37 37.68 -61.26
CA GLU A 520 30.09 37.47 -60.60
C GLU A 520 29.04 38.37 -61.21
N GLN A 521 27.87 37.81 -61.47
CA GLN A 521 26.76 38.53 -62.09
C GLN A 521 25.48 38.02 -61.45
N PRO A 522 24.44 38.87 -61.38
CA PRO A 522 23.25 38.56 -60.56
C PRO A 522 22.69 37.17 -60.82
N LEU A 523 22.08 36.60 -59.79
CA LEU A 523 21.41 35.31 -59.88
C LEU A 523 20.06 35.40 -60.60
N ASP A 524 20.03 35.22 -61.91
CA ASP A 524 18.76 35.30 -62.65
C ASP A 524 17.97 34.00 -62.55
N GLU A 525 16.77 33.99 -63.13
CA GLU A 525 15.87 32.86 -62.96
C GLU A 525 16.37 31.64 -63.70
N GLU A 526 16.98 31.85 -64.86
CA GLU A 526 17.47 30.74 -65.66
C GLU A 526 18.45 29.88 -64.85
N LEU A 527 19.49 30.51 -64.31
CA LEU A 527 20.55 29.85 -63.53
C LEU A 527 20.03 29.11 -62.31
N LYS A 528 19.02 29.70 -61.68
CA LYS A 528 18.30 29.05 -60.60
C LYS A 528 17.71 27.75 -61.11
N ASP A 529 17.23 27.75 -62.34
CA ASP A 529 16.56 26.55 -62.80
C ASP A 529 17.57 25.52 -63.25
N ALA A 530 18.71 25.99 -63.76
CA ALA A 530 19.82 25.12 -64.08
C ALA A 530 20.33 24.50 -62.78
N PHE A 531 20.40 25.30 -61.72
CA PHE A 531 20.77 24.80 -60.40
C PHE A 531 19.94 23.58 -60.03
N GLN A 532 18.64 23.68 -60.28
CA GLN A 532 17.67 22.68 -59.86
C GLN A 532 17.79 21.42 -60.70
N ASN A 533 17.99 21.56 -62.00
CA ASN A 533 18.16 20.39 -62.83
C ASN A 533 19.44 19.65 -62.45
N ALA A 534 20.51 20.41 -62.22
CA ALA A 534 21.73 19.87 -61.62
C ALA A 534 21.42 18.98 -60.42
N TYR A 535 20.76 19.53 -59.40
CA TYR A 535 20.41 18.70 -58.23
C TYR A 535 19.60 17.49 -58.63
N LEU A 536 18.70 17.65 -59.59
CA LEU A 536 17.82 16.54 -59.97
C LEU A 536 18.68 15.48 -60.58
N GLU A 537 19.53 15.92 -61.50
CA GLU A 537 20.55 15.09 -62.12
C GLU A 537 21.44 14.39 -61.09
N LEU A 538 22.23 15.19 -60.39
CA LEU A 538 23.27 14.67 -59.50
C LEU A 538 22.67 13.96 -58.31
N GLY A 539 21.66 14.58 -57.72
CA GLY A 539 20.99 14.00 -56.57
C GLY A 539 20.37 12.70 -56.99
N GLY A 540 19.95 12.65 -58.25
CA GLY A 540 19.22 11.51 -58.80
C GLY A 540 20.02 10.24 -58.91
N LEU A 541 21.33 10.40 -59.12
CA LEU A 541 22.28 9.28 -59.04
C LEU A 541 22.39 8.74 -57.62
N GLY A 542 22.00 9.54 -56.64
CA GLY A 542 22.05 9.10 -55.26
C GLY A 542 23.33 9.60 -54.63
N GLU A 543 23.81 10.70 -55.18
CA GLU A 543 24.97 11.38 -54.66
C GLU A 543 24.46 12.43 -53.70
N ARG A 544 25.27 12.69 -52.68
CA ARG A 544 24.99 13.66 -51.66
C ARG A 544 25.46 14.97 -52.21
N VAL A 545 24.65 16.03 -52.17
CA VAL A 545 25.09 17.29 -52.74
C VAL A 545 25.21 18.36 -51.68
N LEU A 546 26.28 19.13 -51.82
CA LEU A 546 26.61 20.21 -50.94
C LEU A 546 26.77 21.49 -51.73
N GLY A 547 26.23 22.56 -51.21
CA GLY A 547 26.36 23.83 -51.90
C GLY A 547 27.44 24.70 -51.31
N PHE A 548 28.02 25.53 -52.17
CA PHE A 548 29.13 26.33 -51.73
C PHE A 548 29.03 27.77 -52.21
N CYS A 549 29.14 28.70 -51.28
CA CYS A 549 29.23 30.09 -51.67
C CYS A 549 30.28 30.88 -50.87
N HIS A 550 30.45 32.14 -51.24
CA HIS A 550 31.28 33.07 -50.46
C HIS A 550 30.86 34.52 -50.64
N LEU A 551 31.40 35.38 -49.82
CA LEU A 551 31.16 36.79 -49.99
C LEU A 551 32.45 37.53 -49.63
N PHE A 552 32.90 38.40 -50.52
CA PHE A 552 34.03 39.26 -50.24
C PHE A 552 33.57 40.44 -49.40
N LEU A 553 33.70 40.30 -48.08
CA LEU A 553 33.37 41.37 -47.14
C LEU A 553 34.04 42.70 -47.48
N PRO A 554 33.21 43.73 -47.78
CA PRO A 554 33.67 45.05 -48.23
C PRO A 554 34.45 45.81 -47.17
N ASP A 555 35.56 46.41 -47.57
CA ASP A 555 36.48 47.04 -46.64
C ASP A 555 35.90 48.15 -45.77
N GLU A 556 35.22 49.12 -46.36
CA GLU A 556 34.77 50.29 -45.61
C GLU A 556 33.76 49.92 -44.53
N GLN A 557 33.05 48.82 -44.75
CA GLN A 557 32.11 48.35 -43.76
C GLN A 557 32.81 47.44 -42.74
N PHE A 558 33.91 46.84 -43.16
CA PHE A 558 34.66 45.94 -42.27
C PHE A 558 36.17 46.19 -42.23
N PRO A 559 36.58 47.14 -41.38
CA PRO A 559 37.98 47.57 -41.26
C PRO A 559 38.88 46.46 -40.75
N GLU A 560 40.14 46.78 -40.56
CA GLU A 560 41.15 45.82 -40.12
C GLU A 560 40.75 45.11 -38.81
N GLY A 561 40.69 45.85 -37.72
CA GLY A 561 40.43 45.24 -36.44
C GLY A 561 38.96 45.04 -36.12
N PHE A 562 38.18 44.72 -37.15
CA PHE A 562 36.73 44.59 -36.97
C PHE A 562 36.37 43.48 -35.97
N GLN A 563 35.34 43.72 -35.17
CA GLN A 563 34.98 42.76 -34.14
C GLN A 563 33.78 41.89 -34.54
N PHE A 564 34.04 40.86 -35.34
CA PHE A 564 33.01 39.96 -35.80
C PHE A 564 32.37 39.26 -34.63
N ASP A 565 31.03 39.35 -34.57
CA ASP A 565 30.25 38.74 -33.52
C ASP A 565 29.48 37.57 -34.10
N THR A 566 29.45 36.48 -33.36
CA THR A 566 28.95 35.24 -33.93
C THR A 566 27.81 34.66 -33.07
N ASP A 567 27.24 35.51 -32.23
CA ASP A 567 26.07 35.18 -31.40
C ASP A 567 24.94 36.18 -31.66
N ASP A 568 25.25 37.19 -32.47
CA ASP A 568 24.28 38.21 -32.89
C ASP A 568 24.53 38.59 -34.33
N VAL A 569 25.39 37.82 -34.98
CA VAL A 569 25.65 37.96 -36.40
C VAL A 569 25.97 39.39 -36.86
N ASN A 570 27.22 39.78 -36.68
CA ASN A 570 27.72 41.12 -37.01
C ASN A 570 28.01 41.33 -38.50
N PHE A 571 27.70 40.32 -39.32
CA PHE A 571 28.15 40.26 -40.71
C PHE A 571 27.07 39.68 -41.60
N PRO A 572 27.17 39.90 -42.92
CA PRO A 572 26.05 39.46 -43.75
C PRO A 572 25.85 37.96 -43.81
N LEU A 573 24.59 37.53 -43.70
CA LEU A 573 24.20 36.16 -43.99
C LEU A 573 23.48 36.07 -45.35
N ASP A 574 23.11 37.22 -45.90
CA ASP A 574 22.40 37.25 -47.15
C ASP A 574 23.21 37.91 -48.28
N ASN A 575 22.76 37.71 -49.51
CA ASN A 575 23.37 38.30 -50.70
C ASN A 575 24.73 37.74 -51.09
N LEU A 576 25.07 36.60 -50.52
CA LEU A 576 26.28 35.86 -50.85
C LEU A 576 26.43 35.59 -52.34
N CYS A 577 27.60 35.12 -52.75
CA CYS A 577 27.80 34.79 -54.15
C CYS A 577 27.94 33.29 -54.29
N PHE A 578 26.97 32.67 -54.95
CA PHE A 578 26.97 31.23 -55.08
C PHE A 578 28.05 30.84 -56.05
N VAL A 579 28.79 29.80 -55.66
CA VAL A 579 29.90 29.38 -56.48
C VAL A 579 29.65 28.03 -57.13
N GLY A 580 29.29 27.03 -56.35
CA GLY A 580 29.00 25.77 -56.98
C GLY A 580 28.38 24.72 -56.09
N LEU A 581 28.21 23.54 -56.66
CA LEU A 581 27.81 22.37 -55.91
C LEU A 581 28.88 21.30 -56.07
N ILE A 582 29.14 20.58 -55.00
CA ILE A 582 29.91 19.36 -55.16
C ILE A 582 29.06 18.20 -54.66
N SER A 583 29.02 17.15 -55.46
CA SER A 583 28.25 15.98 -55.14
C SER A 583 29.21 14.85 -54.91
N MET A 584 28.88 14.00 -53.93
CA MET A 584 29.72 12.91 -53.48
C MET A 584 28.97 11.60 -53.43
N ILE A 585 29.65 10.54 -53.77
CA ILE A 585 29.03 9.24 -53.83
C ILE A 585 28.98 8.65 -52.44
N ASP A 586 27.82 8.14 -52.05
CA ASP A 586 27.69 7.53 -50.72
C ASP A 586 26.79 6.29 -50.75
N PRO A 587 27.36 5.16 -51.18
CA PRO A 587 26.63 3.94 -51.51
C PRO A 587 25.95 3.29 -50.33
N PRO A 588 24.76 2.69 -50.55
CA PRO A 588 24.01 2.02 -49.50
C PRO A 588 24.80 0.86 -48.91
N ARG A 589 24.66 0.66 -47.61
CA ARG A 589 25.40 -0.38 -46.95
C ARG A 589 24.99 -1.73 -47.48
N ALA A 590 25.97 -2.59 -47.72
CA ALA A 590 25.79 -3.96 -48.17
C ALA A 590 24.42 -4.60 -47.94
N ALA A 591 24.07 -4.80 -46.68
CA ALA A 591 22.93 -5.62 -46.34
C ALA A 591 21.58 -4.88 -46.47
N VAL A 592 21.62 -3.56 -46.45
CA VAL A 592 20.39 -2.79 -46.24
C VAL A 592 19.18 -3.17 -47.12
N PRO A 593 19.38 -3.43 -48.43
CA PRO A 593 18.23 -3.91 -49.22
C PRO A 593 17.46 -5.14 -48.67
N ASP A 594 18.12 -6.28 -48.57
CA ASP A 594 17.49 -7.45 -48.00
C ASP A 594 17.09 -7.18 -46.57
N ALA A 595 17.81 -6.28 -45.92
CA ALA A 595 17.44 -5.90 -44.56
C ALA A 595 16.05 -5.29 -44.54
N VAL A 596 15.83 -4.22 -45.30
CA VAL A 596 14.51 -3.60 -45.30
C VAL A 596 13.52 -4.46 -46.06
N GLY A 597 14.05 -5.25 -46.98
CA GLY A 597 13.24 -6.22 -47.69
C GLY A 597 12.58 -7.12 -46.68
N LYS A 598 13.35 -8.05 -46.14
CA LYS A 598 12.88 -8.97 -45.11
C LYS A 598 12.04 -8.29 -44.04
N CYS A 599 12.46 -7.09 -43.63
CA CYS A 599 11.74 -6.35 -42.62
C CYS A 599 10.30 -6.02 -43.04
N ARG A 600 10.13 -5.54 -44.27
CA ARG A 600 8.82 -5.24 -44.82
C ARG A 600 8.02 -6.51 -44.93
N SER A 601 8.66 -7.58 -45.43
CA SER A 601 8.07 -8.89 -45.51
C SER A 601 7.73 -9.46 -44.11
N ALA A 602 8.11 -8.75 -43.05
CA ALA A 602 7.77 -9.19 -41.71
C ALA A 602 6.66 -8.35 -41.14
N GLY A 603 6.18 -7.40 -41.96
CA GLY A 603 5.07 -6.55 -41.60
C GLY A 603 5.54 -5.23 -41.01
N ILE A 604 6.82 -4.93 -41.18
CA ILE A 604 7.37 -3.75 -40.54
C ILE A 604 7.42 -2.58 -41.51
N LYS A 605 6.71 -1.49 -41.21
CA LYS A 605 6.75 -0.32 -42.09
C LYS A 605 8.09 0.39 -41.94
N VAL A 606 8.82 0.56 -43.02
CA VAL A 606 10.11 1.24 -42.98
C VAL A 606 10.06 2.68 -43.52
N ILE A 607 10.18 3.63 -42.60
CA ILE A 607 10.16 5.05 -42.88
C ILE A 607 11.56 5.69 -42.80
N MET A 608 12.03 6.23 -43.91
CA MET A 608 13.24 7.03 -43.93
C MET A 608 13.02 8.39 -43.30
N VAL A 609 13.83 8.73 -42.30
CA VAL A 609 13.83 10.07 -41.72
C VAL A 609 15.21 10.68 -41.79
N THR A 610 15.45 11.54 -42.77
CA THR A 610 16.78 12.11 -42.92
C THR A 610 16.80 13.64 -42.95
N GLY A 611 17.99 14.20 -42.78
CA GLY A 611 18.18 15.64 -42.85
C GLY A 611 18.67 16.03 -44.23
N ASP A 612 18.86 15.04 -45.09
CA ASP A 612 19.32 15.32 -46.44
C ASP A 612 18.18 15.74 -47.38
N HIS A 613 18.58 16.22 -48.55
CA HIS A 613 17.68 16.68 -49.60
C HIS A 613 16.74 15.59 -50.07
N PRO A 614 15.48 15.95 -50.33
CA PRO A 614 14.45 15.09 -50.89
C PRO A 614 14.86 14.32 -52.14
N ILE A 615 15.56 14.94 -53.08
CA ILE A 615 16.03 14.17 -54.24
C ILE A 615 16.95 13.05 -53.80
N THR A 616 18.01 13.40 -53.06
CA THR A 616 19.02 12.42 -52.67
C THR A 616 18.33 11.40 -51.82
N ALA A 617 17.46 11.85 -50.94
CA ALA A 617 16.68 10.95 -50.07
C ALA A 617 15.87 9.95 -50.84
N LYS A 618 15.08 10.44 -51.80
CA LYS A 618 14.20 9.55 -52.54
C LYS A 618 15.02 8.53 -53.25
N ALA A 619 16.10 8.99 -53.86
CA ALA A 619 16.89 8.12 -54.70
C ALA A 619 17.33 6.90 -53.91
N ILE A 620 17.95 7.13 -52.76
CA ILE A 620 18.40 6.03 -51.92
C ILE A 620 17.19 5.20 -51.50
N ALA A 621 16.06 5.87 -51.25
CA ALA A 621 14.82 5.20 -50.84
C ALA A 621 14.45 4.09 -51.82
N LYS A 622 14.61 4.37 -53.11
CA LYS A 622 14.30 3.38 -54.15
C LYS A 622 15.39 2.36 -54.27
N GLY A 623 16.63 2.81 -54.07
CA GLY A 623 17.79 1.95 -54.20
C GLY A 623 17.85 0.88 -53.14
N VAL A 624 17.28 1.13 -51.96
CA VAL A 624 17.28 0.11 -50.94
C VAL A 624 15.91 -0.54 -50.86
N GLY A 625 14.92 0.12 -51.48
CA GLY A 625 13.55 -0.37 -51.51
C GLY A 625 12.74 0.13 -50.35
N ILE A 626 13.02 1.33 -49.88
CA ILE A 626 12.12 1.92 -48.91
C ILE A 626 10.87 2.22 -49.66
N ILE A 627 11.10 2.61 -50.91
CA ILE A 627 10.13 2.93 -51.93
C ILE A 627 10.29 2.02 -53.15
N SER A 628 9.24 1.26 -53.44
CA SER A 628 9.25 0.35 -54.58
C SER A 628 8.85 1.08 -55.84
N GLU A 629 9.72 1.00 -56.85
CA GLU A 629 9.51 1.66 -58.13
C GLU A 629 8.28 1.12 -58.84
N GLY A 630 7.14 1.75 -58.60
CA GLY A 630 5.88 1.24 -59.11
C GLY A 630 4.79 1.99 -58.40
N ASN A 631 5.07 2.34 -57.15
CA ASN A 631 4.25 3.29 -56.45
C ASN A 631 4.68 4.68 -56.88
N GLU A 632 3.76 5.62 -56.86
CA GLU A 632 4.07 6.98 -57.29
C GLU A 632 3.88 7.99 -56.19
N THR A 633 4.59 9.10 -56.32
CA THR A 633 4.50 10.24 -55.41
C THR A 633 3.65 11.29 -56.12
N VAL A 634 2.92 12.12 -55.38
CA VAL A 634 2.02 13.06 -56.06
C VAL A 634 2.81 13.90 -57.05
N GLU A 635 4.10 14.09 -56.79
CA GLU A 635 4.95 14.84 -57.70
C GLU A 635 5.22 14.00 -58.96
N ASP A 636 5.29 12.68 -58.80
CA ASP A 636 5.49 11.77 -59.94
C ASP A 636 4.26 11.82 -60.83
N ILE A 637 3.13 11.48 -60.21
CA ILE A 637 1.81 11.56 -60.82
C ILE A 637 1.57 12.87 -61.55
N ALA A 638 1.64 13.96 -60.80
CA ALA A 638 1.48 15.29 -61.39
C ALA A 638 2.34 15.46 -62.64
N ALA A 639 3.62 15.11 -62.52
CA ALA A 639 4.54 15.23 -63.63
C ALA A 639 4.09 14.39 -64.84
N ARG A 640 3.49 13.24 -64.57
CA ARG A 640 3.06 12.31 -65.62
C ARG A 640 1.97 12.91 -66.49
N LEU A 641 1.05 13.64 -65.87
CA LEU A 641 -0.12 14.19 -66.54
C LEU A 641 0.11 15.62 -67.02
N ASN A 642 1.29 16.16 -66.71
CA ASN A 642 1.67 17.56 -66.94
C ASN A 642 0.66 18.51 -66.31
N ILE A 643 0.32 18.26 -65.05
CA ILE A 643 -0.62 19.12 -64.36
C ILE A 643 0.02 19.56 -63.05
N PRO A 644 -0.46 20.67 -62.47
CA PRO A 644 -0.01 21.13 -61.16
C PRO A 644 0.03 20.03 -60.13
N VAL A 645 1.01 20.11 -59.25
CA VAL A 645 1.21 19.12 -58.21
C VAL A 645 0.19 19.31 -57.13
N SER A 646 -0.14 20.57 -56.89
CA SER A 646 -1.13 20.90 -55.90
C SER A 646 -2.54 20.65 -56.42
N GLN A 647 -2.61 20.03 -57.59
CA GLN A 647 -3.91 19.69 -58.15
C GLN A 647 -4.21 18.23 -57.92
N VAL A 648 -3.16 17.42 -57.84
CA VAL A 648 -3.30 15.99 -57.64
C VAL A 648 -4.03 15.68 -56.35
N ASN A 649 -4.67 14.52 -56.31
CA ASN A 649 -5.34 14.09 -55.09
C ASN A 649 -4.41 13.17 -54.33
N PRO A 650 -3.89 13.66 -53.20
CA PRO A 650 -2.94 13.01 -52.31
C PRO A 650 -3.11 11.51 -52.14
N ARG A 651 -4.33 11.04 -52.22
CA ARG A 651 -4.60 9.64 -51.93
C ARG A 651 -4.26 8.75 -53.11
N ASP A 652 -4.02 9.36 -54.26
CA ASP A 652 -3.67 8.64 -55.46
C ASP A 652 -2.22 8.21 -55.36
N ALA A 653 -1.56 8.72 -54.32
CA ALA A 653 -0.13 8.45 -54.05
C ALA A 653 0.06 7.44 -52.91
N LYS A 654 0.78 6.36 -53.21
CA LYS A 654 1.03 5.37 -52.20
C LYS A 654 2.24 5.76 -51.39
N ALA A 655 3.21 6.38 -52.04
CA ALA A 655 4.41 6.87 -51.37
C ALA A 655 4.52 8.39 -51.43
N CYS A 656 5.38 8.93 -50.59
CA CYS A 656 5.59 10.37 -50.58
C CYS A 656 6.97 10.77 -50.06
N VAL A 657 7.35 11.99 -50.41
CA VAL A 657 8.61 12.55 -50.02
C VAL A 657 8.27 13.82 -49.29
N VAL A 658 8.27 13.79 -47.96
CA VAL A 658 7.87 14.99 -47.24
C VAL A 658 9.07 15.82 -46.76
N HIS A 659 9.24 17.00 -47.34
CA HIS A 659 10.32 17.93 -46.98
C HIS A 659 9.99 18.55 -45.64
N GLY A 660 10.99 18.58 -44.75
CA GLY A 660 10.80 19.03 -43.38
C GLY A 660 10.53 20.50 -43.25
N SER A 661 10.69 21.24 -44.33
CA SER A 661 10.41 22.66 -44.31
C SER A 661 8.91 22.87 -44.46
N ASP A 662 8.22 21.78 -44.80
CA ASP A 662 6.76 21.75 -44.89
C ASP A 662 6.15 21.08 -43.66
N LEU A 663 6.81 20.04 -43.14
CA LEU A 663 6.45 19.45 -41.85
C LEU A 663 6.35 20.48 -40.74
N LYS A 664 7.20 21.50 -40.84
CA LYS A 664 7.22 22.60 -39.89
C LYS A 664 5.84 23.26 -39.79
N ASP A 665 5.03 23.09 -40.83
CA ASP A 665 3.70 23.69 -40.93
C ASP A 665 2.57 22.65 -40.84
N MET A 666 2.91 21.45 -40.43
CA MET A 666 1.94 20.38 -40.23
C MET A 666 1.29 20.46 -38.86
N THR A 667 -0.04 20.36 -38.82
CA THR A 667 -0.71 20.00 -37.56
C THR A 667 -0.51 18.50 -37.37
N SER A 668 -0.75 18.02 -36.16
CA SER A 668 -0.56 16.60 -35.89
C SER A 668 -1.45 15.77 -36.78
N GLU A 669 -2.69 16.22 -36.94
CA GLU A 669 -3.65 15.50 -37.75
C GLU A 669 -3.12 15.33 -39.16
N GLN A 670 -2.56 16.41 -39.71
CA GLN A 670 -1.88 16.35 -41.00
C GLN A 670 -0.71 15.36 -40.99
N LEU A 671 0.17 15.45 -39.99
CA LEU A 671 1.31 14.51 -39.86
C LEU A 671 0.79 13.11 -39.65
N ASP A 672 -0.21 12.97 -38.79
CA ASP A 672 -0.91 11.69 -38.60
C ASP A 672 -1.46 11.17 -39.93
N ASP A 673 -2.02 12.08 -40.72
CA ASP A 673 -2.66 11.66 -41.94
C ASP A 673 -1.68 11.10 -42.94
N ILE A 674 -0.53 11.73 -43.05
CA ILE A 674 0.44 11.30 -44.04
C ILE A 674 1.02 9.94 -43.65
N LEU A 675 1.03 9.67 -42.35
CA LEU A 675 1.48 8.39 -41.85
C LEU A 675 0.43 7.33 -42.10
N LYS A 676 -0.82 7.70 -41.80
CA LYS A 676 -1.93 6.75 -41.81
C LYS A 676 -2.30 6.34 -43.22
N TYR A 677 -1.99 7.17 -44.21
CA TYR A 677 -2.50 6.88 -45.55
C TYR A 677 -1.47 6.64 -46.60
N HIS A 678 -0.20 6.67 -46.23
CA HIS A 678 0.86 6.33 -47.18
C HIS A 678 1.64 5.10 -46.78
N THR A 679 2.06 4.33 -47.77
CA THR A 679 2.66 3.05 -47.49
C THR A 679 4.17 3.15 -47.29
N GLU A 680 4.83 3.94 -48.14
CA GLU A 680 6.27 4.09 -48.13
C GLU A 680 6.53 5.55 -47.91
N ILE A 681 6.99 5.93 -46.71
CA ILE A 681 7.20 7.34 -46.40
C ILE A 681 8.66 7.72 -46.18
N VAL A 682 8.99 8.90 -46.68
CA VAL A 682 10.33 9.42 -46.62
C VAL A 682 10.30 10.85 -46.10
N PHE A 683 11.02 11.14 -45.01
CA PHE A 683 11.03 12.51 -44.48
C PHE A 683 12.37 13.21 -44.69
N ALA A 684 12.37 14.21 -45.58
CA ALA A 684 13.59 14.85 -46.04
C ALA A 684 13.87 16.16 -45.30
N ARG A 685 15.15 16.52 -45.20
CA ARG A 685 15.61 17.78 -44.60
C ARG A 685 14.94 18.07 -43.26
N THR A 686 14.88 17.04 -42.42
CA THR A 686 14.27 17.15 -41.11
C THR A 686 15.26 17.62 -40.02
N SER A 687 14.89 18.68 -39.31
CA SER A 687 15.54 19.00 -38.04
C SER A 687 15.53 17.78 -37.13
N PRO A 688 16.50 17.72 -36.21
CA PRO A 688 16.55 16.73 -35.12
C PRO A 688 15.24 16.57 -34.34
N GLN A 689 14.53 17.64 -34.03
CA GLN A 689 13.26 17.52 -33.32
C GLN A 689 12.19 16.89 -34.19
N GLN A 690 12.18 17.29 -35.44
CA GLN A 690 11.31 16.70 -36.44
C GLN A 690 11.48 15.21 -36.55
N LYS A 691 12.65 14.73 -36.16
CA LYS A 691 12.88 13.31 -36.12
C LYS A 691 12.11 12.76 -34.97
N LEU A 692 11.92 13.60 -33.96
CA LEU A 692 11.22 13.11 -32.80
C LEU A 692 9.75 13.09 -33.15
N ILE A 693 9.22 14.23 -33.62
CA ILE A 693 7.80 14.38 -33.95
C ILE A 693 7.31 13.20 -34.73
N ILE A 694 8.00 12.91 -35.83
CA ILE A 694 7.70 11.75 -36.63
C ILE A 694 7.58 10.49 -35.77
N VAL A 695 8.66 10.13 -35.09
CA VAL A 695 8.67 8.98 -34.19
C VAL A 695 7.52 9.08 -33.23
N GLU A 696 7.30 10.30 -32.73
CA GLU A 696 6.19 10.58 -31.83
C GLU A 696 4.84 10.33 -32.50
N GLY A 697 4.74 10.75 -33.76
CA GLY A 697 3.54 10.50 -34.54
C GLY A 697 3.27 9.03 -34.70
N CYS A 698 4.30 8.27 -35.10
CA CYS A 698 4.08 6.86 -35.33
C CYS A 698 3.71 6.17 -34.04
N GLN A 699 4.16 6.72 -32.93
CA GLN A 699 3.81 6.16 -31.64
C GLN A 699 2.35 6.38 -31.31
N ARG A 700 1.86 7.55 -31.71
CA ARG A 700 0.55 8.04 -31.36
C ARG A 700 -0.52 7.21 -32.05
N GLN A 701 -0.17 6.63 -33.18
CA GLN A 701 -1.11 5.83 -33.95
C GLN A 701 -1.41 4.51 -33.28
N GLY A 702 -0.55 4.11 -32.34
CA GLY A 702 -0.66 2.83 -31.66
C GLY A 702 0.38 1.83 -32.15
N ALA A 703 1.44 2.36 -32.77
CA ALA A 703 2.55 1.52 -33.21
C ALA A 703 3.68 1.46 -32.17
N ILE A 704 4.63 0.59 -32.49
CA ILE A 704 5.83 0.34 -31.69
C ILE A 704 7.00 0.60 -32.60
N VAL A 705 7.70 1.72 -32.39
CA VAL A 705 8.73 2.11 -33.33
C VAL A 705 10.14 1.74 -32.94
N ALA A 706 10.92 1.52 -33.97
CA ALA A 706 12.31 1.25 -33.83
C ALA A 706 13.01 2.35 -34.58
N VAL A 707 14.01 2.96 -33.94
CA VAL A 707 14.78 3.94 -34.64
C VAL A 707 16.18 3.40 -34.78
N THR A 708 16.74 3.57 -35.98
CA THR A 708 18.12 3.23 -36.22
C THR A 708 18.84 4.46 -36.70
N GLY A 709 19.88 4.84 -35.98
CA GLY A 709 20.58 6.05 -36.29
C GLY A 709 22.09 5.91 -36.31
N ASP A 710 22.77 7.02 -36.00
CA ASP A 710 24.22 7.04 -35.89
C ASP A 710 24.68 8.44 -35.42
N GLY A 711 24.20 9.48 -36.10
CA GLY A 711 24.52 10.85 -35.76
C GLY A 711 24.09 11.27 -34.38
N VAL A 712 24.47 12.48 -34.00
CA VAL A 712 24.11 12.97 -32.71
C VAL A 712 22.71 13.54 -32.88
N ASN A 713 22.36 13.86 -34.14
CA ASN A 713 21.03 14.40 -34.46
C ASN A 713 19.92 13.37 -34.35
N ASP A 714 20.32 12.09 -34.28
CA ASP A 714 19.37 11.00 -34.04
C ASP A 714 19.15 10.77 -32.54
N SER A 715 19.82 11.57 -31.72
CA SER A 715 19.71 11.43 -30.27
C SER A 715 18.26 11.38 -29.82
N PRO A 716 17.51 12.47 -30.02
CA PRO A 716 16.17 12.54 -29.40
C PRO A 716 15.23 11.45 -29.92
N ALA A 717 15.21 11.21 -31.23
CA ALA A 717 14.40 10.14 -31.79
C ALA A 717 14.79 8.77 -31.23
N LEU A 718 16.07 8.52 -31.04
CA LEU A 718 16.54 7.24 -30.50
C LEU A 718 16.14 7.05 -29.05
N LYS A 719 15.66 8.10 -28.44
CA LYS A 719 15.40 8.02 -27.02
C LYS A 719 13.94 7.74 -26.84
N LYS A 720 13.15 8.52 -27.59
CA LYS A 720 11.68 8.44 -27.66
C LYS A 720 11.28 7.05 -28.13
N ALA A 721 11.96 6.61 -29.17
CA ALA A 721 11.73 5.30 -29.77
C ALA A 721 11.40 4.21 -28.76
N ASP A 722 10.66 3.24 -29.25
CA ASP A 722 10.37 2.08 -28.43
C ASP A 722 11.66 1.27 -28.35
N ILE A 723 12.51 1.41 -29.38
CA ILE A 723 13.86 0.84 -29.33
C ILE A 723 14.89 1.61 -30.15
N GLY A 724 15.97 2.00 -29.46
CA GLY A 724 17.07 2.64 -30.15
C GLY A 724 18.06 1.62 -30.67
N VAL A 725 18.49 1.81 -31.91
CA VAL A 725 19.59 1.00 -32.43
C VAL A 725 20.62 1.93 -32.98
N ALA A 726 21.83 1.86 -32.45
CA ALA A 726 22.90 2.70 -32.98
C ALA A 726 23.85 1.88 -33.83
N MET A 727 24.42 2.53 -34.82
CA MET A 727 25.56 1.97 -35.51
C MET A 727 26.75 2.10 -34.56
N GLY A 728 27.36 0.98 -34.19
CA GLY A 728 28.38 1.00 -33.17
C GLY A 728 29.73 1.58 -33.57
N ILE A 729 29.88 1.89 -34.84
CA ILE A 729 31.11 2.40 -35.37
C ILE A 729 30.95 3.84 -35.76
N ALA A 730 30.17 4.08 -36.81
CA ALA A 730 29.91 5.42 -37.31
C ALA A 730 28.93 6.17 -36.41
N GLY A 731 28.58 5.56 -35.29
CA GLY A 731 27.71 6.22 -34.34
C GLY A 731 28.46 7.34 -33.68
N SER A 732 27.77 8.10 -32.85
CA SER A 732 28.43 9.07 -32.01
C SER A 732 28.31 8.56 -30.60
N ASP A 733 29.13 9.07 -29.70
CA ASP A 733 29.03 8.66 -28.32
C ASP A 733 27.58 8.75 -27.87
N VAL A 734 26.98 9.93 -27.98
CA VAL A 734 25.67 10.20 -27.37
C VAL A 734 24.56 9.28 -27.84
N SER A 735 24.53 9.07 -29.15
CA SER A 735 23.49 8.27 -29.79
C SER A 735 23.65 6.78 -29.47
N LYS A 736 24.88 6.28 -29.40
CA LYS A 736 25.09 4.95 -28.85
C LYS A 736 24.57 4.81 -27.43
N GLN A 737 24.54 5.92 -26.71
CA GLN A 737 24.17 5.89 -25.32
C GLN A 737 22.68 5.90 -25.17
N ALA A 738 22.02 6.61 -26.09
CA ALA A 738 20.57 6.65 -26.13
C ALA A 738 19.99 5.25 -26.33
N ALA A 739 20.61 4.48 -27.22
CA ALA A 739 20.01 3.27 -27.75
C ALA A 739 19.93 2.06 -26.79
N ASP A 740 19.35 0.97 -27.29
CA ASP A 740 19.20 -0.27 -26.53
C ASP A 740 20.01 -1.33 -27.24
N MET A 741 20.53 -0.95 -28.39
CA MET A 741 21.28 -1.86 -29.22
C MET A 741 22.37 -1.10 -29.94
N ILE A 742 23.53 -1.72 -30.05
CA ILE A 742 24.62 -1.05 -30.74
C ILE A 742 25.23 -2.07 -31.68
N LEU A 743 25.03 -1.88 -32.98
CA LEU A 743 25.50 -2.86 -33.94
C LEU A 743 26.98 -2.70 -34.12
N LEU A 744 27.77 -3.33 -33.27
CA LEU A 744 29.23 -3.15 -33.26
C LEU A 744 29.91 -3.31 -34.63
N ASP A 745 29.32 -4.10 -35.51
CA ASP A 745 29.88 -4.33 -36.84
C ASP A 745 29.28 -3.38 -37.86
N ASP A 746 28.41 -2.49 -37.39
CA ASP A 746 27.65 -1.57 -38.24
C ASP A 746 26.83 -2.33 -39.30
N ASN A 747 26.46 -3.55 -38.97
CA ASN A 747 25.76 -4.43 -39.88
C ASN A 747 24.29 -4.23 -39.72
N PHE A 748 23.66 -3.67 -40.74
CA PHE A 748 22.28 -3.24 -40.56
C PHE A 748 21.36 -4.42 -40.56
N ALA A 749 21.82 -5.54 -41.06
CA ALA A 749 20.99 -6.74 -41.06
C ALA A 749 20.84 -7.37 -39.66
N SER A 750 21.57 -6.84 -38.68
CA SER A 750 21.49 -7.40 -37.35
C SER A 750 20.12 -7.14 -36.81
N ILE A 751 19.52 -6.08 -37.35
CA ILE A 751 18.17 -5.67 -36.97
C ILE A 751 17.17 -6.79 -37.22
N VAL A 752 17.28 -7.44 -38.37
CA VAL A 752 16.47 -8.61 -38.70
C VAL A 752 16.67 -9.75 -37.70
N THR A 753 17.85 -10.35 -37.74
CA THR A 753 18.29 -11.31 -36.74
C THR A 753 17.71 -11.01 -35.39
N GLY A 754 17.87 -9.76 -34.98
CA GLY A 754 17.32 -9.29 -33.74
C GLY A 754 15.82 -9.42 -33.70
N VAL A 755 15.14 -8.93 -34.71
CA VAL A 755 13.69 -8.89 -34.62
C VAL A 755 13.14 -10.30 -34.58
N GLU A 756 13.68 -11.17 -35.44
CA GLU A 756 13.29 -12.58 -35.43
C GLU A 756 13.49 -13.18 -34.05
N GLU A 757 14.67 -12.94 -33.49
CA GLU A 757 14.98 -13.36 -32.13
C GLU A 757 13.93 -12.90 -31.16
N GLY A 758 13.51 -11.65 -31.31
CA GLY A 758 12.51 -11.08 -30.43
C GLY A 758 11.19 -11.83 -30.56
N ARG A 759 10.74 -11.99 -31.81
CA ARG A 759 9.50 -12.68 -32.14
C ARG A 759 9.47 -14.07 -31.52
N LEU A 760 10.66 -14.66 -31.42
CA LEU A 760 10.86 -16.02 -30.91
C LEU A 760 10.67 -16.13 -29.40
N ILE A 761 11.22 -15.17 -28.65
CA ILE A 761 11.06 -15.18 -27.20
C ILE A 761 9.59 -15.17 -26.88
N PHE A 762 8.83 -14.39 -27.64
CA PHE A 762 7.41 -14.22 -27.35
C PHE A 762 6.66 -15.50 -27.64
N ASP A 763 6.95 -16.11 -28.78
CA ASP A 763 6.28 -17.35 -29.13
C ASP A 763 6.62 -18.46 -28.11
N ASN A 764 7.90 -18.66 -27.87
CA ASN A 764 8.32 -19.72 -26.96
C ASN A 764 7.79 -19.52 -25.55
N LEU A 765 7.82 -18.28 -25.07
CA LEU A 765 7.31 -17.99 -23.75
C LEU A 765 5.82 -18.24 -23.65
N LYS A 766 5.10 -17.88 -24.71
CA LYS A 766 3.66 -18.10 -24.76
C LYS A 766 3.39 -19.59 -24.87
N LYS A 767 4.16 -20.29 -25.70
CA LYS A 767 4.02 -21.74 -25.81
C LYS A 767 4.12 -22.41 -24.45
N SER A 768 5.10 -21.96 -23.66
CA SER A 768 5.29 -22.49 -22.32
C SER A 768 4.03 -22.32 -21.46
N ILE A 769 3.45 -21.12 -21.46
CA ILE A 769 2.31 -20.86 -20.60
C ILE A 769 1.11 -21.67 -21.08
N ALA A 770 1.03 -21.88 -22.39
CA ALA A 770 -0.02 -22.71 -22.96
C ALA A 770 -0.02 -24.09 -22.33
N TYR A 771 1.15 -24.72 -22.38
CA TYR A 771 1.31 -26.08 -21.92
C TYR A 771 1.11 -26.20 -20.40
N THR A 772 1.79 -25.33 -19.67
CA THR A 772 1.86 -25.44 -18.21
C THR A 772 0.48 -25.25 -17.59
N LEU A 773 -0.43 -24.62 -18.32
CA LEU A 773 -1.74 -24.34 -17.76
C LEU A 773 -2.78 -25.46 -17.95
N THR A 774 -2.57 -26.35 -18.92
CA THR A 774 -3.50 -27.46 -19.14
C THR A 774 -3.75 -28.20 -17.84
N SER A 775 -2.69 -28.79 -17.31
CA SER A 775 -2.71 -29.58 -16.09
C SER A 775 -3.60 -29.10 -14.92
N ASN A 776 -3.85 -27.81 -14.79
CA ASN A 776 -4.63 -27.35 -13.64
C ASN A 776 -6.03 -27.95 -13.55
N ILE A 777 -6.70 -28.05 -14.69
CA ILE A 777 -8.07 -28.54 -14.72
C ILE A 777 -8.12 -29.99 -14.23
N PRO A 778 -7.31 -30.88 -14.82
CA PRO A 778 -7.36 -32.23 -14.25
C PRO A 778 -6.78 -32.30 -12.85
N GLU A 779 -5.91 -31.36 -12.48
CA GLU A 779 -5.35 -31.40 -11.15
C GLU A 779 -6.42 -31.09 -10.10
N ILE A 780 -7.48 -30.39 -10.52
CA ILE A 780 -8.49 -29.97 -9.56
C ILE A 780 -9.89 -30.53 -9.80
N THR A 781 -10.16 -31.01 -11.01
CA THR A 781 -11.51 -31.55 -11.26
C THR A 781 -11.87 -32.79 -10.41
N PRO A 782 -10.90 -33.71 -10.18
CA PRO A 782 -11.23 -34.82 -9.28
C PRO A 782 -11.79 -34.38 -7.96
N PHE A 783 -11.04 -33.63 -7.14
CA PHE A 783 -11.53 -33.29 -5.82
C PHE A 783 -12.89 -32.56 -5.87
N LEU A 784 -13.14 -31.83 -6.97
CA LEU A 784 -14.44 -31.21 -7.19
C LEU A 784 -15.51 -32.24 -7.39
N ILE A 785 -15.21 -33.26 -8.20
CA ILE A 785 -16.14 -34.33 -8.50
C ILE A 785 -16.31 -35.29 -7.32
N PHE A 786 -15.25 -35.43 -6.53
CA PHE A 786 -15.28 -36.15 -5.26
C PHE A 786 -16.48 -35.73 -4.41
N ILE A 787 -16.89 -34.47 -4.55
CA ILE A 787 -17.97 -33.90 -3.77
C ILE A 787 -19.29 -33.91 -4.53
N ILE A 788 -19.24 -33.47 -5.77
CA ILE A 788 -20.43 -33.31 -6.59
C ILE A 788 -21.04 -34.67 -6.99
N ALA A 789 -20.24 -35.74 -6.96
CA ALA A 789 -20.77 -37.06 -7.27
C ALA A 789 -20.58 -38.06 -6.13
N ASN A 790 -19.89 -37.60 -5.08
CA ASN A 790 -19.54 -38.43 -3.94
C ASN A 790 -18.97 -39.78 -4.36
N ILE A 791 -17.96 -39.77 -5.21
CA ILE A 791 -17.33 -41.00 -5.63
C ILE A 791 -15.92 -41.03 -5.06
N PRO A 792 -15.30 -42.23 -4.97
CA PRO A 792 -13.91 -42.34 -4.52
C PRO A 792 -12.97 -41.38 -5.25
N LEU A 793 -12.15 -40.67 -4.49
CA LEU A 793 -11.24 -39.66 -5.03
C LEU A 793 -10.35 -40.23 -6.11
N PRO A 794 -10.56 -39.80 -7.37
CA PRO A 794 -9.82 -40.33 -8.52
C PRO A 794 -8.32 -39.98 -8.45
N LEU A 795 -8.01 -38.83 -7.86
CA LEU A 795 -6.66 -38.32 -7.76
C LEU A 795 -6.52 -37.49 -6.49
N GLY A 796 -5.44 -37.72 -5.74
CA GLY A 796 -5.25 -37.04 -4.46
C GLY A 796 -4.11 -36.06 -4.38
N THR A 797 -3.71 -35.72 -3.16
CA THR A 797 -2.63 -34.77 -2.93
C THR A 797 -1.27 -35.25 -3.44
N VAL A 798 -0.89 -36.46 -3.06
CA VAL A 798 0.39 -37.05 -3.44
C VAL A 798 0.56 -37.08 -4.95
N THR A 799 -0.47 -37.57 -5.61
CA THR A 799 -0.45 -37.73 -7.05
C THR A 799 -0.51 -36.39 -7.79
N ILE A 800 -1.17 -35.39 -7.21
CA ILE A 800 -1.23 -34.06 -7.80
C ILE A 800 0.16 -33.46 -7.96
N LEU A 801 0.98 -33.58 -6.92
CA LEU A 801 2.36 -33.10 -6.95
C LEU A 801 3.14 -33.72 -8.08
N CYS A 802 2.98 -35.03 -8.23
CA CYS A 802 3.60 -35.80 -9.30
C CYS A 802 3.24 -35.24 -10.67
N ILE A 803 1.93 -35.06 -10.92
CA ILE A 803 1.46 -34.39 -12.13
C ILE A 803 2.32 -33.18 -12.38
N ASP A 804 2.32 -32.29 -11.39
CA ASP A 804 2.99 -31.00 -11.42
C ASP A 804 4.48 -31.13 -11.62
N LEU A 805 5.18 -31.56 -10.57
CA LEU A 805 6.63 -31.60 -10.64
C LEU A 805 7.18 -32.68 -11.58
N GLY A 806 6.34 -33.25 -12.42
CA GLY A 806 6.78 -34.31 -13.30
C GLY A 806 6.57 -33.95 -14.75
N THR A 807 5.41 -33.38 -15.05
CA THR A 807 5.07 -33.02 -16.42
C THR A 807 5.06 -31.51 -16.62
N ASP A 808 4.80 -30.76 -15.55
CA ASP A 808 4.75 -29.31 -15.63
C ASP A 808 6.06 -28.65 -15.26
N MET A 809 7.14 -29.38 -15.40
CA MET A 809 8.44 -28.81 -15.08
C MET A 809 9.34 -28.86 -16.29
N VAL A 810 10.15 -29.91 -16.36
CA VAL A 810 11.09 -30.11 -17.45
C VAL A 810 10.44 -29.93 -18.84
N PRO A 811 9.24 -30.51 -19.07
CA PRO A 811 8.64 -30.24 -20.38
C PRO A 811 8.26 -28.77 -20.63
N ALA A 812 7.99 -28.01 -19.58
CA ALA A 812 7.62 -26.61 -19.73
C ALA A 812 8.84 -25.77 -20.10
N ILE A 813 9.96 -26.09 -19.46
CA ILE A 813 11.21 -25.43 -19.73
C ILE A 813 11.67 -25.75 -21.13
N SER A 814 11.48 -26.99 -21.53
CA SER A 814 11.96 -27.48 -22.82
C SER A 814 11.50 -26.60 -23.97
N LEU A 815 10.26 -26.11 -23.87
CA LEU A 815 9.72 -25.16 -24.83
C LEU A 815 10.61 -23.94 -25.05
N ALA A 816 11.30 -23.49 -24.01
CA ALA A 816 12.19 -22.35 -24.18
C ALA A 816 13.26 -22.72 -25.19
N TYR A 817 13.76 -23.95 -25.07
CA TYR A 817 14.79 -24.41 -25.99
C TYR A 817 14.21 -24.69 -27.37
N GLU A 818 12.89 -24.61 -27.50
CA GLU A 818 12.22 -24.98 -28.75
C GLU A 818 12.51 -23.99 -29.86
N GLN A 819 12.88 -24.51 -31.02
CA GLN A 819 13.35 -23.71 -32.14
C GLN A 819 12.26 -22.80 -32.70
N ALA A 820 12.62 -22.03 -33.72
CA ALA A 820 11.70 -21.06 -34.32
C ALA A 820 10.71 -21.76 -35.24
N GLU A 821 9.48 -21.26 -35.34
CA GLU A 821 8.58 -21.77 -36.36
C GLU A 821 9.11 -21.33 -37.71
N SER A 822 8.26 -21.28 -38.72
CA SER A 822 8.76 -20.84 -40.01
C SER A 822 7.97 -19.67 -40.51
N ASP A 823 6.87 -19.37 -39.84
CA ASP A 823 5.98 -18.31 -40.28
C ASP A 823 6.32 -16.93 -39.68
N ILE A 824 7.29 -16.88 -38.77
CA ILE A 824 7.50 -15.67 -37.97
C ILE A 824 7.87 -14.43 -38.77
N MET A 825 8.79 -14.57 -39.71
CA MET A 825 9.21 -13.42 -40.49
C MET A 825 8.33 -13.24 -41.74
N LYS A 826 7.11 -13.77 -41.65
CA LYS A 826 6.13 -13.72 -42.73
C LYS A 826 4.75 -13.39 -42.16
N ARG A 827 4.65 -13.32 -40.84
CA ARG A 827 3.39 -12.91 -40.21
C ARG A 827 3.52 -11.51 -39.59
N GLN A 828 2.41 -10.77 -39.62
CA GLN A 828 2.39 -9.40 -39.16
C GLN A 828 2.83 -9.26 -37.72
N PRO A 829 3.43 -8.12 -37.37
CA PRO A 829 3.92 -7.89 -36.01
C PRO A 829 2.78 -7.90 -35.02
N ARG A 830 3.01 -8.45 -33.82
CA ARG A 830 1.94 -8.64 -32.85
C ARG A 830 1.36 -7.30 -32.38
N ASN A 831 0.07 -7.31 -32.06
CA ASN A 831 -0.58 -6.16 -31.49
C ASN A 831 -0.42 -6.19 -29.97
N PRO A 832 0.27 -5.19 -29.42
CA PRO A 832 0.47 -5.17 -27.96
C PRO A 832 -0.84 -5.15 -27.16
N LYS A 833 -1.90 -4.58 -27.72
CA LYS A 833 -3.19 -4.50 -27.03
C LYS A 833 -4.15 -5.67 -27.34
N THR A 834 -3.64 -6.70 -28.02
CA THR A 834 -4.43 -7.90 -28.33
C THR A 834 -3.67 -9.17 -27.96
N ASP A 835 -2.52 -9.39 -28.61
CA ASP A 835 -1.67 -10.55 -28.35
C ASP A 835 -0.90 -10.37 -27.06
N LYS A 836 -1.63 -10.27 -25.95
CA LYS A 836 -0.99 -10.29 -24.64
C LYS A 836 -0.38 -11.66 -24.43
N LEU A 837 0.67 -11.74 -23.62
CA LEU A 837 1.36 -13.00 -23.41
C LEU A 837 0.36 -14.05 -22.96
N VAL A 838 -0.60 -13.60 -22.17
CA VAL A 838 -1.72 -14.43 -21.81
C VAL A 838 -2.98 -13.65 -22.14
N ASN A 839 -3.89 -14.29 -22.87
CA ASN A 839 -5.19 -13.70 -23.20
C ASN A 839 -6.31 -14.73 -23.08
N GLU A 840 -7.55 -14.31 -23.32
CA GLU A 840 -8.71 -15.19 -23.11
C GLU A 840 -8.63 -16.40 -24.01
N ARG A 841 -8.07 -16.22 -25.19
CA ARG A 841 -7.92 -17.33 -26.12
C ARG A 841 -7.01 -18.42 -25.58
N LEU A 842 -5.98 -18.03 -24.82
CA LEU A 842 -5.04 -19.00 -24.27
C LEU A 842 -5.65 -19.70 -23.08
N ILE A 843 -6.51 -18.99 -22.35
CA ILE A 843 -7.29 -19.66 -21.30
C ILE A 843 -8.44 -20.50 -21.90
N SER A 844 -8.94 -20.08 -23.04
CA SER A 844 -9.94 -20.85 -23.80
C SER A 844 -9.44 -22.24 -24.10
N MET A 845 -8.16 -22.35 -24.44
CA MET A 845 -7.57 -23.64 -24.82
C MET A 845 -7.13 -24.43 -23.63
N ALA A 846 -6.17 -23.89 -22.88
CA ALA A 846 -5.55 -24.63 -21.79
C ALA A 846 -6.56 -25.01 -20.71
N TYR A 847 -7.64 -24.25 -20.59
CA TYR A 847 -8.67 -24.59 -19.60
C TYR A 847 -9.90 -25.21 -20.27
N GLY A 848 -10.45 -24.52 -21.26
CA GLY A 848 -11.69 -24.94 -21.88
C GLY A 848 -11.62 -26.07 -22.88
N GLN A 849 -10.52 -26.17 -23.61
CA GLN A 849 -10.42 -27.23 -24.60
C GLN A 849 -9.47 -28.35 -24.18
N ILE A 850 -8.17 -28.11 -24.30
CA ILE A 850 -7.17 -29.16 -24.04
C ILE A 850 -7.08 -29.58 -22.58
N GLY A 851 -7.35 -28.64 -21.67
CA GLY A 851 -7.30 -28.93 -20.25
C GLY A 851 -8.40 -29.92 -19.91
N MET A 852 -9.51 -29.81 -20.63
CA MET A 852 -10.68 -30.63 -20.41
C MET A 852 -10.47 -32.07 -20.85
N ILE A 853 -9.99 -32.22 -22.07
CA ILE A 853 -9.66 -33.52 -22.62
C ILE A 853 -8.76 -34.33 -21.68
N GLN A 854 -7.62 -33.75 -21.30
CA GLN A 854 -6.68 -34.43 -20.41
C GLN A 854 -7.37 -34.92 -19.14
N ALA A 855 -8.29 -34.11 -18.65
CA ALA A 855 -9.05 -34.46 -17.46
C ALA A 855 -9.97 -35.66 -17.68
N LEU A 856 -10.61 -35.70 -18.85
CA LEU A 856 -11.44 -36.86 -19.20
C LEU A 856 -10.60 -38.12 -19.29
N GLY A 857 -9.36 -37.98 -19.75
CA GLY A 857 -8.46 -39.11 -19.93
C GLY A 857 -8.25 -39.81 -18.60
N GLY A 858 -7.97 -39.01 -17.57
CA GLY A 858 -7.78 -39.54 -16.23
C GLY A 858 -9.05 -40.18 -15.71
N PHE A 859 -10.19 -39.48 -15.87
CA PHE A 859 -11.47 -40.00 -15.40
C PHE A 859 -11.81 -41.34 -16.03
N PHE A 860 -11.60 -41.43 -17.33
CA PHE A 860 -11.85 -42.65 -18.06
C PHE A 860 -11.13 -43.80 -17.40
N THR A 861 -9.80 -43.72 -17.36
CA THR A 861 -9.00 -44.78 -16.76
C THR A 861 -9.38 -45.07 -15.32
N TYR A 862 -9.90 -44.06 -14.63
CA TYR A 862 -10.36 -44.23 -13.27
C TYR A 862 -11.55 -45.18 -13.19
N PHE A 863 -12.50 -45.00 -14.09
CA PHE A 863 -13.71 -45.83 -14.13
C PHE A 863 -13.40 -47.24 -14.60
N VAL A 864 -12.49 -47.37 -15.56
CA VAL A 864 -12.07 -48.68 -16.05
C VAL A 864 -11.45 -49.50 -14.93
N ILE A 865 -10.56 -48.87 -14.17
CA ILE A 865 -9.85 -49.57 -13.11
C ILE A 865 -10.83 -50.05 -12.05
N LEU A 866 -11.80 -49.20 -11.71
CA LEU A 866 -12.79 -49.59 -10.71
C LEU A 866 -13.73 -50.68 -11.22
N ALA A 867 -14.24 -50.52 -12.44
CA ALA A 867 -15.18 -51.46 -13.03
C ALA A 867 -14.53 -52.82 -13.31
N GLU A 868 -13.28 -52.79 -13.76
CA GLU A 868 -12.53 -54.03 -13.92
C GLU A 868 -12.32 -54.69 -12.56
N ASN A 869 -12.19 -53.90 -11.50
CA ASN A 869 -11.92 -54.48 -10.19
C ASN A 869 -13.19 -54.76 -9.39
N GLY A 870 -14.34 -54.44 -9.97
CA GLY A 870 -15.60 -54.83 -9.37
C GLY A 870 -16.65 -53.75 -9.23
N PHE A 871 -16.28 -52.50 -9.43
CA PHE A 871 -17.24 -51.41 -9.21
C PHE A 871 -17.55 -50.68 -10.52
N LEU A 872 -18.71 -50.97 -11.09
CA LEU A 872 -19.13 -50.28 -12.28
C LEU A 872 -19.46 -48.83 -11.96
N PRO A 873 -19.16 -47.91 -12.90
CA PRO A 873 -19.31 -46.47 -12.69
C PRO A 873 -20.66 -46.09 -12.08
N ILE A 874 -21.74 -46.69 -12.58
CA ILE A 874 -23.06 -46.36 -12.08
C ILE A 874 -23.16 -46.70 -10.60
N HIS A 875 -22.42 -47.72 -10.19
CA HIS A 875 -22.44 -48.18 -8.81
C HIS A 875 -21.71 -47.23 -7.88
N LEU A 876 -20.77 -46.48 -8.46
CA LEU A 876 -19.85 -45.64 -7.70
C LEU A 876 -20.48 -44.42 -7.01
N LEU A 877 -21.61 -43.91 -7.53
CA LEU A 877 -22.30 -42.78 -6.90
C LEU A 877 -22.75 -43.05 -5.45
N GLY A 878 -22.30 -42.20 -4.54
CA GLY A 878 -22.71 -42.29 -3.14
C GLY A 878 -21.71 -42.92 -2.20
N LEU A 879 -20.90 -43.84 -2.74
CA LEU A 879 -19.96 -44.63 -1.95
C LEU A 879 -18.99 -43.79 -1.10
N ARG A 880 -18.79 -42.53 -1.49
CA ARG A 880 -17.81 -41.62 -0.87
C ARG A 880 -17.73 -41.72 0.66
N VAL A 881 -18.85 -41.46 1.32
CA VAL A 881 -18.92 -41.50 2.78
C VAL A 881 -18.34 -42.79 3.34
N ASN A 882 -18.75 -43.90 2.76
CA ASN A 882 -18.47 -45.21 3.32
C ASN A 882 -17.20 -45.83 2.73
N TRP A 883 -16.90 -45.51 1.49
CA TRP A 883 -15.64 -45.92 0.88
C TRP A 883 -14.47 -45.34 1.70
N ASP A 884 -14.56 -44.05 2.04
CA ASP A 884 -13.54 -43.38 2.84
C ASP A 884 -13.62 -43.80 4.31
N ASP A 885 -14.80 -44.21 4.77
CA ASP A 885 -15.03 -44.64 6.15
C ASP A 885 -14.07 -45.75 6.57
N ARG A 886 -13.41 -45.56 7.71
CA ARG A 886 -12.39 -46.49 8.16
C ARG A 886 -12.96 -47.76 8.77
N TRP A 887 -14.27 -47.81 8.98
CA TRP A 887 -14.86 -48.89 9.78
C TRP A 887 -15.76 -49.90 9.06
N ILE A 888 -16.54 -49.44 8.09
CA ILE A 888 -17.33 -50.37 7.29
C ILE A 888 -16.40 -51.22 6.42
N ASN A 889 -16.26 -52.51 6.73
CA ASN A 889 -15.43 -53.40 5.94
C ASN A 889 -16.24 -54.40 5.12
N ASP A 890 -17.52 -54.11 4.96
CA ASP A 890 -18.42 -54.94 4.15
C ASP A 890 -18.78 -54.28 2.83
N VAL A 891 -17.88 -53.47 2.28
CA VAL A 891 -18.23 -52.68 1.11
C VAL A 891 -18.56 -53.57 -0.08
N GLU A 892 -19.82 -53.51 -0.49
CA GLU A 892 -20.34 -54.41 -1.51
C GLU A 892 -20.26 -53.76 -2.89
N ASP A 893 -19.53 -54.40 -3.80
CA ASP A 893 -19.41 -53.85 -5.15
C ASP A 893 -20.64 -54.23 -6.00
N SER A 894 -20.50 -54.20 -7.31
CA SER A 894 -21.60 -54.47 -8.22
C SER A 894 -21.84 -55.98 -8.33
N TYR A 895 -20.76 -56.74 -8.22
CA TYR A 895 -20.81 -58.20 -8.21
C TYR A 895 -21.20 -58.74 -6.83
N GLY A 896 -21.38 -57.85 -5.87
CA GLY A 896 -21.76 -58.25 -4.54
C GLY A 896 -20.60 -58.72 -3.66
N GLN A 897 -19.36 -58.45 -4.08
CA GLN A 897 -18.19 -58.78 -3.29
C GLN A 897 -18.05 -57.82 -2.10
N GLN A 898 -17.40 -58.27 -1.03
CA GLN A 898 -17.25 -57.44 0.17
C GLN A 898 -15.80 -56.99 0.38
N TRP A 899 -15.60 -55.68 0.32
CA TRP A 899 -14.25 -55.13 0.45
C TRP A 899 -14.01 -54.57 1.85
N THR A 900 -12.81 -54.84 2.36
CA THR A 900 -12.37 -54.24 3.61
C THR A 900 -11.93 -52.82 3.32
N TYR A 901 -11.60 -52.05 4.35
CA TYR A 901 -11.18 -50.66 4.15
C TYR A 901 -9.95 -50.60 3.26
N GLU A 902 -8.83 -51.08 3.79
CA GLU A 902 -7.54 -50.94 3.12
C GLU A 902 -7.54 -51.62 1.75
N GLN A 903 -8.41 -52.59 1.54
CA GLN A 903 -8.48 -53.32 0.28
C GLN A 903 -9.07 -52.51 -0.87
N ARG A 904 -10.08 -51.70 -0.56
CA ARG A 904 -10.69 -50.90 -1.60
C ARG A 904 -9.84 -49.65 -1.77
N LYS A 905 -9.09 -49.32 -0.73
CA LYS A 905 -8.19 -48.18 -0.80
C LYS A 905 -7.02 -48.51 -1.70
N ILE A 906 -6.61 -49.78 -1.69
CA ILE A 906 -5.57 -50.26 -2.59
C ILE A 906 -5.94 -49.96 -4.02
N VAL A 907 -7.20 -50.23 -4.38
CA VAL A 907 -7.69 -49.99 -5.73
C VAL A 907 -7.87 -48.51 -6.04
N GLU A 908 -8.43 -47.76 -5.09
CA GLU A 908 -8.57 -46.30 -5.19
C GLU A 908 -7.22 -45.64 -5.39
N PHE A 909 -6.24 -46.06 -4.60
CA PHE A 909 -4.92 -45.48 -4.68
C PHE A 909 -4.13 -46.04 -5.87
N THR A 910 -4.52 -47.21 -6.35
CA THR A 910 -3.99 -47.71 -7.62
C THR A 910 -4.63 -46.89 -8.73
N CYS A 911 -5.85 -46.41 -8.48
CA CYS A 911 -6.51 -45.52 -9.44
C CYS A 911 -5.74 -44.19 -9.50
N HIS A 912 -5.35 -43.66 -8.34
CA HIS A 912 -4.59 -42.41 -8.29
C HIS A 912 -3.34 -42.49 -9.14
N THR A 913 -2.60 -43.58 -8.97
CA THR A 913 -1.36 -43.82 -9.70
C THR A 913 -1.61 -43.77 -11.20
N ALA A 914 -2.73 -44.36 -11.61
CA ALA A 914 -3.08 -44.45 -13.03
C ALA A 914 -3.46 -43.09 -13.60
N PHE A 915 -4.30 -42.37 -12.86
CA PHE A 915 -4.76 -41.03 -13.24
C PHE A 915 -3.56 -40.18 -13.60
N PHE A 916 -2.58 -40.18 -12.69
CA PHE A 916 -1.32 -39.49 -12.90
C PHE A 916 -0.66 -39.96 -14.19
N VAL A 917 -0.51 -41.28 -14.29
CA VAL A 917 0.14 -41.88 -15.44
C VAL A 917 -0.61 -41.52 -16.73
N SER A 918 -1.94 -41.52 -16.68
CA SER A 918 -2.72 -41.11 -17.83
C SER A 918 -2.41 -39.67 -18.23
N ILE A 919 -2.24 -38.81 -17.23
CA ILE A 919 -1.96 -37.39 -17.47
C ILE A 919 -0.63 -37.25 -18.20
N VAL A 920 0.36 -38.03 -17.79
CA VAL A 920 1.64 -38.04 -18.46
C VAL A 920 1.47 -38.31 -19.95
N VAL A 921 0.70 -39.34 -20.28
CA VAL A 921 0.42 -39.70 -21.68
C VAL A 921 -0.18 -38.55 -22.47
N VAL A 922 -1.26 -37.96 -21.98
CA VAL A 922 -1.84 -36.83 -22.70
C VAL A 922 -0.89 -35.63 -22.67
N GLN A 923 -0.08 -35.52 -21.63
CA GLN A 923 0.87 -34.44 -21.60
C GLN A 923 1.93 -34.54 -22.69
N TRP A 924 2.07 -35.71 -23.32
CA TRP A 924 2.95 -35.80 -24.49
C TRP A 924 2.32 -35.01 -25.58
N ALA A 925 1.11 -35.40 -25.97
CA ALA A 925 0.46 -34.77 -27.10
C ALA A 925 0.31 -33.26 -26.91
N ASP A 926 0.01 -32.85 -25.68
CA ASP A 926 -0.09 -31.42 -25.39
C ASP A 926 1.26 -30.72 -25.59
N LEU A 927 2.31 -31.34 -25.08
CA LEU A 927 3.66 -30.79 -25.23
C LEU A 927 4.14 -30.83 -26.68
N VAL A 928 3.42 -31.54 -27.53
CA VAL A 928 3.74 -31.59 -28.96
C VAL A 928 3.01 -30.50 -29.73
N ILE A 929 1.73 -30.31 -29.41
CA ILE A 929 0.94 -29.28 -30.08
C ILE A 929 1.33 -27.90 -29.55
N CYS A 930 1.79 -27.86 -28.30
CA CYS A 930 2.29 -26.61 -27.72
C CYS A 930 3.75 -26.44 -28.08
N LYS A 931 4.12 -27.03 -29.20
CA LYS A 931 5.44 -26.90 -29.77
C LYS A 931 5.29 -25.95 -30.93
N THR A 932 4.09 -25.92 -31.51
CA THR A 932 3.81 -25.07 -32.65
C THR A 932 2.46 -24.37 -32.52
N ARG A 933 2.42 -23.11 -32.95
CA ARG A 933 1.20 -22.33 -32.88
C ARG A 933 0.51 -22.15 -34.24
N ARG A 934 1.24 -22.42 -35.32
CA ARG A 934 0.65 -22.28 -36.65
C ARG A 934 0.91 -23.44 -37.60
N ASN A 935 2.19 -23.77 -37.79
CA ASN A 935 2.57 -24.88 -38.65
C ASN A 935 2.11 -26.21 -38.07
N SER A 936 2.25 -27.28 -38.83
CA SER A 936 1.98 -28.62 -38.32
C SER A 936 3.22 -29.11 -37.59
N VAL A 937 3.08 -30.24 -36.91
CA VAL A 937 4.21 -30.78 -36.18
C VAL A 937 5.08 -31.60 -37.11
N PHE A 938 4.64 -31.74 -38.35
CA PHE A 938 5.41 -32.44 -39.39
C PHE A 938 6.27 -31.44 -40.18
N GLN A 939 5.85 -30.18 -40.19
CA GLN A 939 6.63 -29.09 -40.76
C GLN A 939 7.72 -28.69 -39.78
N GLN A 940 7.32 -28.55 -38.51
CA GLN A 940 8.22 -28.09 -37.44
C GLN A 940 9.33 -29.08 -37.18
N GLY A 941 8.95 -30.31 -36.91
CA GLY A 941 9.90 -31.40 -36.77
C GLY A 941 10.59 -31.46 -35.43
N MET A 942 10.71 -32.66 -34.89
CA MET A 942 11.40 -32.88 -33.64
C MET A 942 12.90 -32.62 -33.81
N LYS A 943 13.31 -31.38 -33.52
CA LYS A 943 14.72 -31.01 -33.50
C LYS A 943 15.06 -30.43 -32.14
N ASN A 944 14.02 -30.15 -31.37
CA ASN A 944 14.22 -29.85 -29.96
C ASN A 944 14.46 -31.15 -29.20
N LYS A 945 15.74 -31.51 -29.10
CA LYS A 945 16.19 -32.68 -28.32
C LYS A 945 15.78 -32.59 -26.85
N ILE A 946 15.81 -31.39 -26.28
CA ILE A 946 15.46 -31.19 -24.87
C ILE A 946 13.97 -31.49 -24.63
N LEU A 947 13.14 -31.28 -25.64
CA LEU A 947 11.75 -31.69 -25.57
C LEU A 947 11.63 -33.21 -25.53
N ILE A 948 12.31 -33.88 -26.47
CA ILE A 948 12.36 -35.33 -26.49
C ILE A 948 12.81 -35.81 -25.12
N PHE A 949 13.96 -35.31 -24.69
CA PHE A 949 14.57 -35.67 -23.40
C PHE A 949 13.57 -35.57 -22.27
N GLY A 950 12.75 -34.53 -22.31
CA GLY A 950 11.69 -34.38 -21.35
C GLY A 950 10.70 -35.52 -21.44
N LEU A 951 10.28 -35.87 -22.67
CA LEU A 951 9.28 -36.91 -22.87
C LEU A 951 9.69 -38.22 -22.23
N PHE A 952 10.87 -38.71 -22.58
CA PHE A 952 11.34 -39.97 -22.01
C PHE A 952 11.41 -39.92 -20.48
N GLU A 953 12.18 -38.98 -19.92
CA GLU A 953 12.39 -38.95 -18.48
C GLU A 953 11.07 -38.82 -17.72
N GLU A 954 10.18 -38.00 -18.25
CA GLU A 954 8.83 -37.82 -17.72
C GLU A 954 8.05 -39.14 -17.61
N THR A 955 8.33 -40.08 -18.51
CA THR A 955 7.59 -41.32 -18.59
C THR A 955 8.31 -42.45 -17.88
N ALA A 956 9.64 -42.41 -17.90
CA ALA A 956 10.45 -43.33 -17.10
C ALA A 956 10.08 -43.13 -15.64
N LEU A 957 9.99 -41.86 -15.26
CA LEU A 957 9.54 -41.46 -13.93
C LEU A 957 8.19 -42.09 -13.62
N ALA A 958 7.25 -41.97 -14.55
CA ALA A 958 5.91 -42.51 -14.40
C ALA A 958 5.90 -44.03 -14.23
N ALA A 959 6.73 -44.74 -15.00
CA ALA A 959 6.90 -46.17 -14.80
C ALA A 959 7.49 -46.40 -13.40
N PHE A 960 8.52 -45.62 -13.10
CA PHE A 960 9.24 -45.78 -11.85
C PHE A 960 8.35 -45.59 -10.63
N LEU A 961 7.55 -44.53 -10.63
CA LEU A 961 6.75 -44.22 -9.45
C LEU A 961 5.71 -45.30 -9.15
N SER A 962 5.39 -46.11 -10.15
CA SER A 962 4.36 -47.14 -10.00
C SER A 962 4.92 -48.55 -9.87
N TYR A 963 6.07 -48.79 -10.47
CA TYR A 963 6.61 -50.15 -10.55
C TYR A 963 7.82 -50.34 -9.64
N CYS A 964 7.99 -49.44 -8.69
CA CYS A 964 9.07 -49.54 -7.72
C CYS A 964 8.51 -50.08 -6.43
N PRO A 965 9.27 -50.97 -5.77
CA PRO A 965 8.93 -51.53 -4.45
C PRO A 965 8.79 -50.49 -3.34
N GLY A 966 7.65 -50.52 -2.64
CA GLY A 966 7.43 -49.68 -1.47
C GLY A 966 6.85 -48.34 -1.83
N MET A 967 6.53 -48.16 -3.10
CA MET A 967 5.98 -46.89 -3.56
C MET A 967 4.53 -46.72 -3.08
N GLY A 968 3.92 -47.81 -2.62
CA GLY A 968 2.58 -47.76 -2.09
C GLY A 968 2.55 -47.68 -0.58
N VAL A 969 3.68 -48.02 0.02
CA VAL A 969 3.85 -47.91 1.46
C VAL A 969 4.31 -46.50 1.80
N ALA A 970 4.91 -45.83 0.83
CA ALA A 970 5.51 -44.53 1.06
C ALA A 970 4.68 -43.39 0.44
N LEU A 971 3.98 -43.67 -0.64
CA LEU A 971 3.29 -42.61 -1.38
C LEU A 971 1.91 -43.04 -1.85
N ARG A 972 1.46 -44.19 -1.35
CA ARG A 972 0.20 -44.79 -1.77
C ARG A 972 0.16 -45.01 -3.28
N MET A 973 1.31 -45.36 -3.87
CA MET A 973 1.38 -45.63 -5.31
C MET A 973 1.66 -47.11 -5.61
N TYR A 974 0.71 -47.78 -6.26
CA TYR A 974 0.84 -49.20 -6.58
C TYR A 974 0.98 -49.48 -8.08
N PRO A 975 1.60 -50.61 -8.42
CA PRO A 975 1.75 -51.03 -9.82
C PRO A 975 0.45 -51.01 -10.63
N LEU A 976 0.64 -50.91 -11.94
CA LEU A 976 -0.42 -50.96 -12.93
C LEU A 976 -0.36 -52.28 -13.69
N LYS A 977 -1.51 -52.73 -14.16
CA LYS A 977 -1.58 -53.84 -15.10
C LYS A 977 -1.52 -53.26 -16.52
N PRO A 978 -0.73 -53.89 -17.41
CA PRO A 978 -0.38 -53.45 -18.77
C PRO A 978 -1.52 -52.80 -19.56
N THR A 979 -2.73 -53.30 -19.37
CA THR A 979 -3.90 -52.76 -20.03
C THR A 979 -4.13 -51.29 -19.64
N TRP A 980 -3.79 -50.92 -18.41
CA TRP A 980 -4.05 -49.56 -17.89
C TRP A 980 -3.40 -48.43 -18.69
N TRP A 981 -2.18 -48.66 -19.14
CA TRP A 981 -1.41 -47.60 -19.80
C TRP A 981 -2.15 -47.04 -20.99
N PHE A 982 -2.72 -47.92 -21.80
CA PHE A 982 -3.32 -47.55 -23.07
C PHE A 982 -4.64 -46.83 -22.93
N CYS A 983 -5.17 -46.79 -21.71
CA CYS A 983 -6.49 -46.22 -21.51
C CYS A 983 -6.54 -44.76 -21.90
N ALA A 984 -5.40 -44.09 -21.76
CA ALA A 984 -5.36 -42.66 -21.99
C ALA A 984 -4.89 -42.33 -23.39
N PHE A 985 -4.19 -43.28 -24.00
CA PHE A 985 -3.78 -43.19 -25.41
C PHE A 985 -4.83 -42.60 -26.36
N PRO A 986 -6.12 -43.03 -26.27
CA PRO A 986 -7.14 -42.46 -27.15
C PRO A 986 -7.27 -40.97 -27.07
N TYR A 987 -7.27 -40.46 -25.84
CA TYR A 987 -7.40 -39.04 -25.59
C TYR A 987 -6.18 -38.24 -26.02
N SER A 988 -5.01 -38.78 -25.70
CA SER A 988 -3.77 -38.19 -26.14
C SER A 988 -3.79 -37.92 -27.65
N LEU A 989 -4.19 -38.93 -28.42
CA LEU A 989 -4.27 -38.78 -29.88
C LEU A 989 -5.31 -37.73 -30.29
N LEU A 990 -6.44 -37.75 -29.60
CA LEU A 990 -7.50 -36.78 -29.83
C LEU A 990 -6.97 -35.35 -29.70
N ILE A 991 -6.04 -35.15 -28.78
CA ILE A 991 -5.40 -33.85 -28.59
C ILE A 991 -4.52 -33.47 -29.77
N PHE A 992 -3.56 -34.35 -30.07
CA PHE A 992 -2.64 -34.15 -31.19
C PHE A 992 -3.39 -33.76 -32.45
N VAL A 993 -4.43 -34.53 -32.79
CA VAL A 993 -5.14 -34.32 -34.06
C VAL A 993 -6.07 -33.11 -34.01
N TYR A 994 -6.73 -32.87 -32.88
CA TYR A 994 -7.58 -31.69 -32.77
C TYR A 994 -6.79 -30.43 -33.04
N ASP A 995 -5.66 -30.25 -32.36
CA ASP A 995 -4.81 -29.07 -32.56
C ASP A 995 -4.24 -29.08 -33.97
N GLU A 996 -3.80 -30.24 -34.44
CA GLU A 996 -3.30 -30.36 -35.81
C GLU A 996 -4.32 -29.84 -36.82
N VAL A 997 -5.55 -30.35 -36.77
CA VAL A 997 -6.54 -29.89 -37.73
C VAL A 997 -6.88 -28.43 -37.46
N ARG A 998 -6.91 -28.04 -36.20
CA ARG A 998 -7.20 -26.66 -35.84
C ARG A 998 -6.19 -25.70 -36.44
N LYS A 999 -4.91 -26.04 -36.34
CA LYS A 999 -3.86 -25.22 -36.89
C LYS A 999 -3.88 -25.31 -38.42
N LEU A 1000 -4.40 -26.41 -38.96
CA LEU A 1000 -4.50 -26.55 -40.41
C LEU A 1000 -5.56 -25.61 -40.97
N ILE A 1001 -6.70 -25.53 -40.31
CA ILE A 1001 -7.77 -24.65 -40.77
C ILE A 1001 -7.26 -23.23 -40.78
N ILE A 1002 -6.41 -22.90 -39.82
CA ILE A 1002 -5.90 -21.55 -39.69
C ILE A 1002 -4.80 -21.28 -40.72
N ARG A 1003 -4.03 -22.29 -41.11
CA ARG A 1003 -3.06 -22.13 -42.18
C ARG A 1003 -3.73 -21.83 -43.51
N ARG A 1004 -4.95 -22.32 -43.68
CA ARG A 1004 -5.69 -22.19 -44.91
C ARG A 1004 -6.91 -21.28 -44.79
N ARG A 1005 -7.12 -20.70 -43.61
CA ARG A 1005 -8.20 -19.70 -43.47
C ARG A 1005 -7.82 -18.50 -42.58
N PRO A 1006 -6.88 -17.65 -43.04
CA PRO A 1006 -6.59 -16.40 -42.32
C PRO A 1006 -7.79 -15.45 -42.24
N GLY A 1007 -7.92 -14.76 -41.10
CA GLY A 1007 -9.07 -13.92 -40.82
C GLY A 1007 -10.25 -14.79 -40.42
N GLY A 1008 -10.05 -16.10 -40.52
CA GLY A 1008 -11.12 -17.08 -40.36
C GLY A 1008 -11.55 -17.18 -38.93
N TRP A 1009 -12.77 -17.66 -38.71
CA TRP A 1009 -13.34 -17.70 -37.37
C TRP A 1009 -12.45 -18.56 -36.48
N VAL A 1010 -11.95 -19.66 -37.03
CA VAL A 1010 -11.02 -20.55 -36.36
C VAL A 1010 -9.85 -19.78 -35.75
N GLU A 1011 -9.20 -18.97 -36.60
CA GLU A 1011 -8.07 -18.13 -36.20
C GLU A 1011 -8.49 -17.05 -35.21
N LYS A 1012 -9.56 -16.34 -35.53
CA LYS A 1012 -9.97 -15.19 -34.72
C LYS A 1012 -10.59 -15.59 -33.39
N GLU A 1013 -10.38 -16.83 -32.95
CA GLU A 1013 -10.94 -17.30 -31.67
C GLU A 1013 -10.04 -18.29 -30.93
N THR A 1014 -9.28 -19.09 -31.67
CA THR A 1014 -8.47 -20.13 -31.06
C THR A 1014 -6.97 -19.94 -31.29
N TYR A 1015 -6.58 -18.91 -32.05
CA TYR A 1015 -5.16 -18.58 -32.17
C TYR A 1015 -4.74 -17.73 -30.99
N TYR A 1016 -4.41 -18.40 -29.89
CA TYR A 1016 -4.01 -17.76 -28.64
C TYR A 1016 -2.73 -16.93 -28.82
N MET B 1 -1.32 2.18 -41.70
CA MET B 1 -2.42 1.41 -42.29
C MET B 1 -3.74 2.18 -42.23
N ALA B 2 -4.78 1.61 -42.85
CA ALA B 2 -6.12 2.17 -42.76
C ALA B 2 -7.04 1.18 -42.05
N ARG B 3 -6.49 0.03 -41.67
CA ARG B 3 -7.23 -1.04 -40.98
C ARG B 3 -7.58 -0.68 -39.54
N GLY B 4 -8.86 -0.76 -39.20
CA GLY B 4 -9.32 -0.42 -37.86
C GLY B 4 -9.34 -1.60 -36.91
N LYS B 5 -8.31 -1.68 -36.07
CA LYS B 5 -8.22 -2.72 -35.04
C LYS B 5 -7.65 -2.15 -33.73
N ALA B 6 -7.23 -3.04 -32.83
CA ALA B 6 -6.68 -2.67 -31.52
C ALA B 6 -7.78 -2.28 -30.52
N LYS B 7 -7.34 -1.84 -29.34
CA LYS B 7 -8.26 -1.34 -28.31
C LYS B 7 -7.78 0.04 -27.84
N GLU B 8 -8.19 1.08 -28.57
CA GLU B 8 -7.92 2.46 -28.19
C GLU B 8 -9.13 3.02 -27.44
N GLU B 9 -9.72 2.15 -26.61
CA GLU B 9 -10.95 2.46 -25.86
C GLU B 9 -10.70 3.37 -24.66
N GLY B 10 -11.67 4.22 -24.37
CA GLY B 10 -11.58 5.11 -23.23
C GLY B 10 -12.80 5.05 -22.32
N SER B 11 -13.36 3.85 -22.17
CA SER B 11 -14.52 3.65 -21.30
C SER B 11 -14.45 2.32 -20.55
N TRP B 12 -14.20 2.38 -19.24
CA TRP B 12 -14.28 1.18 -18.42
C TRP B 12 -15.75 0.81 -18.24
N LYS B 13 -16.62 1.68 -18.72
CA LYS B 13 -18.04 1.40 -18.76
C LYS B 13 -18.34 0.25 -19.73
N LYS B 14 -17.42 0.03 -20.67
CA LYS B 14 -17.58 -1.01 -21.69
C LYS B 14 -17.71 -2.43 -21.11
N PHE B 15 -17.45 -2.54 -19.81
CA PHE B 15 -17.71 -3.75 -19.02
C PHE B 15 -19.12 -4.27 -19.31
N ILE B 16 -20.08 -3.36 -19.46
CA ILE B 16 -21.46 -3.72 -19.78
C ILE B 16 -21.96 -2.86 -20.94
N TRP B 17 -21.31 -1.74 -21.18
CA TRP B 17 -21.71 -0.76 -22.18
C TRP B 17 -21.87 -1.39 -23.56
N ASN B 18 -22.85 -0.92 -24.33
CA ASN B 18 -23.19 -1.55 -25.61
C ASN B 18 -23.89 -0.66 -26.63
N SER B 19 -24.14 0.60 -26.27
CA SER B 19 -24.87 1.54 -27.13
C SER B 19 -24.37 1.54 -28.57
N GLU B 20 -23.09 1.25 -28.74
CA GLU B 20 -22.51 1.06 -30.07
C GLU B 20 -23.05 -0.23 -30.70
N LYS B 21 -22.61 -1.38 -30.18
CA LYS B 21 -22.97 -2.67 -30.76
C LYS B 21 -22.73 -3.83 -29.80
N LYS B 22 -21.45 -4.11 -29.52
CA LYS B 22 -21.06 -5.27 -28.70
C LYS B 22 -21.43 -5.08 -27.23
N GLU B 23 -21.60 -6.18 -26.50
CA GLU B 23 -22.18 -6.12 -25.16
C GLU B 23 -21.55 -7.11 -24.18
N PHE B 24 -21.73 -6.79 -22.89
CA PHE B 24 -21.28 -7.59 -21.75
C PHE B 24 -19.77 -7.67 -21.67
N LEU B 25 -19.10 -6.61 -22.13
CA LEU B 25 -17.65 -6.56 -22.37
C LEU B 25 -17.25 -7.51 -23.50
N GLY B 26 -18.25 -8.15 -24.08
CA GLY B 26 -17.97 -9.13 -25.10
C GLY B 26 -18.15 -8.53 -26.47
N ARG B 27 -18.58 -9.39 -27.39
CA ARG B 27 -18.73 -9.03 -28.79
C ARG B 27 -20.20 -8.87 -29.04
N THR B 28 -20.65 -9.16 -30.25
CA THR B 28 -22.04 -9.00 -30.60
C THR B 28 -22.82 -10.27 -30.33
N GLY B 29 -24.15 -10.17 -30.28
CA GLY B 29 -25.01 -11.32 -30.07
C GLY B 29 -24.85 -12.39 -31.14
N GLY B 30 -24.15 -12.05 -32.22
CA GLY B 30 -23.85 -12.99 -33.30
C GLY B 30 -22.60 -13.80 -33.06
N SER B 31 -21.62 -13.23 -32.37
CA SER B 31 -20.44 -13.98 -31.98
C SER B 31 -20.54 -14.43 -30.53
N TRP B 32 -21.24 -13.64 -29.71
CA TRP B 32 -21.51 -14.03 -28.33
C TRP B 32 -22.34 -15.31 -28.34
N PHE B 33 -23.09 -15.49 -29.41
CA PHE B 33 -23.79 -16.74 -29.68
C PHE B 33 -22.84 -17.76 -30.27
N LYS B 34 -22.18 -17.37 -31.36
CA LYS B 34 -21.39 -18.29 -32.18
C LYS B 34 -20.37 -19.09 -31.37
N ILE B 35 -19.61 -18.42 -30.50
CA ILE B 35 -18.60 -19.14 -29.73
C ILE B 35 -19.27 -19.99 -28.64
N LEU B 36 -20.37 -19.48 -28.07
CA LEU B 36 -21.14 -20.25 -27.11
C LEU B 36 -21.50 -21.58 -27.73
N LEU B 37 -22.07 -21.53 -28.93
CA LEU B 37 -22.36 -22.71 -29.72
C LEU B 37 -21.16 -23.62 -29.93
N PHE B 38 -20.01 -23.05 -30.28
CA PHE B 38 -18.78 -23.81 -30.43
C PHE B 38 -18.60 -24.73 -29.24
N TYR B 39 -18.55 -24.14 -28.05
CA TYR B 39 -18.37 -24.90 -26.84
C TYR B 39 -19.51 -25.88 -26.65
N VAL B 40 -20.73 -25.48 -27.01
CA VAL B 40 -21.87 -26.39 -26.96
C VAL B 40 -21.58 -27.66 -27.76
N ILE B 41 -21.25 -27.51 -29.05
CA ILE B 41 -20.96 -28.68 -29.86
C ILE B 41 -19.63 -29.32 -29.48
N PHE B 42 -18.70 -28.54 -28.94
CA PHE B 42 -17.39 -29.08 -28.58
C PHE B 42 -17.50 -29.99 -27.38
N TYR B 43 -17.88 -29.40 -26.25
CA TYR B 43 -18.12 -30.16 -25.04
C TYR B 43 -19.15 -31.25 -25.28
N GLY B 44 -20.18 -30.92 -26.04
CA GLY B 44 -21.19 -31.88 -26.42
C GLY B 44 -20.57 -33.13 -27.00
N CYS B 45 -19.99 -33.02 -28.19
CA CYS B 45 -19.37 -34.16 -28.86
C CYS B 45 -18.20 -34.75 -28.05
N LEU B 46 -17.51 -33.91 -27.29
CA LEU B 46 -16.45 -34.39 -26.39
C LEU B 46 -17.03 -35.33 -25.35
N ALA B 47 -18.17 -34.96 -24.77
CA ALA B 47 -18.83 -35.81 -23.78
C ALA B 47 -19.25 -37.12 -24.44
N GLY B 48 -19.53 -37.06 -25.73
CA GLY B 48 -19.87 -38.24 -26.49
C GLY B 48 -18.72 -39.21 -26.58
N ILE B 49 -17.49 -38.70 -26.72
CA ILE B 49 -16.31 -39.56 -26.81
C ILE B 49 -15.97 -40.22 -25.48
N PHE B 50 -16.19 -39.51 -24.37
CA PHE B 50 -16.10 -40.15 -23.06
C PHE B 50 -17.15 -41.24 -22.96
N ILE B 51 -18.39 -40.90 -23.32
CA ILE B 51 -19.48 -41.86 -23.40
C ILE B 51 -19.09 -43.08 -24.24
N GLY B 52 -18.70 -42.81 -25.49
CA GLY B 52 -18.35 -43.85 -26.42
C GLY B 52 -17.24 -44.76 -25.92
N THR B 53 -16.14 -44.16 -25.46
CA THR B 53 -14.99 -44.97 -25.04
C THR B 53 -15.23 -45.70 -23.72
N ILE B 54 -16.16 -45.20 -22.90
CA ILE B 54 -16.57 -45.91 -21.69
C ILE B 54 -17.36 -47.15 -22.10
N GLN B 55 -18.20 -46.99 -23.12
CA GLN B 55 -19.02 -48.08 -23.63
C GLN B 55 -18.20 -49.25 -24.11
N VAL B 56 -17.10 -48.97 -24.79
CA VAL B 56 -16.25 -50.03 -25.36
C VAL B 56 -15.64 -50.87 -24.25
N MET B 57 -15.10 -50.19 -23.25
CA MET B 57 -14.57 -50.88 -22.08
C MET B 57 -15.63 -51.76 -21.38
N LEU B 58 -16.86 -51.26 -21.27
CA LEU B 58 -17.92 -51.99 -20.57
C LEU B 58 -18.13 -53.41 -21.10
N LEU B 59 -18.01 -53.57 -22.40
CA LEU B 59 -18.21 -54.87 -23.04
C LEU B 59 -16.88 -55.63 -23.10
N THR B 60 -16.09 -55.47 -22.05
CA THR B 60 -14.82 -56.17 -21.87
C THR B 60 -14.84 -56.74 -20.45
N ILE B 61 -16.04 -56.75 -19.88
CA ILE B 61 -16.27 -57.28 -18.55
C ILE B 61 -17.51 -58.12 -18.57
N SER B 62 -17.44 -59.32 -17.98
CA SER B 62 -18.62 -60.15 -17.92
C SER B 62 -19.45 -59.79 -16.70
N GLU B 63 -20.74 -59.54 -16.90
CA GLU B 63 -21.62 -59.19 -15.79
C GLU B 63 -21.91 -60.38 -14.87
N PHE B 64 -21.07 -61.41 -14.98
CA PHE B 64 -21.15 -62.59 -14.14
C PHE B 64 -19.97 -62.69 -13.19
N LYS B 65 -18.79 -62.29 -13.67
CA LYS B 65 -17.58 -62.32 -12.86
C LYS B 65 -16.71 -61.09 -13.07
N PRO B 66 -16.08 -60.60 -12.00
CA PRO B 66 -15.16 -59.47 -12.16
C PRO B 66 -13.92 -59.88 -12.94
N THR B 67 -13.45 -58.99 -13.79
CA THR B 67 -12.27 -59.28 -14.58
C THR B 67 -11.03 -59.33 -13.69
N TYR B 68 -11.13 -58.78 -12.49
CA TYR B 68 -10.03 -58.83 -11.54
C TYR B 68 -10.53 -59.08 -10.12
N GLN B 69 -9.76 -59.87 -9.37
CA GLN B 69 -10.12 -60.22 -8.00
C GLN B 69 -8.94 -60.16 -7.06
N ASP B 70 -7.74 -60.06 -7.61
CA ASP B 70 -6.52 -60.16 -6.81
C ASP B 70 -6.38 -59.11 -5.71
N ARG B 71 -7.29 -58.14 -5.68
CA ARG B 71 -7.22 -57.08 -4.67
C ARG B 71 -8.14 -57.37 -3.47
N VAL B 72 -9.13 -58.22 -3.68
CA VAL B 72 -9.92 -58.78 -2.58
C VAL B 72 -9.46 -60.19 -2.27
N ALA B 73 -8.25 -60.55 -2.70
CA ALA B 73 -7.86 -61.96 -2.81
C ALA B 73 -8.04 -62.73 -1.50
N PRO B 74 -7.24 -62.46 -0.45
CA PRO B 74 -7.76 -63.19 0.71
C PRO B 74 -8.85 -62.37 1.40
N PRO B 75 -9.96 -63.00 1.78
CA PRO B 75 -11.08 -62.26 2.38
C PRO B 75 -10.81 -61.87 3.83
N GLY B 76 -11.61 -60.92 4.32
CA GLY B 76 -11.45 -60.45 5.68
C GLY B 76 -12.59 -60.86 6.57
N LEU B 77 -12.37 -60.75 7.88
CA LEU B 77 -13.35 -61.18 8.86
C LEU B 77 -14.05 -60.00 9.52
N THR B 78 -15.36 -59.96 9.36
CA THR B 78 -16.15 -58.81 9.77
C THR B 78 -17.28 -59.19 10.73
N GLN B 79 -17.49 -58.41 11.79
CA GLN B 79 -18.60 -58.64 12.71
C GLN B 79 -19.82 -57.89 12.26
N ILE B 80 -20.96 -58.15 12.90
CA ILE B 80 -22.20 -57.48 12.54
C ILE B 80 -22.57 -56.32 13.48
N PRO B 81 -22.20 -56.38 14.78
CA PRO B 81 -22.36 -55.13 15.53
C PRO B 81 -21.48 -53.99 14.96
N GLN B 82 -22.12 -52.94 14.43
CA GLN B 82 -21.43 -51.79 13.82
C GLN B 82 -20.38 -51.19 14.75
N SER B 83 -19.17 -51.76 14.71
CA SER B 83 -18.08 -51.31 15.57
C SER B 83 -17.87 -49.81 15.47
N GLN B 84 -18.01 -49.12 16.60
CA GLN B 84 -17.82 -47.68 16.66
C GLN B 84 -16.45 -47.31 16.12
N LYS B 85 -15.43 -47.78 16.82
CA LYS B 85 -14.05 -47.68 16.39
C LYS B 85 -13.38 -49.01 16.70
N THR B 86 -13.95 -50.09 16.17
CA THR B 86 -13.68 -51.48 16.55
C THR B 86 -14.09 -51.76 18.00
N GLU B 87 -14.72 -50.78 18.63
CA GLU B 87 -15.04 -50.89 20.04
C GLU B 87 -16.55 -51.03 20.30
N ILE B 88 -16.88 -51.99 21.14
CA ILE B 88 -18.25 -52.26 21.54
C ILE B 88 -18.36 -51.95 23.03
N SER B 89 -18.53 -50.68 23.36
CA SER B 89 -18.54 -50.23 24.75
C SER B 89 -19.95 -49.84 25.21
N PHE B 90 -20.40 -50.44 26.30
CA PHE B 90 -21.73 -50.15 26.84
C PHE B 90 -21.86 -50.49 28.33
N ARG B 91 -22.97 -50.05 28.93
CA ARG B 91 -23.24 -50.25 30.34
C ARG B 91 -24.30 -51.33 30.49
N PRO B 92 -23.86 -52.60 30.71
CA PRO B 92 -24.69 -53.82 30.74
C PRO B 92 -26.05 -53.66 31.40
N ASN B 93 -26.09 -52.98 32.53
CA ASN B 93 -27.32 -52.79 33.27
C ASN B 93 -28.35 -51.91 32.53
N ASP B 94 -27.89 -50.82 31.91
CA ASP B 94 -28.76 -49.88 31.17
C ASP B 94 -29.03 -50.30 29.73
N PRO B 95 -30.32 -50.36 29.32
CA PRO B 95 -30.75 -50.76 27.97
C PRO B 95 -30.32 -49.80 26.89
N GLN B 96 -30.28 -48.51 27.23
CA GLN B 96 -30.00 -47.47 26.26
C GLN B 96 -28.59 -47.59 25.68
N SER B 97 -27.62 -47.88 26.54
CA SER B 97 -26.21 -47.82 26.16
C SER B 97 -25.79 -48.83 25.09
N TYR B 98 -26.69 -49.73 24.71
CA TYR B 98 -26.39 -50.69 23.65
C TYR B 98 -27.48 -50.81 22.62
N GLU B 99 -28.58 -50.09 22.80
CA GLU B 99 -29.72 -50.17 21.90
C GLU B 99 -29.27 -49.96 20.44
N SER B 100 -28.22 -49.16 20.26
CA SER B 100 -27.60 -48.96 18.95
C SER B 100 -27.01 -50.24 18.41
N TYR B 101 -26.18 -50.90 19.22
CA TYR B 101 -25.57 -52.18 18.85
C TYR B 101 -26.61 -53.23 18.49
N VAL B 102 -27.77 -53.13 19.11
CA VAL B 102 -28.83 -54.09 18.87
C VAL B 102 -29.54 -53.83 17.55
N VAL B 103 -29.93 -52.58 17.28
CA VAL B 103 -30.67 -52.29 16.05
C VAL B 103 -29.87 -52.66 14.81
N SER B 104 -28.54 -52.50 14.90
CA SER B 104 -27.66 -52.85 13.78
C SER B 104 -27.65 -54.35 13.57
N ILE B 105 -27.36 -55.08 14.64
CA ILE B 105 -27.24 -56.52 14.56
C ILE B 105 -28.60 -57.15 14.25
N VAL B 106 -29.68 -56.55 14.73
CA VAL B 106 -31.02 -57.08 14.50
C VAL B 106 -31.45 -56.89 13.04
N ARG B 107 -31.18 -55.71 12.50
CA ARG B 107 -31.53 -55.40 11.11
C ARG B 107 -30.89 -56.40 10.13
N PHE B 108 -29.60 -56.70 10.34
CA PHE B 108 -28.89 -57.65 9.48
C PHE B 108 -29.51 -59.06 9.53
N LEU B 109 -29.81 -59.54 10.74
CA LEU B 109 -30.35 -60.88 10.95
C LEU B 109 -31.81 -61.03 10.55
N GLU B 110 -32.41 -59.97 9.99
CA GLU B 110 -33.76 -60.08 9.46
C GLU B 110 -33.74 -60.58 8.04
N LYS B 111 -32.55 -60.70 7.48
CA LYS B 111 -32.34 -61.29 6.16
C LYS B 111 -32.32 -62.80 6.26
N TYR B 112 -32.20 -63.30 7.48
CA TYR B 112 -32.00 -64.71 7.74
C TYR B 112 -33.17 -65.35 8.49
N LYS B 113 -34.23 -64.57 8.72
CA LYS B 113 -35.44 -65.09 9.35
C LYS B 113 -35.97 -66.31 8.59
N ASP B 114 -36.75 -67.15 9.28
CA ASP B 114 -37.36 -68.31 8.62
C ASP B 114 -38.45 -67.88 7.63
N LEU B 115 -39.15 -66.79 7.94
CA LEU B 115 -40.23 -66.29 7.08
C LEU B 115 -39.68 -65.67 5.81
N ALA B 116 -38.37 -65.49 5.78
CA ALA B 116 -37.72 -64.86 4.64
C ALA B 116 -37.20 -65.90 3.66
N GLN B 117 -37.04 -67.12 4.14
CA GLN B 117 -36.54 -68.19 3.29
C GLN B 117 -37.68 -69.14 2.92
N LYS B 118 -38.74 -68.55 2.37
CA LYS B 118 -39.99 -69.26 2.14
C LYS B 118 -39.92 -70.30 1.04
N ASP B 119 -39.85 -69.82 -0.20
CA ASP B 119 -40.04 -70.67 -1.37
C ASP B 119 -38.88 -71.63 -1.60
N ASP B 120 -39.18 -72.80 -2.15
CA ASP B 120 -38.21 -73.87 -2.37
C ASP B 120 -37.43 -73.68 -3.68
N MET B 121 -37.96 -72.86 -4.58
CA MET B 121 -37.28 -72.58 -5.85
C MET B 121 -36.00 -71.74 -5.64
N ILE B 122 -36.11 -70.63 -4.91
CA ILE B 122 -34.97 -69.77 -4.64
C ILE B 122 -34.07 -70.35 -3.54
N PHE B 123 -34.70 -70.95 -2.53
CA PHE B 123 -33.99 -71.49 -1.38
C PHE B 123 -33.96 -73.02 -1.32
N GLU B 124 -32.76 -73.54 -1.17
CA GLU B 124 -32.49 -74.97 -1.16
C GLU B 124 -32.09 -75.37 0.27
N ASP B 125 -32.35 -76.62 0.65
CA ASP B 125 -31.96 -77.08 1.97
C ASP B 125 -30.59 -77.76 1.97
N CYS B 126 -29.57 -77.04 2.43
CA CYS B 126 -28.25 -77.63 2.61
C CYS B 126 -28.21 -78.26 4.01
N GLY B 127 -27.72 -79.50 4.08
CA GLY B 127 -27.82 -80.33 5.27
C GLY B 127 -27.47 -79.70 6.62
N ASN B 128 -28.05 -80.26 7.69
CA ASN B 128 -27.82 -79.76 9.05
C ASN B 128 -26.43 -80.12 9.61
N VAL B 129 -25.53 -80.51 8.71
CA VAL B 129 -24.13 -80.75 9.00
C VAL B 129 -23.30 -80.21 7.83
N PRO B 130 -22.21 -79.50 8.15
CA PRO B 130 -21.38 -78.86 7.10
C PRO B 130 -20.83 -79.84 6.06
N SER B 131 -21.16 -79.63 4.79
CA SER B 131 -20.76 -80.53 3.70
C SER B 131 -19.65 -79.95 2.81
N GLU B 132 -19.49 -80.54 1.63
CA GLU B 132 -18.50 -80.08 0.65
C GLU B 132 -19.13 -79.13 -0.38
N LEU B 133 -18.32 -78.21 -0.89
CA LEU B 133 -18.73 -77.15 -1.80
C LEU B 133 -19.80 -77.53 -2.83
N LYS B 134 -21.04 -77.14 -2.57
CA LYS B 134 -22.12 -77.39 -3.52
C LYS B 134 -21.90 -76.52 -4.76
N GLU B 135 -21.21 -77.09 -5.74
CA GLU B 135 -20.84 -76.34 -6.95
C GLU B 135 -22.03 -76.22 -7.91
N ARG B 136 -22.68 -75.07 -7.91
CA ARG B 136 -23.90 -74.82 -8.69
C ARG B 136 -23.70 -75.00 -10.19
N GLY B 137 -22.49 -74.77 -10.67
CA GLY B 137 -22.19 -74.93 -12.08
C GLY B 137 -21.17 -73.97 -12.63
N GLU B 138 -21.46 -73.43 -13.81
CA GLU B 138 -20.55 -72.52 -14.50
C GLU B 138 -21.10 -71.09 -14.49
N TYR B 139 -20.28 -70.15 -14.04
CA TYR B 139 -20.71 -68.77 -13.74
C TYR B 139 -21.31 -68.02 -14.92
N ASN B 140 -22.44 -68.54 -15.42
CA ASN B 140 -23.12 -67.96 -16.57
C ASN B 140 -24.63 -67.84 -16.37
N ASN B 141 -25.33 -67.53 -17.46
CA ASN B 141 -26.78 -67.48 -17.46
C ASN B 141 -27.35 -68.78 -18.02
N GLU B 142 -26.48 -69.78 -18.18
CA GLU B 142 -26.87 -71.11 -18.64
C GLU B 142 -27.97 -71.67 -17.74
N ARG B 143 -27.58 -72.11 -16.54
CA ARG B 143 -28.52 -72.35 -15.47
C ARG B 143 -28.91 -70.99 -14.89
N GLY B 144 -30.21 -70.79 -14.67
CA GLY B 144 -30.70 -69.49 -14.21
C GLY B 144 -30.30 -69.15 -12.79
N GLU B 145 -31.19 -68.46 -12.08
CA GLU B 145 -30.91 -68.07 -10.71
C GLU B 145 -30.62 -69.29 -9.84
N ARG B 146 -29.34 -69.51 -9.56
CA ARG B 146 -28.87 -70.66 -8.79
C ARG B 146 -29.57 -70.76 -7.45
N LYS B 147 -29.56 -71.96 -6.85
CA LYS B 147 -30.24 -72.14 -5.59
C LYS B 147 -29.44 -71.54 -4.43
N VAL B 148 -30.15 -71.08 -3.41
CA VAL B 148 -29.53 -70.43 -2.26
C VAL B 148 -29.41 -71.37 -1.06
N CYS B 149 -28.19 -71.62 -0.61
CA CYS B 149 -28.00 -72.45 0.57
C CYS B 149 -28.56 -71.75 1.80
N ARG B 150 -29.68 -72.25 2.30
CA ARG B 150 -30.39 -71.66 3.44
C ARG B 150 -29.55 -71.67 4.71
N PHE B 151 -29.89 -70.79 5.65
CA PHE B 151 -29.23 -70.75 6.94
C PHE B 151 -30.21 -70.33 8.03
N ARG B 152 -30.39 -71.20 9.03
CA ARG B 152 -31.40 -71.01 10.06
C ARG B 152 -30.88 -70.17 11.24
N LEU B 153 -31.75 -69.32 11.78
CA LEU B 153 -31.40 -68.51 12.94
C LEU B 153 -30.89 -69.36 14.10
N GLU B 154 -31.43 -70.56 14.21
CA GLU B 154 -31.17 -71.45 15.34
C GLU B 154 -29.73 -71.99 15.41
N TRP B 155 -29.03 -72.03 14.28
CA TRP B 155 -27.65 -72.54 14.27
C TRP B 155 -26.78 -71.64 15.15
N LEU B 156 -26.95 -70.33 14.96
CA LEU B 156 -26.33 -69.35 15.85
C LEU B 156 -26.87 -69.56 17.25
N GLY B 157 -26.20 -70.41 18.02
CA GLY B 157 -26.64 -70.71 19.36
C GLY B 157 -26.83 -69.45 20.20
N ASN B 158 -27.96 -69.37 20.88
CA ASN B 158 -28.20 -68.38 21.92
C ASN B 158 -28.29 -66.92 21.47
N CYS B 159 -28.11 -66.66 20.18
CA CYS B 159 -28.16 -65.29 19.69
C CYS B 159 -29.21 -65.13 18.62
N SER B 160 -30.37 -65.72 18.83
CA SER B 160 -31.42 -65.69 17.83
C SER B 160 -32.74 -65.27 18.44
N GLY B 161 -33.15 -65.98 19.48
CA GLY B 161 -34.37 -65.67 20.19
C GLY B 161 -35.61 -65.67 19.31
N LEU B 162 -36.70 -65.15 19.85
CA LEU B 162 -37.97 -65.03 19.13
C LEU B 162 -38.91 -64.13 19.95
N ASN B 163 -38.67 -62.83 19.90
CA ASN B 163 -39.47 -61.87 20.67
C ASN B 163 -40.66 -61.33 19.87
N ASP B 164 -41.01 -60.06 20.09
CA ASP B 164 -42.15 -59.45 19.41
C ASP B 164 -41.71 -58.60 18.22
N GLU B 165 -41.40 -57.33 18.48
CA GLU B 165 -40.93 -56.42 17.44
C GLU B 165 -39.42 -56.55 17.23
N THR B 166 -38.65 -56.05 18.20
CA THR B 166 -37.19 -56.10 18.13
C THR B 166 -36.64 -57.27 18.96
N TYR B 167 -35.69 -58.00 18.38
CA TYR B 167 -35.04 -59.15 19.02
C TYR B 167 -34.48 -58.80 20.40
N GLY B 168 -34.80 -59.62 21.40
CA GLY B 168 -34.24 -59.43 22.73
C GLY B 168 -32.83 -59.99 22.83
N TYR B 169 -31.85 -59.11 22.66
CA TYR B 169 -30.43 -59.52 22.63
C TYR B 169 -29.68 -59.31 23.91
N LYS B 170 -28.40 -59.66 23.86
CA LYS B 170 -27.61 -59.87 25.05
C LYS B 170 -27.16 -58.55 25.67
N ASP B 171 -27.72 -58.23 26.84
CA ASP B 171 -27.35 -57.03 27.60
C ASP B 171 -26.21 -57.29 28.58
N GLY B 172 -26.39 -58.29 29.46
CA GLY B 172 -25.29 -58.75 30.28
C GLY B 172 -24.48 -59.71 29.41
N LYS B 173 -23.19 -59.47 29.25
CA LYS B 173 -22.33 -60.31 28.41
C LYS B 173 -22.60 -60.55 26.92
N PRO B 174 -22.19 -59.61 26.06
CA PRO B 174 -22.66 -59.46 24.67
C PRO B 174 -22.43 -60.62 23.70
N CYS B 175 -23.14 -60.53 22.59
CA CYS B 175 -23.10 -61.48 21.50
C CYS B 175 -22.47 -60.88 20.23
N VAL B 176 -21.18 -61.09 20.03
CA VAL B 176 -20.55 -60.72 18.76
C VAL B 176 -20.85 -61.78 17.71
N ILE B 177 -21.13 -61.38 16.47
CA ILE B 177 -21.44 -62.35 15.42
C ILE B 177 -20.53 -62.14 14.20
N ILE B 178 -19.70 -63.14 13.95
CA ILE B 178 -18.65 -63.09 12.93
C ILE B 178 -19.18 -63.55 11.57
N LYS B 179 -18.59 -63.04 10.48
CA LYS B 179 -19.04 -63.31 9.12
C LYS B 179 -17.85 -63.30 8.16
N LEU B 180 -17.97 -63.99 7.03
CA LEU B 180 -16.89 -64.04 6.04
C LEU B 180 -17.22 -63.20 4.81
N ASN B 181 -16.21 -62.52 4.24
CA ASN B 181 -16.42 -61.65 3.08
C ASN B 181 -16.70 -62.40 1.77
N ARG B 182 -17.80 -62.02 1.11
CA ARG B 182 -18.26 -62.68 -0.11
C ARG B 182 -17.33 -62.46 -1.30
N VAL B 183 -16.57 -63.48 -1.66
CA VAL B 183 -15.75 -63.44 -2.87
C VAL B 183 -16.37 -64.33 -3.94
N LEU B 184 -16.71 -63.74 -5.09
CA LEU B 184 -17.37 -64.48 -6.16
C LEU B 184 -16.50 -65.65 -6.66
N GLY B 185 -16.99 -66.87 -6.45
CA GLY B 185 -16.30 -68.06 -6.90
C GLY B 185 -15.23 -68.57 -5.96
N PHE B 186 -15.42 -68.34 -4.66
CA PHE B 186 -14.40 -68.68 -3.69
C PHE B 186 -14.72 -69.99 -2.97
N LYS B 187 -13.68 -70.76 -2.68
CA LYS B 187 -13.86 -72.04 -1.98
C LYS B 187 -12.87 -72.18 -0.83
N PRO B 188 -13.34 -71.97 0.41
CA PRO B 188 -12.54 -72.06 1.64
C PRO B 188 -11.85 -73.41 1.83
N LYS B 189 -10.58 -73.39 2.21
CA LYS B 189 -9.83 -74.63 2.50
C LYS B 189 -9.34 -74.67 3.95
N PRO B 190 -9.93 -75.57 4.75
CA PRO B 190 -9.62 -75.74 6.18
C PRO B 190 -8.25 -76.35 6.41
N PRO B 191 -7.55 -75.91 7.47
CA PRO B 191 -6.17 -76.31 7.77
C PRO B 191 -6.02 -77.81 8.02
N LYS B 192 -4.87 -78.36 7.65
CA LYS B 192 -4.56 -79.74 7.99
C LYS B 192 -3.77 -79.80 9.30
N ASN B 193 -2.74 -80.64 9.33
CA ASN B 193 -1.95 -80.83 10.54
C ASN B 193 -0.59 -80.12 10.51
N GLU B 194 -0.19 -79.63 9.32
CA GLU B 194 1.09 -78.94 9.15
C GLU B 194 1.06 -77.53 9.76
N SER B 195 0.53 -76.58 8.99
CA SER B 195 0.39 -75.20 9.47
C SER B 195 -0.76 -75.09 10.45
N LEU B 196 -0.53 -75.57 11.67
CA LEU B 196 -1.53 -75.59 12.72
C LEU B 196 -1.79 -74.21 13.26
N GLU B 197 -2.78 -74.14 14.15
CA GLU B 197 -3.27 -72.86 14.67
C GLU B 197 -2.75 -72.48 16.07
N THR B 198 -3.21 -71.35 16.58
CA THR B 198 -2.84 -70.86 17.91
C THR B 198 -3.56 -71.67 19.00
N TYR B 199 -4.39 -72.63 18.55
CA TYR B 199 -5.21 -73.44 19.44
C TYR B 199 -5.33 -74.87 18.87
N PRO B 200 -5.75 -75.85 19.70
CA PRO B 200 -5.95 -77.21 19.22
C PRO B 200 -7.06 -77.35 18.16
N VAL B 201 -6.74 -77.92 17.00
CA VAL B 201 -7.66 -78.04 15.87
C VAL B 201 -8.98 -78.69 16.25
N MET B 202 -9.97 -77.87 16.60
CA MET B 202 -11.32 -78.35 16.87
C MET B 202 -11.82 -79.12 15.65
N LYS B 203 -12.60 -80.17 15.89
CA LYS B 203 -12.92 -81.17 14.86
C LYS B 203 -13.49 -80.59 13.57
N TYR B 204 -13.56 -81.46 12.56
CA TYR B 204 -14.13 -81.21 11.23
C TYR B 204 -13.10 -80.66 10.25
N ASN B 205 -11.93 -81.28 10.24
CA ASN B 205 -10.95 -81.06 9.17
C ASN B 205 -11.54 -81.09 7.76
N PRO B 206 -12.54 -81.96 7.48
CA PRO B 206 -13.09 -81.94 6.12
C PRO B 206 -13.83 -80.66 5.70
N TYR B 207 -14.91 -80.29 6.39
CA TYR B 207 -15.83 -79.30 5.82
C TYR B 207 -16.15 -78.07 6.68
N VAL B 208 -15.29 -77.74 7.63
CA VAL B 208 -15.50 -76.51 8.42
C VAL B 208 -14.25 -75.64 8.45
N LEU B 209 -14.44 -74.34 8.22
CA LEU B 209 -13.34 -73.39 8.24
C LEU B 209 -13.29 -72.65 9.57
N PRO B 210 -12.33 -73.02 10.43
CA PRO B 210 -12.24 -72.63 11.85
C PRO B 210 -12.14 -71.12 12.11
N VAL B 211 -12.79 -70.68 13.18
CA VAL B 211 -12.68 -69.31 13.65
C VAL B 211 -12.50 -69.33 15.17
N HIS B 212 -11.40 -68.75 15.65
CA HIS B 212 -11.10 -68.78 17.08
C HIS B 212 -10.78 -67.38 17.62
N CYS B 213 -11.47 -66.98 18.68
CA CYS B 213 -11.29 -65.65 19.26
C CYS B 213 -10.55 -65.69 20.59
N THR B 214 -9.27 -65.31 20.57
CA THR B 214 -8.45 -65.24 21.78
C THR B 214 -8.35 -63.81 22.31
N GLY B 215 -7.37 -63.57 23.17
CA GLY B 215 -7.16 -62.25 23.75
C GLY B 215 -6.40 -61.34 22.80
N LYS B 216 -5.73 -60.32 23.34
CA LYS B 216 -4.99 -59.39 22.49
C LYS B 216 -3.64 -59.99 22.07
N ARG B 217 -3.57 -60.38 20.79
CA ARG B 217 -2.43 -61.09 20.19
C ARG B 217 -2.25 -62.37 21.02
N ASP B 218 -1.05 -62.95 20.98
CA ASP B 218 -0.74 -64.24 21.59
C ASP B 218 0.30 -64.16 22.73
N GLU B 219 1.13 -63.12 22.71
CA GLU B 219 2.16 -62.94 23.73
C GLU B 219 1.56 -62.43 25.05
N ASP B 220 2.40 -61.85 25.91
CA ASP B 220 1.97 -61.42 27.24
C ASP B 220 0.83 -60.40 27.17
N LYS B 221 -0.38 -60.88 27.49
CA LYS B 221 -1.59 -60.08 27.35
C LYS B 221 -2.57 -60.36 28.48
N GLU B 222 -3.32 -59.33 28.87
CA GLU B 222 -4.30 -59.50 29.94
C GLU B 222 -5.49 -60.29 29.42
N LYS B 223 -5.34 -61.59 29.46
CA LYS B 223 -6.37 -62.52 29.06
C LYS B 223 -7.42 -62.62 30.15
N VAL B 224 -8.56 -61.98 29.94
CA VAL B 224 -9.66 -62.08 30.89
C VAL B 224 -11.02 -62.15 30.18
N GLY B 225 -11.40 -63.35 29.74
CA GLY B 225 -12.69 -63.55 29.09
C GLY B 225 -13.13 -65.01 29.01
N THR B 226 -14.41 -65.24 28.73
CA THR B 226 -14.94 -66.61 28.58
C THR B 226 -15.58 -66.83 27.21
N MET B 227 -14.80 -67.40 26.29
CA MET B 227 -15.24 -67.60 24.92
C MET B 227 -16.29 -68.71 24.84
N GLU B 228 -17.12 -68.64 23.80
CA GLU B 228 -18.17 -69.64 23.59
C GLU B 228 -18.69 -69.56 22.15
N TYR B 229 -18.17 -70.44 21.30
CA TYR B 229 -18.46 -70.44 19.86
C TYR B 229 -19.76 -71.17 19.50
N PHE B 230 -20.72 -70.45 18.93
CA PHE B 230 -22.00 -71.03 18.51
C PHE B 230 -22.15 -71.09 16.99
N GLY B 231 -22.54 -72.25 16.46
CA GLY B 231 -22.69 -72.37 15.03
C GLY B 231 -23.45 -73.59 14.55
N LEU B 232 -23.58 -73.69 13.23
CA LEU B 232 -24.21 -74.85 12.60
C LEU B 232 -23.38 -76.09 12.88
N GLY B 233 -24.04 -77.16 13.28
CA GLY B 233 -23.35 -78.37 13.66
C GLY B 233 -22.61 -78.21 14.97
N GLY B 234 -22.68 -77.01 15.54
CA GLY B 234 -21.99 -76.70 16.77
C GLY B 234 -20.48 -76.64 16.60
N TYR B 235 -20.05 -76.32 15.38
CA TYR B 235 -18.62 -76.21 15.08
C TYR B 235 -18.20 -74.76 14.91
N PRO B 236 -17.02 -74.41 15.44
CA PRO B 236 -16.51 -73.04 15.52
C PRO B 236 -15.94 -72.54 14.20
N GLY B 237 -16.78 -72.44 13.19
CA GLY B 237 -16.30 -72.00 11.89
C GLY B 237 -17.35 -71.96 10.81
N PHE B 238 -16.93 -72.20 9.56
CA PHE B 238 -17.80 -72.03 8.43
C PHE B 238 -18.05 -73.29 7.61
N PRO B 239 -19.32 -73.55 7.31
CA PRO B 239 -19.84 -74.69 6.52
C PRO B 239 -19.53 -74.55 5.02
N LEU B 240 -18.62 -75.38 4.51
CA LEU B 240 -18.11 -75.26 3.13
C LEU B 240 -19.17 -75.41 2.05
N GLN B 241 -20.30 -76.03 2.41
CA GLN B 241 -21.36 -76.31 1.44
C GLN B 241 -22.07 -75.07 0.90
N TYR B 242 -21.73 -73.89 1.44
CA TYR B 242 -22.37 -72.64 1.02
C TYR B 242 -21.62 -72.00 -0.14
N TYR B 243 -20.34 -72.35 -0.25
CA TYR B 243 -19.47 -71.84 -1.30
C TYR B 243 -19.45 -72.78 -2.49
N PRO B 244 -19.10 -72.25 -3.68
CA PRO B 244 -18.70 -70.88 -4.00
C PRO B 244 -19.87 -69.92 -4.06
N TYR B 245 -19.58 -68.63 -4.20
CA TYR B 245 -20.59 -67.59 -4.36
C TYR B 245 -20.66 -67.14 -5.81
N TYR B 246 -21.86 -66.98 -6.35
CA TYR B 246 -22.02 -66.76 -7.80
C TYR B 246 -22.53 -65.36 -8.19
N GLY B 247 -22.26 -64.36 -7.34
CA GLY B 247 -22.58 -62.98 -7.66
C GLY B 247 -24.02 -62.53 -7.42
N LYS B 248 -24.21 -61.21 -7.39
CA LYS B 248 -25.54 -60.63 -7.22
C LYS B 248 -26.45 -60.93 -8.42
N LEU B 249 -25.83 -61.17 -9.57
CA LEU B 249 -26.56 -61.43 -10.81
C LEU B 249 -27.16 -62.84 -10.82
N LEU B 250 -26.46 -63.79 -10.20
CA LEU B 250 -26.89 -65.19 -10.24
C LEU B 250 -27.40 -65.68 -8.89
N GLN B 251 -27.12 -64.92 -7.82
CA GLN B 251 -27.61 -65.29 -6.50
C GLN B 251 -28.09 -64.06 -5.70
N PRO B 252 -29.24 -63.50 -6.12
CA PRO B 252 -29.74 -62.23 -5.56
C PRO B 252 -30.05 -62.26 -4.06
N LYS B 253 -30.49 -63.41 -3.53
CA LYS B 253 -30.86 -63.48 -2.11
C LYS B 253 -29.98 -64.42 -1.31
N TYR B 254 -28.84 -64.77 -1.91
CA TYR B 254 -27.83 -65.60 -1.25
C TYR B 254 -27.57 -65.15 0.18
N LEU B 255 -27.79 -66.04 1.13
CA LEU B 255 -27.45 -65.79 2.52
C LEU B 255 -26.10 -66.46 2.81
N GLN B 256 -25.13 -65.69 3.29
CA GLN B 256 -23.80 -66.24 3.54
C GLN B 256 -23.74 -66.88 4.93
N PRO B 257 -22.74 -67.75 5.16
CA PRO B 257 -22.63 -68.42 6.46
C PRO B 257 -22.33 -67.47 7.60
N LEU B 258 -23.08 -67.60 8.69
CA LEU B 258 -22.83 -66.80 9.88
C LEU B 258 -22.31 -67.73 10.98
N MET B 259 -21.83 -67.13 12.06
CA MET B 259 -21.22 -67.87 13.16
C MET B 259 -20.95 -66.92 14.32
N ALA B 260 -21.66 -67.10 15.45
CA ALA B 260 -21.61 -66.13 16.54
C ALA B 260 -20.63 -66.49 17.66
N VAL B 261 -20.33 -65.51 18.50
CA VAL B 261 -19.48 -65.71 19.67
C VAL B 261 -20.01 -64.92 20.86
N GLN B 262 -20.88 -65.56 21.63
CA GLN B 262 -21.38 -64.93 22.84
C GLN B 262 -20.24 -64.81 23.84
N PHE B 263 -19.80 -63.59 24.10
CA PHE B 263 -18.71 -63.39 25.03
C PHE B 263 -19.23 -63.20 26.44
N THR B 264 -19.14 -64.24 27.24
CA THR B 264 -19.67 -64.25 28.59
C THR B 264 -18.56 -64.28 29.65
N ASN B 265 -17.71 -63.25 29.62
CA ASN B 265 -16.52 -63.17 30.45
C ASN B 265 -16.73 -63.24 31.97
N LEU B 266 -15.63 -63.04 32.72
CA LEU B 266 -15.66 -62.94 34.18
C LEU B 266 -14.97 -61.65 34.67
N THR B 267 -15.13 -60.55 33.91
CA THR B 267 -14.56 -59.25 34.29
C THR B 267 -15.31 -58.03 33.71
N MET B 268 -16.24 -57.47 34.48
CA MET B 268 -16.97 -56.28 34.05
C MET B 268 -16.12 -55.03 34.34
N ASP B 269 -16.66 -53.85 34.03
CA ASP B 269 -16.03 -52.55 34.26
C ASP B 269 -14.57 -52.42 33.80
N THR B 270 -14.30 -52.92 32.59
CA THR B 270 -12.99 -52.77 31.97
C THR B 270 -13.02 -53.14 30.47
N GLU B 271 -12.11 -52.54 29.71
CA GLU B 271 -12.04 -52.76 28.26
C GLU B 271 -10.99 -53.82 27.96
N ILE B 272 -11.35 -54.81 27.14
CA ILE B 272 -10.42 -55.87 26.78
C ILE B 272 -10.34 -56.05 25.27
N ARG B 273 -9.13 -56.22 24.76
CA ARG B 273 -8.92 -56.45 23.33
C ARG B 273 -8.95 -57.95 23.00
N ILE B 274 -9.79 -58.34 22.05
CA ILE B 274 -9.90 -59.74 21.63
C ILE B 274 -9.78 -59.92 20.11
N GLU B 275 -8.85 -60.77 19.69
CA GLU B 275 -8.57 -60.99 18.28
C GLU B 275 -9.10 -62.33 17.75
N CYS B 276 -10.09 -62.27 16.86
CA CYS B 276 -10.59 -63.46 16.19
C CYS B 276 -9.72 -63.76 14.98
N LYS B 277 -9.68 -65.03 14.59
CA LYS B 277 -8.86 -65.42 13.43
C LYS B 277 -9.44 -66.63 12.72
N ALA B 278 -9.65 -66.48 11.41
CA ALA B 278 -10.06 -67.61 10.56
C ALA B 278 -8.80 -68.27 10.00
N TYR B 279 -8.56 -69.52 10.39
CA TYR B 279 -7.36 -70.20 9.96
C TYR B 279 -7.64 -71.02 8.71
N GLY B 280 -6.61 -71.24 7.91
CA GLY B 280 -6.77 -72.00 6.68
C GLY B 280 -5.71 -71.74 5.62
N GLU B 281 -5.88 -72.44 4.49
CA GLU B 281 -4.97 -72.34 3.36
C GLU B 281 -5.42 -71.23 2.40
N ASN B 282 -6.73 -71.05 2.31
CA ASN B 282 -7.29 -70.01 1.47
C ASN B 282 -7.52 -68.72 2.23
N ILE B 283 -6.96 -68.64 3.43
CA ILE B 283 -7.14 -67.46 4.25
C ILE B 283 -5.79 -66.85 4.57
N GLY B 284 -5.67 -65.55 4.31
CA GLY B 284 -4.44 -64.84 4.56
C GLY B 284 -4.65 -63.65 5.49
N TYR B 285 -3.54 -63.13 5.99
CA TYR B 285 -3.58 -62.01 6.92
C TYR B 285 -2.60 -60.91 6.49
N SER B 286 -2.86 -59.69 6.94
CA SER B 286 -2.02 -58.53 6.64
C SER B 286 -1.75 -57.71 7.88
N GLU B 287 -0.49 -57.33 8.07
CA GLU B 287 -0.09 -56.51 9.21
C GLU B 287 -0.70 -55.11 9.13
N LYS B 288 -1.06 -54.70 7.92
CA LYS B 288 -1.67 -53.38 7.71
C LYS B 288 -3.21 -53.46 7.75
N ASP B 289 -3.78 -54.41 7.02
CA ASP B 289 -5.21 -54.63 7.07
C ASP B 289 -5.56 -55.41 8.32
N ARG B 290 -6.03 -54.71 9.34
CA ARG B 290 -6.39 -55.30 10.62
C ARG B 290 -7.66 -56.15 10.55
N PHE B 291 -8.17 -56.33 9.33
CA PHE B 291 -9.41 -57.05 9.11
C PHE B 291 -9.25 -58.22 8.15
N GLN B 292 -8.13 -58.28 7.41
CA GLN B 292 -7.92 -59.33 6.42
C GLN B 292 -7.72 -60.72 7.03
N GLY B 293 -8.76 -61.54 6.98
CA GLY B 293 -8.71 -62.87 7.54
C GLY B 293 -8.70 -62.89 9.06
N ARG B 294 -8.76 -61.71 9.69
CA ARG B 294 -8.74 -61.65 11.15
C ARG B 294 -9.61 -60.52 11.71
N PHE B 295 -9.31 -60.12 12.93
CA PHE B 295 -10.24 -59.35 13.73
C PHE B 295 -9.60 -58.72 14.95
N ASP B 296 -9.89 -57.46 15.20
CA ASP B 296 -9.40 -56.83 16.44
C ASP B 296 -10.51 -55.98 17.07
N VAL B 297 -11.42 -56.65 17.77
CA VAL B 297 -12.55 -55.98 18.45
C VAL B 297 -12.24 -55.76 19.93
N LYS B 298 -12.41 -54.52 20.41
CA LYS B 298 -12.20 -54.23 21.83
C LYS B 298 -13.49 -53.79 22.53
N ILE B 299 -13.98 -54.63 23.44
CA ILE B 299 -15.27 -54.43 24.08
C ILE B 299 -15.15 -54.09 25.56
N GLU B 300 -16.05 -53.25 26.06
CA GLU B 300 -16.04 -52.83 27.45
C GLU B 300 -17.41 -52.98 28.10
N VAL B 301 -17.51 -53.94 29.01
CA VAL B 301 -18.74 -54.18 29.76
C VAL B 301 -18.73 -53.41 31.08
N LYS B 302 -18.55 -52.10 30.99
CA LYS B 302 -18.47 -51.25 32.17
C LYS B 302 -19.87 -50.90 32.68
N SER B 303 -20.31 -51.58 33.74
CA SER B 303 -21.66 -51.39 34.25
C SER B 303 -21.69 -50.43 35.45
N ASP C 15 3.94 -70.15 -8.05
CA ASP C 15 3.71 -69.65 -9.40
C ASP C 15 2.23 -69.56 -9.74
N VAL C 16 1.68 -70.57 -10.42
CA VAL C 16 0.23 -70.59 -10.64
C VAL C 16 -0.53 -71.49 -9.66
N ASP C 17 -1.71 -71.03 -9.25
CA ASP C 17 -2.59 -71.66 -8.26
C ASP C 17 -3.90 -70.84 -8.22
N PRO C 18 -4.93 -71.26 -7.43
CA PRO C 18 -6.29 -70.66 -7.46
C PRO C 18 -6.51 -69.40 -8.33
N PHE C 19 -6.45 -68.22 -7.73
CA PHE C 19 -6.63 -67.01 -8.51
C PHE C 19 -5.94 -65.83 -7.86
N TYR C 20 -5.19 -65.10 -8.67
CA TYR C 20 -4.41 -63.94 -8.25
C TYR C 20 -3.70 -63.39 -9.49
N TYR C 21 -2.95 -62.30 -9.35
CA TYR C 21 -2.21 -61.73 -10.48
C TYR C 21 -0.70 -61.63 -10.17
N ASP C 22 0.10 -62.21 -11.04
CA ASP C 22 1.55 -62.14 -10.92
C ASP C 22 2.01 -60.71 -11.13
N TYR C 23 2.35 -60.03 -10.03
CA TYR C 23 2.84 -58.65 -10.09
C TYR C 23 4.36 -58.63 -10.21
N GLU C 24 4.99 -59.78 -9.98
CA GLU C 24 6.45 -59.87 -10.06
C GLU C 24 6.96 -59.49 -11.44
N THR C 25 6.40 -60.09 -12.49
CA THR C 25 6.83 -59.86 -13.87
C THR C 25 6.37 -58.49 -14.39
N VAL C 26 5.13 -58.12 -14.09
CA VAL C 26 4.59 -56.83 -14.48
C VAL C 26 5.47 -55.70 -13.96
N ARG C 27 5.98 -55.89 -12.74
CA ARG C 27 6.83 -54.90 -12.08
C ARG C 27 8.22 -54.83 -12.70
N ASN C 28 8.82 -56.00 -12.94
CA ASN C 28 10.16 -56.06 -13.53
C ASN C 28 10.14 -55.69 -15.01
N GLY C 29 9.03 -55.97 -15.67
CA GLY C 29 8.83 -55.57 -17.05
C GLY C 29 8.73 -54.06 -17.18
N GLY C 30 8.11 -53.42 -16.20
CA GLY C 30 7.96 -51.98 -16.18
C GLY C 30 9.22 -51.24 -15.80
N LEU C 31 10.07 -51.89 -15.00
CA LEU C 31 11.35 -51.32 -14.61
C LEU C 31 12.32 -51.44 -15.75
N ILE C 32 12.21 -52.50 -16.54
CA ILE C 32 13.01 -52.63 -17.75
C ILE C 32 12.69 -51.47 -18.68
N PHE C 33 11.40 -51.14 -18.81
CA PHE C 33 11.01 -50.02 -19.63
C PHE C 33 11.51 -48.70 -19.06
N ALA C 34 11.36 -48.51 -17.75
CA ALA C 34 11.79 -47.27 -17.12
C ALA C 34 13.28 -47.02 -17.35
N ALA C 35 14.03 -48.11 -17.56
CA ALA C 35 15.46 -48.00 -17.85
C ALA C 35 15.69 -47.66 -19.31
N LEU C 36 14.83 -48.16 -20.19
CA LEU C 36 14.91 -47.80 -21.62
C LEU C 36 14.65 -46.31 -21.80
N ALA C 37 13.52 -45.85 -21.29
CA ALA C 37 13.13 -44.46 -21.40
C ALA C 37 14.22 -43.56 -20.81
N PHE C 38 14.62 -43.85 -19.58
CA PHE C 38 15.67 -43.10 -18.89
C PHE C 38 16.96 -43.02 -19.71
N ILE C 39 17.48 -44.17 -20.15
CA ILE C 39 18.77 -44.22 -20.85
C ILE C 39 18.68 -43.61 -22.25
N VAL C 40 17.72 -44.04 -23.06
CA VAL C 40 17.52 -43.44 -24.40
C VAL C 40 17.27 -41.94 -24.25
N GLY C 41 16.62 -41.56 -23.15
CA GLY C 41 16.36 -40.17 -22.87
C GLY C 41 17.65 -39.36 -22.72
N LEU C 42 18.64 -39.95 -22.08
CA LEU C 42 19.93 -39.27 -21.87
C LEU C 42 20.79 -39.29 -23.15
N ILE C 43 20.74 -40.41 -23.87
CA ILE C 43 21.54 -40.61 -25.07
C ILE C 43 21.18 -39.59 -26.16
N ILE C 44 19.90 -39.20 -26.19
CA ILE C 44 19.43 -38.20 -27.14
C ILE C 44 19.96 -36.82 -26.76
N ILE C 45 19.87 -36.49 -25.47
CA ILE C 45 20.28 -35.16 -25.01
C ILE C 45 21.80 -35.01 -24.96
N LEU C 46 22.52 -36.09 -25.30
CA LEU C 46 23.98 -36.08 -25.30
C LEU C 46 24.51 -36.60 -26.62
N SER C 47 23.62 -36.68 -27.62
CA SER C 47 23.98 -37.15 -28.95
C SER C 47 25.22 -36.45 -29.49
N LYS C 48 26.30 -37.21 -29.62
CA LYS C 48 27.55 -36.69 -30.12
C LYS C 48 27.51 -36.61 -31.64
N ARG D 23 9.12 8.97 -13.99
CA ARG D 23 7.88 8.81 -14.73
C ARG D 23 6.80 9.76 -14.21
N ASP D 24 6.12 10.46 -15.13
CA ASP D 24 5.08 11.41 -14.76
C ASP D 24 3.87 11.33 -15.72
N MET D 25 3.12 12.42 -15.82
CA MET D 25 1.94 12.46 -16.69
C MET D 25 1.93 13.70 -17.59
N ASP D 26 3.11 14.28 -17.81
CA ASP D 26 3.24 15.55 -18.54
C ASP D 26 2.68 15.44 -19.96
N GLU D 27 2.67 14.23 -20.51
CA GLU D 27 2.10 13.97 -21.83
C GLU D 27 0.57 14.14 -21.83
N LEU D 28 -0.08 13.53 -20.84
CA LEU D 28 -1.52 13.64 -20.67
C LEU D 28 -1.91 15.04 -20.20
N LYS D 29 -0.99 16.00 -20.33
CA LYS D 29 -1.25 17.40 -20.02
C LYS D 29 -1.01 18.20 -21.28
N LYS D 30 0.04 17.85 -22.02
CA LYS D 30 0.32 18.50 -23.28
C LYS D 30 -0.65 18.00 -24.34
N GLU D 31 -1.52 17.08 -23.94
CA GLU D 31 -2.54 16.56 -24.84
C GLU D 31 -3.46 17.70 -25.30
N VAL D 32 -4.19 18.29 -24.36
CA VAL D 32 -5.16 19.34 -24.67
C VAL D 32 -4.47 20.72 -24.64
N SER D 33 -3.62 20.97 -25.62
CA SER D 33 -2.95 22.25 -25.67
C SER D 33 -3.04 22.85 -27.07
N MET D 34 -2.73 24.14 -27.15
CA MET D 34 -2.88 24.92 -28.37
C MET D 34 -2.68 26.38 -28.01
N ASP D 35 -1.49 26.88 -28.29
CA ASP D 35 -1.19 28.26 -27.92
C ASP D 35 -0.72 29.12 -29.10
N ASP D 36 -0.34 30.34 -28.75
CA ASP D 36 0.07 31.40 -29.66
C ASP D 36 1.42 31.97 -29.17
N HIS D 37 2.26 31.08 -28.64
CA HIS D 37 3.61 31.42 -28.23
C HIS D 37 4.48 31.57 -29.45
N LYS D 38 3.88 31.31 -30.61
CA LYS D 38 4.57 31.38 -31.89
C LYS D 38 4.13 32.62 -32.68
N LEU D 39 3.08 33.27 -32.22
CA LEU D 39 2.58 34.45 -32.91
C LEU D 39 3.55 35.62 -32.83
N SER D 40 3.56 36.41 -33.90
CA SER D 40 4.39 37.60 -33.97
C SER D 40 3.80 38.63 -33.04
N LEU D 41 4.59 39.63 -32.67
CA LEU D 41 4.05 40.70 -31.85
C LEU D 41 2.94 41.47 -32.56
N ASP D 42 3.10 41.65 -33.87
CA ASP D 42 2.07 42.36 -34.63
C ASP D 42 0.85 41.44 -34.77
N GLU D 43 1.09 40.18 -35.06
CA GLU D 43 0.03 39.19 -35.11
C GLU D 43 -0.72 39.12 -33.77
N LEU D 44 0.04 39.03 -32.70
CA LEU D 44 -0.51 38.96 -31.34
C LEU D 44 -1.41 40.13 -31.03
N HIS D 45 -1.14 41.26 -31.66
CA HIS D 45 -1.88 42.47 -31.38
C HIS D 45 -3.21 42.37 -32.05
N ARG D 46 -3.18 42.03 -33.33
CA ARG D 46 -4.39 42.07 -34.13
C ARG D 46 -5.37 41.02 -33.64
N LYS D 47 -4.86 39.94 -33.06
CA LYS D 47 -5.72 38.87 -32.53
C LYS D 47 -6.53 39.25 -31.29
N TYR D 48 -5.85 39.77 -30.26
CA TYR D 48 -6.49 40.12 -28.98
C TYR D 48 -6.89 41.60 -28.96
N GLY D 49 -6.50 42.29 -30.03
CA GLY D 49 -6.89 43.67 -30.25
C GLY D 49 -6.21 44.67 -29.35
N THR D 50 -5.67 44.20 -28.24
CA THR D 50 -5.04 45.07 -27.25
C THR D 50 -3.81 45.80 -27.74
N ASP D 51 -3.81 47.12 -27.59
CA ASP D 51 -2.60 47.91 -27.84
C ASP D 51 -1.42 47.37 -27.03
N LEU D 52 -0.36 47.01 -27.74
CA LEU D 52 0.82 46.37 -27.14
C LEU D 52 1.51 47.18 -26.05
N SER D 53 1.22 48.47 -25.97
CA SER D 53 1.86 49.32 -25.00
C SER D 53 0.87 50.12 -24.17
N ARG D 54 -0.41 50.10 -24.54
CA ARG D 54 -1.38 50.88 -23.77
C ARG D 54 -2.56 50.02 -23.31
N GLY D 55 -2.50 48.72 -23.58
CA GLY D 55 -3.52 47.81 -23.14
C GLY D 55 -4.77 47.89 -23.97
N LEU D 56 -5.92 47.74 -23.35
CA LEU D 56 -7.15 47.94 -24.09
C LEU D 56 -7.99 48.98 -23.35
N THR D 57 -8.95 49.53 -24.08
CA THR D 57 -9.93 50.45 -23.51
C THR D 57 -10.76 49.80 -22.42
N PRO D 58 -11.00 50.52 -21.32
CA PRO D 58 -11.77 50.00 -20.19
C PRO D 58 -13.22 49.72 -20.59
N ALA D 59 -13.61 50.25 -21.73
CA ALA D 59 -14.87 49.89 -22.37
C ALA D 59 -14.82 48.43 -22.81
N ARG D 60 -13.74 48.07 -23.50
CA ARG D 60 -13.59 46.73 -24.04
C ARG D 60 -13.25 45.72 -22.97
N ALA D 61 -12.85 46.19 -21.80
CA ALA D 61 -12.52 45.26 -20.75
C ALA D 61 -13.81 44.70 -20.21
N ALA D 62 -14.70 45.61 -19.84
CA ALA D 62 -15.99 45.29 -19.26
C ALA D 62 -16.94 44.61 -20.25
N GLU D 63 -16.85 45.00 -21.52
CA GLU D 63 -17.64 44.30 -22.52
C GLU D 63 -17.25 42.83 -22.55
N ILE D 64 -15.96 42.56 -22.35
CA ILE D 64 -15.42 41.20 -22.35
C ILE D 64 -15.78 40.45 -21.07
N LEU D 65 -15.90 41.17 -19.96
CA LEU D 65 -16.25 40.51 -18.71
C LEU D 65 -17.69 40.01 -18.77
N ALA D 66 -18.56 40.84 -19.33
CA ALA D 66 -19.91 40.45 -19.67
C ALA D 66 -19.91 39.15 -20.45
N ARG D 67 -19.15 39.14 -21.53
CA ARG D 67 -18.99 37.95 -22.37
C ARG D 67 -18.41 36.72 -21.64
N ASP D 68 -17.14 36.80 -21.24
CA ASP D 68 -16.36 35.64 -20.78
C ASP D 68 -16.53 35.26 -19.30
N GLY D 69 -17.18 36.09 -18.52
CA GLY D 69 -17.37 35.79 -17.10
C GLY D 69 -16.16 36.16 -16.26
N PRO D 70 -16.14 35.74 -14.99
CA PRO D 70 -15.01 36.17 -14.17
C PRO D 70 -13.81 35.26 -14.36
N ASN D 71 -12.62 35.77 -14.03
CA ASN D 71 -11.40 34.97 -14.09
C ASN D 71 -11.23 34.18 -12.83
N ALA D 72 -11.76 32.95 -12.84
CA ALA D 72 -11.59 32.01 -11.74
C ALA D 72 -12.19 30.66 -12.10
N LEU D 73 -11.64 29.62 -11.50
CA LEU D 73 -12.13 28.27 -11.76
C LEU D 73 -13.53 28.16 -11.19
N THR D 74 -14.38 27.35 -11.81
CA THR D 74 -15.71 27.16 -11.27
C THR D 74 -15.68 25.96 -10.33
N PRO D 75 -16.40 26.05 -9.21
CA PRO D 75 -16.27 25.10 -8.09
C PRO D 75 -16.51 23.67 -8.52
N PRO D 76 -15.63 22.75 -8.12
CA PRO D 76 -15.85 21.34 -8.42
C PRO D 76 -16.65 20.67 -7.31
N PRO D 77 -17.98 20.54 -7.51
CA PRO D 77 -18.83 20.06 -6.41
C PRO D 77 -18.64 18.56 -6.13
N THR D 78 -17.68 18.21 -5.27
CA THR D 78 -17.25 16.81 -5.13
C THR D 78 -17.75 16.13 -3.85
N THR D 79 -18.18 16.90 -2.85
CA THR D 79 -18.70 16.30 -1.63
C THR D 79 -20.10 16.83 -1.28
N PRO D 80 -21.11 15.94 -1.34
CA PRO D 80 -22.49 16.21 -0.92
C PRO D 80 -22.69 15.90 0.56
N GLU D 81 -23.69 16.51 1.19
CA GLU D 81 -24.00 16.24 2.60
C GLU D 81 -24.31 14.78 2.87
N TRP D 82 -24.65 14.04 1.81
CA TRP D 82 -24.89 12.60 1.90
C TRP D 82 -23.61 11.89 2.32
N VAL D 83 -22.54 12.12 1.58
CA VAL D 83 -21.24 11.53 1.89
C VAL D 83 -20.76 11.99 3.27
N LYS D 84 -20.82 13.30 3.52
CA LYS D 84 -20.42 13.90 4.80
C LYS D 84 -21.01 13.19 6.03
N PHE D 85 -22.33 13.10 6.07
CA PHE D 85 -23.04 12.41 7.15
C PHE D 85 -22.49 11.01 7.39
N CYS D 86 -22.39 10.23 6.32
CA CYS D 86 -21.91 8.85 6.44
C CYS D 86 -20.46 8.77 6.92
N ARG D 87 -19.64 9.77 6.58
CA ARG D 87 -18.26 9.77 7.02
C ARG D 87 -18.19 9.79 8.56
N GLN D 88 -19.09 10.57 9.17
CA GLN D 88 -19.09 10.73 10.63
C GLN D 88 -19.79 9.57 11.32
N LEU D 89 -20.75 8.96 10.62
CA LEU D 89 -21.45 7.79 11.12
C LEU D 89 -20.56 6.57 11.10
N PHE D 90 -19.49 6.64 10.34
CA PHE D 90 -18.55 5.53 10.21
C PHE D 90 -17.12 6.01 10.44
N GLY D 91 -16.99 7.13 11.17
CA GLY D 91 -15.71 7.77 11.41
C GLY D 91 -14.81 7.08 12.42
N GLY D 92 -14.04 6.11 11.92
CA GLY D 92 -13.15 5.32 12.76
C GLY D 92 -13.87 4.60 13.88
N PHE D 93 -14.01 5.30 15.00
CA PHE D 93 -14.59 4.69 16.18
C PHE D 93 -16.07 4.44 16.01
N SER D 94 -16.76 5.39 15.37
CA SER D 94 -18.19 5.27 15.15
C SER D 94 -18.56 3.96 14.46
N MET D 95 -17.71 3.51 13.55
CA MET D 95 -17.92 2.24 12.85
C MET D 95 -17.62 1.01 13.72
N LEU D 96 -16.64 1.14 14.60
CA LEU D 96 -16.28 0.06 15.52
C LEU D 96 -17.42 -0.18 16.51
N LEU D 97 -18.22 0.87 16.71
CA LEU D 97 -19.41 0.82 17.55
C LEU D 97 -20.59 0.26 16.76
N TRP D 98 -20.51 0.39 15.45
CA TRP D 98 -21.53 -0.17 14.57
C TRP D 98 -21.47 -1.69 14.58
N ILE D 99 -20.25 -2.24 14.52
CA ILE D 99 -20.01 -3.69 14.60
C ILE D 99 -20.76 -4.28 15.78
N GLY D 100 -20.58 -3.69 16.94
CA GLY D 100 -21.32 -4.08 18.12
C GLY D 100 -22.82 -3.91 17.98
N ALA D 101 -23.26 -2.81 17.40
CA ALA D 101 -24.70 -2.55 17.21
C ALA D 101 -25.34 -3.65 16.36
N ILE D 102 -24.56 -4.20 15.43
CA ILE D 102 -25.00 -5.34 14.60
C ILE D 102 -25.02 -6.63 15.40
N LEU D 103 -23.90 -6.90 16.07
CA LEU D 103 -23.72 -8.12 16.84
C LEU D 103 -24.77 -8.22 17.93
N CYS D 104 -25.26 -7.08 18.41
CA CYS D 104 -26.35 -7.05 19.38
C CYS D 104 -27.68 -7.46 18.73
N PHE D 105 -28.00 -6.86 17.58
CA PHE D 105 -29.20 -7.24 16.85
C PHE D 105 -29.13 -8.71 16.42
N LEU D 106 -27.95 -9.11 15.96
CA LEU D 106 -27.70 -10.48 15.52
C LEU D 106 -27.91 -11.49 16.65
N ALA D 107 -27.24 -11.26 17.78
CA ALA D 107 -27.37 -12.13 18.94
C ALA D 107 -28.81 -12.23 19.41
N TYR D 108 -29.56 -11.12 19.29
CA TYR D 108 -30.96 -11.12 19.71
C TYR D 108 -31.82 -11.98 18.81
N GLY D 109 -31.48 -12.01 17.52
CA GLY D 109 -32.15 -12.89 16.59
C GLY D 109 -31.99 -14.34 17.02
N ILE D 110 -30.74 -14.74 17.27
CA ILE D 110 -30.40 -16.09 17.74
C ILE D 110 -31.22 -16.47 18.96
N GLN D 111 -31.31 -15.54 19.91
CA GLN D 111 -32.03 -15.74 21.16
C GLN D 111 -33.54 -15.86 20.97
N ALA D 112 -34.10 -15.16 19.99
CA ALA D 112 -35.54 -15.18 19.74
C ALA D 112 -35.94 -16.40 18.92
N ALA D 113 -34.93 -17.09 18.39
CA ALA D 113 -35.16 -18.27 17.57
C ALA D 113 -34.86 -19.56 18.33
N THR D 114 -33.77 -19.55 19.09
CA THR D 114 -33.35 -20.72 19.84
C THR D 114 -34.00 -20.79 21.22
N GLU D 115 -35.06 -20.00 21.41
CA GLU D 115 -35.65 -19.85 22.75
C GLU D 115 -37.06 -19.28 22.70
N GLU D 116 -37.60 -18.98 23.88
CA GLU D 116 -38.89 -18.32 24.02
C GLU D 116 -38.76 -17.11 24.93
N GLU D 117 -39.10 -15.94 24.39
CA GLU D 117 -39.04 -14.67 25.12
C GLU D 117 -37.68 -14.48 25.80
N PRO D 118 -36.63 -14.32 24.99
CA PRO D 118 -35.29 -14.27 25.56
C PRO D 118 -35.02 -12.97 26.30
N GLN D 119 -33.75 -12.67 26.52
CA GLN D 119 -33.39 -11.43 27.20
C GLN D 119 -33.42 -10.24 26.25
N ASN D 120 -34.21 -9.23 26.61
CA ASN D 120 -34.30 -8.01 25.82
C ASN D 120 -33.08 -7.12 26.01
N ASP D 121 -32.11 -7.61 26.78
CA ASP D 121 -30.83 -6.92 26.97
C ASP D 121 -30.18 -6.59 25.62
N ASN D 122 -30.09 -7.58 24.75
CA ASN D 122 -29.38 -7.44 23.49
C ASN D 122 -30.12 -6.61 22.45
N LEU D 123 -31.45 -6.68 22.46
CA LEU D 123 -32.27 -5.85 21.59
C LEU D 123 -32.06 -4.36 21.85
N TYR D 124 -32.27 -3.96 23.10
CA TYR D 124 -32.12 -2.57 23.51
C TYR D 124 -30.70 -2.09 23.34
N LEU D 125 -29.75 -2.99 23.56
CA LEU D 125 -28.33 -2.65 23.42
C LEU D 125 -28.03 -2.32 21.97
N GLY D 126 -28.63 -3.07 21.05
CA GLY D 126 -28.53 -2.76 19.64
C GLY D 126 -29.20 -1.45 19.31
N VAL D 127 -30.36 -1.22 19.92
CA VAL D 127 -31.09 0.04 19.77
C VAL D 127 -30.31 1.21 20.34
N VAL D 128 -29.86 1.10 21.59
CA VAL D 128 -29.13 2.17 22.25
C VAL D 128 -27.74 2.41 21.62
N LEU D 129 -27.00 1.33 21.35
CA LEU D 129 -25.68 1.45 20.72
C LEU D 129 -25.76 2.16 19.38
N SER D 130 -26.69 1.74 18.56
CA SER D 130 -26.89 2.35 17.25
C SER D 130 -27.35 3.80 17.39
N ALA D 131 -28.21 4.06 18.36
CA ALA D 131 -28.71 5.39 18.60
C ALA D 131 -27.58 6.37 18.90
N VAL D 132 -26.57 5.90 19.63
CA VAL D 132 -25.44 6.74 20.02
C VAL D 132 -24.63 7.19 18.82
N VAL D 133 -24.17 6.21 18.04
CA VAL D 133 -23.37 6.46 16.85
C VAL D 133 -24.01 7.50 15.94
N ILE D 134 -25.34 7.47 15.88
CA ILE D 134 -26.09 8.45 15.11
C ILE D 134 -25.97 9.83 15.73
N ILE D 135 -26.34 9.93 17.01
CA ILE D 135 -26.31 11.22 17.71
C ILE D 135 -24.93 11.87 17.62
N THR D 136 -23.89 11.06 17.79
CA THR D 136 -22.51 11.52 17.62
C THR D 136 -22.27 12.03 16.22
N GLY D 137 -22.70 11.26 15.23
CA GLY D 137 -22.56 11.65 13.83
C GLY D 137 -23.20 12.99 13.56
N CYS D 138 -24.45 13.16 14.00
CA CYS D 138 -25.18 14.41 13.85
C CYS D 138 -24.41 15.58 14.41
N PHE D 139 -23.75 15.35 15.54
CA PHE D 139 -22.99 16.38 16.21
C PHE D 139 -21.68 16.70 15.48
N SER D 140 -20.88 15.67 15.19
CA SER D 140 -19.59 15.87 14.53
C SER D 140 -19.76 16.53 13.16
N TYR D 141 -20.83 16.17 12.45
CA TYR D 141 -21.11 16.74 11.14
C TYR D 141 -21.50 18.22 11.25
N TYR D 142 -22.32 18.55 12.23
CA TYR D 142 -22.82 19.91 12.42
C TYR D 142 -21.69 20.88 12.75
N GLN D 143 -20.69 20.40 13.49
CA GLN D 143 -19.54 21.24 13.86
C GLN D 143 -18.58 21.43 12.68
N GLU D 144 -18.57 20.48 11.74
CA GLU D 144 -17.75 20.60 10.54
C GLU D 144 -18.41 21.58 9.57
N ALA D 145 -19.73 21.69 9.66
CA ALA D 145 -20.46 22.69 8.91
C ALA D 145 -20.11 24.06 9.47
N LYS D 146 -20.07 24.15 10.79
CA LYS D 146 -19.63 25.37 11.48
C LYS D 146 -18.23 25.74 11.00
N SER D 147 -17.28 24.85 11.26
CA SER D 147 -15.87 25.07 10.95
C SER D 147 -15.58 25.38 9.48
N SER D 148 -16.24 24.65 8.57
CA SER D 148 -16.03 24.85 7.13
C SER D 148 -16.64 26.16 6.63
N LYS D 149 -17.87 26.44 7.01
CA LYS D 149 -18.55 27.65 6.55
C LYS D 149 -17.91 28.92 7.12
N ILE D 150 -17.35 28.82 8.32
CA ILE D 150 -16.59 29.93 8.90
C ILE D 150 -15.29 30.17 8.14
N MET D 151 -14.53 29.10 7.93
CA MET D 151 -13.22 29.16 7.24
C MET D 151 -13.37 29.66 5.80
N GLU D 152 -14.57 29.51 5.23
CA GLU D 152 -14.81 29.87 3.84
C GLU D 152 -15.38 31.28 3.66
N SER D 153 -16.09 31.79 4.67
CA SER D 153 -16.53 33.20 4.66
C SER D 153 -15.33 34.14 4.80
N PHE D 154 -14.14 33.58 4.59
CA PHE D 154 -12.85 34.21 4.85
C PHE D 154 -11.98 34.31 3.60
N LYS D 155 -12.02 33.28 2.75
CA LYS D 155 -11.29 33.25 1.49
C LYS D 155 -11.72 34.40 0.59
N ASN D 156 -12.97 34.83 0.74
CA ASN D 156 -13.53 35.97 0.00
C ASN D 156 -13.22 37.32 0.66
N MET D 157 -12.15 37.35 1.46
CA MET D 157 -11.70 38.59 2.08
C MET D 157 -10.28 38.94 1.61
N VAL D 158 -9.61 37.97 1.00
CA VAL D 158 -8.33 38.21 0.35
C VAL D 158 -8.49 38.20 -1.17
N PRO D 159 -8.99 39.31 -1.75
CA PRO D 159 -9.07 39.32 -3.21
C PRO D 159 -7.66 39.40 -3.82
N GLN D 160 -7.12 38.24 -4.16
CA GLN D 160 -5.84 38.13 -4.85
C GLN D 160 -5.88 39.13 -5.98
N GLN D 161 -4.91 40.03 -6.00
CA GLN D 161 -4.94 41.16 -6.91
C GLN D 161 -4.20 40.87 -8.23
N ALA D 162 -4.51 41.64 -9.27
CA ALA D 162 -3.74 41.60 -10.51
C ALA D 162 -3.47 43.03 -10.94
N LEU D 163 -2.36 43.25 -11.63
CA LEU D 163 -2.00 44.60 -12.06
C LEU D 163 -2.09 44.66 -13.56
N VAL D 164 -2.98 45.50 -14.07
CA VAL D 164 -3.18 45.55 -15.51
C VAL D 164 -2.99 46.97 -16.01
N ILE D 165 -2.63 47.06 -17.28
CA ILE D 165 -2.51 48.35 -17.93
C ILE D 165 -3.68 48.50 -18.88
N ARG D 166 -4.73 49.13 -18.40
CA ARG D 166 -5.88 49.40 -19.25
C ARG D 166 -5.82 50.87 -19.64
N ASN D 167 -5.90 51.15 -20.94
CA ASN D 167 -5.91 52.50 -21.48
C ASN D 167 -4.91 53.47 -20.84
N GLY D 168 -3.69 53.49 -21.35
CA GLY D 168 -2.69 54.43 -20.87
C GLY D 168 -2.05 54.06 -19.55
N GLU D 169 -2.75 54.33 -18.45
CA GLU D 169 -2.21 54.08 -17.12
C GLU D 169 -2.35 52.63 -16.69
N LYS D 170 -1.98 52.34 -15.45
CA LYS D 170 -2.14 51.01 -14.88
C LYS D 170 -3.01 51.08 -13.62
N MET D 171 -3.71 49.99 -13.32
CA MET D 171 -4.58 49.92 -12.16
C MET D 171 -4.54 48.48 -11.62
N SER D 172 -4.58 48.33 -10.30
CA SER D 172 -4.60 47.00 -9.71
C SER D 172 -6.04 46.65 -9.39
N ILE D 173 -6.48 45.52 -9.93
CA ILE D 173 -7.86 45.10 -9.79
C ILE D 173 -7.92 43.67 -9.29
N ASN D 174 -9.07 43.31 -8.74
CA ASN D 174 -9.33 41.93 -8.37
C ASN D 174 -9.09 41.01 -9.56
N ALA D 175 -8.35 39.93 -9.34
CA ALA D 175 -7.95 39.01 -10.42
C ALA D 175 -9.14 38.54 -11.25
N GLU D 176 -10.26 38.31 -10.58
CA GLU D 176 -11.49 37.87 -11.24
C GLU D 176 -11.87 38.83 -12.37
N GLU D 177 -11.44 40.08 -12.28
CA GLU D 177 -11.89 41.09 -13.21
C GLU D 177 -10.99 41.18 -14.43
N VAL D 178 -10.01 40.27 -14.52
CA VAL D 178 -9.07 40.27 -15.64
C VAL D 178 -9.73 39.59 -16.83
N VAL D 179 -9.58 40.19 -18.01
CA VAL D 179 -10.17 39.58 -19.20
C VAL D 179 -9.11 39.16 -20.19
N VAL D 180 -9.53 38.36 -21.17
CA VAL D 180 -8.63 37.95 -22.21
C VAL D 180 -8.14 39.17 -22.91
N GLY D 181 -6.86 39.22 -23.19
CA GLY D 181 -6.35 40.33 -23.95
C GLY D 181 -5.59 41.36 -23.14
N ASP D 182 -6.21 42.03 -22.17
CA ASP D 182 -5.50 43.14 -21.50
C ASP D 182 -4.18 42.61 -20.95
N LEU D 183 -3.15 43.47 -20.97
CA LEU D 183 -1.81 43.05 -20.61
C LEU D 183 -1.62 43.19 -19.11
N VAL D 184 -0.95 42.19 -18.55
CA VAL D 184 -0.61 42.13 -17.14
C VAL D 184 0.82 42.59 -16.92
N GLU D 185 1.11 43.11 -15.73
CA GLU D 185 2.49 43.32 -15.33
C GLU D 185 2.77 42.56 -14.06
N VAL D 186 3.60 41.55 -14.18
CA VAL D 186 3.99 40.80 -13.02
C VAL D 186 5.40 41.21 -12.65
N LYS D 187 5.72 41.07 -11.37
CA LYS D 187 7.06 41.35 -10.85
C LYS D 187 7.42 40.25 -9.89
N GLY D 188 8.56 40.40 -9.22
CA GLY D 188 8.97 39.44 -8.22
C GLY D 188 8.00 39.38 -7.08
N GLY D 189 7.57 38.17 -6.73
CA GLY D 189 6.67 38.01 -5.60
C GLY D 189 5.19 37.95 -5.98
N ASP D 190 4.89 38.16 -7.26
CA ASP D 190 3.52 38.14 -7.73
C ASP D 190 3.13 36.76 -8.16
N ARG D 191 1.84 36.43 -7.97
CA ARG D 191 1.28 35.24 -8.56
C ARG D 191 0.67 35.57 -9.93
N ILE D 192 1.06 34.81 -10.95
CA ILE D 192 0.59 35.02 -12.33
C ILE D 192 -0.92 34.79 -12.51
N PRO D 193 -1.67 35.86 -12.84
CA PRO D 193 -3.13 35.96 -12.77
C PRO D 193 -3.92 35.17 -13.83
N ALA D 194 -3.39 35.11 -15.05
CA ALA D 194 -3.96 34.28 -16.10
C ALA D 194 -2.85 33.65 -16.94
N ASP D 195 -3.22 32.87 -17.95
CA ASP D 195 -2.20 32.32 -18.82
C ASP D 195 -1.79 33.45 -19.75
N LEU D 196 -0.48 33.65 -19.86
CA LEU D 196 0.12 34.89 -20.36
C LEU D 196 1.17 34.72 -21.42
N ARG D 197 0.88 35.13 -22.63
CA ARG D 197 1.96 35.32 -23.57
C ARG D 197 2.78 36.54 -23.20
N ILE D 198 4.10 36.36 -23.10
CA ILE D 198 4.96 37.46 -22.72
C ILE D 198 5.22 38.39 -23.88
N ILE D 199 5.03 39.67 -23.61
CA ILE D 199 5.35 40.73 -24.53
C ILE D 199 6.80 41.22 -24.28
N SER D 200 7.15 41.42 -23.01
CA SER D 200 8.42 42.03 -22.63
C SER D 200 8.88 41.59 -21.25
N ALA D 201 10.15 41.25 -21.10
CA ALA D 201 10.64 40.85 -19.79
C ALA D 201 12.04 41.32 -19.51
N ASN D 202 12.26 41.77 -18.28
CA ASN D 202 13.59 41.98 -17.75
C ASN D 202 13.92 40.92 -16.72
N GLY D 203 14.64 39.89 -17.15
CA GLY D 203 15.22 38.89 -16.26
C GLY D 203 14.23 38.24 -15.32
N CYS D 204 13.12 37.79 -15.89
CA CYS D 204 12.07 37.22 -15.08
C CYS D 204 12.30 35.75 -14.83
N LYS D 205 11.98 35.30 -13.63
CA LYS D 205 12.01 33.89 -13.32
C LYS D 205 10.72 33.51 -12.62
N VAL D 206 10.20 32.33 -12.94
CA VAL D 206 8.87 31.96 -12.48
C VAL D 206 8.83 30.57 -11.83
N ASP D 207 7.94 30.39 -10.87
CA ASP D 207 7.82 29.13 -10.13
C ASP D 207 6.80 28.23 -10.81
N ASN D 208 7.27 27.48 -11.81
CA ASN D 208 6.44 26.51 -12.53
C ASN D 208 6.26 25.21 -11.73
N SER D 209 6.61 25.24 -10.45
CA SER D 209 6.51 24.08 -9.58
C SER D 209 5.12 23.46 -9.62
N SER D 210 4.11 24.30 -9.50
CA SER D 210 2.72 23.84 -9.47
C SER D 210 2.23 23.19 -10.77
N LEU D 211 3.16 22.80 -11.64
CA LEU D 211 2.84 22.29 -12.95
C LEU D 211 3.90 21.27 -13.35
N THR D 212 5.07 21.38 -12.71
CA THR D 212 6.26 20.61 -13.07
C THR D 212 7.09 20.09 -11.90
N GLY D 213 6.56 20.13 -10.68
CA GLY D 213 7.31 19.69 -9.51
C GLY D 213 8.48 20.56 -9.10
N GLU D 214 9.62 20.41 -9.79
CA GLU D 214 10.85 21.14 -9.46
C GLU D 214 10.58 22.64 -9.32
N SER D 215 10.80 23.13 -8.10
CA SER D 215 10.55 24.52 -7.78
C SER D 215 11.76 25.38 -8.15
N GLU D 216 12.70 24.79 -8.88
CA GLU D 216 13.80 25.55 -9.47
C GLU D 216 13.20 26.57 -10.43
N PRO D 217 13.54 27.86 -10.22
CA PRO D 217 12.98 28.93 -11.03
C PRO D 217 13.28 28.74 -12.50
N GLN D 218 12.29 28.95 -13.36
CA GLN D 218 12.51 28.93 -14.79
C GLN D 218 12.47 30.36 -15.29
N THR D 219 13.22 30.68 -16.36
CA THR D 219 13.20 32.04 -16.86
C THR D 219 12.11 32.25 -17.92
N ARG D 220 11.59 33.47 -18.02
CA ARG D 220 10.64 33.80 -19.07
C ARG D 220 11.16 34.95 -19.91
N SER D 221 11.21 34.73 -21.22
CA SER D 221 11.49 35.79 -22.16
C SER D 221 10.31 35.87 -23.12
N PRO D 222 10.24 36.92 -23.94
CA PRO D 222 9.22 36.94 -24.99
C PRO D 222 9.57 35.96 -26.11
N ASP D 223 10.86 35.64 -26.23
CA ASP D 223 11.36 34.84 -27.34
C ASP D 223 10.70 33.47 -27.41
N PHE D 224 10.35 33.03 -28.62
CA PHE D 224 9.80 31.69 -28.80
C PHE D 224 10.91 30.66 -28.75
N THR D 225 10.76 29.67 -27.88
CA THR D 225 11.85 28.74 -27.61
C THR D 225 11.52 27.26 -27.77
N ASN D 226 10.25 26.88 -27.76
CA ASN D 226 9.93 25.46 -27.97
C ASN D 226 8.53 25.22 -28.49
N GLU D 227 8.39 24.36 -29.49
CA GLU D 227 7.09 24.09 -30.12
C GLU D 227 6.05 23.67 -29.07
N ASN D 228 6.49 23.00 -28.01
CA ASN D 228 5.61 22.69 -26.88
C ASN D 228 5.39 23.93 -26.02
N PRO D 229 4.14 24.35 -25.89
CA PRO D 229 3.77 25.56 -25.16
C PRO D 229 4.15 25.50 -23.70
N LEU D 230 4.19 24.31 -23.12
CA LEU D 230 4.53 24.19 -21.71
C LEU D 230 5.98 24.53 -21.50
N GLU D 231 6.79 24.16 -22.49
CA GLU D 231 8.25 24.26 -22.41
C GLU D 231 8.77 25.66 -22.70
N THR D 232 8.17 26.31 -23.71
CA THR D 232 8.66 27.59 -24.18
C THR D 232 8.69 28.64 -23.06
N ARG D 233 9.56 29.63 -23.23
CA ARG D 233 9.79 30.62 -22.19
C ARG D 233 8.85 31.83 -22.26
N ASN D 234 8.01 31.90 -23.28
CA ASN D 234 7.17 33.07 -23.43
C ASN D 234 5.74 32.87 -22.98
N ILE D 235 5.51 31.85 -22.18
CA ILE D 235 4.20 31.69 -21.60
C ILE D 235 4.26 31.55 -20.08
N ALA D 236 3.64 32.49 -19.38
CA ALA D 236 3.47 32.40 -17.94
C ALA D 236 2.16 31.70 -17.63
N PHE D 237 2.20 30.61 -16.88
CA PHE D 237 0.97 29.90 -16.63
C PHE D 237 0.29 30.42 -15.41
N PHE D 238 -1.02 30.20 -15.37
CA PHE D 238 -1.84 30.56 -14.23
C PHE D 238 -1.40 29.70 -13.06
N SER D 239 -1.65 30.16 -11.85
CA SER D 239 -1.24 29.48 -10.61
C SER D 239 0.27 29.27 -10.42
N THR D 240 1.07 29.76 -11.36
CA THR D 240 2.51 29.74 -11.22
C THR D 240 2.79 31.14 -10.74
N ASN D 241 3.78 31.32 -9.89
CA ASN D 241 4.11 32.68 -9.43
C ASN D 241 5.55 33.06 -9.75
N CYS D 242 5.77 34.27 -10.25
CA CYS D 242 7.11 34.68 -10.59
C CYS D 242 7.93 34.99 -9.34
N VAL D 243 9.08 34.35 -9.20
CA VAL D 243 9.89 34.59 -8.01
C VAL D 243 10.52 35.97 -8.07
N GLU D 244 11.32 36.25 -9.10
CA GLU D 244 11.90 37.58 -9.22
C GLU D 244 12.16 38.03 -10.66
N GLY D 245 12.35 39.33 -10.83
CA GLY D 245 12.42 39.92 -12.15
C GLY D 245 11.19 40.76 -12.45
N THR D 246 10.81 40.82 -13.72
CA THR D 246 9.65 41.59 -14.12
C THR D 246 9.29 41.22 -15.55
N ALA D 247 8.02 41.39 -15.91
CA ALA D 247 7.56 41.02 -17.23
C ALA D 247 6.18 41.55 -17.48
N ARG D 248 5.89 41.87 -18.73
CA ARG D 248 4.54 42.22 -19.17
C ARG D 248 4.05 41.21 -20.16
N GLY D 249 2.94 40.58 -19.83
CA GLY D 249 2.31 39.59 -20.68
C GLY D 249 1.07 40.09 -21.38
N ILE D 250 0.47 39.21 -22.17
CA ILE D 250 -0.88 39.44 -22.68
C ILE D 250 -1.75 38.23 -22.36
N VAL D 251 -2.89 38.45 -21.70
CA VAL D 251 -3.79 37.35 -21.29
C VAL D 251 -4.37 36.58 -22.44
N VAL D 252 -4.27 35.26 -22.38
CA VAL D 252 -4.71 34.41 -23.45
C VAL D 252 -5.75 33.39 -22.97
N TYR D 253 -5.86 33.28 -21.64
CA TYR D 253 -6.68 32.24 -21.06
C TYR D 253 -7.23 32.60 -19.68
N THR D 254 -8.49 33.03 -19.63
CA THR D 254 -9.15 33.30 -18.36
C THR D 254 -9.73 32.03 -17.80
N GLY D 255 -10.39 32.16 -16.65
CA GLY D 255 -11.18 31.11 -16.03
C GLY D 255 -10.80 29.65 -16.24
N ASP D 256 -11.80 28.81 -16.51
CA ASP D 256 -11.60 27.38 -16.68
C ASP D 256 -10.85 27.04 -17.98
N ARG D 257 -10.39 28.06 -18.69
CA ARG D 257 -9.70 27.88 -19.97
C ARG D 257 -8.18 27.83 -19.85
N THR D 258 -7.65 28.35 -18.75
CA THR D 258 -6.23 28.23 -18.46
C THR D 258 -5.78 26.79 -18.42
N VAL D 259 -4.49 26.56 -18.59
CA VAL D 259 -3.95 25.22 -18.50
C VAL D 259 -4.14 24.58 -17.11
N MET D 260 -4.26 25.41 -16.08
CA MET D 260 -4.41 24.88 -14.73
C MET D 260 -5.87 24.71 -14.29
N GLY D 261 -6.77 25.26 -15.09
CA GLY D 261 -8.18 25.02 -14.90
C GLY D 261 -8.56 23.77 -15.65
N ARG D 262 -7.87 23.53 -16.76
CA ARG D 262 -8.10 22.35 -17.59
C ARG D 262 -7.81 21.08 -16.82
N ILE D 263 -6.87 21.16 -15.88
CA ILE D 263 -6.55 19.97 -15.09
C ILE D 263 -7.68 19.64 -14.12
N ALA D 264 -8.27 18.48 -14.34
CA ALA D 264 -9.33 17.96 -13.49
C ALA D 264 -8.76 16.90 -12.55
N THR D 265 -7.70 17.25 -11.80
CA THR D 265 -7.06 16.34 -10.87
C THR D 265 -6.69 16.85 -9.48
N LEU D 266 -5.60 17.60 -9.38
CA LEU D 266 -5.26 18.28 -8.13
C LEU D 266 -5.15 19.78 -8.39
N ALA D 267 -6.00 20.24 -9.33
CA ALA D 267 -6.12 21.64 -9.79
C ALA D 267 -5.14 22.66 -9.18
N SER D 268 -5.41 23.07 -7.94
CA SER D 268 -4.55 23.98 -7.18
C SER D 268 -4.74 23.74 -5.69
N GLY D 269 -5.35 22.59 -5.36
CA GLY D 269 -5.66 22.22 -3.99
C GLY D 269 -5.13 20.86 -3.56
N LEU D 270 -3.84 20.65 -3.80
CA LEU D 270 -3.13 19.47 -3.30
C LEU D 270 -2.98 19.56 -1.78
N GLU D 271 -3.27 18.46 -1.07
CA GLU D 271 -3.10 18.44 0.39
C GLU D 271 -2.26 17.24 0.85
N GLY D 272 -1.16 17.57 1.54
CA GLY D 272 -0.24 16.57 2.07
C GLY D 272 0.58 17.05 3.25
N GLY D 273 -0.02 17.85 4.14
CA GLY D 273 0.65 18.31 5.33
C GLY D 273 0.06 17.71 6.61
N GLN D 274 0.87 16.94 7.33
CA GLN D 274 0.41 16.34 8.57
C GLN D 274 1.10 16.97 9.78
N THR D 275 0.37 17.85 10.47
CA THR D 275 0.89 18.55 11.65
C THR D 275 1.29 17.60 12.76
N PRO D 276 2.28 18.00 13.60
CA PRO D 276 2.77 17.11 14.67
C PRO D 276 1.69 16.72 15.66
N ILE D 277 0.74 17.61 15.91
CA ILE D 277 -0.30 17.31 16.88
C ILE D 277 -1.20 16.21 16.38
N ALA D 278 -1.56 16.28 15.09
CA ALA D 278 -2.40 15.26 14.48
C ALA D 278 -1.71 13.91 14.51
N ALA D 279 -0.38 13.94 14.50
CA ALA D 279 0.40 12.70 14.58
C ALA D 279 0.29 12.12 15.97
N GLU D 280 0.45 12.96 16.98
CA GLU D 280 0.33 12.51 18.37
C GLU D 280 -1.10 12.04 18.68
N ILE D 281 -2.10 12.83 18.31
CA ILE D 281 -3.51 12.41 18.45
C ILE D 281 -3.74 11.04 17.83
N GLU D 282 -3.44 10.92 16.54
CA GLU D 282 -3.59 9.68 15.80
C GLU D 282 -2.86 8.52 16.46
N HIS D 283 -1.53 8.67 16.63
CA HIS D 283 -0.67 7.66 17.28
C HIS D 283 -1.27 7.09 18.55
N PHE D 284 -1.69 7.98 19.45
CA PHE D 284 -2.39 7.59 20.65
C PHE D 284 -3.57 6.69 20.32
N ILE D 285 -4.46 7.18 19.46
CA ILE D 285 -5.73 6.51 19.13
C ILE D 285 -5.47 5.05 18.77
N HIS D 286 -4.33 4.76 18.16
CA HIS D 286 -3.95 3.39 17.87
C HIS D 286 -3.70 2.58 19.14
N ILE D 287 -2.64 2.92 19.87
CA ILE D 287 -2.22 2.19 21.07
C ILE D 287 -3.34 1.94 22.08
N ILE D 288 -4.12 2.97 22.35
CA ILE D 288 -5.17 2.84 23.33
C ILE D 288 -6.27 1.94 22.76
N THR D 289 -6.51 2.03 21.46
CA THR D 289 -7.42 1.10 20.80
C THR D 289 -6.77 -0.26 20.86
N GLY D 290 -5.45 -0.26 20.72
CA GLY D 290 -4.68 -1.48 20.83
C GLY D 290 -4.99 -2.22 22.12
N VAL D 291 -4.67 -1.60 23.26
CA VAL D 291 -4.88 -2.25 24.54
C VAL D 291 -6.37 -2.52 24.75
N ALA D 292 -7.22 -1.66 24.21
CA ALA D 292 -8.67 -1.81 24.37
C ALA D 292 -9.15 -3.11 23.73
N VAL D 293 -8.45 -3.56 22.72
CA VAL D 293 -8.81 -4.80 22.04
C VAL D 293 -8.07 -5.95 22.68
N PHE D 294 -6.88 -5.66 23.21
CA PHE D 294 -6.08 -6.65 23.92
C PHE D 294 -6.87 -7.10 25.14
N LEU D 295 -7.32 -6.13 25.94
CA LEU D 295 -8.11 -6.45 27.12
C LEU D 295 -9.44 -7.06 26.73
N GLY D 296 -9.92 -6.75 25.52
CA GLY D 296 -11.15 -7.31 25.03
C GLY D 296 -11.10 -8.83 24.91
N VAL D 297 -10.07 -9.30 24.21
CA VAL D 297 -9.92 -10.74 23.97
C VAL D 297 -9.25 -11.44 25.13
N SER D 298 -8.64 -10.66 26.03
CA SER D 298 -8.15 -11.22 27.28
C SER D 298 -9.35 -11.74 28.03
N PHE D 299 -10.30 -10.84 28.23
CA PHE D 299 -11.50 -11.16 28.99
C PHE D 299 -12.35 -12.14 28.23
N PHE D 300 -12.23 -12.13 26.91
CA PHE D 300 -13.08 -13.01 26.13
C PHE D 300 -12.73 -14.48 26.32
N ILE D 301 -11.44 -14.81 26.39
CA ILE D 301 -11.07 -16.19 26.65
C ILE D 301 -11.31 -16.50 28.14
N LEU D 302 -11.15 -15.50 29.01
CA LEU D 302 -11.41 -15.68 30.44
C LEU D 302 -12.90 -15.91 30.72
N SER D 303 -13.75 -15.06 30.16
CA SER D 303 -15.19 -15.24 30.28
C SER D 303 -15.59 -16.64 29.81
N LEU D 304 -15.05 -17.06 28.66
CA LEU D 304 -15.34 -18.40 28.14
C LEU D 304 -14.76 -19.52 29.02
N ILE D 305 -13.67 -19.26 29.73
CA ILE D 305 -13.20 -20.19 30.76
C ILE D 305 -14.29 -20.32 31.82
N LEU D 306 -14.83 -19.17 32.23
CA LEU D 306 -15.88 -19.11 33.23
C LEU D 306 -17.21 -19.70 32.74
N GLU D 307 -17.13 -20.48 31.66
CA GLU D 307 -18.29 -21.15 31.05
C GLU D 307 -19.38 -20.17 30.65
N TYR D 308 -19.00 -18.90 30.52
CA TYR D 308 -19.93 -17.85 30.14
C TYR D 308 -20.68 -18.26 28.87
N THR D 309 -21.92 -17.81 28.75
CA THR D 309 -22.73 -18.10 27.57
C THR D 309 -22.09 -17.48 26.32
N TRP D 310 -21.92 -18.28 25.27
CA TRP D 310 -21.21 -17.86 24.07
C TRP D 310 -21.72 -16.55 23.46
N LEU D 311 -23.04 -16.43 23.30
CA LEU D 311 -23.63 -15.24 22.71
C LEU D 311 -23.40 -13.98 23.56
N GLU D 312 -23.49 -14.11 24.87
CA GLU D 312 -23.22 -12.99 25.79
C GLU D 312 -21.72 -12.70 25.88
N ALA D 313 -20.92 -13.75 25.68
CA ALA D 313 -19.47 -13.62 25.79
C ALA D 313 -18.90 -12.62 24.78
N VAL D 314 -19.51 -12.53 23.59
CA VAL D 314 -19.07 -11.55 22.59
C VAL D 314 -19.72 -10.19 22.80
N ILE D 315 -20.91 -10.18 23.38
CA ILE D 315 -21.55 -8.94 23.76
C ILE D 315 -20.69 -8.29 24.84
N PHE D 316 -20.14 -9.13 25.72
CA PHE D 316 -19.17 -8.68 26.72
C PHE D 316 -17.95 -8.07 26.03
N LEU D 317 -17.44 -8.78 25.03
CA LEU D 317 -16.29 -8.32 24.26
C LEU D 317 -16.58 -6.94 23.67
N ILE D 318 -17.70 -6.80 22.96
CA ILE D 318 -18.12 -5.52 22.41
C ILE D 318 -18.15 -4.43 23.48
N GLY D 319 -18.62 -4.77 24.68
CA GLY D 319 -18.65 -3.84 25.79
C GLY D 319 -17.27 -3.40 26.25
N ILE D 320 -16.38 -4.36 26.45
CA ILE D 320 -15.02 -4.06 26.87
C ILE D 320 -14.32 -3.16 25.86
N ILE D 321 -14.48 -3.47 24.57
CA ILE D 321 -13.81 -2.74 23.50
C ILE D 321 -14.20 -1.28 23.49
N VAL D 322 -15.51 -1.04 23.47
CA VAL D 322 -16.04 0.30 23.55
C VAL D 322 -15.51 0.98 24.79
N ALA D 323 -15.46 0.21 25.87
CA ALA D 323 -15.14 0.74 27.19
C ALA D 323 -13.77 1.39 27.28
N ASN D 324 -12.78 0.81 26.63
CA ASN D 324 -11.40 1.29 26.80
C ASN D 324 -10.94 2.12 25.62
N VAL D 325 -11.91 2.47 24.79
CA VAL D 325 -11.69 3.30 23.63
C VAL D 325 -12.36 4.65 23.85
N PRO D 326 -11.59 5.73 23.73
CA PRO D 326 -12.07 7.10 23.93
C PRO D 326 -12.88 7.65 22.76
N GLU D 327 -14.11 7.18 22.56
CA GLU D 327 -14.96 7.62 21.44
C GLU D 327 -14.98 9.14 21.24
N GLY D 328 -15.28 9.86 22.31
CA GLY D 328 -15.46 11.30 22.26
C GLY D 328 -14.27 12.07 21.73
N LEU D 329 -13.08 11.53 21.94
CA LEU D 329 -11.83 12.17 21.53
C LEU D 329 -11.91 12.81 20.14
N LEU D 330 -12.42 12.06 19.17
CA LEU D 330 -12.54 12.57 17.80
C LEU D 330 -13.39 13.84 17.71
N ALA D 331 -14.59 13.78 18.27
CA ALA D 331 -15.48 14.93 18.30
C ALA D 331 -14.88 16.02 19.19
N THR D 332 -14.27 15.60 20.30
CA THR D 332 -13.62 16.53 21.22
C THR D 332 -12.62 17.38 20.45
N VAL D 333 -11.92 16.72 19.54
CA VAL D 333 -10.98 17.37 18.67
C VAL D 333 -11.70 18.30 17.70
N THR D 334 -12.65 17.72 16.99
CA THR D 334 -13.43 18.44 15.98
C THR D 334 -13.99 19.73 16.57
N VAL D 335 -14.57 19.62 17.77
CA VAL D 335 -15.01 20.78 18.52
C VAL D 335 -13.89 21.77 18.76
N CYS D 336 -12.78 21.26 19.31
CA CYS D 336 -11.64 22.08 19.72
C CYS D 336 -11.17 23.00 18.60
N LEU D 337 -10.85 22.39 17.46
CA LEU D 337 -10.43 23.11 16.27
C LEU D 337 -11.48 24.12 15.79
N THR D 338 -12.73 23.66 15.71
CA THR D 338 -13.85 24.49 15.33
C THR D 338 -13.95 25.72 16.20
N LEU D 339 -13.59 25.56 17.46
CA LEU D 339 -13.53 26.71 18.35
C LEU D 339 -12.39 27.61 17.96
N THR D 340 -11.18 27.04 17.95
CA THR D 340 -9.99 27.78 17.54
C THR D 340 -10.21 28.45 16.18
N ALA D 341 -10.93 27.74 15.30
CA ALA D 341 -11.34 28.31 14.03
C ALA D 341 -12.02 29.66 14.24
N LYS D 342 -13.12 29.66 14.98
CA LYS D 342 -13.90 30.87 15.13
C LYS D 342 -13.12 31.96 15.86
N ARG D 343 -12.29 31.59 16.82
CA ARG D 343 -11.53 32.59 17.58
C ARG D 343 -10.50 33.32 16.72
N MET D 344 -9.67 32.56 16.01
CA MET D 344 -8.70 33.16 15.10
C MET D 344 -9.44 34.01 14.07
N ALA D 345 -10.58 33.50 13.63
CA ALA D 345 -11.39 34.21 12.65
C ALA D 345 -11.71 35.62 13.11
N ARG D 346 -12.10 35.74 14.38
CA ARG D 346 -12.42 37.03 14.97
C ARG D 346 -11.29 38.05 14.79
N LYS D 347 -10.06 37.60 14.98
CA LYS D 347 -8.91 38.51 14.91
C LYS D 347 -8.31 38.65 13.50
N ASN D 348 -9.11 38.31 12.49
CA ASN D 348 -8.71 38.42 11.10
C ASN D 348 -7.39 37.74 10.83
N CYS D 349 -7.25 36.55 11.37
CA CYS D 349 -6.10 35.71 11.15
C CYS D 349 -6.57 34.46 10.40
N LEU D 350 -6.42 34.47 9.08
CA LEU D 350 -6.82 33.33 8.25
C LEU D 350 -5.85 32.19 8.47
N VAL D 351 -6.33 31.13 9.11
CA VAL D 351 -5.50 29.93 9.26
C VAL D 351 -5.91 28.91 8.21
N LYS D 352 -4.92 28.36 7.54
CA LYS D 352 -5.13 27.40 6.48
C LYS D 352 -5.42 26.01 7.04
N ASN D 353 -4.67 25.59 8.05
CA ASN D 353 -4.98 24.35 8.74
C ASN D 353 -5.01 24.59 10.24
N LEU D 354 -6.17 24.31 10.84
CA LEU D 354 -6.40 24.64 12.24
C LEU D 354 -5.45 23.93 13.16
N GLU D 355 -5.03 22.74 12.76
CA GLU D 355 -4.06 21.97 13.56
C GLU D 355 -2.72 22.71 13.70
N ALA D 356 -2.42 23.61 12.76
CA ALA D 356 -1.17 24.34 12.82
C ALA D 356 -1.24 25.42 13.90
N VAL D 357 -2.42 25.60 14.47
CA VAL D 357 -2.55 26.56 15.55
C VAL D 357 -1.85 26.01 16.79
N GLU D 358 -2.03 24.72 17.05
CA GLU D 358 -1.33 24.04 18.16
C GLU D 358 0.18 24.20 17.99
N THR D 359 0.65 23.89 16.79
CA THR D 359 2.06 24.02 16.46
C THR D 359 2.58 25.42 16.77
N LEU D 360 1.74 26.43 16.56
CA LEU D 360 2.10 27.78 16.99
C LEU D 360 2.28 27.85 18.52
N GLY D 361 1.46 27.09 19.23
CA GLY D 361 1.51 27.11 20.69
C GLY D 361 2.85 26.63 21.21
N SER D 362 3.44 25.72 20.45
CA SER D 362 4.70 25.08 20.80
C SER D 362 5.91 25.91 20.33
N THR D 363 5.66 27.15 19.91
CA THR D 363 6.71 27.99 19.38
C THR D 363 7.67 28.40 20.48
N SER D 364 8.97 28.19 20.23
CA SER D 364 10.00 28.56 21.17
C SER D 364 10.92 29.66 20.63
N THR D 365 10.87 29.92 19.32
CA THR D 365 11.76 30.90 18.68
C THR D 365 11.13 31.61 17.46
N ILE D 366 10.86 32.91 17.56
CA ILE D 366 10.30 33.65 16.44
C ILE D 366 11.33 34.46 15.62
N CYS D 367 11.68 33.99 14.41
CA CYS D 367 12.49 34.79 13.47
C CYS D 367 11.62 35.71 12.61
N SER D 368 11.65 36.99 12.89
CA SER D 368 10.85 37.93 12.12
C SER D 368 11.69 38.82 11.22
N ASP D 369 11.13 39.15 10.06
CA ASP D 369 11.66 40.17 9.17
C ASP D 369 11.38 41.58 9.73
N LYS D 370 12.13 42.57 9.26
CA LYS D 370 12.02 43.93 9.77
C LYS D 370 10.97 44.72 9.00
N THR D 371 11.28 45.11 7.76
CA THR D 371 10.38 45.96 7.01
C THR D 371 9.13 45.21 6.60
N GLY D 372 7.97 45.85 6.76
CA GLY D 372 6.72 45.27 6.36
C GLY D 372 6.13 44.39 7.45
N THR D 373 7.00 43.63 8.10
CA THR D 373 6.57 42.83 9.24
C THR D 373 6.53 43.73 10.49
N LEU D 374 7.67 43.90 11.13
CA LEU D 374 7.75 44.68 12.36
C LEU D 374 7.36 46.15 12.13
N THR D 375 7.81 46.74 11.03
CA THR D 375 7.47 48.12 10.74
C THR D 375 6.17 48.20 9.97
N GLN D 376 5.61 49.40 9.87
CA GLN D 376 4.32 49.61 9.21
C GLN D 376 4.45 49.49 7.70
N ASN D 377 5.67 49.72 7.20
CA ASN D 377 6.00 49.72 5.77
C ASN D 377 5.34 50.89 5.06
N ARG D 378 5.17 51.98 5.81
CA ARG D 378 4.65 53.22 5.26
C ARG D 378 5.71 54.30 5.36
N MET D 379 6.60 54.35 4.39
CA MET D 379 7.76 55.23 4.56
C MET D 379 7.57 56.57 3.86
N THR D 380 8.38 57.54 4.30
CA THR D 380 8.37 58.89 3.78
C THR D 380 9.79 59.43 3.96
N VAL D 381 10.32 60.08 2.92
CA VAL D 381 11.72 60.54 2.94
C VAL D 381 11.96 61.60 3.99
N ALA D 382 12.96 61.39 4.83
CA ALA D 382 13.25 62.34 5.91
C ALA D 382 14.53 63.09 5.62
N HIS D 383 15.58 62.39 5.21
CA HIS D 383 16.86 63.04 4.99
C HIS D 383 17.56 62.70 3.68
N MET D 384 18.57 63.50 3.37
CA MET D 384 19.43 63.30 2.20
C MET D 384 20.88 63.69 2.54
N TRP D 385 21.83 62.88 2.09
CA TRP D 385 23.25 63.18 2.30
C TRP D 385 23.97 63.34 0.98
N PHE D 386 24.48 64.53 0.73
CA PHE D 386 25.27 64.82 -0.47
C PHE D 386 25.98 66.14 -0.24
N ASP D 387 27.04 66.38 -0.99
CA ASP D 387 27.93 67.51 -0.72
C ASP D 387 28.38 67.48 0.74
N ASN D 388 28.75 66.29 1.21
CA ASN D 388 29.28 66.09 2.56
C ASN D 388 28.42 66.72 3.65
N GLN D 389 27.12 66.84 3.39
CA GLN D 389 26.21 67.49 4.33
C GLN D 389 24.93 66.69 4.49
N ILE D 390 24.32 66.77 5.67
CA ILE D 390 23.01 66.20 5.93
C ILE D 390 21.95 67.25 5.63
N HIS D 391 20.93 66.87 4.89
CA HIS D 391 19.81 67.78 4.60
C HIS D 391 18.50 67.18 5.08
N GLU D 392 17.67 67.97 5.74
CA GLU D 392 16.37 67.48 6.19
C GLU D 392 15.28 67.82 5.17
N ALA D 393 14.23 67.01 5.13
CA ALA D 393 13.13 67.23 4.20
C ALA D 393 11.88 67.63 4.94
N ASP D 394 11.00 68.34 4.24
CA ASP D 394 9.66 68.59 4.70
C ASP D 394 8.97 67.24 4.92
N THR D 395 8.71 66.89 6.20
CA THR D 395 8.24 65.55 6.55
C THR D 395 6.72 65.32 6.33
N THR D 396 5.85 65.86 7.20
CA THR D 396 4.39 65.74 7.00
C THR D 396 3.84 66.86 6.08
N GLU D 397 3.01 66.46 5.10
CA GLU D 397 2.55 67.32 4.01
C GLU D 397 3.72 67.98 3.28
N ASN D 398 4.46 67.17 2.51
CA ASN D 398 5.65 67.62 1.78
C ASN D 398 5.42 68.89 0.96
N GLN D 399 5.67 70.05 1.56
CA GLN D 399 5.49 71.30 0.85
C GLN D 399 6.83 71.89 0.42
N SER D 400 6.92 73.21 0.47
CA SER D 400 8.15 73.88 0.13
C SER D 400 8.56 74.80 1.29
N GLY D 401 9.57 75.62 1.05
CA GLY D 401 10.07 76.54 2.06
C GLY D 401 11.15 75.94 2.94
N VAL D 402 10.73 75.13 3.90
CA VAL D 402 11.64 74.55 4.89
C VAL D 402 12.61 73.52 4.32
N SER D 403 13.54 73.96 3.47
CA SER D 403 14.50 73.03 2.88
C SER D 403 15.67 73.75 2.19
N PHE D 404 16.51 72.95 1.54
CA PHE D 404 17.63 73.44 0.74
C PHE D 404 17.13 74.09 -0.54
N ASP D 405 17.98 74.11 -1.57
CA ASP D 405 17.59 74.69 -2.86
C ASP D 405 17.33 73.61 -3.90
N LYS D 406 16.17 73.68 -4.55
CA LYS D 406 15.79 72.72 -5.59
C LYS D 406 16.58 72.96 -6.88
N THR D 407 17.71 73.66 -6.76
CA THR D 407 18.51 74.08 -7.90
C THR D 407 19.96 73.58 -7.82
N SER D 408 20.34 72.98 -6.69
CA SER D 408 21.70 72.48 -6.48
C SER D 408 22.08 71.38 -7.47
N ALA D 409 23.21 71.55 -8.17
CA ALA D 409 23.63 70.63 -9.22
C ALA D 409 23.76 69.21 -8.72
N THR D 410 24.31 69.06 -7.52
CA THR D 410 24.45 67.75 -6.90
C THR D 410 23.08 67.10 -6.76
N TRP D 411 22.19 67.82 -6.10
CA TRP D 411 20.84 67.35 -5.81
C TRP D 411 20.02 67.02 -7.06
N LEU D 412 20.28 67.76 -8.13
CA LEU D 412 19.54 67.56 -9.37
C LEU D 412 19.87 66.22 -10.03
N ALA D 413 21.09 65.72 -9.82
CA ALA D 413 21.50 64.42 -10.35
C ALA D 413 21.15 63.30 -9.38
N LEU D 414 20.88 63.67 -8.12
CA LEU D 414 20.40 62.72 -7.13
C LEU D 414 18.93 62.50 -7.34
N SER D 415 18.21 63.62 -7.34
CA SER D 415 16.76 63.64 -7.56
C SER D 415 16.40 62.83 -8.79
N ARG D 416 17.17 63.03 -9.86
CA ARG D 416 16.93 62.35 -11.10
C ARG D 416 17.04 60.82 -10.98
N ILE D 417 18.06 60.30 -10.32
CA ILE D 417 18.16 58.84 -10.22
C ILE D 417 17.16 58.29 -9.19
N ALA D 418 16.80 59.07 -8.18
CA ALA D 418 15.78 58.64 -7.24
C ALA D 418 14.42 58.64 -7.92
N GLY D 419 14.39 59.13 -9.16
CA GLY D 419 13.17 59.20 -9.94
C GLY D 419 13.19 58.26 -11.13
N LEU D 420 14.32 58.21 -11.84
CA LEU D 420 14.46 57.33 -13.01
C LEU D 420 14.58 55.86 -12.60
N CYS D 421 15.43 55.61 -11.60
CA CYS D 421 15.73 54.26 -11.11
C CYS D 421 14.62 53.81 -10.16
N ASN D 422 13.51 54.53 -10.25
CA ASN D 422 12.32 54.27 -9.47
C ASN D 422 11.27 53.65 -10.37
N ARG D 423 10.77 52.48 -10.03
CA ARG D 423 9.81 51.84 -10.94
C ARG D 423 8.37 51.93 -10.43
N ALA D 424 8.15 52.68 -9.34
CA ALA D 424 6.79 52.88 -8.83
C ALA D 424 6.09 53.95 -9.64
N VAL D 425 4.79 53.75 -9.87
CA VAL D 425 3.97 54.70 -10.60
C VAL D 425 2.69 54.97 -9.82
N PHE D 426 2.14 56.17 -9.96
CA PHE D 426 0.80 56.43 -9.46
C PHE D 426 -0.21 55.66 -10.30
N GLN D 427 -1.37 55.36 -9.73
CA GLN D 427 -2.35 54.54 -10.43
C GLN D 427 -3.33 55.35 -11.27
N ALA D 428 -4.26 54.65 -11.91
CA ALA D 428 -5.17 55.27 -12.87
C ALA D 428 -6.05 56.32 -12.24
N ASN D 429 -6.33 57.35 -13.03
CA ASN D 429 -7.28 58.42 -12.67
C ASN D 429 -6.95 59.04 -11.34
N GLN D 430 -5.79 59.66 -11.25
CA GLN D 430 -5.37 60.26 -10.00
C GLN D 430 -4.87 61.69 -10.19
N GLU D 431 -4.46 62.04 -11.40
CA GLU D 431 -3.82 63.34 -11.64
C GLU D 431 -4.77 64.51 -11.47
N ASN D 432 -5.49 64.51 -10.35
CA ASN D 432 -6.48 65.53 -10.05
C ASN D 432 -6.68 65.71 -8.53
N LEU D 433 -5.99 64.89 -7.72
CA LEU D 433 -6.02 65.01 -6.26
C LEU D 433 -4.61 64.99 -5.67
N PRO D 434 -4.41 65.55 -4.45
CA PRO D 434 -3.09 65.72 -3.81
C PRO D 434 -2.14 64.52 -3.92
N ILE D 435 -0.84 64.81 -3.86
CA ILE D 435 0.18 63.81 -4.14
C ILE D 435 0.37 62.82 -3.00
N LEU D 436 -0.02 63.21 -1.80
CA LEU D 436 0.07 62.30 -0.67
C LEU D 436 -1.11 61.35 -0.65
N LYS D 437 -2.21 61.76 -1.26
CA LYS D 437 -3.43 60.98 -1.29
C LYS D 437 -3.33 59.79 -2.24
N ARG D 438 -3.13 60.10 -3.52
CA ARG D 438 -3.25 59.14 -4.61
C ARG D 438 -2.59 57.78 -4.39
N ALA D 439 -3.05 56.78 -5.14
CA ALA D 439 -2.62 55.41 -4.97
C ALA D 439 -1.38 55.10 -5.79
N VAL D 440 -0.51 54.27 -5.22
CA VAL D 440 0.82 54.00 -5.76
C VAL D 440 1.01 52.50 -6.06
N ALA D 441 1.89 52.16 -6.99
CA ALA D 441 2.17 50.75 -7.24
C ALA D 441 3.66 50.51 -7.35
N GLY D 442 4.23 49.87 -6.34
CA GLY D 442 5.64 49.52 -6.37
C GLY D 442 6.19 49.29 -4.99
N ASP D 443 7.51 49.32 -4.87
CA ASP D 443 8.19 49.13 -3.60
C ASP D 443 7.74 50.20 -2.60
N ALA D 444 7.74 49.84 -1.32
CA ALA D 444 7.48 50.83 -0.29
C ALA D 444 8.45 51.99 -0.47
N SER D 445 9.73 51.64 -0.53
CA SER D 445 10.82 52.59 -0.67
C SER D 445 10.63 53.47 -1.90
N GLU D 446 10.48 52.83 -3.05
CA GLU D 446 10.29 53.55 -4.31
C GLU D 446 9.04 54.45 -4.30
N SER D 447 8.00 54.09 -3.53
CA SER D 447 6.79 54.92 -3.46
C SER D 447 7.08 56.24 -2.80
N ALA D 448 7.79 56.15 -1.69
CA ALA D 448 8.19 57.33 -0.94
C ALA D 448 9.05 58.27 -1.78
N LEU D 449 10.10 57.73 -2.41
CA LEU D 449 10.97 58.55 -3.24
C LEU D 449 10.12 59.23 -4.30
N LEU D 450 9.20 58.46 -4.85
CA LEU D 450 8.26 58.93 -5.87
C LEU D 450 7.52 60.12 -5.34
N LYS D 451 6.76 59.86 -4.29
CA LYS D 451 5.99 60.89 -3.62
C LYS D 451 6.90 62.06 -3.27
N CYS D 452 8.11 61.75 -2.78
CA CYS D 452 9.05 62.77 -2.34
C CYS D 452 9.44 63.74 -3.43
N ILE D 453 9.77 63.25 -4.62
CA ILE D 453 10.23 64.17 -5.63
C ILE D 453 9.07 64.65 -6.52
N GLU D 454 7.95 63.93 -6.52
CA GLU D 454 6.78 64.46 -7.23
C GLU D 454 6.30 65.72 -6.50
N LEU D 455 6.46 65.73 -5.18
CA LEU D 455 5.91 66.79 -4.34
C LEU D 455 6.78 68.05 -4.26
N CYS D 456 8.04 67.97 -4.66
CA CYS D 456 8.95 69.10 -4.45
C CYS D 456 10.05 69.22 -5.50
N CYS D 457 9.84 68.65 -6.69
CA CYS D 457 10.83 68.78 -7.76
C CYS D 457 10.25 68.69 -9.18
N GLY D 458 9.03 68.17 -9.31
CA GLY D 458 8.35 68.16 -10.61
C GLY D 458 7.53 66.92 -10.91
N SER D 459 7.37 66.63 -12.20
CA SER D 459 6.63 65.44 -12.66
C SER D 459 7.57 64.28 -12.98
N VAL D 460 7.50 63.23 -12.17
CA VAL D 460 8.32 62.05 -12.40
C VAL D 460 7.91 61.37 -13.69
N LYS D 461 6.62 61.44 -14.01
CA LYS D 461 6.10 60.86 -15.23
C LYS D 461 6.75 61.52 -16.44
N GLU D 462 6.89 62.83 -16.38
CA GLU D 462 7.50 63.61 -17.46
C GLU D 462 9.01 63.40 -17.54
N MET D 463 9.65 63.41 -16.39
CA MET D 463 11.07 63.12 -16.31
C MET D 463 11.39 61.74 -16.87
N ARG D 464 10.63 60.73 -16.43
CA ARG D 464 10.85 59.34 -16.84
C ARG D 464 10.65 59.17 -18.34
N GLU D 465 9.83 60.06 -18.89
CA GLU D 465 9.51 60.05 -20.31
C GLU D 465 10.68 60.60 -21.12
N ARG D 466 11.27 61.70 -20.65
CA ARG D 466 12.39 62.32 -21.34
C ARG D 466 13.59 61.37 -21.41
N TYR D 467 13.93 60.79 -20.26
CA TYR D 467 15.05 59.86 -20.19
C TYR D 467 14.61 58.43 -20.46
N THR D 468 14.12 58.18 -21.68
CA THR D 468 13.61 56.86 -22.06
C THR D 468 14.57 55.72 -21.73
N LYS D 469 14.29 54.95 -20.68
CA LYS D 469 15.27 53.96 -20.26
C LYS D 469 15.39 52.81 -21.25
N ILE D 470 16.62 52.30 -21.40
CA ILE D 470 16.97 51.38 -22.47
C ILE D 470 17.11 49.97 -21.96
N VAL D 471 17.67 49.82 -20.77
CA VAL D 471 17.73 48.50 -20.14
C VAL D 471 17.57 48.71 -18.65
N GLU D 472 17.14 47.66 -17.95
CA GLU D 472 17.22 47.67 -16.50
C GLU D 472 17.28 46.27 -15.92
N ILE D 473 17.74 46.19 -14.68
CA ILE D 473 17.77 44.96 -13.90
C ILE D 473 17.07 45.31 -12.63
N PRO D 474 15.85 44.83 -12.50
CA PRO D 474 14.99 45.23 -11.39
C PRO D 474 15.55 44.74 -10.08
N PHE D 475 15.46 45.60 -9.06
CA PHE D 475 15.84 45.23 -7.71
C PHE D 475 15.29 43.87 -7.35
N ASN D 476 16.12 43.06 -6.71
CA ASN D 476 15.59 41.88 -6.05
C ASN D 476 16.41 41.60 -4.82
N SER D 477 15.71 41.22 -3.75
CA SER D 477 16.26 41.23 -2.39
C SER D 477 17.63 40.56 -2.25
N THR D 478 18.04 39.80 -3.25
CA THR D 478 19.30 39.08 -3.16
C THR D 478 20.46 39.90 -3.77
N ASN D 479 20.14 40.72 -4.77
CA ASN D 479 21.10 41.69 -5.27
C ASN D 479 21.29 42.86 -4.29
N LYS D 480 20.18 43.39 -3.80
CA LYS D 480 20.13 44.56 -2.94
C LYS D 480 20.44 45.86 -3.69
N TYR D 481 20.09 45.93 -4.98
CA TYR D 481 20.19 47.19 -5.75
C TYR D 481 19.40 47.14 -7.03
N GLN D 482 18.88 48.28 -7.47
CA GLN D 482 18.27 48.35 -8.80
C GLN D 482 19.16 49.14 -9.75
N LEU D 483 18.98 48.95 -11.05
CA LEU D 483 19.82 49.61 -12.06
C LEU D 483 19.16 49.69 -13.43
N SER D 484 19.42 50.77 -14.17
CA SER D 484 18.80 51.01 -15.47
C SER D 484 19.54 52.04 -16.33
N ILE D 485 19.76 51.71 -17.61
CA ILE D 485 20.40 52.63 -18.55
C ILE D 485 19.37 53.39 -19.40
N HIS D 486 19.48 54.71 -19.44
CA HIS D 486 18.52 55.54 -20.16
C HIS D 486 19.17 56.31 -21.29
N LYS D 487 18.40 56.64 -22.32
CA LYS D 487 18.85 57.57 -23.35
C LYS D 487 18.84 58.97 -22.79
N ASN D 488 19.87 59.74 -23.11
CA ASN D 488 20.03 61.09 -22.57
C ASN D 488 19.81 62.16 -23.65
N PRO D 489 18.88 63.09 -23.39
CA PRO D 489 18.51 64.12 -24.34
C PRO D 489 19.38 65.38 -24.31
N ASN D 490 20.29 65.50 -23.34
CA ASN D 490 21.03 66.75 -23.15
C ASN D 490 22.15 66.98 -24.17
N THR D 491 22.96 68.00 -23.94
CA THR D 491 24.02 68.32 -24.85
C THR D 491 25.37 67.89 -24.25
N ALA D 492 25.50 68.08 -22.92
CA ALA D 492 26.65 67.59 -22.16
C ALA D 492 26.56 66.10 -21.95
N GLU D 493 25.38 65.60 -22.26
CA GLU D 493 25.11 64.17 -22.38
C GLU D 493 26.21 63.44 -23.14
N PRO D 494 26.72 62.34 -22.56
CA PRO D 494 27.57 61.44 -23.34
C PRO D 494 26.78 60.28 -23.98
N ARG D 495 25.49 60.53 -24.23
CA ARG D 495 24.56 59.66 -24.96
C ARG D 495 23.93 58.46 -24.24
N HIS D 496 24.30 58.23 -22.99
CA HIS D 496 23.73 57.14 -22.22
C HIS D 496 23.89 57.45 -20.76
N LEU D 497 22.90 57.09 -19.96
CA LEU D 497 22.95 57.33 -18.53
C LEU D 497 22.65 56.05 -17.78
N LEU D 498 23.63 55.61 -17.00
CA LEU D 498 23.45 54.50 -16.11
C LEU D 498 23.12 55.06 -14.75
N VAL D 499 21.97 54.65 -14.22
CA VAL D 499 21.55 55.06 -12.90
C VAL D 499 21.35 53.81 -12.08
N MET D 500 21.61 53.90 -10.79
CA MET D 500 21.33 52.78 -9.92
C MET D 500 21.30 53.23 -8.47
N LYS D 501 20.47 52.58 -7.67
CA LYS D 501 20.40 52.88 -6.26
C LYS D 501 20.54 51.54 -5.58
N GLY D 502 20.58 51.55 -4.26
CA GLY D 502 20.70 50.29 -3.54
C GLY D 502 21.03 50.37 -2.07
N ALA D 503 21.49 49.25 -1.53
CA ALA D 503 22.01 49.21 -0.18
C ALA D 503 23.25 50.09 -0.18
N PRO D 504 23.22 51.15 0.66
CA PRO D 504 24.21 52.26 0.63
C PRO D 504 25.65 51.77 0.69
N GLU D 505 25.89 50.78 1.55
CA GLU D 505 27.19 50.14 1.64
C GLU D 505 27.66 49.56 0.30
N ARG D 506 26.87 48.65 -0.27
CA ARG D 506 27.19 48.04 -1.55
C ARG D 506 27.33 49.10 -2.65
N ILE D 507 26.47 50.11 -2.64
CA ILE D 507 26.46 51.14 -3.69
C ILE D 507 27.78 51.92 -3.72
N LEU D 508 28.27 52.24 -2.53
CA LEU D 508 29.49 53.04 -2.34
C LEU D 508 30.70 52.30 -2.84
N ASP D 509 30.77 51.00 -2.56
CA ASP D 509 31.90 50.19 -2.99
C ASP D 509 32.00 50.10 -4.52
N ARG D 510 30.88 50.30 -5.20
CA ARG D 510 30.85 50.25 -6.67
C ARG D 510 31.24 51.61 -7.25
N CYS D 511 31.57 52.55 -6.37
CA CYS D 511 31.87 53.92 -6.80
C CYS D 511 33.37 54.27 -6.74
N SER D 512 33.86 54.88 -7.82
CA SER D 512 35.20 55.47 -7.88
C SER D 512 35.16 56.91 -7.45
N SER D 513 34.20 57.65 -8.01
CA SER D 513 34.14 59.09 -7.86
C SER D 513 32.91 59.51 -7.09
N ILE D 514 33.02 60.64 -6.41
CA ILE D 514 31.89 61.23 -5.72
C ILE D 514 31.46 62.50 -6.46
N LEU D 515 30.22 62.94 -6.29
CA LEU D 515 29.74 64.17 -6.90
C LEU D 515 29.58 65.28 -5.85
N ILE D 516 30.49 66.26 -5.89
CA ILE D 516 30.42 67.41 -4.99
C ILE D 516 30.19 68.71 -5.73
N HIS D 517 29.09 69.40 -5.40
CA HIS D 517 28.73 70.68 -5.99
C HIS D 517 28.73 70.64 -7.53
N GLY D 518 28.35 69.50 -8.08
CA GLY D 518 28.35 69.33 -9.52
C GLY D 518 29.62 68.68 -10.00
N LYS D 519 30.73 68.99 -9.34
CA LYS D 519 32.03 68.50 -9.79
C LYS D 519 32.31 67.09 -9.28
N GLU D 520 32.48 66.14 -10.21
CA GLU D 520 32.83 64.80 -9.80
C GLU D 520 34.34 64.69 -9.63
N GLN D 521 34.76 64.27 -8.44
CA GLN D 521 36.17 64.16 -8.10
C GLN D 521 36.35 62.95 -7.19
N PRO D 522 37.48 62.25 -7.33
CA PRO D 522 37.69 60.92 -6.72
C PRO D 522 37.33 60.82 -5.23
N LEU D 523 36.91 59.60 -4.87
CA LEU D 523 36.39 59.27 -3.55
C LEU D 523 37.49 59.00 -2.54
N ASP D 524 37.89 60.00 -1.75
CA ASP D 524 38.98 59.76 -0.82
C ASP D 524 38.51 59.12 0.48
N GLU D 525 39.46 58.68 1.30
CA GLU D 525 39.17 58.03 2.58
C GLU D 525 38.28 58.88 3.48
N GLU D 526 38.50 60.19 3.46
CA GLU D 526 37.74 61.09 4.33
C GLU D 526 36.25 61.06 4.02
N LEU D 527 35.93 60.97 2.73
CA LEU D 527 34.53 60.96 2.30
C LEU D 527 33.83 59.67 2.69
N LYS D 528 34.54 58.55 2.54
CA LYS D 528 34.02 57.24 2.93
C LYS D 528 33.61 57.20 4.40
N ASP D 529 34.33 57.95 5.23
CA ASP D 529 34.03 58.00 6.66
C ASP D 529 32.93 59.00 6.95
N ALA D 530 32.78 60.02 6.11
CA ALA D 530 31.71 60.98 6.27
C ALA D 530 30.39 60.33 5.91
N PHE D 531 30.42 59.52 4.85
CA PHE D 531 29.31 58.67 4.47
C PHE D 531 28.98 57.73 5.62
N GLN D 532 30.01 57.09 6.17
CA GLN D 532 29.81 56.09 7.20
C GLN D 532 29.30 56.73 8.49
N ASN D 533 29.69 57.98 8.75
CA ASN D 533 29.14 58.68 9.90
C ASN D 533 27.71 59.12 9.65
N ALA D 534 27.39 59.36 8.38
CA ALA D 534 26.03 59.77 8.02
C ALA D 534 25.03 58.63 8.23
N TYR D 535 25.46 57.40 7.95
CA TYR D 535 24.59 56.23 8.15
C TYR D 535 24.30 56.09 9.64
N LEU D 536 25.36 55.97 10.42
CA LEU D 536 25.25 55.94 11.88
C LEU D 536 24.33 57.06 12.37
N GLU D 537 24.39 58.20 11.69
CA GLU D 537 23.52 59.31 12.02
C GLU D 537 22.06 58.99 11.69
N LEU D 538 21.78 58.74 10.41
CA LEU D 538 20.40 58.59 9.95
C LEU D 538 19.77 57.23 10.29
N GLY D 539 20.52 56.15 10.10
CA GLY D 539 20.04 54.83 10.42
C GLY D 539 19.86 54.66 11.91
N GLY D 540 20.68 55.39 12.67
CA GLY D 540 20.61 55.37 14.12
C GLY D 540 19.29 55.89 14.64
N LEU D 541 18.70 56.82 13.89
CA LEU D 541 17.36 57.34 14.18
C LEU D 541 16.30 56.27 13.95
N GLY D 542 16.68 55.24 13.19
CA GLY D 542 15.78 54.16 12.86
C GLY D 542 15.31 54.31 11.44
N GLU D 543 15.92 55.24 10.72
CA GLU D 543 15.51 55.56 9.36
C GLU D 543 16.20 54.69 8.32
N ARG D 544 15.42 54.22 7.37
CA ARG D 544 15.91 53.31 6.34
C ARG D 544 16.63 54.07 5.26
N VAL D 545 17.87 53.70 5.00
CA VAL D 545 18.70 54.45 4.07
C VAL D 545 18.89 53.69 2.75
N LEU D 546 18.91 54.45 1.67
CA LEU D 546 19.23 53.92 0.36
C LEU D 546 20.39 54.71 -0.21
N GLY D 547 21.37 54.02 -0.78
CA GLY D 547 22.45 54.72 -1.46
C GLY D 547 22.13 54.95 -2.93
N PHE D 548 22.49 56.12 -3.44
CA PHE D 548 22.17 56.47 -4.83
C PHE D 548 23.43 56.80 -5.64
N CYS D 549 23.40 56.50 -6.92
CA CYS D 549 24.52 56.84 -7.81
C CYS D 549 24.16 56.77 -9.30
N HIS D 550 25.05 57.23 -10.14
CA HIS D 550 24.85 57.14 -11.58
C HIS D 550 26.18 56.99 -12.30
N LEU D 551 26.15 57.11 -13.62
CA LEU D 551 27.33 56.95 -14.46
C LEU D 551 27.02 57.34 -15.90
N PHE D 552 27.82 58.24 -16.47
CA PHE D 552 27.62 58.65 -17.86
C PHE D 552 28.42 57.78 -18.84
N LEU D 553 27.79 56.75 -19.40
CA LEU D 553 28.45 55.82 -20.33
C LEU D 553 29.11 56.50 -21.52
N PRO D 554 30.45 56.40 -21.60
CA PRO D 554 31.33 57.13 -22.54
C PRO D 554 31.02 56.86 -24.01
N ASP D 555 30.68 57.92 -24.74
CA ASP D 555 30.29 57.85 -26.15
C ASP D 555 31.11 56.87 -26.98
N GLU D 556 32.44 56.94 -26.84
CA GLU D 556 33.34 56.17 -27.70
C GLU D 556 33.21 54.67 -27.45
N GLN D 557 33.07 54.30 -26.18
CA GLN D 557 32.94 52.92 -25.79
C GLN D 557 31.53 52.41 -26.10
N PHE D 558 30.56 53.30 -26.01
CA PHE D 558 29.16 52.96 -26.24
C PHE D 558 28.51 53.88 -27.28
N PRO D 559 28.42 53.38 -28.52
CA PRO D 559 27.84 54.08 -29.68
C PRO D 559 26.33 54.13 -29.60
N GLU D 560 25.70 54.85 -30.52
CA GLU D 560 24.26 55.09 -30.52
C GLU D 560 23.40 53.84 -30.25
N GLY D 561 23.36 52.91 -31.20
CA GLY D 561 22.50 51.74 -31.07
C GLY D 561 23.16 50.56 -30.37
N PHE D 562 23.83 50.85 -29.25
CA PHE D 562 24.61 49.83 -28.57
C PHE D 562 23.72 48.78 -27.91
N GLN D 563 24.08 47.52 -28.13
CA GLN D 563 23.28 46.39 -27.67
C GLN D 563 23.54 45.98 -26.23
N PHE D 564 23.14 46.84 -25.29
CA PHE D 564 23.33 46.55 -23.87
C PHE D 564 22.82 45.16 -23.50
N ASP D 565 23.73 44.29 -23.12
CA ASP D 565 23.42 42.94 -22.71
C ASP D 565 23.20 42.89 -21.21
N THR D 566 22.02 42.47 -20.78
CA THR D 566 21.69 42.54 -19.35
C THR D 566 21.87 41.21 -18.63
N ASP D 567 22.12 40.14 -19.39
CA ASP D 567 22.34 38.82 -18.81
C ASP D 567 23.82 38.50 -18.64
N ASP D 568 24.68 39.17 -19.42
CA ASP D 568 26.12 39.02 -19.28
C ASP D 568 26.79 40.39 -19.13
N VAL D 569 26.04 41.35 -18.61
CA VAL D 569 26.57 42.67 -18.27
C VAL D 569 27.53 43.27 -19.30
N ASN D 570 26.94 43.86 -20.34
CA ASN D 570 27.65 44.56 -21.39
C ASN D 570 28.26 45.90 -20.97
N PHE D 571 28.08 46.30 -19.72
CA PHE D 571 28.40 47.66 -19.29
C PHE D 571 28.98 47.67 -17.88
N PRO D 572 29.55 48.80 -17.42
CA PRO D 572 30.17 48.75 -16.11
C PRO D 572 29.18 48.84 -14.96
N LEU D 573 29.45 48.09 -13.89
CA LEU D 573 28.78 48.23 -12.60
C LEU D 573 29.72 48.86 -11.61
N ASP D 574 30.90 49.22 -12.10
CA ASP D 574 31.99 49.66 -11.24
C ASP D 574 32.44 51.05 -11.61
N ASN D 575 33.17 51.69 -10.70
CA ASN D 575 33.73 53.02 -10.94
C ASN D 575 32.65 54.04 -11.21
N LEU D 576 31.50 53.83 -10.61
CA LEU D 576 30.39 54.75 -10.79
C LEU D 576 30.64 56.01 -9.98
N CYS D 577 29.74 56.97 -10.09
CA CYS D 577 29.80 58.21 -9.32
C CYS D 577 28.74 58.20 -8.22
N PHE D 578 29.17 58.31 -6.98
CA PHE D 578 28.25 58.31 -5.84
C PHE D 578 27.58 59.68 -5.72
N VAL D 579 26.25 59.71 -5.68
CA VAL D 579 25.52 60.98 -5.74
C VAL D 579 24.82 61.32 -4.42
N GLY D 580 24.67 60.33 -3.54
CA GLY D 580 24.12 60.63 -2.24
C GLY D 580 23.49 59.51 -1.44
N LEU D 581 22.97 59.88 -0.27
CA LEU D 581 22.18 59.00 0.56
C LEU D 581 20.78 59.57 0.71
N ILE D 582 19.79 58.71 0.92
CA ILE D 582 18.45 59.15 1.27
C ILE D 582 17.84 58.22 2.31
N SER D 583 17.46 58.78 3.45
CA SER D 583 16.82 58.00 4.51
C SER D 583 15.31 58.18 4.44
N MET D 584 14.57 57.17 4.90
CA MET D 584 13.12 57.26 5.01
C MET D 584 12.68 56.88 6.41
N ILE D 585 11.68 57.58 6.94
CA ILE D 585 11.13 57.21 8.24
C ILE D 585 10.17 56.05 8.08
N ASP D 586 10.48 54.94 8.73
CA ASP D 586 9.63 53.76 8.70
C ASP D 586 9.33 53.30 10.12
N PRO D 587 8.21 53.77 10.69
CA PRO D 587 7.85 53.52 12.08
C PRO D 587 7.34 52.11 12.35
N PRO D 588 7.81 51.50 13.46
CA PRO D 588 7.34 50.19 13.88
C PRO D 588 5.82 50.14 13.91
N ARG D 589 5.25 48.97 13.66
CA ARG D 589 3.80 48.77 13.72
C ARG D 589 3.31 48.98 15.16
N ALA D 590 2.04 49.33 15.29
CA ALA D 590 1.44 49.64 16.58
C ALA D 590 1.74 48.61 17.66
N ALA D 591 1.34 47.37 17.43
CA ALA D 591 1.32 46.34 18.47
C ALA D 591 2.67 45.71 18.76
N VAL D 592 3.62 45.90 17.86
CA VAL D 592 4.88 45.14 17.90
C VAL D 592 5.60 45.17 19.26
N PRO D 593 5.73 46.36 19.91
CA PRO D 593 6.32 46.37 21.25
C PRO D 593 5.74 45.31 22.20
N ASP D 594 4.47 45.42 22.58
CA ASP D 594 3.89 44.49 23.55
C ASP D 594 3.84 43.08 23.02
N ALA D 595 3.75 42.96 21.70
CA ALA D 595 3.73 41.67 21.05
C ALA D 595 5.00 40.90 21.36
N VAL D 596 6.16 41.47 20.99
CA VAL D 596 7.42 40.77 21.22
C VAL D 596 7.61 40.58 22.71
N GLY D 597 7.06 41.49 23.50
CA GLY D 597 7.15 41.39 24.94
C GLY D 597 6.39 40.19 25.45
N LYS D 598 5.09 40.16 25.19
CA LYS D 598 4.25 39.04 25.58
C LYS D 598 4.87 37.72 25.12
N CYS D 599 5.48 37.75 23.93
CA CYS D 599 6.10 36.55 23.37
C CYS D 599 7.32 36.15 24.17
N ARG D 600 8.23 37.09 24.37
CA ARG D 600 9.40 36.86 25.22
C ARG D 600 8.96 36.39 26.58
N SER D 601 7.94 37.06 27.11
CA SER D 601 7.37 36.75 28.43
C SER D 601 6.93 35.30 28.49
N ALA D 602 6.51 34.78 27.33
CA ALA D 602 5.93 33.44 27.25
C ALA D 602 6.99 32.35 27.16
N GLY D 603 8.25 32.75 27.09
CA GLY D 603 9.36 31.81 27.04
C GLY D 603 9.94 31.67 25.65
N ILE D 604 9.50 32.55 24.76
CA ILE D 604 9.89 32.52 23.35
C ILE D 604 11.05 33.48 23.07
N LYS D 605 12.03 33.04 22.30
CA LYS D 605 13.11 33.93 21.89
C LYS D 605 12.79 34.57 20.54
N VAL D 606 12.72 35.90 20.53
CA VAL D 606 12.51 36.66 19.30
C VAL D 606 13.85 37.00 18.63
N ILE D 607 13.99 36.66 17.35
CA ILE D 607 15.17 36.96 16.57
C ILE D 607 14.82 37.86 15.38
N MET D 608 15.52 38.98 15.20
CA MET D 608 15.30 39.76 14.01
C MET D 608 16.11 39.15 12.87
N VAL D 609 15.51 39.06 11.70
CA VAL D 609 16.24 38.57 10.55
C VAL D 609 15.88 39.45 9.37
N THR D 610 16.75 40.39 9.05
CA THR D 610 16.41 41.38 8.05
C THR D 610 17.50 41.49 6.99
N GLY D 611 17.20 42.18 5.91
CA GLY D 611 18.16 42.38 4.85
C GLY D 611 18.61 43.82 4.91
N ASP D 612 18.28 44.48 6.01
CA ASP D 612 18.63 45.89 6.15
C ASP D 612 19.93 46.07 6.91
N HIS D 613 20.57 47.21 6.68
CA HIS D 613 21.86 47.57 7.27
C HIS D 613 21.82 47.52 8.80
N PRO D 614 22.83 46.88 9.41
CA PRO D 614 22.84 46.56 10.84
C PRO D 614 22.53 47.76 11.73
N ILE D 615 22.82 48.95 11.25
CA ILE D 615 22.58 50.14 12.06
C ILE D 615 21.08 50.41 12.16
N THR D 616 20.37 50.38 11.04
CA THR D 616 18.93 50.61 11.05
C THR D 616 18.21 49.47 11.74
N ALA D 617 18.78 48.28 11.63
CA ALA D 617 18.20 47.10 12.27
C ALA D 617 18.26 47.19 13.79
N LYS D 618 19.48 47.30 14.31
CA LYS D 618 19.71 47.37 15.76
C LYS D 618 18.92 48.51 16.39
N ALA D 619 18.79 49.63 15.68
CA ALA D 619 17.98 50.73 16.18
C ALA D 619 16.56 50.24 16.41
N ILE D 620 15.96 49.69 15.36
CA ILE D 620 14.58 49.23 15.43
C ILE D 620 14.43 48.12 16.47
N ALA D 621 15.40 47.22 16.59
CA ALA D 621 15.28 46.11 17.55
C ALA D 621 15.12 46.62 18.97
N LYS D 622 15.93 47.62 19.33
CA LYS D 622 15.80 48.26 20.63
C LYS D 622 14.44 48.92 20.71
N GLY D 623 14.07 49.62 19.65
CA GLY D 623 12.84 50.38 19.60
C GLY D 623 11.59 49.53 19.82
N VAL D 624 11.69 48.22 19.59
CA VAL D 624 10.52 47.34 19.70
C VAL D 624 10.69 46.28 20.78
N GLY D 625 11.93 45.95 21.14
CA GLY D 625 12.16 45.08 22.28
C GLY D 625 12.74 43.70 22.01
N ILE D 626 13.29 43.51 20.82
CA ILE D 626 14.05 42.31 20.54
C ILE D 626 15.41 42.42 21.19
N ILE D 627 15.89 43.66 21.32
CA ILE D 627 17.11 43.98 22.07
C ILE D 627 16.78 44.97 23.18
N SER D 628 16.85 44.50 24.42
CA SER D 628 16.53 45.34 25.57
C SER D 628 17.74 46.19 25.97
N GLU D 629 17.55 47.50 26.01
CA GLU D 629 18.59 48.43 26.46
C GLU D 629 19.04 48.10 27.90
N GLY D 630 20.04 47.24 28.01
CA GLY D 630 20.50 46.72 29.27
C GLY D 630 21.47 45.59 28.98
N ASN D 631 21.28 44.94 27.84
CA ASN D 631 22.24 43.98 27.31
C ASN D 631 23.09 44.66 26.25
N GLU D 632 24.33 44.19 26.12
CA GLU D 632 25.31 44.84 25.25
C GLU D 632 25.86 43.90 24.18
N THR D 633 26.21 44.48 23.04
CA THR D 633 26.91 43.76 21.98
C THR D 633 28.41 43.96 22.17
N VAL D 634 29.23 43.10 21.58
CA VAL D 634 30.68 43.25 21.66
C VAL D 634 31.13 44.61 21.06
N GLU D 635 30.23 45.25 20.33
CA GLU D 635 30.49 46.56 19.75
C GLU D 635 30.18 47.69 20.74
N ASP D 636 29.25 47.43 21.66
CA ASP D 636 28.96 48.39 22.73
C ASP D 636 30.06 48.38 23.78
N ILE D 637 30.44 47.18 24.22
CA ILE D 637 31.49 46.98 25.23
C ILE D 637 32.81 47.60 24.81
N ALA D 638 33.30 47.18 23.66
CA ALA D 638 34.57 47.66 23.11
C ALA D 638 34.58 49.18 22.92
N ALA D 639 33.41 49.76 22.65
CA ALA D 639 33.31 51.20 22.51
C ALA D 639 33.32 51.89 23.88
N ARG D 640 32.77 51.21 24.89
CA ARG D 640 32.73 51.72 26.26
C ARG D 640 34.10 51.68 26.97
N LEU D 641 34.99 50.80 26.52
CA LEU D 641 36.30 50.61 27.16
C LEU D 641 37.43 51.14 26.29
N ASN D 642 37.10 51.63 25.10
CA ASN D 642 38.07 52.14 24.14
C ASN D 642 39.01 51.04 23.59
N ILE D 643 38.68 49.77 23.86
CA ILE D 643 39.54 48.66 23.44
C ILE D 643 39.09 48.11 22.07
N PRO D 644 39.98 47.38 21.37
CA PRO D 644 39.59 46.76 20.08
C PRO D 644 38.38 45.83 20.17
N VAL D 645 37.55 45.84 19.14
CA VAL D 645 36.35 45.01 19.10
C VAL D 645 36.73 43.54 19.06
N SER D 646 37.69 43.21 18.20
CA SER D 646 38.20 41.84 18.06
C SER D 646 39.12 41.48 19.23
N GLN D 647 38.96 42.19 20.35
CA GLN D 647 39.73 41.92 21.56
C GLN D 647 38.81 41.47 22.71
N VAL D 648 37.59 42.02 22.78
CA VAL D 648 36.64 41.68 23.83
C VAL D 648 36.12 40.24 23.73
N ASN D 649 35.93 39.59 24.88
CA ASN D 649 35.40 38.23 24.94
C ASN D 649 33.91 38.17 24.55
N PRO D 650 33.57 37.39 23.51
CA PRO D 650 32.22 37.29 22.93
C PRO D 650 31.11 36.87 23.91
N ARG D 651 31.49 36.35 25.06
CA ARG D 651 30.53 35.82 26.02
C ARG D 651 30.13 36.87 27.04
N ASP D 652 30.89 37.96 27.11
CA ASP D 652 30.49 39.11 27.91
C ASP D 652 29.21 39.69 27.31
N ALA D 653 29.08 39.51 26.00
CA ALA D 653 27.93 39.98 25.24
C ALA D 653 26.74 39.03 25.35
N LYS D 654 25.57 39.62 25.58
CA LYS D 654 24.33 38.85 25.61
C LYS D 654 23.60 39.06 24.30
N ALA D 655 23.74 40.25 23.75
CA ALA D 655 23.15 40.58 22.46
C ALA D 655 24.24 40.68 21.40
N CYS D 656 23.84 40.56 20.14
CA CYS D 656 24.77 40.74 19.03
C CYS D 656 24.04 41.02 17.72
N VAL D 657 24.59 41.95 16.95
CA VAL D 657 24.16 42.18 15.59
C VAL D 657 25.12 41.42 14.69
N VAL D 658 24.56 40.72 13.71
CA VAL D 658 25.34 39.80 12.86
C VAL D 658 25.19 40.09 11.37
N HIS D 659 26.18 40.74 10.77
CA HIS D 659 26.14 41.07 9.34
C HIS D 659 26.09 39.81 8.50
N GLY D 660 25.31 39.84 7.43
CA GLY D 660 25.17 38.70 6.55
C GLY D 660 26.48 38.33 5.90
N SER D 661 27.30 39.34 5.61
CA SER D 661 28.57 39.16 4.91
C SER D 661 29.59 38.38 5.75
N ASP D 662 29.28 38.16 7.02
CA ASP D 662 30.15 37.40 7.93
C ASP D 662 29.57 36.01 8.20
N LEU D 663 28.24 35.88 8.11
CA LEU D 663 27.53 34.60 8.25
C LEU D 663 27.83 33.71 7.06
N LYS D 664 28.09 34.33 5.93
CA LYS D 664 28.58 33.63 4.74
C LYS D 664 29.83 32.80 5.10
N ASP D 665 30.63 33.32 6.01
CA ASP D 665 31.87 32.67 6.43
C ASP D 665 31.71 31.96 7.78
N MET D 666 30.46 31.66 8.13
CA MET D 666 30.15 30.95 9.34
C MET D 666 30.05 29.45 9.08
N THR D 667 30.66 28.64 9.94
CA THR D 667 30.39 27.21 9.91
C THR D 667 29.15 26.93 10.74
N SER D 668 28.57 25.74 10.59
CA SER D 668 27.37 25.37 11.33
C SER D 668 27.60 25.48 12.83
N GLU D 669 28.81 25.13 13.27
CA GLU D 669 29.17 25.24 14.69
C GLU D 669 29.10 26.68 15.17
N GLN D 670 29.62 27.59 14.37
CA GLN D 670 29.65 29.00 14.73
C GLN D 670 28.22 29.58 14.79
N LEU D 671 27.38 29.19 13.84
CA LEU D 671 25.98 29.62 13.84
C LEU D 671 25.29 29.16 15.12
N ASP D 672 25.41 27.88 15.41
CA ASP D 672 24.86 27.28 16.62
C ASP D 672 25.32 28.10 17.80
N ASP D 673 26.60 28.43 17.79
CA ASP D 673 27.24 29.14 18.89
C ASP D 673 26.66 30.54 19.10
N ILE D 674 26.39 31.25 18.01
CA ILE D 674 25.84 32.60 18.09
C ILE D 674 24.36 32.55 18.42
N LEU D 675 23.77 31.38 18.20
CA LEU D 675 22.40 31.09 18.64
C LEU D 675 22.38 30.66 20.10
N LYS D 676 23.19 29.64 20.41
CA LYS D 676 23.24 29.04 21.75
C LYS D 676 23.64 30.04 22.83
N TYR D 677 24.50 31.01 22.51
CA TYR D 677 25.11 31.84 23.55
C TYR D 677 24.74 33.32 23.56
N HIS D 678 23.68 33.67 22.84
CA HIS D 678 23.20 35.05 22.89
C HIS D 678 21.69 35.07 23.13
N THR D 679 21.29 35.78 24.18
CA THR D 679 19.90 35.87 24.54
C THR D 679 19.09 36.54 23.44
N GLU D 680 19.65 37.59 22.84
CA GLU D 680 18.96 38.38 21.83
C GLU D 680 19.82 38.49 20.59
N ILE D 681 19.27 38.12 19.42
CA ILE D 681 20.06 38.17 18.20
C ILE D 681 19.37 38.87 17.04
N VAL D 682 20.17 39.64 16.31
CA VAL D 682 19.76 40.34 15.11
C VAL D 682 20.62 39.90 13.92
N PHE D 683 19.99 39.55 12.82
CA PHE D 683 20.71 39.19 11.61
C PHE D 683 20.38 40.24 10.55
N ALA D 684 21.35 41.08 10.22
CA ALA D 684 21.11 42.16 9.27
C ALA D 684 21.66 41.83 7.89
N ARG D 685 21.28 42.64 6.90
CA ARG D 685 21.73 42.50 5.51
C ARG D 685 21.83 41.05 5.10
N THR D 686 20.78 40.28 5.34
CA THR D 686 20.78 38.85 5.00
C THR D 686 20.21 38.59 3.62
N SER D 687 20.74 37.56 2.98
CA SER D 687 20.18 37.06 1.74
C SER D 687 18.93 36.24 2.05
N PRO D 688 18.01 36.18 1.08
CA PRO D 688 16.87 35.26 1.07
C PRO D 688 17.21 33.91 1.66
N GLN D 689 18.29 33.33 1.18
CA GLN D 689 18.68 31.99 1.60
C GLN D 689 19.24 31.92 3.00
N GLN D 690 19.88 32.98 3.48
CA GLN D 690 20.41 32.96 4.83
C GLN D 690 19.29 32.94 5.87
N LYS D 691 18.20 33.63 5.54
CA LYS D 691 17.00 33.62 6.36
C LYS D 691 16.56 32.20 6.57
N LEU D 692 16.68 31.39 5.53
CA LEU D 692 16.42 29.96 5.64
C LEU D 692 17.45 29.24 6.51
N ILE D 693 18.72 29.63 6.38
CA ILE D 693 19.81 29.02 7.15
C ILE D 693 19.65 29.26 8.64
N ILE D 694 19.28 30.50 8.98
CA ILE D 694 19.07 30.89 10.36
C ILE D 694 17.96 30.07 11.00
N VAL D 695 16.80 30.09 10.35
CA VAL D 695 15.66 29.26 10.73
C VAL D 695 16.06 27.81 10.88
N GLU D 696 16.70 27.30 9.85
CA GLU D 696 17.24 25.95 9.82
C GLU D 696 18.14 25.69 11.00
N GLY D 697 18.86 26.74 11.43
CA GLY D 697 19.80 26.64 12.52
C GLY D 697 19.19 26.60 13.91
N CYS D 698 18.08 27.32 14.09
CA CYS D 698 17.35 27.26 15.36
C CYS D 698 16.62 25.91 15.46
N GLN D 699 16.16 25.42 14.33
CA GLN D 699 15.55 24.10 14.26
C GLN D 699 16.56 23.02 14.66
N ARG D 700 17.82 23.26 14.33
CA ARG D 700 18.91 22.33 14.62
C ARG D 700 19.03 22.13 16.12
N GLN D 701 18.96 23.24 16.86
CA GLN D 701 19.07 23.22 18.31
C GLN D 701 17.99 22.35 18.94
N GLY D 702 16.84 22.27 18.26
CA GLY D 702 15.72 21.44 18.70
C GLY D 702 14.52 22.29 19.03
N ALA D 703 14.52 23.51 18.51
CA ALA D 703 13.43 24.44 18.78
C ALA D 703 12.33 24.37 17.73
N ILE D 704 11.24 25.07 18.01
CA ILE D 704 10.08 25.14 17.13
C ILE D 704 9.96 26.58 16.66
N VAL D 705 10.21 26.84 15.38
CA VAL D 705 10.39 28.23 14.95
C VAL D 705 9.29 28.87 14.11
N ALA D 706 8.98 30.10 14.48
CA ALA D 706 7.94 30.86 13.83
C ALA D 706 8.53 31.93 12.95
N VAL D 707 8.18 31.95 11.67
CA VAL D 707 8.63 33.04 10.82
C VAL D 707 7.49 34.01 10.55
N THR D 708 7.79 35.29 10.67
CA THR D 708 6.85 36.34 10.39
C THR D 708 7.38 37.23 9.29
N GLY D 709 6.89 37.04 8.08
CA GLY D 709 7.38 37.80 6.94
C GLY D 709 6.37 38.58 6.13
N ASP D 710 6.88 39.23 5.09
CA ASP D 710 6.07 39.97 4.13
C ASP D 710 6.69 39.90 2.74
N GLY D 711 8.02 39.91 2.67
CA GLY D 711 8.73 39.98 1.41
C GLY D 711 8.80 38.64 0.70
N VAL D 712 9.00 38.68 -0.61
CA VAL D 712 9.15 37.46 -1.38
C VAL D 712 10.46 36.77 -1.00
N ASN D 713 11.37 37.50 -0.39
CA ASN D 713 12.61 36.90 0.08
C ASN D 713 12.42 36.14 1.39
N ASP D 714 11.19 36.14 1.89
CA ASP D 714 10.88 35.43 3.14
C ASP D 714 10.30 34.06 2.87
N SER D 715 9.83 33.86 1.65
CA SER D 715 9.29 32.58 1.21
C SER D 715 10.16 31.35 1.56
N PRO D 716 11.49 31.45 1.38
CA PRO D 716 12.27 30.27 1.79
C PRO D 716 12.23 30.05 3.30
N ALA D 717 12.28 31.11 4.08
CA ALA D 717 12.25 30.99 5.54
C ALA D 717 10.89 30.50 6.01
N LEU D 718 9.84 31.24 5.64
CA LEU D 718 8.45 30.87 5.88
C LEU D 718 8.16 29.40 5.65
N LYS D 719 8.70 28.90 4.55
CA LYS D 719 8.48 27.52 4.19
C LYS D 719 9.06 26.63 5.25
N LYS D 720 10.38 26.67 5.37
CA LYS D 720 11.17 25.86 6.31
C LYS D 720 10.64 25.89 7.75
N ALA D 721 10.35 27.10 8.23
CA ALA D 721 9.80 27.31 9.55
C ALA D 721 8.68 26.36 9.89
N ASP D 722 8.61 26.02 11.17
CA ASP D 722 7.58 25.14 11.68
C ASP D 722 6.20 25.77 11.48
N ILE D 723 6.11 27.09 11.60
CA ILE D 723 4.91 27.82 11.23
C ILE D 723 5.20 29.16 10.57
N GLY D 724 4.70 29.30 9.34
CA GLY D 724 4.76 30.55 8.64
C GLY D 724 3.70 31.50 9.12
N VAL D 725 3.94 32.78 8.92
CA VAL D 725 3.03 33.84 9.29
C VAL D 725 3.31 34.98 8.34
N ALA D 726 2.37 35.28 7.46
CA ALA D 726 2.62 36.33 6.50
C ALA D 726 1.74 37.55 6.72
N MET D 727 2.09 38.64 6.05
CA MET D 727 1.35 39.88 6.21
C MET D 727 0.33 40.01 5.09
N GLY D 728 -0.94 39.92 5.45
CA GLY D 728 -2.02 39.85 4.49
C GLY D 728 -2.17 41.06 3.60
N ILE D 729 -1.57 42.17 4.00
CA ILE D 729 -1.72 43.41 3.26
C ILE D 729 -0.40 43.75 2.58
N ALA D 730 0.60 44.09 3.38
CA ALA D 730 1.90 44.52 2.88
C ALA D 730 2.68 43.37 2.19
N GLY D 731 2.22 42.15 2.38
CA GLY D 731 2.90 40.97 1.90
C GLY D 731 2.73 40.62 0.44
N SER D 732 3.65 39.79 -0.05
CA SER D 732 3.63 39.33 -1.43
C SER D 732 2.60 38.22 -1.63
N ASP D 733 2.31 37.89 -2.87
CA ASP D 733 1.46 36.74 -3.12
C ASP D 733 2.17 35.48 -2.66
N VAL D 734 3.44 35.34 -3.03
CA VAL D 734 4.22 34.12 -2.77
C VAL D 734 4.35 33.75 -1.29
N SER D 735 4.70 34.74 -0.48
CA SER D 735 4.97 34.52 0.93
C SER D 735 3.66 34.22 1.66
N LYS D 736 2.58 34.83 1.17
CA LYS D 736 1.23 34.51 1.64
C LYS D 736 0.95 33.04 1.41
N GLN D 737 1.26 32.58 0.20
CA GLN D 737 1.12 31.17 -0.15
C GLN D 737 1.92 30.32 0.78
N ALA D 738 3.14 30.80 1.05
CA ALA D 738 4.14 30.09 1.82
C ALA D 738 3.65 29.81 3.21
N ALA D 739 2.86 30.74 3.74
CA ALA D 739 2.49 30.77 5.15
C ALA D 739 1.41 29.77 5.58
N ASP D 740 1.42 29.46 6.86
CA ASP D 740 0.40 28.63 7.46
C ASP D 740 -0.68 29.56 8.01
N MET D 741 -0.36 30.85 8.03
CA MET D 741 -1.18 31.87 8.67
C MET D 741 -1.01 33.21 7.99
N ILE D 742 -2.10 33.93 7.78
CA ILE D 742 -2.04 35.21 7.11
C ILE D 742 -2.79 36.25 7.92
N LEU D 743 -2.12 37.31 8.31
CA LEU D 743 -2.75 38.33 9.14
C LEU D 743 -3.42 39.37 8.25
N LEU D 744 -4.73 39.22 8.04
CA LEU D 744 -5.45 40.02 7.06
C LEU D 744 -5.44 41.49 7.43
N ASP D 745 -5.31 41.78 8.73
CA ASP D 745 -5.33 43.15 9.17
C ASP D 745 -3.91 43.71 9.31
N ASP D 746 -2.91 42.86 9.07
CA ASP D 746 -1.48 43.22 9.19
C ASP D 746 -1.10 43.53 10.65
N ASN D 747 -1.92 43.10 11.59
CA ASN D 747 -1.64 43.31 13.00
C ASN D 747 -0.72 42.25 13.58
N PHE D 748 0.42 42.67 14.12
CA PHE D 748 1.40 41.71 14.59
C PHE D 748 0.87 40.92 15.78
N ALA D 749 0.08 41.57 16.64
CA ALA D 749 -0.37 40.93 17.86
C ALA D 749 -1.21 39.68 17.60
N SER D 750 -1.72 39.51 16.39
CA SER D 750 -2.48 38.31 16.07
C SER D 750 -1.65 37.05 16.31
N ILE D 751 -0.33 37.16 16.19
CA ILE D 751 0.54 36.02 16.44
C ILE D 751 0.47 35.64 17.92
N VAL D 752 0.47 36.65 18.77
CA VAL D 752 0.31 36.45 20.21
C VAL D 752 -0.97 35.66 20.53
N THR D 753 -2.09 36.18 20.04
CA THR D 753 -3.39 35.51 20.12
C THR D 753 -3.27 34.04 19.82
N GLY D 754 -2.55 33.73 18.74
CA GLY D 754 -2.44 32.37 18.23
C GLY D 754 -1.61 31.41 19.06
N VAL D 755 -0.51 31.87 19.64
CA VAL D 755 0.30 30.99 20.48
C VAL D 755 -0.48 30.65 21.76
N GLU D 756 -1.34 31.58 22.19
CA GLU D 756 -2.26 31.35 23.30
C GLU D 756 -3.22 30.22 22.95
N GLU D 757 -3.90 30.39 21.82
CA GLU D 757 -4.82 29.39 21.30
C GLU D 757 -4.16 28.04 21.21
N GLY D 758 -3.00 28.01 20.58
CA GLY D 758 -2.23 26.79 20.37
C GLY D 758 -1.81 26.09 21.65
N ARG D 759 -1.53 26.86 22.69
CA ARG D 759 -1.31 26.29 24.00
C ARG D 759 -2.63 25.78 24.59
N LEU D 760 -3.73 26.46 24.29
CA LEU D 760 -5.05 26.13 24.87
C LEU D 760 -5.69 24.88 24.27
N ILE D 761 -5.56 24.71 22.96
CA ILE D 761 -6.06 23.51 22.33
C ILE D 761 -5.23 22.29 22.77
N PHE D 762 -3.95 22.51 23.05
CA PHE D 762 -3.10 21.41 23.53
C PHE D 762 -3.61 20.94 24.90
N ASP D 763 -3.78 21.89 25.82
CA ASP D 763 -4.22 21.59 27.18
C ASP D 763 -5.57 20.89 27.22
N ASN D 764 -6.58 21.48 26.57
CA ASN D 764 -7.92 20.95 26.67
C ASN D 764 -8.04 19.52 26.18
N LEU D 765 -7.39 19.21 25.06
CA LEU D 765 -7.38 17.84 24.58
C LEU D 765 -6.79 16.92 25.65
N LYS D 766 -5.62 17.32 26.14
CA LYS D 766 -4.96 16.58 27.21
C LYS D 766 -5.92 16.36 28.36
N LYS D 767 -6.56 17.45 28.77
CA LYS D 767 -7.58 17.41 29.82
C LYS D 767 -8.67 16.41 29.48
N SER D 768 -9.20 16.50 28.26
CA SER D 768 -10.28 15.63 27.85
C SER D 768 -9.84 14.18 27.86
N ILE D 769 -8.62 13.95 27.42
CA ILE D 769 -8.03 12.62 27.44
C ILE D 769 -7.88 12.09 28.88
N ALA D 770 -7.39 12.94 29.78
CA ALA D 770 -7.18 12.59 31.18
C ALA D 770 -8.46 12.11 31.85
N TYR D 771 -9.55 12.86 31.67
CA TYR D 771 -10.85 12.49 32.23
C TYR D 771 -11.46 11.25 31.58
N THR D 772 -11.19 11.03 30.30
CA THR D 772 -11.81 9.91 29.58
C THR D 772 -11.08 8.59 29.88
N LEU D 773 -9.85 8.68 30.39
CA LEU D 773 -9.07 7.46 30.66
C LEU D 773 -9.30 6.86 32.04
N THR D 774 -9.74 7.68 32.99
CA THR D 774 -9.92 7.22 34.37
C THR D 774 -10.93 6.09 34.53
N SER D 775 -12.11 6.26 33.94
CA SER D 775 -13.21 5.32 34.08
C SER D 775 -12.86 3.87 33.70
N ASN D 776 -11.81 3.72 32.92
CA ASN D 776 -11.41 2.39 32.44
C ASN D 776 -11.13 1.36 33.54
N ILE D 777 -10.32 1.73 34.52
CA ILE D 777 -9.92 0.81 35.57
C ILE D 777 -11.14 0.29 36.35
N PRO D 778 -12.06 1.19 36.77
CA PRO D 778 -13.24 0.62 37.43
C PRO D 778 -14.17 -0.18 36.51
N GLU D 779 -13.95 -0.13 35.20
CA GLU D 779 -14.80 -0.84 34.26
C GLU D 779 -14.39 -2.31 34.14
N ILE D 780 -13.09 -2.57 34.25
CA ILE D 780 -12.58 -3.93 34.11
C ILE D 780 -12.25 -4.64 35.44
N THR D 781 -11.86 -3.90 36.48
CA THR D 781 -11.57 -4.51 37.79
C THR D 781 -12.69 -5.39 38.37
N PRO D 782 -13.98 -4.98 38.25
CA PRO D 782 -15.02 -5.86 38.77
C PRO D 782 -14.97 -7.24 38.13
N PHE D 783 -14.89 -7.30 36.80
CA PHE D 783 -14.81 -8.61 36.15
C PHE D 783 -13.55 -9.35 36.60
N LEU D 784 -12.46 -8.63 36.80
CA LEU D 784 -11.21 -9.23 37.24
C LEU D 784 -11.36 -9.86 38.62
N ILE D 785 -11.83 -9.08 39.58
CA ILE D 785 -12.03 -9.55 40.94
C ILE D 785 -13.11 -10.62 40.98
N PHE D 786 -14.03 -10.56 40.02
CA PHE D 786 -15.08 -11.55 39.86
C PHE D 786 -14.49 -12.94 39.64
N ILE D 787 -13.24 -12.96 39.17
CA ILE D 787 -12.55 -14.22 38.94
C ILE D 787 -11.54 -14.53 40.03
N ILE D 788 -10.76 -13.53 40.43
CA ILE D 788 -9.68 -13.74 41.38
C ILE D 788 -10.19 -14.20 42.74
N ALA D 789 -11.27 -13.59 43.22
CA ALA D 789 -11.75 -13.92 44.56
C ALA D 789 -13.01 -14.77 44.49
N ASN D 790 -13.59 -14.85 43.31
CA ASN D 790 -14.82 -15.61 43.06
C ASN D 790 -15.96 -15.16 43.97
N ILE D 791 -16.29 -13.88 43.86
CA ILE D 791 -17.42 -13.26 44.55
C ILE D 791 -18.46 -12.95 43.49
N PRO D 792 -19.67 -12.54 43.90
CA PRO D 792 -20.62 -12.18 42.85
C PRO D 792 -20.16 -10.98 42.02
N LEU D 793 -20.59 -10.95 40.76
CA LEU D 793 -20.17 -9.93 39.80
C LEU D 793 -20.69 -8.54 40.15
N PRO D 794 -19.78 -7.61 40.44
CA PRO D 794 -20.10 -6.26 40.89
C PRO D 794 -20.56 -5.32 39.78
N LEU D 795 -20.20 -5.62 38.53
CA LEU D 795 -20.51 -4.72 37.42
C LEU D 795 -20.71 -5.49 36.11
N GLY D 796 -21.85 -5.26 35.46
CA GLY D 796 -22.23 -6.00 34.26
C GLY D 796 -22.20 -5.22 32.95
N THR D 797 -22.19 -5.96 31.83
CA THR D 797 -21.95 -5.37 30.51
C THR D 797 -22.83 -4.19 30.17
N VAL D 798 -24.10 -4.29 30.55
CA VAL D 798 -25.06 -3.24 30.27
C VAL D 798 -24.67 -1.96 30.99
N THR D 799 -24.18 -2.10 32.21
CA THR D 799 -23.88 -0.94 33.02
C THR D 799 -22.42 -0.50 32.84
N ILE D 800 -21.60 -1.35 32.24
CA ILE D 800 -20.31 -0.89 31.75
C ILE D 800 -20.64 0.11 30.67
N LEU D 801 -21.52 -0.35 29.78
CA LEU D 801 -22.02 0.43 28.67
C LEU D 801 -22.61 1.75 29.13
N CYS D 802 -23.05 1.79 30.38
CA CYS D 802 -23.63 3.01 30.92
C CYS D 802 -22.53 3.98 31.34
N ILE D 803 -21.46 3.45 31.90
CA ILE D 803 -20.32 4.28 32.27
C ILE D 803 -19.74 5.05 31.10
N ASP D 804 -19.34 4.28 30.08
CA ASP D 804 -18.62 4.83 28.94
C ASP D 804 -19.43 5.83 28.11
N LEU D 805 -20.65 5.46 27.69
CA LEU D 805 -21.49 6.39 26.93
C LEU D 805 -22.49 7.13 27.80
N GLY D 806 -22.18 7.25 29.08
CA GLY D 806 -23.00 8.03 29.97
C GLY D 806 -22.17 9.13 30.58
N THR D 807 -20.90 8.83 30.85
CA THR D 807 -20.02 9.77 31.54
C THR D 807 -18.72 10.05 30.80
N ASP D 808 -18.40 9.28 29.76
CA ASP D 808 -17.21 9.57 28.97
C ASP D 808 -17.57 10.22 27.66
N MET D 809 -18.82 10.66 27.53
CA MET D 809 -19.24 11.24 26.28
C MET D 809 -19.41 12.76 26.40
N VAL D 810 -20.64 13.19 26.67
CA VAL D 810 -20.94 14.61 26.88
C VAL D 810 -19.95 15.32 27.81
N PRO D 811 -19.55 14.67 28.93
CA PRO D 811 -18.54 15.32 29.78
C PRO D 811 -17.17 15.52 29.12
N ALA D 812 -16.65 14.52 28.40
CA ALA D 812 -15.33 14.64 27.81
C ALA D 812 -15.32 15.75 26.76
N ILE D 813 -16.34 15.74 25.91
CA ILE D 813 -16.52 16.77 24.89
C ILE D 813 -16.44 18.16 25.48
N SER D 814 -17.19 18.40 26.55
CA SER D 814 -17.26 19.72 27.18
C SER D 814 -15.90 20.32 27.58
N LEU D 815 -14.91 19.46 27.79
CA LEU D 815 -13.59 19.95 28.18
C LEU D 815 -12.89 20.69 27.03
N ALA D 816 -13.43 20.60 25.82
CA ALA D 816 -12.93 21.42 24.73
C ALA D 816 -13.34 22.86 24.99
N TYR D 817 -14.56 23.03 25.48
CA TYR D 817 -15.14 24.35 25.69
C TYR D 817 -14.41 25.11 26.77
N GLU D 818 -13.77 24.39 27.67
CA GLU D 818 -13.11 24.97 28.84
C GLU D 818 -12.21 26.13 28.45
N GLN D 819 -12.15 27.14 29.30
CA GLN D 819 -11.37 28.34 28.97
C GLN D 819 -9.90 28.20 29.35
N ALA D 820 -9.16 29.27 29.19
CA ALA D 820 -7.74 29.26 29.48
C ALA D 820 -7.50 29.44 30.97
N GLU D 821 -6.42 28.87 31.46
CA GLU D 821 -5.96 29.14 32.83
C GLU D 821 -5.25 30.48 32.82
N SER D 822 -4.74 30.92 33.96
CA SER D 822 -3.97 32.16 33.97
C SER D 822 -2.53 31.84 33.57
N ASP D 823 -2.07 30.67 34.00
CA ASP D 823 -0.72 30.19 33.72
C ASP D 823 -0.54 29.63 32.32
N ILE D 824 -0.67 30.45 31.26
CA ILE D 824 -0.37 29.92 29.94
C ILE D 824 0.65 30.77 29.20
N MET D 825 0.45 32.08 29.16
CA MET D 825 1.39 32.95 28.46
C MET D 825 2.51 33.39 29.41
N LYS D 826 2.68 32.62 30.47
CA LYS D 826 3.77 32.82 31.38
C LYS D 826 4.62 31.56 31.49
N ARG D 827 3.98 30.40 31.31
CA ARG D 827 4.70 29.13 31.36
C ARG D 827 5.58 28.97 30.10
N GLN D 828 6.60 28.13 30.20
CA GLN D 828 7.53 27.92 29.10
C GLN D 828 6.90 27.09 27.97
N PRO D 829 7.34 27.35 26.72
CA PRO D 829 6.88 26.61 25.53
C PRO D 829 7.02 25.12 25.74
N ARG D 830 6.02 24.33 25.38
CA ARG D 830 6.05 22.90 25.70
C ARG D 830 7.22 22.19 25.03
N ASN D 831 8.00 21.48 25.84
CA ASN D 831 9.05 20.60 25.36
C ASN D 831 8.43 19.49 24.54
N PRO D 832 8.76 19.44 23.23
CA PRO D 832 8.21 18.42 22.33
C PRO D 832 8.35 16.97 22.85
N LYS D 833 9.57 16.56 23.19
CA LYS D 833 9.87 15.17 23.52
C LYS D 833 9.56 14.80 24.98
N THR D 834 8.92 15.71 25.73
CA THR D 834 8.50 15.41 27.11
C THR D 834 6.98 15.53 27.27
N ASP D 835 6.48 16.76 27.21
CA ASP D 835 5.04 17.02 27.30
C ASP D 835 4.30 16.45 26.10
N LYS D 836 4.28 15.12 26.00
CA LYS D 836 3.48 14.46 24.99
C LYS D 836 2.01 14.56 25.39
N LEU D 837 1.14 14.69 24.39
CA LEU D 837 -0.29 14.78 24.63
C LEU D 837 -0.81 13.57 25.39
N VAL D 838 0.01 12.52 25.41
CA VAL D 838 -0.21 11.34 26.22
C VAL D 838 1.14 10.79 26.70
N ASN D 839 1.53 11.14 27.92
CA ASN D 839 2.78 10.66 28.51
C ASN D 839 2.56 9.79 29.76
N GLU D 840 3.64 9.18 30.25
CA GLU D 840 3.62 8.28 31.42
C GLU D 840 2.92 8.90 32.63
N ARG D 841 3.06 10.21 32.78
CA ARG D 841 2.52 10.88 33.94
C ARG D 841 1.01 11.07 33.79
N LEU D 842 0.50 10.97 32.56
CA LEU D 842 -0.94 11.02 32.33
C LEU D 842 -1.56 9.66 32.54
N ILE D 843 -0.80 8.63 32.22
CA ILE D 843 -1.20 7.27 32.56
C ILE D 843 -1.17 7.10 34.08
N SER D 844 -0.09 7.57 34.69
CA SER D 844 0.07 7.54 36.14
C SER D 844 -1.17 8.06 36.84
N MET D 845 -1.62 9.26 36.46
CA MET D 845 -2.78 9.87 37.08
C MET D 845 -4.07 9.12 36.78
N ALA D 846 -4.35 8.89 35.51
CA ALA D 846 -5.60 8.23 35.11
C ALA D 846 -5.69 6.79 35.62
N TYR D 847 -4.69 5.98 35.25
CA TYR D 847 -4.71 4.55 35.57
C TYR D 847 -4.26 4.21 36.99
N GLY D 848 -3.20 4.88 37.45
CA GLY D 848 -2.61 4.56 38.74
C GLY D 848 -3.29 5.12 39.97
N GLN D 849 -3.88 6.31 39.88
CA GLN D 849 -4.41 6.94 41.08
C GLN D 849 -5.92 7.27 41.03
N ILE D 850 -6.30 8.25 40.20
CA ILE D 850 -7.66 8.76 40.18
C ILE D 850 -8.69 7.69 39.81
N GLY D 851 -8.39 6.93 38.76
CA GLY D 851 -9.25 5.83 38.37
C GLY D 851 -9.27 4.75 39.44
N MET D 852 -8.14 4.56 40.09
CA MET D 852 -8.02 3.54 41.12
C MET D 852 -8.89 3.94 42.31
N ILE D 853 -9.07 5.24 42.51
CA ILE D 853 -9.94 5.70 43.59
C ILE D 853 -11.40 5.48 43.23
N GLN D 854 -11.75 5.76 41.98
CA GLN D 854 -13.11 5.60 41.50
C GLN D 854 -13.58 4.15 41.51
N ALA D 855 -12.63 3.22 41.40
CA ALA D 855 -12.95 1.80 41.44
C ALA D 855 -13.35 1.40 42.85
N LEU D 856 -12.54 1.81 43.83
CA LEU D 856 -12.86 1.54 45.22
C LEU D 856 -14.21 2.16 45.57
N GLY D 857 -14.50 3.32 45.00
CA GLY D 857 -15.77 4.00 45.23
C GLY D 857 -16.97 3.16 44.87
N GLY D 858 -16.99 2.65 43.64
CA GLY D 858 -18.02 1.71 43.24
C GLY D 858 -17.96 0.51 44.13
N PHE D 859 -16.89 -0.29 43.96
CA PHE D 859 -16.63 -1.50 44.76
C PHE D 859 -17.09 -1.40 46.21
N PHE D 860 -16.98 -0.20 46.78
CA PHE D 860 -17.41 0.01 48.15
C PHE D 860 -18.93 -0.16 48.30
N THR D 861 -19.68 0.53 47.45
CA THR D 861 -21.16 0.49 47.51
C THR D 861 -21.70 -0.88 47.09
N TYR D 862 -20.88 -1.64 46.39
CA TYR D 862 -21.18 -3.03 46.11
C TYR D 862 -21.28 -3.83 47.39
N PHE D 863 -20.34 -3.60 48.31
CA PHE D 863 -20.33 -4.31 49.57
C PHE D 863 -21.42 -3.79 50.49
N VAL D 864 -21.79 -2.53 50.31
CA VAL D 864 -22.84 -1.95 51.13
C VAL D 864 -24.17 -2.62 50.83
N ILE D 865 -24.60 -2.59 49.57
CA ILE D 865 -25.89 -3.17 49.19
C ILE D 865 -25.99 -4.66 49.54
N LEU D 866 -24.93 -5.40 49.25
CA LEU D 866 -24.88 -6.81 49.59
C LEU D 866 -24.92 -7.03 51.11
N ALA D 867 -24.09 -6.30 51.86
CA ALA D 867 -24.11 -6.43 53.30
C ALA D 867 -25.46 -5.99 53.88
N GLU D 868 -26.01 -4.91 53.33
CA GLU D 868 -27.29 -4.41 53.82
C GLU D 868 -28.46 -5.28 53.38
N ASN D 869 -28.17 -6.36 52.67
CA ASN D 869 -29.24 -7.24 52.19
C ASN D 869 -29.14 -8.65 52.76
N GLY D 870 -28.03 -8.94 53.44
CA GLY D 870 -27.87 -10.22 54.11
C GLY D 870 -26.50 -10.84 53.99
N PHE D 871 -25.66 -10.27 53.13
CA PHE D 871 -24.36 -10.87 52.83
C PHE D 871 -23.20 -9.98 53.25
N LEU D 872 -22.73 -10.18 54.48
CA LEU D 872 -21.51 -9.53 54.98
C LEU D 872 -20.40 -9.67 53.95
N PRO D 873 -19.61 -8.60 53.77
CA PRO D 873 -18.45 -8.62 52.89
C PRO D 873 -17.59 -9.87 53.03
N ILE D 874 -17.12 -10.19 54.24
CA ILE D 874 -16.21 -11.32 54.45
C ILE D 874 -16.92 -12.69 54.22
N HIS D 875 -18.18 -12.63 53.77
CA HIS D 875 -18.94 -13.83 53.47
C HIS D 875 -19.15 -14.03 51.95
N LEU D 876 -18.79 -13.02 51.17
CA LEU D 876 -19.09 -13.03 49.73
C LEU D 876 -18.12 -13.89 48.91
N LEU D 877 -16.92 -14.12 49.43
CA LEU D 877 -15.89 -14.89 48.73
C LEU D 877 -16.32 -16.32 48.42
N GLY D 878 -15.91 -16.83 47.26
CA GLY D 878 -16.18 -18.21 46.93
C GLY D 878 -17.61 -18.49 46.50
N LEU D 879 -18.53 -17.57 46.79
CA LEU D 879 -19.94 -17.73 46.42
C LEU D 879 -20.12 -17.96 44.93
N ARG D 880 -19.32 -17.23 44.16
CA ARG D 880 -19.29 -17.21 42.70
C ARG D 880 -20.12 -18.30 42.04
N VAL D 881 -19.69 -19.54 42.22
CA VAL D 881 -20.30 -20.67 41.52
C VAL D 881 -21.76 -20.91 41.91
N ASN D 882 -22.01 -21.09 43.20
CA ASN D 882 -23.36 -21.35 43.68
C ASN D 882 -24.20 -20.09 43.55
N TRP D 883 -23.55 -18.94 43.49
CA TRP D 883 -24.26 -17.68 43.41
C TRP D 883 -24.93 -17.51 42.04
N ASP D 884 -24.25 -17.97 40.98
CA ASP D 884 -24.78 -17.87 39.63
C ASP D 884 -25.40 -19.17 39.13
N ASP D 885 -25.30 -20.23 39.94
CA ASP D 885 -25.88 -21.53 39.58
C ASP D 885 -27.40 -21.36 39.50
N ARG D 886 -27.93 -21.37 38.28
CA ARG D 886 -29.32 -21.05 38.06
C ARG D 886 -30.27 -22.08 38.66
N TRP D 887 -29.73 -23.08 39.35
CA TRP D 887 -30.52 -24.21 39.82
C TRP D 887 -30.60 -24.42 41.33
N ILE D 888 -29.61 -23.92 42.07
CA ILE D 888 -29.73 -23.97 43.52
C ILE D 888 -30.46 -22.73 43.99
N ASN D 889 -31.61 -22.95 44.61
CA ASN D 889 -32.38 -21.87 45.20
C ASN D 889 -32.35 -22.04 46.72
N ASP D 890 -31.20 -22.53 47.21
CA ASP D 890 -30.94 -22.82 48.61
C ASP D 890 -29.99 -21.81 49.26
N VAL D 891 -29.42 -20.91 48.46
CA VAL D 891 -28.34 -20.01 48.89
C VAL D 891 -28.55 -19.34 50.24
N GLU D 892 -27.61 -19.58 51.14
CA GLU D 892 -27.67 -19.06 52.50
C GLU D 892 -26.73 -17.89 52.65
N ASP D 893 -27.18 -16.85 53.33
CA ASP D 893 -26.35 -15.68 53.56
C ASP D 893 -25.73 -15.73 54.95
N SER D 894 -25.15 -14.61 55.37
CA SER D 894 -24.51 -14.56 56.68
C SER D 894 -25.53 -14.81 57.77
N TYR D 895 -26.68 -14.14 57.68
CA TYR D 895 -27.70 -14.29 58.70
C TYR D 895 -28.35 -15.67 58.69
N GLY D 896 -28.14 -16.42 57.62
CA GLY D 896 -28.63 -17.78 57.55
C GLY D 896 -29.99 -17.93 56.89
N GLN D 897 -30.44 -16.89 56.19
CA GLN D 897 -31.67 -17.02 55.44
C GLN D 897 -31.39 -17.53 54.03
N GLN D 898 -32.39 -18.15 53.42
CA GLN D 898 -32.19 -18.83 52.15
C GLN D 898 -32.72 -18.03 50.95
N TRP D 899 -31.94 -17.98 49.88
CA TRP D 899 -32.28 -17.20 48.70
C TRP D 899 -32.58 -18.09 47.50
N THR D 900 -33.51 -17.66 46.65
CA THR D 900 -33.69 -18.32 45.36
C THR D 900 -32.83 -17.57 44.35
N TYR D 901 -32.53 -18.20 43.21
CA TYR D 901 -31.67 -17.59 42.21
C TYR D 901 -32.14 -16.21 41.83
N GLU D 902 -33.27 -16.13 41.11
CA GLU D 902 -33.75 -14.87 40.56
C GLU D 902 -33.92 -13.80 41.64
N GLN D 903 -34.23 -14.22 42.85
CA GLN D 903 -34.19 -13.33 44.01
C GLN D 903 -32.82 -12.68 44.21
N ARG D 904 -31.79 -13.53 44.29
CA ARG D 904 -30.44 -13.07 44.64
C ARG D 904 -29.83 -12.30 43.48
N LYS D 905 -30.37 -12.52 42.29
CA LYS D 905 -29.91 -11.81 41.13
C LYS D 905 -30.53 -10.42 41.09
N ILE D 906 -31.73 -10.28 41.62
CA ILE D 906 -32.34 -8.96 41.76
C ILE D 906 -31.38 -8.07 42.51
N VAL D 907 -30.76 -8.64 43.55
CA VAL D 907 -29.77 -7.92 44.33
C VAL D 907 -28.48 -7.68 43.55
N GLU D 908 -27.96 -8.74 42.90
CA GLU D 908 -26.74 -8.63 42.10
C GLU D 908 -26.83 -7.47 41.11
N PHE D 909 -27.99 -7.31 40.50
CA PHE D 909 -28.15 -6.28 39.49
C PHE D 909 -28.55 -4.95 40.13
N THR D 910 -29.10 -4.98 41.34
CA THR D 910 -29.34 -3.73 42.04
C THR D 910 -28.00 -3.19 42.49
N CYS D 911 -26.97 -4.02 42.38
CA CYS D 911 -25.58 -3.57 42.62
C CYS D 911 -25.00 -2.89 41.39
N HIS D 912 -25.05 -3.54 40.24
CA HIS D 912 -24.55 -2.94 38.99
C HIS D 912 -25.12 -1.55 38.79
N THR D 913 -26.40 -1.41 39.10
CA THR D 913 -27.04 -0.12 38.94
C THR D 913 -26.35 0.88 39.83
N ALA D 914 -26.13 0.50 41.08
CA ALA D 914 -25.50 1.40 42.04
C ALA D 914 -24.06 1.73 41.66
N PHE D 915 -23.30 0.69 41.30
CA PHE D 915 -21.92 0.83 40.87
C PHE D 915 -21.84 1.93 39.82
N PHE D 916 -22.65 1.76 38.78
CA PHE D 916 -22.87 2.77 37.76
C PHE D 916 -23.10 4.15 38.36
N VAL D 917 -24.05 4.25 39.28
CA VAL D 917 -24.34 5.52 39.89
C VAL D 917 -23.18 5.95 40.79
N SER D 918 -22.43 4.98 41.33
CA SER D 918 -21.28 5.31 42.17
C SER D 918 -20.14 5.83 41.33
N ILE D 919 -20.08 5.37 40.08
CA ILE D 919 -19.09 5.85 39.13
C ILE D 919 -19.46 7.25 38.66
N VAL D 920 -20.76 7.54 38.58
CA VAL D 920 -21.20 8.84 38.13
C VAL D 920 -20.61 9.89 39.05
N VAL D 921 -20.79 9.70 40.36
CA VAL D 921 -20.38 10.73 41.30
C VAL D 921 -18.87 10.86 41.39
N VAL D 922 -18.11 9.79 41.13
CA VAL D 922 -16.65 9.94 41.16
C VAL D 922 -16.20 10.58 39.86
N GLN D 923 -17.07 10.60 38.86
CA GLN D 923 -16.75 11.30 37.62
C GLN D 923 -17.04 12.79 37.76
N TRP D 924 -17.87 13.16 38.73
CA TRP D 924 -18.05 14.57 39.08
C TRP D 924 -16.72 15.21 39.37
N ALA D 925 -16.02 14.67 40.35
CA ALA D 925 -14.73 15.20 40.78
C ALA D 925 -13.69 15.15 39.66
N ASP D 926 -13.67 14.04 38.92
CA ASP D 926 -12.73 13.89 37.81
C ASP D 926 -12.96 15.02 36.83
N LEU D 927 -14.21 15.24 36.46
CA LEU D 927 -14.56 16.25 35.47
C LEU D 927 -14.32 17.68 35.96
N VAL D 928 -14.02 17.84 37.24
CA VAL D 928 -13.74 19.16 37.81
C VAL D 928 -12.26 19.35 38.11
N ILE D 929 -11.58 18.28 38.51
CA ILE D 929 -10.14 18.37 38.66
C ILE D 929 -9.50 18.37 37.27
N CYS D 930 -10.12 17.69 36.31
CA CYS D 930 -9.62 17.65 34.93
C CYS D 930 -10.02 18.93 34.19
N LYS D 931 -10.50 19.90 34.94
CA LYS D 931 -10.87 21.20 34.39
C LYS D 931 -9.64 22.08 34.35
N THR D 932 -8.55 21.59 34.93
CA THR D 932 -7.35 22.40 35.17
C THR D 932 -6.13 21.56 35.50
N ARG D 933 -4.99 21.86 34.86
CA ARG D 933 -3.78 21.09 35.06
C ARG D 933 -2.78 21.72 36.06
N ARG D 934 -3.03 22.96 36.49
CA ARG D 934 -2.15 23.63 37.45
C ARG D 934 -2.86 24.40 38.59
N ASN D 935 -3.60 25.47 38.25
CA ASN D 935 -4.27 26.29 39.28
C ASN D 935 -5.32 25.54 40.11
N SER D 936 -5.70 26.11 41.24
CA SER D 936 -6.81 25.53 42.01
C SER D 936 -8.09 25.86 41.28
N VAL D 937 -9.07 24.97 41.37
CA VAL D 937 -10.32 25.15 40.67
C VAL D 937 -10.99 26.45 41.08
N PHE D 938 -10.63 26.96 42.26
CA PHE D 938 -11.16 28.25 42.73
C PHE D 938 -10.58 29.43 41.97
N GLN D 939 -9.39 29.26 41.43
CA GLN D 939 -8.80 30.30 40.59
C GLN D 939 -9.44 30.27 39.22
N GLN D 940 -9.61 29.06 38.69
CA GLN D 940 -10.11 28.85 37.33
C GLN D 940 -11.51 29.40 37.18
N GLY D 941 -12.40 28.98 38.07
CA GLY D 941 -13.80 29.40 38.04
C GLY D 941 -14.67 28.65 37.04
N MET D 942 -15.85 28.25 37.51
CA MET D 942 -16.82 27.54 36.66
C MET D 942 -17.41 28.46 35.57
N LYS D 943 -16.74 28.50 34.43
CA LYS D 943 -17.20 29.27 33.27
C LYS D 943 -17.70 28.36 32.16
N ASN D 944 -17.10 27.19 32.08
CA ASN D 944 -17.55 26.19 31.13
C ASN D 944 -19.01 25.85 31.36
N LYS D 945 -19.91 26.47 30.61
CA LYS D 945 -21.35 26.20 30.72
C LYS D 945 -21.68 24.76 30.38
N ILE D 946 -20.88 24.15 29.51
CA ILE D 946 -21.19 22.83 28.99
C ILE D 946 -20.66 21.75 29.95
N LEU D 947 -19.62 22.06 30.70
CA LEU D 947 -19.15 21.13 31.74
C LEU D 947 -20.25 20.92 32.76
N ILE D 948 -20.82 22.02 33.24
CA ILE D 948 -21.90 21.97 34.19
C ILE D 948 -23.07 21.23 33.61
N PHE D 949 -23.54 21.68 32.44
CA PHE D 949 -24.55 20.99 31.67
C PHE D 949 -24.26 19.50 31.64
N GLY D 950 -23.02 19.17 31.34
CA GLY D 950 -22.57 17.79 31.34
C GLY D 950 -22.77 17.09 32.67
N LEU D 951 -22.54 17.81 33.78
CA LEU D 951 -22.69 17.19 35.08
C LEU D 951 -24.14 16.87 35.38
N PHE D 952 -25.02 17.80 35.05
CA PHE D 952 -26.44 17.60 35.36
C PHE D 952 -27.03 16.49 34.53
N GLU D 953 -26.80 16.52 33.22
CA GLU D 953 -27.39 15.54 32.31
C GLU D 953 -26.99 14.14 32.74
N GLU D 954 -25.70 13.98 32.93
CA GLU D 954 -25.09 12.78 33.48
C GLU D 954 -25.94 12.13 34.59
N THR D 955 -26.09 12.87 35.68
CA THR D 955 -26.79 12.36 36.86
C THR D 955 -28.29 12.13 36.60
N ALA D 956 -28.92 12.97 35.79
CA ALA D 956 -30.33 12.78 35.44
C ALA D 956 -30.52 11.45 34.72
N LEU D 957 -29.56 11.12 33.86
CA LEU D 957 -29.54 9.87 33.12
C LEU D 957 -29.40 8.69 34.06
N ALA D 958 -28.59 8.85 35.10
CA ALA D 958 -28.37 7.80 36.08
C ALA D 958 -29.61 7.56 36.93
N ALA D 959 -30.19 8.65 37.46
CA ALA D 959 -31.40 8.57 38.27
C ALA D 959 -32.50 7.91 37.46
N PHE D 960 -32.70 8.43 36.25
CA PHE D 960 -33.65 7.88 35.30
C PHE D 960 -33.46 6.37 35.12
N LEU D 961 -32.32 5.98 34.53
CA LEU D 961 -31.94 4.57 34.29
C LEU D 961 -32.33 3.60 35.41
N SER D 962 -32.42 4.12 36.63
CA SER D 962 -32.64 3.31 37.81
C SER D 962 -34.11 3.34 38.18
N TYR D 963 -34.65 4.56 38.31
CA TYR D 963 -35.98 4.77 38.83
C TYR D 963 -37.08 4.74 37.80
N CYS D 964 -36.70 4.64 36.54
CA CYS D 964 -37.67 4.55 35.48
C CYS D 964 -38.20 3.12 35.40
N PRO D 965 -39.51 2.96 35.15
CA PRO D 965 -40.17 1.65 35.02
C PRO D 965 -39.56 0.73 33.97
N GLY D 966 -39.61 -0.57 34.20
CA GLY D 966 -39.21 -1.54 33.21
C GLY D 966 -37.73 -1.59 32.89
N MET D 967 -36.94 -0.77 33.57
CA MET D 967 -35.51 -0.77 33.36
C MET D 967 -34.94 -2.13 33.77
N GLY D 968 -35.59 -2.75 34.76
CA GLY D 968 -35.15 -4.03 35.28
C GLY D 968 -35.55 -5.21 34.43
N VAL D 969 -36.57 -5.01 33.60
CA VAL D 969 -37.07 -6.05 32.71
C VAL D 969 -36.35 -5.93 31.38
N ALA D 970 -35.73 -4.77 31.16
CA ALA D 970 -35.09 -4.46 29.90
C ALA D 970 -33.56 -4.44 30.01
N LEU D 971 -33.05 -3.86 31.09
CA LEU D 971 -31.62 -3.64 31.25
C LEU D 971 -31.11 -4.12 32.61
N ARG D 972 -31.94 -4.88 33.31
CA ARG D 972 -31.60 -5.37 34.64
C ARG D 972 -31.25 -4.23 35.58
N MET D 973 -31.79 -3.04 35.33
CA MET D 973 -31.46 -1.89 36.14
C MET D 973 -32.55 -1.56 37.15
N TYR D 974 -32.32 -1.90 38.41
CA TYR D 974 -33.32 -1.69 39.42
C TYR D 974 -33.09 -0.37 40.16
N PRO D 975 -34.09 0.10 40.92
CA PRO D 975 -33.99 1.33 41.72
C PRO D 975 -32.91 1.30 42.79
N LEU D 976 -32.69 2.46 43.38
CA LEU D 976 -31.74 2.61 44.47
C LEU D 976 -32.42 3.22 45.69
N LYS D 977 -32.13 2.68 46.86
CA LYS D 977 -32.63 3.25 48.10
C LYS D 977 -31.78 4.48 48.44
N PRO D 978 -32.43 5.63 48.66
CA PRO D 978 -31.77 6.95 48.78
C PRO D 978 -30.41 6.97 49.48
N THR D 979 -30.24 6.20 50.56
CA THR D 979 -28.98 6.12 51.28
C THR D 979 -27.84 5.58 50.40
N TRP D 980 -28.17 4.78 49.38
CA TRP D 980 -27.18 4.28 48.40
C TRP D 980 -26.40 5.44 47.75
N TRP D 981 -27.11 6.49 47.35
CA TRP D 981 -26.55 7.56 46.52
C TRP D 981 -25.29 8.14 47.13
N PHE D 982 -25.29 8.27 48.45
CA PHE D 982 -24.19 8.89 49.14
C PHE D 982 -23.02 7.93 49.40
N CYS D 983 -23.22 6.65 49.15
CA CYS D 983 -22.16 5.63 49.40
C CYS D 983 -20.81 5.98 48.79
N ALA D 984 -20.84 6.57 47.60
CA ALA D 984 -19.61 6.88 46.86
C ALA D 984 -19.20 8.35 47.01
N PHE D 985 -20.07 9.15 47.62
CA PHE D 985 -19.79 10.56 47.92
C PHE D 985 -18.40 10.82 48.55
N PRO D 986 -17.98 10.02 49.55
CA PRO D 986 -16.67 10.25 50.15
C PRO D 986 -15.55 10.24 49.15
N TYR D 987 -15.38 9.10 48.49
CA TYR D 987 -14.32 8.90 47.51
C TYR D 987 -14.26 10.07 46.53
N SER D 988 -15.44 10.55 46.13
CA SER D 988 -15.51 11.64 45.16
C SER D 988 -14.91 12.93 45.71
N LEU D 989 -15.11 13.20 46.99
CA LEU D 989 -14.45 14.34 47.63
C LEU D 989 -12.94 14.15 47.73
N LEU D 990 -12.53 12.93 48.09
CA LEU D 990 -11.12 12.57 48.18
C LEU D 990 -10.40 12.90 46.89
N ILE D 991 -11.02 12.52 45.78
CA ILE D 991 -10.49 12.82 44.45
C ILE D 991 -10.23 14.32 44.31
N PHE D 992 -11.27 15.12 44.54
CA PHE D 992 -11.16 16.57 44.47
C PHE D 992 -9.96 17.06 45.26
N VAL D 993 -9.94 16.72 46.54
CA VAL D 993 -8.97 17.31 47.46
C VAL D 993 -7.55 16.76 47.25
N TYR D 994 -7.44 15.49 46.85
CA TYR D 994 -6.12 14.93 46.54
C TYR D 994 -5.51 15.74 45.43
N ASP D 995 -6.27 15.89 44.35
CA ASP D 995 -5.79 16.61 43.19
C ASP D 995 -5.72 18.10 43.44
N GLU D 996 -6.49 18.61 44.40
CA GLU D 996 -6.35 20.02 44.74
C GLU D 996 -5.04 20.25 45.50
N VAL D 997 -4.73 19.40 46.48
CA VAL D 997 -3.47 19.57 47.21
C VAL D 997 -2.32 19.20 46.29
N ARG D 998 -2.57 18.28 45.36
CA ARG D 998 -1.54 17.87 44.44
C ARG D 998 -1.12 19.05 43.58
N LYS D 999 -2.11 19.71 43.01
CA LYS D 999 -1.87 20.85 42.14
C LYS D 999 -1.24 21.99 42.94
N LEU D 1000 -1.66 22.12 44.20
CA LEU D 1000 -1.13 23.16 45.09
C LEU D 1000 0.38 23.05 45.28
N ILE D 1001 0.84 21.87 45.65
CA ILE D 1001 2.25 21.63 45.94
C ILE D 1001 3.14 22.01 44.75
N ILE D 1002 2.60 21.82 43.56
CA ILE D 1002 3.31 22.11 42.33
C ILE D 1002 3.41 23.62 42.09
N ARG D 1003 2.35 24.34 42.42
CA ARG D 1003 2.33 25.80 42.32
C ARG D 1003 3.37 26.40 43.26
N ARG D 1004 3.71 25.63 44.29
CA ARG D 1004 4.53 26.14 45.39
C ARG D 1004 5.93 25.54 45.41
N ARG D 1005 6.16 24.51 44.61
CA ARG D 1005 7.51 23.97 44.51
C ARG D 1005 7.83 23.60 43.08
N PRO D 1006 7.94 24.62 42.20
CA PRO D 1006 8.26 24.31 40.80
C PRO D 1006 9.53 23.46 40.71
N GLY D 1007 9.45 22.32 40.04
CA GLY D 1007 10.57 21.40 39.96
C GLY D 1007 10.56 20.33 41.03
N GLY D 1008 9.81 20.59 42.11
CA GLY D 1008 9.68 19.66 43.23
C GLY D 1008 9.26 18.28 42.77
N TRP D 1009 9.61 17.25 43.54
CA TRP D 1009 9.39 15.87 43.10
C TRP D 1009 7.95 15.65 42.67
N VAL D 1010 7.03 16.27 43.40
CA VAL D 1010 5.60 16.27 43.07
C VAL D 1010 5.35 16.59 41.60
N GLU D 1011 5.81 17.75 41.15
CA GLU D 1011 5.61 18.19 39.78
C GLU D 1011 6.28 17.24 38.80
N LYS D 1012 7.54 16.90 39.06
CA LYS D 1012 8.32 16.12 38.11
C LYS D 1012 7.86 14.67 37.98
N GLU D 1013 6.81 14.31 38.71
CA GLU D 1013 6.30 12.93 38.67
C GLU D 1013 4.79 12.82 38.44
N THR D 1014 4.04 13.87 38.79
CA THR D 1014 2.60 13.86 38.57
C THR D 1014 2.15 14.77 37.43
N TYR D 1015 2.92 15.82 37.15
CA TYR D 1015 2.48 16.83 36.18
C TYR D 1015 2.42 16.30 34.76
N TYR D 1016 1.38 15.53 34.46
CA TYR D 1016 1.10 15.00 33.12
C TYR D 1016 1.00 16.10 32.06
N MET E 1 19.33 28.52 25.65
CA MET E 1 19.51 28.16 27.05
C MET E 1 20.79 27.34 27.26
N ALA E 2 21.05 26.95 28.51
CA ALA E 2 22.15 26.06 28.86
C ALA E 2 21.64 24.90 29.73
N ARG E 3 20.32 24.81 29.86
CA ARG E 3 19.65 23.79 30.66
C ARG E 3 19.54 22.48 29.86
N GLY E 4 20.13 21.41 30.38
CA GLY E 4 20.16 20.15 29.68
C GLY E 4 18.97 19.24 29.92
N LYS E 5 18.00 19.29 29.01
CA LYS E 5 16.83 18.43 29.08
C LYS E 5 16.47 17.84 27.71
N ALA E 6 15.21 17.44 27.55
CA ALA E 6 14.71 16.74 26.36
C ALA E 6 15.31 15.35 26.18
N LYS E 7 15.03 14.73 25.04
CA LYS E 7 15.59 13.42 24.73
C LYS E 7 16.25 13.45 23.35
N GLU E 8 17.52 13.84 23.33
CA GLU E 8 18.31 13.87 22.11
C GLU E 8 19.13 12.58 22.01
N GLU E 9 18.55 11.48 22.49
CA GLU E 9 19.23 10.19 22.58
C GLU E 9 19.34 9.47 21.23
N GLY E 10 20.32 8.56 21.14
CA GLY E 10 20.51 7.76 19.95
C GLY E 10 20.81 6.31 20.27
N SER E 11 20.12 5.77 21.26
CA SER E 11 20.30 4.37 21.66
C SER E 11 18.99 3.73 22.13
N TRP E 12 18.41 2.87 21.29
CA TRP E 12 17.25 2.09 21.69
C TRP E 12 17.69 1.00 22.67
N LYS E 13 19.01 0.89 22.87
CA LYS E 13 19.58 0.06 23.90
C LYS E 13 19.14 0.54 25.27
N LYS E 14 18.82 1.83 25.38
CA LYS E 14 18.44 2.47 26.66
C LYS E 14 17.22 1.82 27.31
N PHE E 15 16.57 0.92 26.55
CA PHE E 15 15.56 0.01 27.09
C PHE E 15 16.06 -0.67 28.36
N ILE E 16 17.30 -1.16 28.32
CA ILE E 16 17.92 -1.77 29.50
C ILE E 16 19.29 -1.12 29.80
N TRP E 17 19.82 -0.37 28.83
CA TRP E 17 21.14 0.28 28.95
C TRP E 17 21.23 1.20 30.18
N ASN E 18 22.35 1.13 30.89
CA ASN E 18 22.51 1.87 32.13
C ASN E 18 23.93 2.34 32.46
N SER E 19 24.87 2.13 31.54
CA SER E 19 26.29 2.40 31.79
C SER E 19 26.58 3.82 32.29
N GLU E 20 25.68 4.75 31.97
CA GLU E 20 25.75 6.10 32.49
C GLU E 20 25.21 6.17 33.93
N LYS E 21 23.91 5.94 34.11
CA LYS E 21 23.30 5.95 35.44
C LYS E 21 21.96 5.21 35.47
N LYS E 22 20.93 5.83 34.88
CA LYS E 22 19.58 5.27 34.92
C LYS E 22 19.47 3.91 34.23
N GLU E 23 18.50 3.10 34.66
CA GLU E 23 18.36 1.72 34.20
C GLU E 23 16.90 1.36 33.89
N PHE E 24 16.70 0.24 33.19
CA PHE E 24 15.38 -0.30 32.86
C PHE E 24 14.49 0.74 32.20
N LEU E 25 15.06 1.49 31.26
CA LEU E 25 14.39 2.57 30.53
C LEU E 25 13.93 3.72 31.45
N GLY E 26 13.85 3.47 32.74
CA GLY E 26 13.43 4.48 33.68
C GLY E 26 14.57 5.37 34.13
N ARG E 27 14.65 5.56 35.43
CA ARG E 27 15.52 6.55 36.04
C ARG E 27 16.49 5.87 36.98
N THR E 28 17.15 6.67 37.83
CA THR E 28 18.15 6.11 38.74
C THR E 28 17.46 5.36 39.86
N GLY E 29 18.23 4.58 40.59
CA GLY E 29 17.72 3.87 41.76
C GLY E 29 17.12 4.81 42.78
N GLY E 30 17.56 6.07 42.75
CA GLY E 30 17.03 7.07 43.66
C GLY E 30 15.62 7.45 43.31
N SER E 31 15.32 7.50 42.01
CA SER E 31 13.99 7.86 41.57
C SER E 31 13.19 6.62 41.17
N TRP E 32 13.87 5.52 40.86
CA TRP E 32 13.16 4.29 40.54
C TRP E 32 12.55 3.71 41.82
N PHE E 33 13.10 4.08 42.96
CA PHE E 33 12.61 3.62 44.25
C PHE E 33 11.61 4.61 44.85
N LYS E 34 11.85 5.89 44.65
CA LYS E 34 11.02 6.91 45.26
C LYS E 34 9.60 6.86 44.74
N ILE E 35 9.44 6.69 43.43
CA ILE E 35 8.10 6.66 42.86
C ILE E 35 7.41 5.34 43.22
N LEU E 36 8.19 4.27 43.30
CA LEU E 36 7.67 2.98 43.75
C LEU E 36 7.13 3.14 45.17
N LEU E 37 7.96 3.70 46.04
CA LEU E 37 7.56 3.98 47.41
C LEU E 37 6.31 4.84 47.48
N PHE E 38 6.22 5.86 46.64
CA PHE E 38 5.04 6.72 46.60
C PHE E 38 3.77 5.91 46.41
N TYR E 39 3.79 4.99 45.45
CA TYR E 39 2.65 4.10 45.20
C TYR E 39 2.47 3.13 46.35
N VAL E 40 3.57 2.75 47.00
CA VAL E 40 3.50 1.90 48.17
C VAL E 40 2.72 2.64 49.26
N ILE E 41 3.06 3.90 49.50
CA ILE E 41 2.35 4.67 50.50
C ILE E 41 0.94 5.07 50.02
N PHE E 42 0.77 5.30 48.72
CA PHE E 42 -0.51 5.78 48.19
C PHE E 42 -1.56 4.69 48.19
N TYR E 43 -1.30 3.60 47.46
CA TYR E 43 -2.18 2.44 47.45
C TYR E 43 -2.39 1.91 48.87
N GLY E 44 -1.32 1.83 49.64
CA GLY E 44 -1.37 1.38 51.01
C GLY E 44 -2.39 2.14 51.83
N CYS E 45 -2.18 3.44 51.97
CA CYS E 45 -3.08 4.28 52.76
C CYS E 45 -4.45 4.37 52.09
N LEU E 46 -4.47 4.36 50.76
CA LEU E 46 -5.75 4.38 50.05
C LEU E 46 -6.55 3.14 50.41
N ALA E 47 -5.89 1.99 50.44
CA ALA E 47 -6.56 0.74 50.80
C ALA E 47 -7.01 0.80 52.24
N GLY E 48 -6.32 1.56 53.05
CA GLY E 48 -6.77 1.81 54.41
C GLY E 48 -8.13 2.51 54.37
N ILE E 49 -8.24 3.53 53.53
CA ILE E 49 -9.47 4.31 53.39
C ILE E 49 -10.66 3.41 53.04
N PHE E 50 -10.43 2.43 52.16
CA PHE E 50 -11.43 1.43 51.80
C PHE E 50 -11.78 0.57 53.00
N ILE E 51 -10.76 0.15 53.75
CA ILE E 51 -10.97 -0.60 54.99
C ILE E 51 -11.85 0.20 55.95
N GLY E 52 -11.46 1.45 56.17
CA GLY E 52 -12.11 2.31 57.14
C GLY E 52 -13.55 2.67 56.81
N THR E 53 -13.80 2.98 55.54
CA THR E 53 -15.15 3.28 55.11
C THR E 53 -16.02 2.02 55.16
N ILE E 54 -15.44 0.87 54.86
CA ILE E 54 -16.12 -0.42 55.03
C ILE E 54 -16.50 -0.62 56.48
N GLN E 55 -15.55 -0.35 57.37
CA GLN E 55 -15.74 -0.55 58.80
C GLN E 55 -16.88 0.28 59.35
N VAL E 56 -16.89 1.56 59.01
CA VAL E 56 -17.98 2.43 59.43
C VAL E 56 -19.32 1.91 58.87
N MET E 57 -19.31 1.47 57.62
CA MET E 57 -20.51 0.86 57.06
C MET E 57 -20.97 -0.33 57.89
N LEU E 58 -20.02 -1.19 58.23
CA LEU E 58 -20.29 -2.41 58.99
C LEU E 58 -21.03 -2.18 60.31
N LEU E 59 -20.77 -1.05 60.97
CA LEU E 59 -21.47 -0.77 62.22
C LEU E 59 -22.76 0.00 61.93
N THR E 60 -23.51 -0.49 60.96
CA THR E 60 -24.83 0.04 60.64
C THR E 60 -25.74 -1.15 60.36
N ILE E 61 -25.29 -2.32 60.80
CA ILE E 61 -26.03 -3.57 60.66
C ILE E 61 -25.94 -4.37 61.94
N SER E 62 -27.09 -4.73 62.51
CA SER E 62 -27.10 -5.58 63.69
C SER E 62 -26.91 -7.02 63.25
N GLU E 63 -25.89 -7.69 63.75
CA GLU E 63 -25.60 -9.08 63.38
C GLU E 63 -26.70 -10.05 63.84
N PHE E 64 -27.87 -9.52 64.20
CA PHE E 64 -29.04 -10.33 64.55
C PHE E 64 -30.06 -10.34 63.42
N LYS E 65 -30.16 -9.23 62.72
CA LYS E 65 -31.16 -9.05 61.69
C LYS E 65 -30.63 -8.16 60.55
N PRO E 66 -30.90 -8.56 59.29
CA PRO E 66 -30.52 -7.81 58.08
C PRO E 66 -31.32 -6.52 57.90
N THR E 67 -30.65 -5.42 57.55
CA THR E 67 -31.32 -4.13 57.46
C THR E 67 -32.38 -4.10 56.37
N TYR E 68 -32.25 -4.97 55.37
CA TYR E 68 -33.24 -5.07 54.29
C TYR E 68 -33.62 -6.52 53.99
N GLN E 69 -34.91 -6.77 53.78
CA GLN E 69 -35.37 -8.11 53.47
C GLN E 69 -36.39 -8.16 52.31
N ASP E 70 -36.81 -6.99 51.82
CA ASP E 70 -37.84 -6.92 50.78
C ASP E 70 -37.46 -7.61 49.47
N ARG E 71 -36.19 -8.00 49.37
CA ARG E 71 -35.66 -8.66 48.20
C ARG E 71 -35.90 -10.16 48.25
N VAL E 72 -35.93 -10.70 49.46
CA VAL E 72 -36.26 -12.11 49.69
C VAL E 72 -37.74 -12.27 50.04
N ALA E 73 -38.55 -11.30 49.60
CA ALA E 73 -39.85 -11.02 50.21
C ALA E 73 -40.80 -12.26 50.27
N PRO E 74 -41.43 -12.68 49.15
CA PRO E 74 -42.10 -13.96 49.46
C PRO E 74 -41.13 -15.13 49.29
N PRO E 75 -41.08 -16.06 50.26
CA PRO E 75 -40.03 -17.08 50.23
C PRO E 75 -40.30 -18.11 49.14
N GLY E 76 -39.28 -18.89 48.79
CA GLY E 76 -39.40 -19.85 47.71
C GLY E 76 -39.48 -21.27 48.20
N LEU E 77 -40.03 -22.14 47.38
CA LEU E 77 -40.18 -23.53 47.74
C LEU E 77 -39.12 -24.33 46.99
N THR E 78 -38.35 -25.11 47.72
CA THR E 78 -37.22 -25.81 47.13
C THR E 78 -37.24 -27.32 47.49
N GLN E 79 -36.88 -28.18 46.53
CA GLN E 79 -36.78 -29.63 46.80
C GLN E 79 -35.41 -29.98 47.33
N ILE E 80 -35.25 -31.21 47.81
CA ILE E 80 -33.94 -31.65 48.27
C ILE E 80 -33.15 -32.45 47.22
N PRO E 81 -33.82 -33.35 46.45
CA PRO E 81 -33.05 -33.93 45.35
C PRO E 81 -32.52 -32.84 44.42
N GLN E 82 -31.19 -32.68 44.34
CA GLN E 82 -30.58 -31.63 43.53
C GLN E 82 -31.10 -31.70 42.08
N SER E 83 -32.13 -30.91 41.81
CA SER E 83 -32.74 -30.87 40.51
C SER E 83 -31.71 -30.49 39.47
N GLN E 84 -31.35 -31.46 38.63
CA GLN E 84 -30.37 -31.24 37.59
C GLN E 84 -30.71 -29.97 36.80
N LYS E 85 -31.89 -29.98 36.19
CA LYS E 85 -32.42 -28.82 35.50
C LYS E 85 -33.90 -28.76 35.81
N THR E 86 -34.22 -28.74 37.11
CA THR E 86 -35.57 -28.99 37.66
C THR E 86 -36.04 -30.38 37.29
N GLU E 87 -35.12 -31.23 36.85
CA GLU E 87 -35.54 -32.52 36.35
C GLU E 87 -34.92 -33.68 37.12
N ILE E 88 -35.76 -34.67 37.37
CA ILE E 88 -35.36 -35.86 38.10
C ILE E 88 -35.62 -37.06 37.21
N SER E 89 -34.59 -37.44 36.45
CA SER E 89 -34.70 -38.49 35.43
C SER E 89 -33.80 -39.68 35.79
N PHE E 90 -34.41 -40.85 35.89
CA PHE E 90 -33.69 -42.07 36.27
C PHE E 90 -34.42 -43.33 35.81
N ARG E 91 -33.68 -44.43 35.71
CA ARG E 91 -34.24 -45.70 35.26
C ARG E 91 -34.51 -46.58 36.47
N PRO E 92 -35.79 -46.62 36.93
CA PRO E 92 -36.26 -47.28 38.14
C PRO E 92 -35.56 -48.60 38.49
N ASN E 93 -35.41 -49.49 37.51
CA ASN E 93 -34.74 -50.76 37.73
C ASN E 93 -33.28 -50.63 38.13
N ASP E 94 -32.60 -49.64 37.54
CA ASP E 94 -31.18 -49.41 37.75
C ASP E 94 -30.88 -48.60 39.01
N PRO E 95 -30.08 -49.18 39.94
CA PRO E 95 -29.68 -48.50 41.18
C PRO E 95 -28.71 -47.33 40.96
N GLN E 96 -27.90 -47.41 39.91
CA GLN E 96 -26.90 -46.38 39.62
C GLN E 96 -27.55 -45.12 39.06
N SER E 97 -28.69 -45.28 38.40
CA SER E 97 -29.33 -44.19 37.68
C SER E 97 -29.85 -43.07 38.59
N TYR E 98 -30.03 -43.38 39.87
CA TYR E 98 -30.52 -42.39 40.82
C TYR E 98 -29.62 -42.29 42.05
N GLU E 99 -28.50 -43.02 42.03
CA GLU E 99 -27.56 -43.00 43.13
C GLU E 99 -27.15 -41.57 43.51
N SER E 100 -27.10 -40.68 42.51
CA SER E 100 -26.81 -39.26 42.75
C SER E 100 -27.95 -38.55 43.47
N TYR E 101 -29.17 -38.75 43.02
CA TYR E 101 -30.34 -38.17 43.68
C TYR E 101 -30.43 -38.60 45.14
N VAL E 102 -30.02 -39.83 45.43
CA VAL E 102 -30.08 -40.37 46.79
C VAL E 102 -28.99 -39.83 47.70
N VAL E 103 -27.74 -39.82 47.26
CA VAL E 103 -26.65 -39.25 48.07
C VAL E 103 -26.99 -37.79 48.44
N SER E 104 -27.66 -37.09 47.54
CA SER E 104 -28.07 -35.71 47.77
C SER E 104 -29.11 -35.61 48.87
N ILE E 105 -30.23 -36.33 48.70
CA ILE E 105 -31.33 -36.29 49.65
C ILE E 105 -30.95 -36.90 51.00
N VAL E 106 -30.02 -37.85 50.99
CA VAL E 106 -29.57 -38.51 52.21
C VAL E 106 -28.68 -37.62 53.06
N ARG E 107 -27.80 -36.86 52.42
CA ARG E 107 -26.91 -35.96 53.14
C ARG E 107 -27.69 -34.85 53.87
N PHE E 108 -28.73 -34.34 53.22
CA PHE E 108 -29.50 -33.24 53.79
C PHE E 108 -30.28 -33.66 55.02
N LEU E 109 -30.79 -34.89 55.00
CA LEU E 109 -31.58 -35.42 56.11
C LEU E 109 -30.72 -35.90 57.30
N GLU E 110 -29.40 -35.87 57.14
CA GLU E 110 -28.48 -36.25 58.22
C GLU E 110 -28.39 -35.16 59.30
N LYS E 111 -28.92 -34.00 58.98
CA LYS E 111 -29.04 -32.90 59.93
C LYS E 111 -30.28 -33.09 60.78
N TYR E 112 -31.05 -34.15 60.48
CA TYR E 112 -32.36 -34.34 61.09
C TYR E 112 -32.53 -35.67 61.82
N LYS E 113 -31.44 -36.44 61.92
CA LYS E 113 -31.50 -37.73 62.60
C LYS E 113 -31.81 -37.58 64.08
N ASP E 114 -32.19 -38.66 64.73
CA ASP E 114 -32.53 -38.60 66.14
C ASP E 114 -31.28 -38.39 66.99
N LEU E 115 -30.16 -38.88 66.49
CA LEU E 115 -28.89 -38.84 67.23
C LEU E 115 -28.24 -37.45 67.19
N ALA E 116 -28.61 -36.65 66.18
CA ALA E 116 -28.08 -35.29 66.05
C ALA E 116 -28.93 -34.30 66.85
N GLN E 117 -30.03 -34.79 67.39
CA GLN E 117 -30.93 -33.98 68.20
C GLN E 117 -30.90 -34.46 69.65
N LYS E 118 -29.70 -34.69 70.18
CA LYS E 118 -29.52 -35.25 71.52
C LYS E 118 -29.94 -34.32 72.65
N ASP E 119 -29.09 -33.34 72.93
CA ASP E 119 -29.21 -32.42 74.06
C ASP E 119 -30.59 -31.74 74.13
N ASP E 120 -31.05 -31.45 75.35
CA ASP E 120 -32.35 -30.81 75.57
C ASP E 120 -32.23 -29.28 75.67
N MET E 121 -31.03 -28.79 75.99
CA MET E 121 -30.77 -27.34 76.01
C MET E 121 -31.04 -26.72 74.64
N ILE E 122 -30.31 -27.19 73.62
CA ILE E 122 -30.41 -26.64 72.27
C ILE E 122 -31.70 -27.11 71.58
N PHE E 123 -32.14 -28.33 71.86
CA PHE E 123 -33.34 -28.88 71.22
C PHE E 123 -34.55 -29.00 72.16
N GLU E 124 -35.62 -28.33 71.77
CA GLU E 124 -36.88 -28.32 72.50
C GLU E 124 -37.88 -29.23 71.79
N ASP E 125 -38.69 -29.96 72.55
CA ASP E 125 -39.69 -30.85 71.94
C ASP E 125 -41.00 -30.12 71.69
N CYS E 126 -41.20 -29.73 70.43
CA CYS E 126 -42.43 -29.09 70.00
C CYS E 126 -43.42 -30.17 69.60
N GLY E 127 -44.64 -30.06 70.12
CA GLY E 127 -45.65 -31.10 70.03
C GLY E 127 -45.86 -31.83 68.70
N ASN E 128 -46.44 -33.03 68.79
CA ASN E 128 -46.68 -33.91 67.64
C ASN E 128 -47.83 -33.45 66.73
N VAL E 129 -48.44 -32.31 67.07
CA VAL E 129 -49.45 -31.70 66.21
C VAL E 129 -49.16 -30.22 66.04
N PRO E 130 -49.27 -29.72 64.80
CA PRO E 130 -48.95 -28.32 64.50
C PRO E 130 -49.70 -27.34 65.39
N SER E 131 -48.95 -26.55 66.16
CA SER E 131 -49.50 -25.51 67.05
C SER E 131 -49.22 -24.09 66.53
N GLU E 132 -49.37 -23.09 67.40
CA GLU E 132 -49.16 -21.71 67.00
C GLU E 132 -47.69 -21.30 67.15
N LEU E 133 -47.28 -20.27 66.41
CA LEU E 133 -45.90 -19.79 66.33
C LEU E 133 -45.17 -19.63 67.65
N LYS E 134 -44.10 -20.42 67.87
CA LYS E 134 -43.30 -20.31 69.09
C LYS E 134 -42.31 -19.14 69.01
N GLU E 135 -42.71 -17.96 69.49
CA GLU E 135 -41.85 -16.78 69.45
C GLU E 135 -40.82 -16.74 70.57
N ARG E 136 -39.57 -17.06 70.24
CA ARG E 136 -38.49 -17.17 71.24
C ARG E 136 -38.30 -15.88 72.04
N GLY E 137 -38.70 -14.75 71.48
CA GLY E 137 -38.63 -13.49 72.19
C GLY E 137 -38.31 -12.32 71.29
N GLU E 138 -37.21 -11.63 71.61
CA GLU E 138 -36.79 -10.45 70.86
C GLU E 138 -35.43 -10.70 70.19
N TYR E 139 -35.31 -10.32 68.92
CA TYR E 139 -34.15 -10.63 68.08
C TYR E 139 -32.85 -9.96 68.56
N ASN E 140 -32.40 -10.36 69.74
CA ASN E 140 -31.18 -9.83 70.35
C ASN E 140 -30.36 -10.89 71.08
N ASN E 141 -29.36 -10.43 71.84
CA ASN E 141 -28.52 -11.32 72.63
C ASN E 141 -28.97 -11.35 74.10
N GLU E 142 -30.17 -10.85 74.35
CA GLU E 142 -30.76 -10.84 75.69
C GLU E 142 -30.93 -12.27 76.22
N ARG E 143 -31.84 -13.04 75.61
CA ARG E 143 -31.86 -14.48 75.81
C ARG E 143 -30.90 -15.09 74.77
N GLY E 144 -30.06 -16.03 75.20
CA GLY E 144 -28.98 -16.52 74.35
C GLY E 144 -29.36 -17.37 73.14
N GLU E 145 -28.58 -18.41 72.87
CA GLU E 145 -28.89 -19.33 71.77
C GLU E 145 -30.25 -20.00 71.99
N ARG E 146 -31.27 -19.47 71.30
CA ARG E 146 -32.64 -19.93 71.47
C ARG E 146 -32.82 -21.42 71.17
N LYS E 147 -33.92 -21.97 71.66
CA LYS E 147 -34.21 -23.38 71.46
C LYS E 147 -34.61 -23.69 70.02
N VAL E 148 -34.37 -24.93 69.61
CA VAL E 148 -34.72 -25.37 68.27
C VAL E 148 -35.87 -26.35 68.29
N CYS E 149 -36.97 -26.02 67.62
CA CYS E 149 -38.08 -26.94 67.54
C CYS E 149 -37.65 -28.17 66.75
N ARG E 150 -37.50 -29.29 67.45
CA ARG E 150 -37.01 -30.52 66.86
C ARG E 150 -37.91 -31.05 65.75
N PHE E 151 -37.32 -31.73 64.78
CA PHE E 151 -38.11 -32.41 63.76
C PHE E 151 -37.63 -33.85 63.61
N ARG E 152 -38.58 -34.78 63.66
CA ARG E 152 -38.28 -36.20 63.54
C ARG E 152 -38.37 -36.64 62.08
N LEU E 153 -37.59 -37.67 61.74
CA LEU E 153 -37.62 -38.21 60.38
C LEU E 153 -38.93 -38.93 60.13
N GLU E 154 -39.45 -39.57 61.17
CA GLU E 154 -40.71 -40.32 61.10
C GLU E 154 -41.87 -39.50 60.51
N TRP E 155 -41.84 -38.19 60.69
CA TRP E 155 -42.91 -37.35 60.19
C TRP E 155 -43.00 -37.44 58.67
N LEU E 156 -41.86 -37.38 57.99
CA LEU E 156 -41.79 -37.58 56.55
C LEU E 156 -42.16 -39.00 56.21
N GLY E 157 -43.45 -39.25 56.04
CA GLY E 157 -43.96 -40.59 55.78
C GLY E 157 -43.21 -41.34 54.70
N ASN E 158 -42.78 -42.55 55.04
CA ASN E 158 -42.19 -43.47 54.07
C ASN E 158 -40.87 -43.04 53.41
N CYS E 159 -40.39 -41.83 53.72
CA CYS E 159 -39.15 -41.35 53.12
C CYS E 159 -38.08 -41.18 54.19
N SER E 160 -38.00 -42.14 55.08
CA SER E 160 -37.08 -42.05 56.19
C SER E 160 -36.32 -43.35 56.35
N GLY E 161 -37.06 -44.40 56.69
CA GLY E 161 -36.48 -45.72 56.90
C GLY E 161 -35.48 -45.71 58.03
N LEU E 162 -34.62 -46.74 58.05
CA LEU E 162 -33.50 -46.84 59.00
C LEU E 162 -32.56 -47.96 58.55
N ASN E 163 -31.64 -47.65 57.62
CA ASN E 163 -30.73 -48.64 57.06
C ASN E 163 -29.39 -48.74 57.81
N ASP E 164 -28.33 -49.06 57.07
CA ASP E 164 -26.99 -49.20 57.62
C ASP E 164 -26.17 -47.94 57.39
N GLU E 165 -25.52 -47.87 56.24
CA GLU E 165 -24.70 -46.72 55.87
C GLU E 165 -25.55 -45.64 55.19
N THR E 166 -25.98 -45.93 53.97
CA THR E 166 -26.81 -45.01 53.19
C THR E 166 -28.29 -45.42 53.25
N TYR E 167 -29.17 -44.42 53.37
CA TYR E 167 -30.62 -44.62 53.39
C TYR E 167 -31.13 -45.34 52.12
N GLY E 168 -31.90 -46.41 52.31
CA GLY E 168 -32.53 -47.10 51.20
C GLY E 168 -33.79 -46.39 50.74
N TYR E 169 -33.65 -45.48 49.78
CA TYR E 169 -34.76 -44.64 49.34
C TYR E 169 -35.57 -45.23 48.21
N LYS E 170 -36.31 -44.37 47.53
CA LYS E 170 -37.37 -44.84 46.66
C LYS E 170 -36.94 -44.92 45.20
N ASP E 171 -36.63 -46.15 44.79
CA ASP E 171 -36.16 -46.49 43.46
C ASP E 171 -37.31 -46.70 42.48
N GLY E 172 -38.27 -47.52 42.87
CA GLY E 172 -39.52 -47.58 42.14
C GLY E 172 -40.38 -46.48 42.70
N LYS E 173 -40.76 -45.51 41.87
CA LYS E 173 -41.59 -44.38 42.32
C LYS E 173 -41.06 -43.37 43.35
N PRO E 174 -40.25 -42.40 42.90
CA PRO E 174 -39.35 -41.61 43.76
C PRO E 174 -39.99 -40.76 44.86
N CYS E 175 -39.13 -40.34 45.78
CA CYS E 175 -39.45 -39.46 46.88
C CYS E 175 -39.01 -38.02 46.64
N VAL E 176 -39.96 -37.12 46.35
CA VAL E 176 -39.65 -35.69 46.32
C VAL E 176 -39.95 -35.06 47.67
N ILE E 177 -39.05 -34.20 48.15
CA ILE E 177 -39.23 -33.61 49.48
C ILE E 177 -39.18 -32.09 49.41
N ILE E 178 -40.20 -31.47 49.99
CA ILE E 178 -40.44 -30.03 49.84
C ILE E 178 -39.96 -29.23 51.05
N LYS E 179 -39.42 -28.05 50.80
CA LYS E 179 -38.82 -27.22 51.84
C LYS E 179 -39.20 -25.75 51.67
N LEU E 180 -39.34 -25.01 52.76
CA LEU E 180 -39.63 -23.58 52.67
C LEU E 180 -38.35 -22.79 52.94
N ASN E 181 -38.20 -21.65 52.28
CA ASN E 181 -36.97 -20.85 52.43
C ASN E 181 -36.92 -20.06 53.74
N ARG E 182 -35.83 -20.22 54.49
CA ARG E 182 -35.66 -19.56 55.79
C ARG E 182 -35.63 -18.04 55.63
N VAL E 183 -36.52 -17.38 56.37
CA VAL E 183 -36.60 -15.92 56.41
C VAL E 183 -36.63 -15.47 57.88
N LEU E 184 -35.64 -14.69 58.29
CA LEU E 184 -35.49 -14.28 59.69
C LEU E 184 -36.66 -13.42 60.14
N GLY E 185 -37.54 -13.99 60.97
CA GLY E 185 -38.65 -13.25 61.55
C GLY E 185 -39.88 -13.27 60.69
N PHE E 186 -40.03 -14.31 59.89
CA PHE E 186 -41.16 -14.42 59.00
C PHE E 186 -42.21 -15.32 59.64
N LYS E 187 -43.47 -14.90 59.54
CA LYS E 187 -44.55 -15.69 60.09
C LYS E 187 -45.52 -16.06 58.98
N PRO E 188 -45.53 -17.34 58.60
CA PRO E 188 -46.47 -17.87 57.62
C PRO E 188 -47.93 -17.71 58.05
N LYS E 189 -48.78 -17.30 57.12
CA LYS E 189 -50.21 -17.13 57.41
C LYS E 189 -51.08 -18.00 56.51
N PRO E 190 -51.62 -19.09 57.08
CA PRO E 190 -52.46 -20.04 56.34
C PRO E 190 -53.69 -19.36 55.74
N PRO E 191 -54.07 -19.77 54.53
CA PRO E 191 -55.18 -19.15 53.80
C PRO E 191 -56.50 -19.38 54.49
N LYS E 192 -57.42 -18.43 54.39
CA LYS E 192 -58.78 -18.64 54.89
C LYS E 192 -59.67 -19.22 53.81
N ASN E 193 -60.96 -18.90 53.85
CA ASN E 193 -61.89 -19.43 52.86
C ASN E 193 -62.05 -18.53 51.63
N GLU E 194 -61.59 -17.28 51.75
CA GLU E 194 -61.74 -16.28 50.68
C GLU E 194 -60.91 -16.62 49.43
N SER E 195 -59.63 -16.26 49.44
CA SER E 195 -58.73 -16.63 48.35
C SER E 195 -58.41 -18.12 48.41
N LEU E 196 -59.32 -18.94 47.88
CA LEU E 196 -59.16 -20.40 47.89
C LEU E 196 -58.00 -20.82 46.99
N GLU E 197 -57.76 -22.13 46.94
CA GLU E 197 -56.62 -22.71 46.24
C GLU E 197 -57.03 -23.43 44.94
N THR E 198 -56.13 -24.23 44.40
CA THR E 198 -56.39 -25.01 43.18
C THR E 198 -56.92 -26.40 43.54
N TYR E 199 -57.27 -26.59 44.82
CA TYR E 199 -57.75 -27.87 45.34
C TYR E 199 -58.60 -27.65 46.60
N PRO E 200 -59.35 -28.67 47.06
CA PRO E 200 -60.14 -28.49 48.29
C PRO E 200 -59.30 -28.34 49.56
N VAL E 201 -59.52 -27.27 50.33
CA VAL E 201 -58.75 -26.95 51.54
C VAL E 201 -58.70 -28.12 52.53
N MET E 202 -57.64 -28.93 52.45
CA MET E 202 -57.42 -30.02 53.40
C MET E 202 -57.26 -29.40 54.79
N LYS E 203 -57.60 -30.16 55.83
CA LYS E 203 -57.81 -29.62 57.18
C LYS E 203 -56.66 -28.78 57.74
N TYR E 204 -56.97 -28.08 58.84
CA TYR E 204 -56.06 -27.32 59.71
C TYR E 204 -55.85 -25.86 59.27
N ASN E 205 -56.96 -25.16 58.99
CA ASN E 205 -56.93 -23.72 58.78
C ASN E 205 -56.12 -22.92 59.82
N PRO E 206 -56.10 -23.37 61.09
CA PRO E 206 -55.22 -22.62 62.01
C PRO E 206 -53.72 -22.70 61.71
N TYR E 207 -53.12 -23.86 61.91
CA TYR E 207 -51.67 -23.91 62.12
C TYR E 207 -50.83 -24.65 61.05
N VAL E 208 -51.43 -24.98 59.90
CA VAL E 208 -50.67 -25.66 58.84
C VAL E 208 -50.68 -24.86 57.54
N LEU E 209 -49.52 -24.70 56.93
CA LEU E 209 -49.38 -23.93 55.71
C LEU E 209 -49.34 -24.84 54.48
N PRO E 210 -50.45 -24.90 53.74
CA PRO E 210 -50.75 -25.87 52.70
C PRO E 210 -49.78 -25.91 51.51
N VAL E 211 -49.46 -27.12 51.05
CA VAL E 211 -48.63 -27.34 49.87
C VAL E 211 -49.28 -28.39 48.94
N HIS E 212 -49.53 -28.03 47.69
CA HIS E 212 -50.20 -28.96 46.77
C HIS E 212 -49.47 -29.17 45.44
N CYS E 213 -49.07 -30.40 45.20
CA CYS E 213 -48.39 -30.79 43.97
C CYS E 213 -49.37 -31.31 42.92
N THR E 214 -49.67 -30.49 41.92
CA THR E 214 -50.55 -30.90 40.82
C THR E 214 -49.74 -31.12 39.54
N GLY E 215 -50.42 -31.32 38.41
CA GLY E 215 -49.76 -31.55 37.14
C GLY E 215 -49.09 -30.32 36.59
N LYS E 216 -48.84 -30.29 35.28
CA LYS E 216 -48.22 -29.12 34.66
C LYS E 216 -49.24 -27.98 34.51
N ARG E 217 -49.15 -26.97 35.40
CA ARG E 217 -50.06 -25.84 35.48
C ARG E 217 -51.45 -26.45 35.71
N ASP E 218 -52.51 -25.68 35.42
CA ASP E 218 -53.89 -26.01 35.75
C ASP E 218 -54.79 -26.25 34.52
N GLU E 219 -54.42 -25.67 33.38
CA GLU E 219 -55.22 -25.81 32.14
C GLU E 219 -55.05 -27.21 31.51
N ASP E 220 -55.38 -27.33 30.22
CA ASP E 220 -55.30 -28.62 29.54
C ASP E 220 -53.89 -29.20 29.59
N LYS E 221 -53.69 -30.18 30.48
CA LYS E 221 -52.36 -30.73 30.74
C LYS E 221 -52.39 -32.24 30.91
N GLU E 222 -51.28 -32.90 30.60
CA GLU E 222 -51.24 -34.35 30.71
C GLU E 222 -51.07 -34.76 32.16
N LYS E 223 -52.19 -34.73 32.89
CA LYS E 223 -52.23 -35.21 34.25
C LYS E 223 -52.14 -36.73 34.25
N VAL E 224 -50.95 -37.24 34.55
CA VAL E 224 -50.76 -38.68 34.70
C VAL E 224 -49.90 -38.97 35.93
N GLY E 225 -50.53 -38.98 37.10
CA GLY E 225 -49.79 -39.25 38.32
C GLY E 225 -50.64 -39.57 39.54
N THR E 226 -49.97 -40.08 40.57
CA THR E 226 -50.63 -40.38 41.84
C THR E 226 -49.94 -39.64 42.98
N MET E 227 -50.53 -38.52 43.38
CA MET E 227 -49.98 -37.68 44.44
C MET E 227 -50.18 -38.33 45.81
N GLU E 228 -49.24 -38.07 46.73
CA GLU E 228 -49.39 -38.48 48.12
C GLU E 228 -48.56 -37.53 49.01
N TYR E 229 -49.21 -36.98 50.04
CA TYR E 229 -48.59 -35.97 50.90
C TYR E 229 -48.24 -36.51 52.28
N PHE E 230 -46.97 -36.44 52.64
CA PHE E 230 -46.48 -36.91 53.93
C PHE E 230 -45.92 -35.76 54.74
N GLY E 231 -46.43 -35.55 55.95
CA GLY E 231 -45.94 -34.47 56.78
C GLY E 231 -46.23 -34.67 58.25
N LEU E 232 -45.85 -33.69 59.06
CA LEU E 232 -46.12 -33.77 60.49
C LEU E 232 -47.60 -33.61 60.70
N GLY E 233 -48.16 -34.51 61.48
CA GLY E 233 -49.59 -34.53 61.75
C GLY E 233 -50.35 -35.26 60.67
N GLY E 234 -49.66 -35.60 59.59
CA GLY E 234 -50.30 -36.18 58.42
C GLY E 234 -50.85 -35.08 57.55
N TYR E 235 -50.51 -33.84 57.89
CA TYR E 235 -50.99 -32.68 57.16
C TYR E 235 -50.01 -32.23 56.09
N PRO E 236 -50.53 -31.97 54.87
CA PRO E 236 -49.74 -31.63 53.68
C PRO E 236 -49.29 -30.18 53.69
N GLY E 237 -48.22 -29.87 54.41
CA GLY E 237 -47.73 -28.50 54.45
C GLY E 237 -46.75 -28.24 55.58
N PHE E 238 -46.91 -27.10 56.25
CA PHE E 238 -45.96 -26.71 57.27
C PHE E 238 -46.60 -26.27 58.59
N PRO E 239 -46.23 -26.95 59.69
CA PRO E 239 -46.59 -26.65 61.09
C PRO E 239 -46.05 -25.29 61.56
N LEU E 240 -46.96 -24.34 61.80
CA LEU E 240 -46.59 -22.96 62.15
C LEU E 240 -45.59 -22.84 63.30
N GLN E 241 -45.69 -23.74 64.27
CA GLN E 241 -44.92 -23.68 65.51
C GLN E 241 -43.40 -23.53 65.34
N TYR E 242 -42.88 -23.85 64.16
CA TYR E 242 -41.44 -23.79 63.93
C TYR E 242 -40.97 -22.39 63.54
N TYR E 243 -41.91 -21.49 63.25
CA TYR E 243 -41.60 -20.12 62.83
C TYR E 243 -41.93 -19.13 63.95
N PRO E 244 -41.18 -18.02 64.08
CA PRO E 244 -40.13 -17.44 63.24
C PRO E 244 -38.76 -18.10 63.34
N TYR E 245 -37.88 -17.76 62.40
CA TYR E 245 -36.48 -18.16 62.46
C TYR E 245 -35.66 -16.98 62.97
N TYR E 246 -34.59 -17.24 63.73
CA TYR E 246 -33.87 -16.16 64.42
C TYR E 246 -32.41 -15.94 64.03
N GLY E 247 -32.03 -16.35 62.81
CA GLY E 247 -30.67 -16.13 62.37
C GLY E 247 -29.70 -17.19 62.84
N LYS E 248 -28.61 -17.36 62.08
CA LYS E 248 -27.57 -18.34 62.40
C LYS E 248 -26.90 -18.00 63.73
N LEU E 249 -26.95 -16.73 64.10
CA LEU E 249 -26.36 -16.25 65.36
C LEU E 249 -27.16 -16.73 66.57
N LEU E 250 -28.48 -16.76 66.43
CA LEU E 250 -29.36 -17.08 67.55
C LEU E 250 -29.94 -18.49 67.49
N GLN E 251 -29.90 -19.12 66.32
CA GLN E 251 -30.35 -20.50 66.22
C GLN E 251 -29.44 -21.33 65.31
N PRO E 252 -28.16 -21.46 65.67
CA PRO E 252 -27.18 -22.12 64.79
C PRO E 252 -27.48 -23.60 64.45
N LYS E 253 -28.41 -24.26 65.15
CA LYS E 253 -28.76 -25.63 64.78
C LYS E 253 -30.25 -25.82 64.46
N TYR E 254 -30.92 -24.71 64.18
CA TYR E 254 -32.33 -24.68 63.80
C TYR E 254 -32.69 -25.67 62.68
N LEU E 255 -33.53 -26.65 63.01
CA LEU E 255 -34.06 -27.54 62.00
C LEU E 255 -35.37 -26.98 61.46
N GLN E 256 -35.43 -26.80 60.14
CA GLN E 256 -36.60 -26.23 59.50
C GLN E 256 -37.58 -27.33 59.10
N PRO E 257 -38.88 -26.99 59.08
CA PRO E 257 -39.94 -27.95 58.74
C PRO E 257 -39.77 -28.54 57.34
N LEU E 258 -39.84 -29.86 57.27
CA LEU E 258 -39.80 -30.57 56.01
C LEU E 258 -41.16 -31.20 55.75
N MET E 259 -41.36 -31.69 54.53
CA MET E 259 -42.64 -32.26 54.11
C MET E 259 -42.47 -32.98 52.78
N ALA E 260 -42.74 -34.29 52.77
CA ALA E 260 -42.46 -35.13 51.58
C ALA E 260 -43.65 -35.28 50.64
N VAL E 261 -43.36 -35.72 49.42
CA VAL E 261 -44.40 -36.12 48.45
C VAL E 261 -43.93 -37.30 47.63
N GLN E 262 -44.00 -38.50 48.20
CA GLN E 262 -43.70 -39.70 47.44
C GLN E 262 -44.63 -39.77 46.25
N PHE E 263 -44.05 -39.66 45.05
CA PHE E 263 -44.86 -39.71 43.83
C PHE E 263 -44.93 -41.13 43.30
N THR E 264 -46.10 -41.72 43.48
CA THR E 264 -46.34 -43.12 43.16
C THR E 264 -47.31 -43.26 42.00
N ASN E 265 -46.99 -42.60 40.88
CA ASN E 265 -47.84 -42.50 39.69
C ASN E 265 -48.28 -43.84 39.07
N LEU E 266 -48.95 -43.74 37.92
CA LEU E 266 -49.34 -44.93 37.16
C LEU E 266 -48.88 -44.80 35.69
N THR E 267 -47.63 -44.37 35.48
CA THR E 267 -47.10 -44.16 34.12
C THR E 267 -45.57 -44.06 34.02
N MET E 268 -44.89 -45.20 33.96
CA MET E 268 -43.43 -45.22 33.79
C MET E 268 -43.04 -44.78 32.37
N ASP E 269 -41.74 -44.84 32.07
CA ASP E 269 -41.20 -44.57 30.73
C ASP E 269 -41.61 -43.25 30.07
N THR E 270 -41.84 -42.21 30.87
CA THR E 270 -42.19 -40.89 30.32
C THR E 270 -41.95 -39.73 31.29
N GLU E 271 -41.69 -38.53 30.74
CA GLU E 271 -41.37 -37.32 31.52
C GLU E 271 -42.57 -36.39 31.73
N ILE E 272 -42.95 -36.19 32.99
CA ILE E 272 -44.10 -35.35 33.33
C ILE E 272 -43.68 -34.09 34.10
N ARG E 273 -44.31 -32.97 33.78
CA ARG E 273 -44.08 -31.72 34.50
C ARG E 273 -45.09 -31.55 35.63
N ILE E 274 -44.60 -31.36 36.85
CA ILE E 274 -45.50 -31.17 38.00
C ILE E 274 -45.21 -29.89 38.79
N GLU E 275 -46.27 -29.25 39.29
CA GLU E 275 -46.14 -28.00 40.04
C GLU E 275 -46.69 -28.05 41.47
N CYS E 276 -45.79 -27.94 42.44
CA CYS E 276 -46.15 -27.76 43.85
C CYS E 276 -46.32 -26.30 44.18
N LYS E 277 -47.34 -25.99 44.97
CA LYS E 277 -47.62 -24.60 45.30
C LYS E 277 -47.88 -24.43 46.80
N ALA E 278 -47.21 -23.47 47.42
CA ALA E 278 -47.50 -23.13 48.79
C ALA E 278 -48.55 -22.03 48.80
N TYR E 279 -49.78 -22.36 49.18
CA TYR E 279 -50.87 -21.40 49.13
C TYR E 279 -51.01 -20.64 50.45
N GLY E 280 -51.18 -19.33 50.36
CA GLY E 280 -51.33 -18.49 51.55
C GLY E 280 -51.37 -16.99 51.34
N GLU E 281 -51.36 -16.28 52.46
CA GLU E 281 -51.42 -14.82 52.50
C GLU E 281 -50.01 -14.23 52.56
N ASN E 282 -49.15 -14.86 53.38
CA ASN E 282 -47.75 -14.50 53.48
C ASN E 282 -46.93 -15.11 52.35
N ILE E 283 -47.61 -15.79 51.42
CA ILE E 283 -46.94 -16.40 50.28
C ILE E 283 -47.38 -15.75 48.97
N GLY E 284 -46.38 -15.34 48.18
CA GLY E 284 -46.62 -14.82 46.85
C GLY E 284 -45.77 -15.58 45.85
N TYR E 285 -46.08 -15.38 44.57
CA TYR E 285 -45.41 -16.09 43.49
C TYR E 285 -44.95 -15.07 42.45
N SER E 286 -44.15 -15.51 41.49
CA SER E 286 -43.68 -14.61 40.44
C SER E 286 -43.63 -15.32 39.09
N GLU E 287 -44.00 -14.62 38.03
CA GLU E 287 -43.96 -15.19 36.69
C GLU E 287 -42.51 -15.39 36.25
N LYS E 288 -41.62 -14.58 36.82
CA LYS E 288 -40.20 -14.71 36.54
C LYS E 288 -39.56 -15.78 37.41
N ASP E 289 -39.75 -15.69 38.72
CA ASP E 289 -39.15 -16.65 39.64
C ASP E 289 -39.96 -17.96 39.71
N ARG E 290 -39.46 -18.98 39.01
CA ARG E 290 -40.15 -20.27 38.91
C ARG E 290 -40.02 -21.07 40.20
N PHE E 291 -39.56 -20.41 41.24
CA PHE E 291 -39.33 -21.06 42.51
C PHE E 291 -39.97 -20.29 43.65
N GLN E 292 -40.30 -19.02 43.42
CA GLN E 292 -40.90 -18.18 44.45
C GLN E 292 -42.28 -18.67 44.87
N GLY E 293 -42.39 -19.24 46.07
CA GLY E 293 -43.65 -19.74 46.60
C GLY E 293 -44.14 -21.03 45.97
N ARG E 294 -43.60 -21.37 44.81
CA ARG E 294 -44.06 -22.53 44.07
C ARG E 294 -42.91 -23.36 43.55
N PHE E 295 -43.16 -24.16 42.53
CA PHE E 295 -42.27 -25.27 42.26
C PHE E 295 -42.53 -25.99 40.96
N ASP E 296 -41.67 -25.85 39.97
CA ASP E 296 -41.89 -26.60 38.75
C ASP E 296 -40.79 -27.64 38.49
N VAL E 297 -41.08 -28.88 38.87
CA VAL E 297 -40.17 -30.00 38.67
C VAL E 297 -40.69 -30.96 37.61
N LYS E 298 -39.82 -31.33 36.67
CA LYS E 298 -40.18 -32.37 35.70
C LYS E 298 -39.39 -33.64 35.97
N ILE E 299 -40.09 -34.76 36.10
CA ILE E 299 -39.41 -36.02 36.43
C ILE E 299 -39.71 -37.10 35.38
N GLU E 300 -38.82 -38.07 35.25
CA GLU E 300 -39.02 -39.18 34.30
C GLU E 300 -38.63 -40.54 34.91
N VAL E 301 -39.60 -41.45 35.01
CA VAL E 301 -39.38 -42.79 35.57
C VAL E 301 -39.19 -43.83 34.47
N LYS E 302 -38.42 -43.46 33.45
CA LYS E 302 -38.23 -44.28 32.26
C LYS E 302 -37.45 -45.57 32.56
N SER E 303 -38.18 -46.66 32.83
CA SER E 303 -37.55 -47.93 33.22
C SER E 303 -37.24 -48.83 32.03
N ASP F 15 -50.44 -0.53 51.22
CA ASP F 15 -49.59 0.43 51.92
C ASP F 15 -48.61 -0.24 52.86
N VAL F 16 -48.62 0.20 54.12
CA VAL F 16 -47.71 -0.32 55.15
C VAL F 16 -48.24 -1.63 55.75
N ASP F 17 -47.72 -2.75 55.22
CA ASP F 17 -48.06 -4.07 55.74
C ASP F 17 -46.73 -4.83 55.93
N PRO F 18 -46.73 -6.05 56.55
CA PRO F 18 -45.60 -6.55 57.35
C PRO F 18 -44.21 -5.95 57.07
N PHE F 19 -43.32 -6.74 56.47
CA PHE F 19 -42.01 -6.23 56.12
C PHE F 19 -41.85 -6.24 54.60
N TYR F 20 -41.56 -5.05 54.09
CA TYR F 20 -41.45 -4.78 52.66
C TYR F 20 -41.03 -3.33 52.53
N TYR F 21 -40.48 -2.96 51.37
CA TYR F 21 -39.99 -1.61 51.17
C TYR F 21 -40.85 -0.91 50.13
N ASP F 22 -41.24 0.33 50.41
CA ASP F 22 -42.03 1.08 49.48
C ASP F 22 -41.11 1.63 48.40
N TYR F 23 -41.25 1.10 47.18
CA TYR F 23 -40.44 1.56 46.06
C TYR F 23 -41.18 2.65 45.29
N GLU F 24 -42.51 2.62 45.39
CA GLU F 24 -43.38 3.63 44.79
C GLU F 24 -42.92 5.08 45.06
N THR F 25 -42.63 5.40 46.32
CA THR F 25 -42.27 6.75 46.74
C THR F 25 -40.85 7.07 46.27
N VAL F 26 -39.97 6.09 46.41
CA VAL F 26 -38.58 6.27 46.03
C VAL F 26 -38.43 6.54 44.55
N ARG F 27 -39.02 5.67 43.74
CA ARG F 27 -38.90 5.74 42.29
C ARG F 27 -39.41 7.08 41.72
N ASN F 28 -40.58 7.51 42.19
CA ASN F 28 -41.14 8.80 41.79
C ASN F 28 -40.29 9.95 42.29
N GLY F 29 -39.63 9.73 43.43
CA GLY F 29 -38.77 10.75 44.00
C GLY F 29 -37.52 10.96 43.15
N GLY F 30 -37.15 9.92 42.40
CA GLY F 30 -35.99 9.98 41.54
C GLY F 30 -36.29 10.61 40.19
N LEU F 31 -37.51 10.37 39.70
CA LEU F 31 -37.95 10.93 38.44
C LEU F 31 -38.27 12.40 38.64
N ILE F 32 -38.57 12.78 39.89
CA ILE F 32 -38.73 14.18 40.22
C ILE F 32 -37.39 14.88 40.15
N PHE F 33 -36.35 14.19 40.62
CA PHE F 33 -35.00 14.70 40.55
C PHE F 33 -34.47 14.66 39.12
N ALA F 34 -34.77 13.59 38.40
CA ALA F 34 -34.38 13.47 36.99
C ALA F 34 -34.93 14.65 36.20
N ALA F 35 -36.22 14.94 36.42
CA ALA F 35 -36.89 16.07 35.77
C ALA F 35 -36.19 17.38 36.07
N LEU F 36 -35.71 17.52 37.31
CA LEU F 36 -35.04 18.73 37.78
C LEU F 36 -33.65 18.89 37.21
N ALA F 37 -32.88 17.80 37.20
CA ALA F 37 -31.51 17.84 36.69
C ALA F 37 -31.52 18.21 35.21
N PHE F 38 -32.23 17.39 34.43
CA PHE F 38 -32.41 17.62 33.00
C PHE F 38 -32.80 19.05 32.65
N ILE F 39 -33.87 19.54 33.27
CA ILE F 39 -34.41 20.86 32.92
C ILE F 39 -33.48 22.01 33.34
N VAL F 40 -32.98 21.97 34.58
CA VAL F 40 -31.98 22.95 35.01
C VAL F 40 -30.77 22.92 34.09
N GLY F 41 -30.35 21.70 33.74
CA GLY F 41 -29.23 21.50 32.84
C GLY F 41 -29.48 22.17 31.50
N LEU F 42 -30.73 22.08 31.02
CA LEU F 42 -31.11 22.76 29.78
C LEU F 42 -30.99 24.27 29.96
N ILE F 43 -31.66 24.75 30.99
CA ILE F 43 -31.72 26.18 31.31
C ILE F 43 -30.31 26.79 31.32
N ILE F 44 -29.37 26.08 31.93
CA ILE F 44 -27.97 26.47 31.97
C ILE F 44 -27.40 26.63 30.56
N ILE F 45 -27.69 25.66 29.70
CA ILE F 45 -27.07 25.60 28.39
C ILE F 45 -27.77 26.51 27.37
N LEU F 46 -28.86 27.15 27.78
CA LEU F 46 -29.64 27.99 26.87
C LEU F 46 -29.68 29.47 27.30
N SER F 47 -28.66 30.21 26.90
CA SER F 47 -28.54 31.62 27.25
C SER F 47 -29.27 32.48 26.23
N LYS F 48 -30.59 32.44 26.29
CA LYS F 48 -31.43 33.13 25.32
C LYS F 48 -32.86 33.23 25.82
N ARG F 49 -33.66 34.08 25.18
CA ARG F 49 -35.08 34.22 25.46
C ARG F 49 -35.77 35.06 24.39
MG MG G . 25.52 13.77 -40.29
AL ALF H . 21.23 11.63 -41.21
F1 ALF H . 20.33 11.21 -42.69
F2 ALF H . 22.06 11.99 -39.66
F3 ALF H . 19.82 12.56 -40.68
F4 ALF H . 22.66 10.66 -41.70
MG MG I . 23.24 9.98 -39.79
PB ADP J . 22.35 14.07 -42.83
O1B ADP J . 22.50 14.95 -44.05
O2B ADP J . 23.61 13.93 -42.02
O3B ADP J . 21.73 12.73 -43.11
PA ADP J . 21.73 16.28 -41.28
O1A ADP J . 20.66 17.17 -40.71
O2A ADP J . 22.82 15.91 -40.31
O3A ADP J . 21.33 14.83 -41.82
O5' ADP J . 22.26 16.93 -42.65
C5' ADP J . 21.94 18.26 -42.92
C4' ADP J . 22.47 18.70 -44.27
O4' ADP J . 23.42 19.75 -44.07
C3' ADP J . 23.24 17.65 -45.07
O3' ADP J . 22.45 16.72 -45.84
C2' ADP J . 24.16 18.53 -45.91
O2' ADP J . 23.39 19.19 -46.91
C1' ADP J . 24.56 19.62 -44.95
N9 ADP J . 25.86 19.30 -44.26
C8 ADP J . 26.21 18.09 -43.79
N7 ADP J . 27.43 18.11 -43.22
C5 ADP J . 27.92 19.35 -43.32
C6 ADP J . 29.18 20.06 -42.93
N6 ADP J . 30.21 19.42 -42.30
N1 ADP J . 29.27 21.38 -43.22
C2 ADP J . 28.27 22.02 -43.85
N3 ADP J . 27.12 21.44 -44.24
C4 ADP J . 26.88 20.12 -44.02
NA NA K . 2.15 -25.78 -10.86
NA NA L . -0.56 -27.36 -13.37
NA NA M . 0.93 -29.24 -19.42
NA NA N . 12.25 4.32 -24.78
C1 CLR O . -15.78 -17.99 -21.91
C2 CLR O . -15.70 -17.17 -23.19
C3 CLR O . -14.42 -16.39 -23.23
C4 CLR O . -13.29 -17.36 -23.41
C5 CLR O . -13.37 -18.52 -22.38
C6 CLR O . -12.17 -18.98 -21.64
C7 CLR O . -12.28 -20.09 -20.59
C8 CLR O . -13.59 -20.83 -20.76
C9 CLR O . -14.70 -19.78 -20.81
C10 CLR O . -14.76 -19.17 -22.01
C11 CLR O . -16.23 -20.64 -20.59
C12 CLR O . -16.08 -21.74 -19.28
C13 CLR O . -14.84 -22.49 -19.46
C14 CLR O . -13.73 -21.57 -19.54
C15 CLR O . -12.45 -22.48 -19.24
C16 CLR O . -13.06 -23.57 -18.15
C17 CLR O . -14.57 -23.30 -18.13
C18 CLR O . -14.88 -23.45 -20.70
C19 CLR O . -15.12 -20.12 -23.18
C20 CLR O . -15.31 -24.57 -17.85
C21 CLR O . -16.79 -24.30 -17.76
C22 CLR O . -14.80 -25.02 -16.48
C23 CLR O . -15.38 -26.38 -16.04
C24 CLR O . -14.89 -26.71 -14.60
C25 CLR O . -15.24 -28.14 -14.11
C26 CLR O . -16.73 -28.28 -13.86
C27 CLR O . -14.48 -28.48 -12.82
O1 CLR O . -14.40 -15.52 -24.30
C1 CLR P . -10.69 -50.80 -23.08
C2 CLR P . -10.42 -51.16 -21.63
C3 CLR P . -9.06 -51.82 -21.54
C4 CLR P . -8.05 -50.73 -21.71
C5 CLR P . -8.28 -50.00 -23.03
C6 CLR P . -7.15 -49.68 -23.92
C7 CLR P . -7.35 -49.01 -25.28
C8 CLR P . -8.77 -48.50 -25.39
C9 CLR P . -9.74 -49.56 -24.87
C10 CLR P . -9.74 -49.64 -23.52
C11 CLR P . -11.35 -49.01 -25.32
C12 CLR P . -11.31 -48.68 -27.01
C13 CLR P . -10.18 -47.78 -27.22
C14 CLR P . -8.97 -48.42 -26.80
C15 CLR P . -7.79 -47.62 -27.53
C16 CLR P . -8.52 -47.14 -28.92
C17 CLR P . -9.97 -47.60 -28.75
C18 CLR P . -10.43 -46.41 -26.50
C19 CLR P . -10.18 -48.34 -22.85
C20 CLR P . -10.86 -46.67 -29.51
C21 CLR P . -12.31 -47.04 -29.34
C22 CLR P . -10.47 -46.94 -30.97
C23 CLR P . -11.17 -45.98 -31.94
C24 CLR P . -10.49 -45.97 -33.36
C25 CLR P . -10.50 -44.55 -34.02
C26 CLR P . -11.96 -44.27 -34.35
C27 CLR P . -9.82 -44.54 -35.39
O1 CLR P . -8.85 -52.36 -20.29
O12 PC1 Q . -7.76 -10.99 -24.12
P PC1 Q . -7.48 -10.45 -22.72
O14 PC1 Q . -6.40 -9.41 -22.81
O13 PC1 Q . -8.77 -9.85 -22.02
C11 PC1 Q . -9.29 -8.61 -22.49
C12 PC1 Q . -9.85 -8.61 -23.91
N PC1 Q . -11.26 -8.20 -24.10
C13 PC1 Q . -12.04 -8.89 -23.07
C14 PC1 Q . -11.39 -6.77 -23.82
C15 PC1 Q . -11.58 -8.41 -25.50
O11 PC1 Q . -6.93 -11.63 -21.81
C1 PC1 Q . -6.52 -11.35 -20.48
C2 PC1 Q . -6.49 -12.50 -19.53
O21 PC1 Q . -7.70 -12.62 -18.84
C21 PC1 Q . -8.57 -13.70 -19.04
O22 PC1 Q . -9.05 -13.90 -20.15
C22 PC1 Q . -9.30 -14.36 -17.88
C23 PC1 Q . -10.19 -15.54 -18.20
C24 PC1 Q . -11.64 -15.44 -17.87
C25 PC1 Q . -12.58 -16.50 -18.43
C26 PC1 Q . -13.83 -16.84 -17.63
C27 PC1 Q . -13.89 -18.23 -16.97
C28 PC1 Q . -15.14 -18.59 -16.15
C29 PC1 Q . -14.92 -19.35 -14.84
C2A PC1 Q . -15.51 -20.62 -14.66
C2B PC1 Q . -17.01 -20.74 -14.47
C2C PC1 Q . -17.68 -19.75 -13.51
C2D PC1 Q . -18.89 -20.25 -12.70
C2E PC1 Q . -19.67 -19.28 -11.81
C2F PC1 Q . -20.88 -19.85 -11.03
C2G PC1 Q . -20.69 -20.22 -9.57
C2H PC1 Q . -21.71 -21.17 -8.93
C2I PC1 Q . -21.21 -22.42 -8.26
C3 PC1 Q . -5.43 -12.27 -18.49
O31 PC1 Q . -5.47 -13.14 -17.36
C31 PC1 Q . -4.38 -13.99 -17.13
O32 PC1 Q . -3.32 -13.65 -17.63
C32 PC1 Q . -4.62 -15.47 -16.78
C33 PC1 Q . -5.69 -15.81 -15.71
C34 PC1 Q . -6.20 -17.26 -15.63
C35 PC1 Q . -7.54 -17.50 -14.91
C36 PC1 Q . -8.21 -18.87 -15.01
C37 PC1 Q . -9.66 -18.91 -15.41
C38 PC1 Q . -10.41 -20.21 -15.31
C39 PC1 Q . -11.01 -20.55 -13.96
C3A PC1 Q . -11.04 -21.86 -13.52
C3B PC1 Q . -12.05 -22.86 -14.07
C3C PC1 Q . -12.53 -23.96 -13.13
C3D PC1 Q . -13.97 -23.89 -12.59
C3E PC1 Q . -14.42 -24.95 -11.58
C3F PC1 Q . -15.84 -24.84 -10.99
C3G PC1 Q . -16.13 -25.48 -9.63
C3H PC1 Q . -17.43 -25.12 -8.90
C3I PC1 Q . -17.58 -25.55 -7.46
O12 PC1 R . 23.08 -24.03 -23.02
P PC1 R . 22.95 -25.36 -22.32
O14 PC1 R . 21.48 -25.69 -22.19
O13 PC1 R . 23.68 -26.54 -23.15
C11 PC1 R . 22.98 -27.62 -23.77
C12 PC1 R . 23.77 -28.66 -24.60
N PC1 R . 23.22 -30.01 -24.83
C13 PC1 R . 22.28 -29.89 -25.94
C14 PC1 R . 24.26 -30.93 -25.28
C15 PC1 R . 22.76 -30.52 -23.55
O11 PC1 R . 23.61 -25.28 -20.88
C1 PC1 R . 23.67 -26.44 -20.07
C2 PC1 R . 22.39 -26.87 -19.42
O21 PC1 R . 22.40 -26.55 -18.04
C21 PC1 R . 22.97 -27.37 -17.06
O22 PC1 R . 24.15 -27.68 -17.19
C22 PC1 R . 22.36 -27.38 -15.66
C23 PC1 R . 22.09 -28.71 -15.01
C24 PC1 R . 20.71 -29.02 -14.53
C25 PC1 R . 20.13 -30.39 -14.83
C26 PC1 R . 18.94 -30.90 -14.03
C27 PC1 R . 18.57 -32.38 -14.13
C28 PC1 R . 17.23 -32.86 -13.55
C29 PC1 R . 17.24 -34.00 -12.51
C2A PC1 R . 16.29 -35.05 -12.56
C2B PC1 R . 15.01 -34.97 -13.40
C2C PC1 R . 14.40 -36.27 -13.93
C2D PC1 R . 15.19 -37.06 -14.98
C2E PC1 R . 16.36 -37.93 -14.50
C2F PC1 R . 17.66 -37.88 -15.32
C2G PC1 R . 18.86 -37.15 -14.74
C2H PC1 R . 19.99 -36.74 -15.68
C2I PC1 R . 19.82 -35.47 -16.47
C3 PC1 R . 22.03 -28.32 -19.65
O31 PC1 R . 20.71 -28.78 -19.31
C31 PC1 R . 19.60 -28.69 -20.20
O32 PC1 R . 19.79 -28.79 -21.41
C32 PC1 R . 18.15 -28.84 -19.66
C33 PC1 R . 17.79 -28.38 -18.21
C34 PC1 R . 16.37 -28.57 -17.65
C35 PC1 R . 15.92 -27.82 -16.37
C36 PC1 R . 16.07 -28.49 -15.00
C37 PC1 R . 14.94 -28.40 -13.99
C38 PC1 R . 14.56 -29.63 -13.21
C39 PC1 R . 13.84 -29.47 -11.89
C3A PC1 R . 13.59 -30.56 -11.04
C3B PC1 R . 13.02 -31.88 -11.54
C3C PC1 R . 12.96 -33.06 -10.56
C3D PC1 R . 11.86 -34.13 -10.75
C3E PC1 R . 11.42 -34.98 -9.54
C3F PC1 R . 9.99 -35.58 -9.49
C3G PC1 R . 9.55 -36.35 -8.24
C3H PC1 R . 8.07 -36.33 -7.82
C3I PC1 R . 7.62 -37.28 -6.72
O12 PC1 S . 5.31 -27.42 -48.40
P PC1 S . 4.91 -27.49 -46.95
O14 PC1 S . 6.17 -27.58 -46.12
O13 PC1 S . 4.07 -26.19 -46.51
C11 PC1 S . 2.69 -25.99 -46.89
C12 PC1 S . 1.59 -26.01 -45.81
N PC1 S . 0.17 -25.83 -46.21
C13 PC1 S . -0.60 -25.90 -44.97
C14 PC1 S . -0.08 -24.51 -46.76
C15 PC1 S . -0.12 -26.80 -47.25
O11 PC1 S . 4.06 -28.82 -46.70
C1 PC1 S . 3.55 -29.08 -45.40
C2 PC1 S . 2.89 -30.39 -45.09
O21 PC1 S . 3.48 -31.44 -45.80
C21 PC1 S . 4.28 -32.37 -45.14
O22 PC1 S . 5.23 -31.97 -44.46
C22 PC1 S . 3.93 -33.86 -45.18
C23 PC1 S . 3.86 -34.62 -43.89
C24 PC1 S . 2.52 -34.71 -43.22
C25 PC1 S . 1.67 -35.92 -43.51
C26 PC1 S . 0.91 -36.57 -42.36
C27 PC1 S . 1.32 -37.99 -41.98
C28 PC1 S . 0.33 -38.75 -41.10
C29 PC1 S . -0.99 -38.02 -40.92
C2A PC1 S . -2.14 -38.56 -41.50
C2B PC1 S . -2.58 -39.98 -41.15
C2C PC1 S . -3.93 -40.15 -40.46
C2D PC1 S . -5.21 -40.21 -41.31
C2E PC1 S . -6.26 -39.10 -41.10
C2F PC1 S . -7.56 -39.46 -40.35
C2G PC1 S . -7.65 -39.14 -38.85
C2H PC1 S . -8.76 -39.80 -38.03
C2I PC1 S . -8.41 -40.91 -37.06
C3 PC1 S . 1.42 -30.39 -45.42
O31 PC1 S . 0.62 -31.25 -44.62
C31 PC1 S . 0.13 -30.77 -43.39
O32 PC1 S . -0.09 -29.58 -43.25
C32 PC1 S . 0.09 -31.75 -42.20
C33 PC1 S . -1.24 -31.89 -41.41
C34 PC1 S . -1.39 -33.12 -40.51
C35 PC1 S . -2.72 -33.88 -40.58
C36 PC1 S . -2.82 -35.21 -39.80
C37 PC1 S . -4.09 -35.48 -39.02
C38 PC1 S . -4.46 -36.91 -38.81
C39 PC1 S . -4.39 -37.44 -37.40
C3A PC1 S . -3.31 -38.20 -36.96
C3B PC1 S . -2.02 -38.21 -37.75
C3C PC1 S . -0.87 -39.13 -37.29
C3D PC1 S . -1.06 -40.64 -37.48
C3E PC1 S . -1.61 -41.45 -36.29
C3F PC1 S . -3.02 -42.04 -36.41
C3G PC1 S . -3.27 -43.41 -35.79
C3H PC1 S . -4.72 -43.91 -35.73
C3I PC1 S . -4.98 -45.29 -35.12
O12 PC1 T . -7.50 -6.07 -20.17
P PC1 T . -8.40 -6.18 -18.95
O14 PC1 T . -7.63 -5.71 -17.75
O13 PC1 T . -9.68 -5.26 -19.14
C11 PC1 T . -10.40 -5.29 -20.38
C12 PC1 T . -11.46 -4.21 -20.61
N PC1 T . -11.04 -2.94 -21.22
C13 PC1 T . -10.03 -2.35 -20.34
C14 PC1 T . -10.41 -3.17 -22.51
C15 PC1 T . -12.26 -2.17 -21.49
O11 PC1 T . -8.82 -7.71 -18.75
C1 PC1 T . -9.60 -8.10 -17.62
C2 PC1 T . -10.03 -9.54 -17.45
O21 PC1 T . -11.43 -9.68 -17.62
C21 PC1 T . -11.99 -10.19 -18.80
O22 PC1 T . -12.16 -9.47 -19.79
C22 PC1 T . -12.54 -11.61 -18.86
C23 PC1 T . -14.01 -11.82 -18.66
C24 PC1 T . -14.47 -13.15 -18.09
C25 PC1 T . -15.94 -13.34 -17.83
C26 PC1 T . -16.42 -13.34 -16.39
C27 PC1 T . -15.38 -13.51 -15.28
C28 PC1 T . -15.89 -14.05 -13.93
C29 PC1 T . -16.87 -15.23 -13.97
C2A PC1 T . -16.68 -16.37 -13.16
C2B PC1 T . -16.31 -16.24 -11.68
C2C PC1 T . -17.18 -16.93 -10.62
C2D PC1 T . -16.76 -16.82 -9.16
C2E PC1 T . -16.50 -18.13 -8.39
C2F PC1 T . -16.19 -18.05 -6.88
C2G PC1 T . -17.20 -18.65 -5.90
C2H PC1 T . -16.90 -18.62 -4.41
C2I PC1 T . -17.96 -19.09 -3.45
C3 PC1 T . -9.63 -10.12 -16.11
O31 PC1 T . -9.91 -11.50 -15.80
C31 PC1 T . -9.21 -12.17 -14.75
O32 PC1 T . -8.01 -11.97 -14.60
C32 PC1 T . -9.97 -12.98 -13.67
C33 PC1 T . -10.57 -14.36 -14.04
C34 PC1 T . -10.69 -15.43 -12.93
C35 PC1 T . -11.82 -16.46 -13.02
C36 PC1 T . -12.64 -16.71 -11.76
C37 PC1 T . -12.14 -17.71 -10.76
C38 PC1 T . -13.08 -18.77 -10.27
C39 PC1 T . -12.69 -20.22 -10.42
C3A PC1 T . -13.42 -21.26 -9.85
C3B PC1 T . -13.80 -21.28 -8.36
C3C PC1 T . -14.51 -22.51 -7.75
C3D PC1 T . -14.12 -23.00 -6.34
C3E PC1 T . -15.22 -23.29 -5.32
C3F PC1 T . -14.94 -22.96 -3.84
C3G PC1 T . -15.86 -21.98 -3.11
C3H PC1 T . -15.31 -21.14 -1.95
C3I PC1 T . -15.41 -21.71 -0.56
C1A EFO U . 7.12 -11.17 -11.25
C10 EFO U . 8.34 -11.16 -10.22
C11 EFO U . 8.54 -12.49 -9.73
C12 EFO U . 9.79 -12.77 -9.02
C1B EFO U . 9.64 -12.43 -7.54
O37 EFO U . 7.39 -12.80 -8.79
C36 EFO U . 6.88 -14.09 -8.68
O36 EFO U . 7.26 -14.97 -9.44
C35 EFO U . 5.99 -14.47 -7.50
C34 EFO U . 5.17 -13.49 -6.92
C33 EFO U . 4.08 -13.93 -5.96
C3B EFO U . 2.75 -13.19 -6.28
C32 EFO U . 4.51 -13.80 -4.48
O32 EFO U . 3.45 -14.39 -3.79
C31 EFO U . 5.80 -14.45 -3.89
C3A EFO U . 5.77 -15.95 -4.13
C30 EFO U . 6.03 -14.21 -2.40
O30 EFO U . 5.16 -14.59 -1.57
C29 EFO U . 7.30 -13.55 -1.90
C2D EFO U . 7.18 -13.33 -0.46
C28 EFO U . 7.55 -12.25 -2.69
O28 EFO U . 6.56 -11.26 -2.49
C27 EFO U . 8.97 -11.64 -2.38
C2C EFO U . 9.03 -10.19 -2.95
C26 EFO U . 10.17 -12.47 -2.84
O26 EFO U . 10.18 -12.95 -3.99
C25 EFO U . 11.33 -12.72 -1.88
C2B EFO U . 11.30 -14.16 -1.38
O25 EFO U . 11.12 -11.85 -0.80
C24 EFO U . 12.70 -12.41 -2.48
O24 EFO U . 12.87 -11.03 -2.53
C23 EFO U . 14.02 -13.05 -1.88
C2A EFO U . 14.30 -12.56 -0.45
C22 EFO U . 15.25 -12.78 -2.74
C21 EFO U . 15.23 -13.30 -4.16
C20 EFO U . 15.20 -12.42 -5.26
C19 EFO U . 15.12 -13.01 -6.66
C18 EFO U . 14.93 -12.19 -7.83
C17 EFO U . 14.74 -12.91 -9.21
C1C EFO U . 15.93 -12.70 -10.13
C1D EFO U . 15.81 -13.21 -11.57
C16 EFO U . 13.40 -12.51 -9.84
C15 EFO U . 12.16 -12.25 -8.94
C13 EFO U . 11.00 -11.99 -9.60
O14 EFO U . 10.54 -10.56 -9.48
C8 EFO U . 9.58 -10.37 -10.55
O9 EFO U . 8.99 -10.31 -11.85
C7 EFO U . 10.64 -9.30 -10.39
C6 EFO U . 10.64 -8.22 -11.37
C5 EFO U . 10.44 -8.62 -12.73
C51 EFO U . 9.29 -7.78 -13.37
C4 EFO U . 10.09 -10.09 -12.77
C3 EFO U . 9.88 -10.59 -14.17
C2 EFO U . 11.03 -11.50 -14.66
C1 EFO U . 12.24 -10.69 -15.10
O2 EFO U . 11.39 -12.39 -13.64
O12 PC1 V . -9.51 -60.34 -23.19
P PC1 V . -9.87 -58.94 -22.75
O14 PC1 V . -11.35 -58.75 -23.01
O13 PC1 V . -9.56 -58.78 -21.18
C11 PC1 V . -8.42 -59.44 -20.60
C12 PC1 V . -7.00 -58.91 -20.88
N PC1 V . -6.17 -58.57 -19.71
C13 PC1 V . -6.86 -57.45 -19.04
C14 PC1 V . -6.16 -59.66 -18.75
C15 PC1 V . -4.81 -58.41 -20.17
O11 PC1 V . -9.02 -57.88 -23.59
C1 PC1 V . -8.89 -56.51 -23.24
C2 PC1 V . -8.08 -55.66 -24.16
O21 PC1 V . -6.95 -55.09 -23.56
C21 PC1 V . -5.70 -55.68 -23.77
O22 PC1 V . -5.53 -56.86 -23.46
C22 PC1 V . -4.59 -54.94 -24.54
C23 PC1 V . -3.21 -54.79 -23.91
C24 PC1 V . -2.13 -55.75 -24.30
C25 PC1 V . -0.68 -55.31 -24.16
C26 PC1 V . -0.06 -54.48 -25.30
C27 PC1 V . -0.94 -54.00 -26.47
C28 PC1 V . -0.27 -53.29 -27.67
C29 PC1 V . -0.74 -53.61 -29.10
C2A PC1 V . -0.98 -52.57 -30.03
C2B PC1 V . 0.11 -52.17 -31.04
C2C PC1 V . -0.31 -51.75 -32.45
C2D PC1 V . 0.41 -52.35 -33.67
C2E PC1 V . 1.46 -51.52 -34.41
C2F PC1 V . 2.95 -51.89 -34.21
C2G PC1 V . 3.73 -51.15 -33.15
C2H PC1 V . 5.20 -51.54 -32.93
C2I PC1 V . 6.15 -50.48 -32.48
C3 PC1 V . -8.88 -54.53 -24.76
O31 PC1 V . -8.25 -53.79 -25.81
C31 PC1 V . -8.58 -54.10 -27.16
O32 PC1 V . -9.68 -54.55 -27.43
C32 PC1 V . -7.55 -53.79 -28.26
C33 PC1 V . -7.99 -52.91 -29.46
C34 PC1 V . -7.23 -53.15 -30.77
C35 PC1 V . -6.71 -51.96 -31.58
C36 PC1 V . -5.21 -51.65 -31.58
C37 PC1 V . -4.34 -52.25 -32.67
C38 PC1 V . -4.08 -51.49 -33.95
C39 PC1 V . -5.30 -51.05 -34.75
C3A PC1 V . -5.21 -50.71 -36.09
C3B PC1 V . -3.99 -51.03 -36.91
C3C PC1 V . -3.08 -49.87 -37.26
C3D PC1 V . -3.54 -48.93 -38.39
C3E PC1 V . -2.49 -47.97 -38.92
C3F PC1 V . -2.43 -46.57 -38.33
C3G PC1 V . -3.51 -45.58 -38.79
C3H PC1 V . -3.08 -44.23 -39.38
C3I PC1 V . -3.96 -43.61 -40.45
C1 NAG W . -26.51 -70.10 27.43
C2 NAG W . -27.89 -70.20 28.03
C3 NAG W . -28.00 -71.43 28.92
C4 NAG W . -27.58 -72.69 28.15
C5 NAG W . -26.22 -72.48 27.47
C6 NAG W . -25.85 -73.62 26.54
C7 NAG W . -29.41 -68.38 28.69
C8 NAG W . -29.59 -67.15 29.54
N2 NAG W . -28.23 -69.00 28.79
O3 NAG W . -29.33 -71.59 29.40
O4 NAG W . -27.50 -73.79 29.03
O5 NAG W . -26.23 -71.28 26.68
O6 NAG W . -24.61 -73.38 25.89
O7 NAG W . -30.31 -68.80 27.96
C1 CLR X . 4.26 -51.18 -18.55
C2 CLR X . 4.59 -52.32 -17.60
C3 CLR X . 3.85 -53.57 -17.97
C4 CLR X . 4.46 -54.06 -19.25
C5 CLR X . 4.44 -52.97 -20.31
C6 CLR X . 3.89 -53.25 -21.64
C7 CLR X . 3.77 -52.16 -22.69
C8 CLR X . 4.66 -51.02 -22.27
C9 CLR X . 4.36 -50.62 -20.83
C10 CLR X . 4.88 -51.49 -19.95
C11 CLR X . 5.00 -48.96 -20.63
C12 CLR X . 4.55 -47.98 -22.00
C13 CLR X . 4.83 -48.79 -23.16
C14 CLR X . 4.08 -50.02 -23.12
C15 CLR X . 4.12 -50.62 -24.60
C16 CLR X . 3.96 -49.17 -25.39
C17 CLR X . 4.22 -48.09 -24.38
C18 CLR X . 6.37 -49.01 -23.40
C19 CLR X . 6.41 -51.53 -19.88
C20 CLR X . 5.01 -47.00 -25.01
C21 CLR X . 5.59 -45.92 -24.13
C22 CLR X . 4.22 -46.34 -26.12
C23 CLR X . 4.88 -45.11 -26.73
C24 CLR X . 4.04 -44.57 -27.92
C25 CLR X . 4.82 -43.53 -28.78
C26 CLR X . 4.80 -42.19 -28.06
C27 CLR X . 4.07 -43.38 -30.08
O1 CLR X . 4.09 -54.52 -17.02
MG MG Y . 11.23 43.28 0.89
AL ALF Z . 13.29 42.53 4.87
F1 ALF Z . 14.21 42.94 6.34
F2 ALF Z . 12.36 42.11 3.41
F3 ALF Z . 14.55 41.37 4.39
F4 ALF Z . 12.04 43.70 5.37
MG MG AA . 9.95 42.65 4.38
PB ADP BA . 14.67 44.99 3.45
O1B ADP BA . 13.61 45.35 2.43
O2B ADP BA . 15.77 46.01 3.51
O3B ADP BA . 14.10 44.63 4.80
PA ADP BA . 15.83 43.27 1.43
O1A ADP BA . 14.61 43.17 0.53
O2A ADP BA . 16.83 42.15 1.47
O3A ADP BA . 15.32 43.59 2.94
O5' ADP BA . 16.57 44.62 1.00
C5' ADP BA . 17.95 44.82 1.29
C4' ADP BA . 18.36 46.20 0.79
O4' ADP BA . 17.96 46.40 -0.56
C3' ADP BA . 17.67 47.31 1.54
O3' ADP BA . 18.42 47.72 2.69
C2' ADP BA . 17.58 48.45 0.55
O2' ADP BA . 18.66 49.36 0.80
C1' ADP BA . 17.81 47.79 -0.80
N9 ADP BA . 16.63 48.09 -1.64
C8 ADP BA . 15.35 47.95 -1.25
N7 ADP BA . 14.50 48.32 -2.23
C5 ADP BA . 15.24 48.70 -3.26
C6 ADP BA . 14.98 49.20 -4.61
N6 ADP BA . 13.70 49.34 -5.02
N1 ADP BA . 16.03 49.50 -5.40
C2 ADP BA . 17.28 49.34 -4.98
N3 ADP BA . 17.59 48.90 -3.75
C4 ADP BA . 16.64 48.57 -2.87
NA NA CA . -14.32 3.93 26.19
NA NA DA . -13.76 4.66 29.70
NA NA EA . -13.23 8.45 32.67
NA NA FA . 5.22 24.63 6.39
O12 PC1 GA . 6.06 10.51 27.06
P PC1 GA . 6.27 9.02 27.18
O14 PC1 GA . 6.76 8.50 25.85
O13 PC1 GA . 7.36 8.74 28.33
C11 PC1 GA . 8.74 8.54 28.03
C12 PC1 GA . 9.78 9.12 29.00
N PC1 GA . 10.95 8.29 29.34
C13 PC1 GA . 10.44 6.98 29.77
C14 PC1 GA . 11.76 8.04 28.16
C15 PC1 GA . 11.76 9.07 30.26
O11 PC1 GA . 4.92 8.27 27.57
C1 PC1 GA . 4.08 7.78 26.54
C2 PC1 GA . 3.09 6.69 26.82
O21 PC1 GA . 3.68 5.61 27.49
C21 PC1 GA . 3.03 5.01 28.56
O22 PC1 GA . 2.73 5.68 29.54
C22 PC1 GA . 2.99 3.48 28.66
C23 PC1 GA . 2.37 2.86 29.90
C24 PC1 GA . 3.00 1.65 30.48
C25 PC1 GA . 2.58 1.24 31.87
C26 PC1 GA . 2.23 -0.21 32.14
C27 PC1 GA . 1.33 -0.50 33.34
C28 PC1 GA . 1.23 -1.97 33.77
C29 PC1 GA . -0.17 -2.61 33.68
C2A PC1 GA . -0.45 -3.86 34.29
C2B PC1 GA . 0.60 -4.96 34.41
C2C PC1 GA . 0.20 -6.39 34.02
C2D PC1 GA . 0.35 -7.54 35.02
C2E PC1 GA . 1.06 -8.83 34.58
C2F PC1 GA . 0.91 -10.08 35.48
C2G PC1 GA . -0.22 -11.05 35.18
C2H PC1 GA . -0.51 -12.16 36.18
C2I PC1 GA . -1.90 -12.70 36.24
C3 PC1 GA . 2.50 6.12 25.56
O31 PC1 GA . 1.38 5.25 25.69
C31 PC1 GA . 0.08 5.72 25.31
O32 PC1 GA . 0.02 6.65 24.52
C32 PC1 GA . -1.13 5.39 26.20
C33 PC1 GA . -1.41 3.91 26.61
C34 PC1 GA . -1.74 3.61 28.09
C35 PC1 GA . -2.07 2.17 28.49
C36 PC1 GA . -2.67 1.94 29.87
C37 PC1 GA . -1.90 1.10 30.85
C38 PC1 GA . -2.48 -0.21 31.28
C39 PC1 GA . -1.79 -1.49 30.85
C3A PC1 GA . -2.38 -2.72 31.03
C3B PC1 GA . -3.78 -2.82 31.66
C3C PC1 GA . -3.94 -3.42 33.06
C3D PC1 GA . -4.57 -4.82 33.18
C3E PC1 GA . -4.27 -5.68 34.41
C3F PC1 GA . -4.01 -7.20 34.22
C3G PC1 GA . -4.67 -8.19 35.17
C3H PC1 GA . -3.84 -9.37 35.70
C3I PC1 GA . -4.45 -10.21 36.80
O12 PC1 HA . -22.51 25.22 18.22
P PC1 HA . -22.30 25.10 19.72
O14 PC1 HA . -20.98 24.42 19.97
O13 PC1 HA . -22.27 26.58 20.37
C11 PC1 HA . -21.66 26.81 21.64
C12 PC1 HA . -20.39 27.66 21.69
N PC1 HA . -20.20 28.63 22.79
C13 PC1 HA . -20.84 28.10 24.00
C14 PC1 HA . -18.79 28.76 23.12
C15 PC1 HA . -20.61 29.93 22.27
O11 PC1 HA . -23.48 24.22 20.35
C1 PC1 HA . -23.33 23.39 21.51
C2 PC1 HA . -23.35 21.89 21.33
O21 PC1 HA . -23.85 21.53 20.05
C21 PC1 HA . -25.19 21.28 19.75
O22 PC1 HA . -25.97 22.21 19.60
C22 PC1 HA . -25.55 19.96 19.07
C23 PC1 HA . -25.97 18.79 19.93
C24 PC1 HA . -26.28 17.48 19.26
C25 PC1 HA . -26.13 16.20 20.05
C26 PC1 HA . -27.15 15.89 21.14
C27 PC1 HA . -26.75 16.11 22.60
C28 PC1 HA . -27.03 15.02 23.64
C29 PC1 HA . -26.81 15.40 25.11
C2A PC1 HA . -27.15 14.51 26.16
C2B PC1 HA . -27.52 13.06 25.86
C2C PC1 HA . -28.87 12.54 26.38
C2D PC1 HA . -29.89 12.01 25.37
C2E PC1 HA . -30.59 10.66 25.61
C2F PC1 HA . -30.89 9.74 24.41
C2G PC1 HA . -30.96 8.23 24.64
C2H PC1 HA . -31.14 7.30 23.43
C2I PC1 HA . -31.74 5.93 23.66
C3 PC1 HA . -24.09 21.13 22.41
O31 PC1 HA . -23.36 20.35 23.37
C31 PC1 HA . -23.61 18.95 23.53
O32 PC1 HA . -24.69 18.56 23.93
C32 PC1 HA . -22.55 17.91 23.12
C33 PC1 HA . -23.07 16.50 22.77
C34 PC1 HA . -22.04 15.40 22.48
C35 PC1 HA . -22.52 14.13 21.77
C36 PC1 HA . -23.69 13.38 22.41
C37 PC1 HA . -23.62 11.87 22.52
C38 PC1 HA . -24.60 11.21 23.45
C39 PC1 HA . -24.17 9.97 24.21
C3A PC1 HA . -25.08 9.02 24.66
C3B PC1 HA . -26.31 9.38 25.50
C3C PC1 HA . -26.80 8.38 26.58
C3D PC1 HA . -27.59 7.10 26.19
C3E PC1 HA . -27.23 5.81 26.93
C3F PC1 HA . -28.36 4.90 27.43
C3G PC1 HA . -28.00 3.79 28.42
C3H PC1 HA . -26.91 2.80 28.05
C3I PC1 HA . -27.18 1.33 28.34
O12 PC1 IA . -1.20 27.71 45.35
P PC1 IA . -1.79 28.98 45.90
O14 PC1 IA . -1.02 29.37 47.13
O13 PC1 IA . -1.66 30.14 44.80
C11 PC1 IA . -0.49 30.26 43.98
C12 PC1 IA . -0.64 29.91 42.49
N PC1 IA . 0.25 30.52 41.47
C13 PC1 IA . -0.62 30.84 40.33
C14 PC1 IA . 0.80 31.78 41.92
C15 PC1 IA . 1.36 29.61 41.27
O11 PC1 IA . -3.32 28.70 46.25
C1 PC1 IA . -3.60 27.61 47.10
C2 PC1 IA . -5.00 27.14 47.38
O21 PC1 IA . -5.16 25.79 47.04
C21 PC1 IA . -5.86 24.91 47.87
O22 PC1 IA . -6.47 25.34 48.84
C22 PC1 IA . -6.03 23.43 47.49
C23 PC1 IA . -5.80 22.40 48.56
C24 PC1 IA . -7.00 21.71 49.16
C25 PC1 IA . -7.35 21.97 50.61
C26 PC1 IA . -8.34 23.09 50.90
C27 PC1 IA . -9.80 22.73 51.22
C28 PC1 IA . -10.82 22.58 50.06
C29 PC1 IA . -11.60 21.26 50.03
C2A PC1 IA . -10.99 20.15 50.57
C2B PC1 IA . -11.79 19.45 51.65
C2C PC1 IA . -11.10 19.37 53.02
C2D PC1 IA . -11.84 18.79 54.25
C2E PC1 IA . -11.70 17.33 54.63
C2F PC1 IA . -11.74 16.95 56.12
C2G PC1 IA . -12.51 15.71 56.55
C2H PC1 IA . -12.76 15.48 58.04
C2I PC1 IA . -14.21 15.60 58.40
C3 PC1 IA . -6.06 27.90 46.63
O31 PC1 IA . -7.39 27.38 46.80
C31 PC1 IA . -8.37 28.11 47.54
O32 PC1 IA . -8.64 29.23 47.14
C32 PC1 IA . -8.74 27.71 48.97
C33 PC1 IA . -9.44 26.35 49.26
C34 PC1 IA . -10.33 26.19 50.51
C35 PC1 IA . -9.82 26.67 51.88
C36 PC1 IA . -10.86 27.00 52.95
C37 PC1 IA . -11.14 25.98 54.03
C38 PC1 IA . -12.49 25.32 54.08
C39 PC1 IA . -13.68 26.15 54.50
C3A PC1 IA . -14.87 25.52 54.84
C3B PC1 IA . -16.20 26.00 54.31
C3C PC1 IA . -17.33 24.97 54.12
C3D PC1 IA . -17.93 24.28 55.35
C3E PC1 IA . -17.32 22.95 55.82
C3F PC1 IA . -16.59 22.94 57.17
C3G PC1 IA . -15.67 21.76 57.51
C3H PC1 IA . -14.56 21.99 58.53
C3I PC1 IA . -13.22 22.47 58.00
O12 PC1 JA . 11.24 5.15 23.59
P PC1 JA . 9.93 5.55 24.24
O14 PC1 JA . 10.21 6.37 25.49
O13 PC1 JA . 9.06 6.41 23.21
C11 PC1 JA . 8.61 5.82 21.99
C12 PC1 JA . 7.19 6.17 21.50
N PC1 JA . 6.96 7.48 20.87
C13 PC1 JA . 7.26 8.53 21.85
C14 PC1 JA . 7.88 7.68 19.75
C15 PC1 JA . 5.64 7.45 20.29
O11 PC1 JA . 9.10 4.24 24.66
C1 PC1 JA . 7.76 4.34 25.15
C2 PC1 JA . 7.29 3.40 26.22
O21 PC1 JA . 6.09 2.77 25.82
C21 PC1 JA . 5.83 1.41 26.07
O22 PC1 JA . 4.78 0.91 25.70
C22 PC1 JA . 6.90 0.52 26.73
C23 PC1 JA . 6.62 -0.06 28.08
C24 PC1 JA . 6.28 -1.53 28.14
C25 PC1 JA . 6.47 -2.22 29.48
C26 PC1 JA . 5.23 -2.77 30.17
C27 PC1 JA . 5.07 -4.29 30.23
C28 PC1 JA . 4.31 -4.84 31.45
C29 PC1 JA . 4.15 -6.36 31.55
C2A PC1 JA . 2.89 -6.96 31.24
C2B PC1 JA . 1.72 -6.09 30.76
C2C PC1 JA . 0.52 -6.77 30.08
C2D PC1 JA . -0.23 -7.90 30.81
C2E PC1 JA . -1.76 -7.87 30.90
C2F PC1 JA . -2.47 -9.07 31.57
C2G PC1 JA . -3.96 -9.28 31.30
C2H PC1 JA . -4.71 -10.26 32.20
C2I PC1 JA . -6.19 -10.08 32.33
C3 PC1 JA . 7.04 4.11 27.52
O31 PC1 JA . 6.74 3.35 28.70
C31 PC1 JA . 7.44 3.59 29.91
O32 PC1 JA . 7.44 4.70 30.40
C32 PC1 JA . 7.99 2.39 30.70
C33 PC1 JA . 6.99 1.40 31.37
C34 PC1 JA . 7.49 0.60 32.58
C35 PC1 JA . 7.07 -0.87 32.68
C36 PC1 JA . 7.94 -1.81 33.52
C37 PC1 JA . 8.58 -3.01 32.86
C38 PC1 JA . 7.72 -4.17 32.46
C39 PC1 JA . 7.77 -5.44 33.29
C3A PC1 JA . 6.89 -5.59 34.36
C3B PC1 JA . 5.90 -4.51 34.75
C3C PC1 JA . 5.18 -4.59 36.10
C3D PC1 JA . 3.69 -4.22 36.17
C3E PC1 JA . 2.90 -4.52 37.45
C3F PC1 JA . 2.21 -5.89 37.59
C3G PC1 JA . 0.95 -6.00 38.45
C3H PC1 JA . 0.23 -7.34 38.51
C3I PC1 JA . -0.13 -7.90 39.86
C1A EFO KA . -6.70 8.30 13.23
C10 EFO KA . -7.94 8.45 12.23
C11 EFO KA . -9.16 7.98 12.81
C12 EFO KA . -10.39 8.19 12.02
C1B EFO KA . -10.59 7.07 11.02
O37 EFO KA . -9.02 6.49 13.08
C36 EFO KA . -9.42 5.97 14.31
O36 EFO KA . -10.02 6.71 15.08
C35 EFO KA . -9.46 4.47 14.56
C34 EFO KA . -8.59 3.56 13.94
C33 EFO KA . -8.64 2.09 14.37
C3B EFO KA . -7.23 1.58 14.76
C32 EFO KA . -9.36 1.15 13.34
O32 EFO KA . -9.37 -0.11 13.96
C31 EFO KA . -10.82 1.37 12.82
C3A EFO KA . -11.85 1.18 13.92
C30 EFO KA . -11.20 0.43 11.67
O30 EFO KA . -11.10 -0.80 11.84
C29 EFO KA . -11.69 0.99 10.33
C2D EFO KA . -12.07 -0.15 9.49
C28 EFO KA . -10.62 1.90 9.67
O28 EFO KA . -9.46 1.22 9.27
C27 EFO KA . -11.13 2.74 8.42
C2C EFO KA . -9.94 3.52 7.81
C26 EFO KA . -12.35 3.67 8.58
O26 EFO KA . -12.45 4.40 9.59
C25 EFO KA . -13.44 3.69 7.51
C2B EFO KA . -14.78 3.26 8.08
O25 EFO KA . -13.05 2.76 6.53
C24 EFO KA . -13.57 5.05 6.82
O24 EFO KA . -12.46 5.27 6.01
C23 EFO KA . -14.89 5.37 5.98
C2A EFO KA . -14.91 4.62 4.65
C22 EFO KA . -15.12 6.86 5.74
C21 EFO KA . -15.19 7.79 6.93
C20 EFO KA . -14.44 9.00 6.93
C19 EFO KA . -14.38 9.85 8.17
C18 EFO KA . -13.27 10.77 8.37
C17 EFO KA . -13.20 11.63 9.68
C1C EFO KA . -13.31 13.14 9.41
C1D EFO KA . -13.33 14.10 10.60
C16 EFO KA . -11.97 11.22 10.49
C15 EFO KA . -11.49 9.74 10.50
C13 EFO KA . -10.39 9.54 11.27
O14 EFO KA . -9.10 9.53 10.47
C8 EFO KA . -8.04 9.71 11.44
O9 EFO KA . -7.28 10.27 12.52
C7 EFO KA . -7.96 10.61 10.22
C6 EFO KA . -6.81 11.51 10.18
C5 EFO KA . -6.60 12.24 11.39
C51 EFO KA . -5.12 12.11 11.85
C4 EFO KA . -7.51 11.70 12.46
C3 EFO KA . -7.38 12.51 13.74
C2 EFO KA . -8.29 13.77 13.82
C1 EFO KA . -7.51 15.09 13.58
O2 EFO KA . -9.40 13.65 12.95
C1 CLR LA . 5.31 2.65 36.46
C2 CLR LA . 6.36 3.73 36.30
C3 CLR LA . 6.17 4.51 35.04
C4 CLR LA . 4.93 5.33 35.19
C5 CLR LA . 3.75 4.42 35.55
C6 CLR LA . 2.48 4.49 34.83
C7 CLR LA . 1.31 3.55 35.15
C8 CLR LA . 1.53 2.85 36.47
C9 CLR LA . 2.98 2.35 36.53
C10 CLR LA . 3.91 3.32 36.67
C11 CLR LA . 3.12 1.23 37.91
C12 CLR LA . 1.78 0.14 37.84
C13 CLR LA . 0.57 0.90 37.58
C14 CLR LA . 0.70 1.68 36.38
C15 CLR LA . -0.79 2.06 35.98
C16 CLR LA . -1.66 0.84 36.65
C17 CLR LA . -0.61 -0.07 37.28
C18 CLR LA . 0.15 1.79 38.80
C19 CLR LA . 3.86 4.08 38.02
C20 CLR LA . -1.26 -0.73 38.44
C21 CLR LA . -0.28 -1.62 39.15
C22 CLR LA . -2.34 -1.63 37.83
C23 CLR LA . -3.19 -2.29 38.92
C24 CLR LA . -4.30 -3.07 38.19
C25 CLR LA . -5.41 -3.57 39.14
C26 CLR LA . -4.84 -4.67 40.05
C27 CLR LA . -6.54 -4.18 38.31
O1 CLR LA . 7.20 5.40 34.88
C1 CLR MA . -22.45 3.80 55.99
C2 CLR MA . -23.46 2.90 55.31
C3 CLR MA . -24.63 3.76 54.89
C4 CLR MA . -24.19 4.52 53.69
C5 CLR MA . -22.94 5.34 54.04
C6 CLR MA . -22.82 6.77 53.69
C7 CLR MA . -21.61 7.63 54.08
C8 CLR MA . -20.47 6.71 54.53
C9 CLR MA . -21.05 5.65 55.47
C10 CLR MA . -21.79 4.67 54.89
C11 CLR MA . -19.67 4.84 56.26
C12 CLR MA . -18.38 5.96 56.62
C13 CLR MA . -18.27 7.04 55.64
C14 CLR MA . -19.56 7.56 55.26
C15 CLR MA . -19.25 8.91 54.50
C16 CLR MA . -17.90 9.44 55.27
C17 CLR MA . -17.59 8.32 56.26
C18 CLR MA . -17.50 6.54 54.38
C19 CLR MA . -21.02 3.74 53.93
C20 CLR MA . -16.11 8.31 56.56
C21 CLR MA . -15.74 7.21 57.52
C22 CLR MA . -15.69 9.70 57.16
C23 CLR MA . -14.16 9.66 57.46
C24 CLR MA . -13.58 11.05 57.67
C25 CLR MA . -12.08 10.91 58.01
C26 CLR MA . -11.79 10.36 59.37
C27 CLR MA . -11.38 12.20 57.57
O1 CLR MA . -25.70 3.01 54.51
O12 PC1 NA . -33.31 4.19 52.13
P PC1 NA . -33.95 4.85 53.34
O14 PC1 NA . -35.45 4.80 53.22
O13 PC1 NA . -33.46 4.07 54.65
C11 PC1 NA . -32.13 4.19 55.15
C12 PC1 NA . -31.95 4.56 56.61
N PC1 NA . -32.01 3.52 57.64
C13 PC1 NA . -33.14 2.62 57.33
C14 PC1 NA . -30.82 2.69 57.57
C15 PC1 NA . -32.01 4.20 58.93
O11 PC1 NA . -33.51 6.38 53.44
C1 PC1 NA . -34.25 7.34 54.19
C2 PC1 NA . -34.17 8.76 53.70
O21 PC1 NA . -34.70 8.87 52.41
C21 PC1 NA . -36.06 9.11 52.20
O22 PC1 NA . -36.78 8.21 51.77
C22 PC1 NA . -36.47 10.55 51.92
C23 PC1 NA . -35.37 11.47 51.48
C24 PC1 NA . -35.61 12.26 50.24
C25 PC1 NA . -35.13 13.70 50.25
C26 PC1 NA . -36.14 14.78 49.92
C27 PC1 NA . -35.65 15.97 49.08
C28 PC1 NA . -35.38 17.29 49.79
C29 PC1 NA . -33.93 17.84 49.81
C2A PC1 NA . -33.70 19.18 49.48
C2B PC1 NA . -34.89 20.07 49.10
C2C PC1 NA . -34.75 20.93 47.84
C2D PC1 NA . -35.37 22.31 47.82
C2E PC1 NA . -34.44 23.51 47.88
C2F PC1 NA . -34.52 24.48 46.71
C2G PC1 NA . -33.42 25.55 46.64
C2H PC1 NA . -33.66 26.70 45.68
C2I PC1 NA . -32.85 27.92 45.79
C3 PC1 NA . -32.74 9.24 53.62
O31 PC1 NA . -32.42 10.59 53.96
C31 PC1 NA . -31.77 11.45 53.02
O32 PC1 NA . -31.74 11.10 51.85
C32 PC1 NA . -31.34 12.86 53.43
C33 PC1 NA . -30.72 13.80 52.36
C34 PC1 NA . -31.65 14.82 51.65
C35 PC1 NA . -31.06 16.17 51.18
C36 PC1 NA . -30.52 17.10 52.26
C37 PC1 NA . -30.82 18.56 52.16
C38 PC1 NA . -29.66 19.50 52.26
C39 PC1 NA . -29.73 20.61 53.27
C3A PC1 NA . -28.68 21.53 53.41
C3B PC1 NA . -27.38 21.40 52.64
C3C PC1 NA . -26.68 22.70 52.23
C3D PC1 NA . -26.05 22.75 50.80
C3E PC1 NA . -24.60 23.27 50.64
C3F PC1 NA . -23.52 22.42 49.90
C3G PC1 NA . -22.28 23.12 49.34
C3H PC1 NA . -21.62 22.58 48.06
C3I PC1 NA . -21.27 23.60 47.00
C1 NAG OA . -46.54 -46.93 51.42
C2 NAG OA . -46.08 -48.23 52.05
C3 NAG OA . -47.28 -49.06 52.48
C4 NAG OA . -48.19 -48.24 53.39
C5 NAG OA . -48.54 -46.90 52.75
C6 NAG OA . -49.28 -45.96 53.69
C7 NAG OA . -44.07 -49.55 51.51
C8 NAG OA . -43.33 -50.30 50.43
N2 NAG OA . -45.24 -48.99 51.15
O3 NAG OA . -46.85 -50.24 53.14
O4 NAG OA . -49.38 -48.97 53.67
O5 NAG OA . -47.34 -46.21 52.35
O6 NAG OA . -49.26 -44.63 53.20
O7 NAG OA . -43.64 -49.46 52.66
C1 CLR PA . -32.98 9.59 44.32
C2 CLR PA . -34.38 9.05 44.27
C3 CLR PA . -34.84 8.83 45.66
C4 CLR PA . -35.07 10.13 46.34
C5 CLR PA . -33.78 10.92 46.31
C6 CLR PA . -33.19 11.51 47.54
C7 CLR PA . -31.85 12.25 47.51
C8 CLR PA . -31.55 12.59 46.08
C9 CLR PA . -31.67 11.34 45.22
C10 CLR PA . -32.96 11.01 44.97
C11 CLR PA . -30.84 11.61 43.67
C12 CLR PA . -29.33 12.37 44.01
C13 CLR PA . -29.62 13.41 44.97
C14 CLR PA . -30.18 12.91 46.18
C15 CLR PA . -30.08 14.07 47.25
C16 CLR PA . -28.67 14.77 46.76
C17 CLR PA . -28.29 14.08 45.46
C18 CLR PA . -30.56 14.51 44.34
C19 CLR PA . -33.69 12.02 44.08
C20 CLR PA . -27.62 15.07 44.60
C21 CLR PA . -27.21 14.45 43.30
C22 CLR PA . -26.41 15.49 45.44
C23 CLR PA . -25.53 16.61 44.84
C24 CLR PA . -24.34 16.82 45.84
C25 CLR PA . -23.34 17.97 45.49
C26 CLR PA . -22.44 17.52 44.34
C27 CLR PA . -22.50 18.32 46.72
O1 CLR PA . -35.99 8.12 45.73
#